data_6I34
#
_entry.id   6I34
#
_cell.length_a   86.873
_cell.length_b   124.381
_cell.length_c   201.304
_cell.angle_alpha   90.00
_cell.angle_beta   98.57
_cell.angle_gamma   90.00
#
_symmetry.space_group_name_H-M   'P 1 21 1'
#
loop_
_entity.id
_entity.type
_entity.pdbx_description
1 polymer 'Neanderthal Glycine decarboxylase'
2 non-polymer "PYRIDOXAL-5'-PHOSPHATE"
3 non-polymer 1,2-ETHANEDIOL
4 non-polymer DI(HYDROXYETHYL)ETHER
5 non-polymer GLYCEROL
6 water water
#
_entity_poly.entity_id   1
_entity_poly.type   'polypeptide(L)'
_entity_poly.pdbx_seq_one_letter_code
;MAAAGASRLLERLLPRHDDFARRHIGPGDKDQREMLQTLGLASIDELIEKTVPANIRLKRPLKMEDPVCENEILATLHAI
SSKNQIWRSYIGMGYYNCSVPQTILRNLLENSGWITQYTPYQPEVSQGRLESLLNYQTMVCDITGLDMANASLLDEGTAA
AEALQLCYRHNKRRKFFVDPRCHPQTIAVVQTRAKYTGVLTELKLPCEMDFSGKDVSGVLFQYPDTEGKVEDFTELVERA
HQSGSLACCATDLLALCILRPPGEFGVDIALGSSQRFGVPLGYGGPHAAFFAVRESLVRMMPGRMVGVTRDATGKEVYRL
ALQTREQHIRRDKATSNICTAQALLANMAAMFAIYHGSHGLEHIARRVHNATLILSEGLKRAGHQLQHDLFFDTLKIQCG
CSVKEVLGRAAQRQINFRLFEDGTLGISLDETVNEKDLDDLLWIFGCESSAELVAESMGEECRGIPGSVFKRTSPFLTHQ
VFNSYHSETNIVRYMKKLENKDISLVHSMIPLGSCTMKLNSSSELAPITWKEFANIHPFVPLDQAQGYQQLFRELEKDLC
ELTGYDQVCFQPNSGAQGEYAGLATIRAYLNQKGEGHRTVCLIPKSAHGTNPASAHMAGMKIQPVEVDKYGNIDAVHLKA
MVDKHKENLAAIMITYPSTNGVFEENISDVCDLIHQHGGQVYLDGANMNAQVGICRPGDFGSDVSHLNLHKTFCIPHGGG
GPGMGPIGVKKHLAPFLPNHPVISLKRNEDACPVGTVSAAPWGSSSILPISWAYIKMMGGKGLKQATETAILNANYMAKR
LETHYRILFRGARGYVGHEFILDTRPFKKSANIEAVDVAKRLQDYGFHAPTMSWPVAGTLMVEPTESEDKAELDRFCDAM
ISIRQEIADIEEGRIDPRVNPLKMSPHSLTCVTSSHWDRPYSREVAAFPLPFVKPENKFWPTIARIDDIYGDQHLVCTCP
PMEVYESPFSEQKRASSGHHHHHH
;
_entity_poly.pdbx_strand_id   A,B,C,D
#
loop_
_chem_comp.id
_chem_comp.type
_chem_comp.name
_chem_comp.formula
EDO non-polymer 1,2-ETHANEDIOL 'C2 H6 O2'
GOL non-polymer GLYCEROL 'C3 H8 O3'
PEG non-polymer DI(HYDROXYETHYL)ETHER 'C4 H10 O3'
PLP non-polymer PYRIDOXAL-5'-PHOSPHATE 'C8 H10 N O6 P'
#
# COMPACT_ATOMS: atom_id res chain seq x y z
N ALA A 6 -41.48 60.68 0.42
CA ALA A 6 -42.36 61.26 1.50
C ALA A 6 -41.92 60.98 2.97
N SER A 7 -41.07 59.98 3.21
CA SER A 7 -40.57 59.64 4.56
C SER A 7 -39.93 60.82 5.31
N ARG A 8 -39.97 60.79 6.65
CA ARG A 8 -39.33 61.79 7.48
C ARG A 8 -37.83 61.64 7.35
N LEU A 9 -37.10 62.73 7.50
CA LEU A 9 -35.65 62.64 7.42
C LEU A 9 -35.08 61.67 8.46
N LEU A 10 -35.58 61.68 9.66
CA LEU A 10 -35.20 60.78 10.73
C LEU A 10 -35.36 59.31 10.34
N GLU A 11 -36.40 58.94 9.62
CA GLU A 11 -36.55 57.57 9.16
C GLU A 11 -35.45 57.14 8.14
N ARG A 12 -34.90 58.08 7.39
CA ARG A 12 -33.81 57.73 6.45
C ARG A 12 -32.49 57.52 7.21
N LEU A 13 -32.17 58.43 8.12
CA LEU A 13 -30.99 58.29 8.97
C LEU A 13 -31.15 57.12 9.95
N LEU A 14 -32.37 56.92 10.44
CA LEU A 14 -32.64 56.00 11.52
C LEU A 14 -33.82 55.05 11.14
N PRO A 15 -33.59 54.09 10.25
CA PRO A 15 -34.68 53.22 9.84
C PRO A 15 -35.14 52.26 10.96
N ARG A 16 -36.12 51.43 10.69
CA ARG A 16 -36.59 50.40 11.62
C ARG A 16 -35.41 49.46 11.95
N HIS A 17 -35.29 49.08 13.20
CA HIS A 17 -34.18 48.16 13.61
C HIS A 17 -34.24 46.89 12.77
N ASP A 18 -35.45 46.30 12.65
CA ASP A 18 -35.66 45.07 11.91
C ASP A 18 -37.08 44.99 11.33
N ASP A 19 -37.26 44.10 10.35
CA ASP A 19 -38.58 43.78 9.77
C ASP A 19 -38.80 42.27 9.89
N PHE A 20 -39.70 41.88 10.81
CA PHE A 20 -39.98 40.48 11.06
C PHE A 20 -40.31 39.67 9.79
N ALA A 21 -40.91 40.34 8.82
CA ALA A 21 -41.31 39.71 7.56
C ALA A 21 -40.15 39.12 6.81
N ARG A 22 -38.97 39.74 6.96
CA ARG A 22 -37.73 39.28 6.30
C ARG A 22 -37.20 37.99 6.94
N ARG A 23 -37.63 37.70 8.18
CA ARG A 23 -37.30 36.44 8.86
C ARG A 23 -38.33 35.31 8.64
N HIS A 24 -39.58 35.72 8.61
CA HIS A 24 -40.70 34.83 8.45
C HIS A 24 -40.84 34.30 7.04
N ILE A 25 -40.67 35.19 6.07
CA ILE A 25 -40.77 34.88 4.66
C ILE A 25 -39.48 34.37 4.13
N GLY A 26 -39.50 33.15 3.62
CA GLY A 26 -38.26 32.50 3.20
C GLY A 26 -37.57 33.12 2.02
N PRO A 27 -38.25 33.23 0.87
CA PRO A 27 -37.61 33.86 -0.32
C PRO A 27 -37.29 35.36 -0.22
N GLY A 28 -36.05 35.76 -0.49
CA GLY A 28 -35.63 37.17 -0.58
C GLY A 28 -35.78 37.69 -2.01
N ASP A 29 -35.21 38.87 -2.26
N ASP A 29 -35.20 38.87 -2.26
CA ASP A 29 -35.40 39.55 -3.54
CA ASP A 29 -35.39 39.56 -3.52
C ASP A 29 -34.95 38.73 -4.73
C ASP A 29 -34.94 38.73 -4.73
N LYS A 30 -33.77 38.13 -4.59
CA LYS A 30 -33.17 37.34 -5.65
C LYS A 30 -34.02 36.10 -5.96
N ASP A 31 -34.34 35.34 -4.93
CA ASP A 31 -35.27 34.19 -5.07
C ASP A 31 -36.55 34.58 -5.82
N GLN A 32 -37.17 35.70 -5.40
CA GLN A 32 -38.45 36.09 -5.98
C GLN A 32 -38.33 36.47 -7.46
N ARG A 33 -37.34 37.27 -7.84
CA ARG A 33 -37.09 37.59 -9.26
C ARG A 33 -36.89 36.32 -10.12
N GLU A 34 -36.13 35.36 -9.61
CA GLU A 34 -35.87 34.15 -10.37
C GLU A 34 -37.13 33.29 -10.53
N MET A 35 -37.94 33.22 -9.49
CA MET A 35 -39.19 32.44 -9.53
C MET A 35 -40.17 33.08 -10.51
N LEU A 36 -40.24 34.41 -10.47
CA LEU A 36 -41.04 35.18 -11.42
C LEU A 36 -40.60 34.95 -12.89
N GLN A 37 -39.29 34.99 -13.11
CA GLN A 37 -38.66 34.60 -14.38
C GLN A 37 -39.10 33.24 -14.84
N THR A 38 -39.03 32.23 -13.99
CA THR A 38 -39.50 30.88 -14.33
C THR A 38 -40.97 30.89 -14.80
N LEU A 39 -41.80 31.68 -14.11
CA LEU A 39 -43.20 31.83 -14.49
C LEU A 39 -43.42 32.76 -15.70
N GLY A 40 -42.38 33.40 -16.23
CA GLY A 40 -42.55 34.34 -17.32
C GLY A 40 -43.34 35.61 -16.96
N LEU A 41 -43.24 36.04 -15.72
CA LEU A 41 -43.97 37.21 -15.23
C LEU A 41 -43.04 38.33 -14.78
N ALA A 42 -43.52 39.56 -14.89
CA ALA A 42 -42.73 40.77 -14.60
C ALA A 42 -42.68 41.16 -13.12
N SER A 43 -43.72 40.80 -12.36
CA SER A 43 -43.81 41.24 -10.97
C SER A 43 -44.83 40.37 -10.23
N ILE A 44 -44.82 40.54 -8.92
CA ILE A 44 -45.79 39.95 -7.99
C ILE A 44 -47.20 40.44 -8.28
N ASP A 45 -47.36 41.73 -8.57
CA ASP A 45 -48.68 42.25 -8.91
C ASP A 45 -49.30 41.55 -10.14
N GLU A 46 -48.48 41.20 -11.13
CA GLU A 46 -48.93 40.51 -12.30
C GLU A 46 -49.45 39.10 -11.97
N LEU A 47 -48.72 38.38 -11.10
CA LEU A 47 -49.15 37.09 -10.60
C LEU A 47 -50.52 37.17 -9.86
N ILE A 48 -50.62 38.12 -8.93
CA ILE A 48 -51.88 38.32 -8.19
C ILE A 48 -53.01 38.70 -9.13
N GLU A 49 -52.76 39.68 -10.00
CA GLU A 49 -53.72 40.10 -11.05
C GLU A 49 -54.24 38.92 -11.87
N LYS A 50 -53.37 37.94 -12.17
CA LYS A 50 -53.79 36.80 -12.93
C LYS A 50 -54.45 35.66 -12.13
N THR A 51 -54.38 35.73 -10.78
CA THR A 51 -54.79 34.67 -9.87
C THR A 51 -56.08 35.00 -9.09
N VAL A 52 -56.07 36.12 -8.39
CA VAL A 52 -57.20 36.48 -7.52
C VAL A 52 -58.14 37.35 -8.33
N PRO A 53 -59.41 36.95 -8.44
CA PRO A 53 -60.33 37.76 -9.21
C PRO A 53 -60.44 39.21 -8.80
N ALA A 54 -60.43 40.11 -9.77
CA ALA A 54 -60.32 41.55 -9.52
C ALA A 54 -61.51 42.10 -8.70
N ASN A 55 -62.70 41.57 -8.92
CA ASN A 55 -63.90 42.20 -8.34
C ASN A 55 -64.12 41.87 -6.86
N ILE A 56 -63.37 40.92 -6.29
CA ILE A 56 -63.44 40.63 -4.85
C ILE A 56 -62.23 41.14 -4.05
N ARG A 57 -61.24 41.70 -4.72
CA ARG A 57 -60.04 42.21 -4.04
C ARG A 57 -60.32 43.44 -3.24
N LEU A 58 -59.56 43.60 -2.16
CA LEU A 58 -59.61 44.82 -1.34
C LEU A 58 -59.64 46.10 -2.15
N LYS A 59 -60.54 47.01 -1.81
CA LYS A 59 -60.55 48.35 -2.44
C LYS A 59 -59.48 49.28 -1.88
N ARG A 60 -59.11 49.13 -0.61
CA ARG A 60 -58.09 49.95 0.05
C ARG A 60 -57.20 48.93 0.81
N PRO A 61 -55.93 49.28 1.09
CA PRO A 61 -55.11 48.32 1.89
C PRO A 61 -55.67 48.10 3.31
N LEU A 62 -55.28 47.00 3.96
CA LEU A 62 -55.61 46.75 5.37
C LEU A 62 -55.20 47.97 6.22
N LYS A 63 -56.07 48.39 7.14
CA LYS A 63 -55.79 49.41 8.11
C LYS A 63 -55.35 48.75 9.43
N MET A 64 -54.05 48.69 9.64
CA MET A 64 -53.45 48.10 10.79
C MET A 64 -52.51 49.11 11.44
N GLU A 65 -52.14 48.81 12.68
CA GLU A 65 -51.09 49.50 13.38
C GLU A 65 -49.77 49.34 12.69
N ASP A 66 -48.89 50.30 12.93
CA ASP A 66 -47.52 50.22 12.42
C ASP A 66 -46.87 48.91 12.90
N PRO A 67 -46.03 48.34 12.05
CA PRO A 67 -45.42 47.06 12.50
C PRO A 67 -44.53 47.25 13.71
N VAL A 68 -44.51 46.27 14.62
CA VAL A 68 -43.59 46.27 15.79
C VAL A 68 -42.34 45.43 15.46
N CYS A 69 -41.18 46.07 15.61
CA CYS A 69 -39.87 45.40 15.45
C CYS A 69 -39.80 44.17 16.32
N GLU A 70 -39.23 43.09 15.80
CA GLU A 70 -39.00 41.89 16.63
C GLU A 70 -38.26 42.21 17.91
N ASN A 71 -37.34 43.17 17.86
CA ASN A 71 -36.56 43.47 19.07
C ASN A 71 -37.39 44.26 20.14
N GLU A 72 -38.63 44.68 19.82
CA GLU A 72 -39.52 45.27 20.83
C GLU A 72 -40.80 44.46 21.13
N ILE A 73 -41.01 43.30 20.49
CA ILE A 73 -42.35 42.66 20.61
C ILE A 73 -42.62 42.18 22.04
N LEU A 74 -41.59 41.65 22.71
CA LEU A 74 -41.76 41.10 24.06
C LEU A 74 -42.04 42.18 25.13
N ALA A 75 -41.35 43.32 25.02
CA ALA A 75 -41.63 44.44 25.88
C ALA A 75 -43.00 45.02 25.61
N THR A 76 -43.40 45.08 24.33
CA THR A 76 -44.75 45.60 23.99
C THR A 76 -45.80 44.64 24.66
N LEU A 77 -45.58 43.33 24.55
CA LEU A 77 -46.53 42.39 25.08
C LEU A 77 -46.48 42.33 26.64
N HIS A 78 -45.29 42.52 27.20
CA HIS A 78 -45.15 42.62 28.64
C HIS A 78 -45.98 43.80 29.25
N ALA A 79 -46.08 44.93 28.55
CA ALA A 79 -46.90 46.01 29.05
C ALA A 79 -48.40 45.60 29.13
N ILE A 80 -48.79 44.63 28.35
CA ILE A 80 -50.12 44.02 28.46
C ILE A 80 -50.22 42.94 29.58
N SER A 81 -49.34 41.95 29.53
CA SER A 81 -49.43 40.80 30.43
C SER A 81 -49.26 41.18 31.91
N SER A 82 -48.48 42.24 32.18
CA SER A 82 -48.26 42.64 33.57
C SER A 82 -49.48 43.32 34.17
N LYS A 83 -50.51 43.62 33.37
CA LYS A 83 -51.78 44.08 33.97
C LYS A 83 -52.59 42.95 34.64
N ASN A 84 -52.28 41.68 34.34
CA ASN A 84 -52.89 40.53 35.07
C ASN A 84 -52.38 40.50 36.50
N GLN A 85 -53.14 39.97 37.44
CA GLN A 85 -52.65 39.73 38.81
C GLN A 85 -52.67 38.19 39.04
N ILE A 86 -51.59 37.70 39.64
CA ILE A 86 -51.42 36.30 39.91
C ILE A 86 -51.76 36.04 41.38
N TRP A 87 -52.99 35.65 41.67
CA TRP A 87 -53.38 35.32 43.05
C TRP A 87 -53.22 33.82 43.25
N ARG A 88 -53.31 33.37 44.49
CA ARG A 88 -53.45 31.93 44.77
C ARG A 88 -54.93 31.62 44.64
N SER A 89 -55.28 30.82 43.64
CA SER A 89 -56.66 30.48 43.36
C SER A 89 -56.94 29.03 43.86
N TYR A 90 -57.85 28.91 44.82
CA TYR A 90 -58.37 27.62 45.28
C TYR A 90 -59.85 27.47 44.87
N ILE A 91 -60.17 28.05 43.70
CA ILE A 91 -61.53 28.02 43.11
C ILE A 91 -61.95 26.58 42.71
N GLY A 92 -61.04 25.77 42.20
CA GLY A 92 -61.40 24.42 41.82
C GLY A 92 -62.17 24.44 40.51
N MET A 93 -63.35 23.80 40.46
CA MET A 93 -64.24 23.83 39.26
C MET A 93 -63.55 23.25 37.98
N GLY A 94 -62.70 22.23 38.18
CA GLY A 94 -62.05 21.56 37.07
C GLY A 94 -60.66 22.07 36.64
N TYR A 95 -60.13 23.07 37.34
CA TYR A 95 -58.79 23.65 37.08
C TYR A 95 -58.11 23.76 38.44
N TYR A 96 -56.90 23.15 38.57
CA TYR A 96 -56.17 23.07 39.85
C TYR A 96 -54.70 23.34 39.55
N ASN A 97 -54.09 24.23 40.28
CA ASN A 97 -52.70 24.53 40.05
C ASN A 97 -51.86 23.27 40.34
N CYS A 98 -50.76 23.17 39.62
CA CYS A 98 -49.86 22.02 39.74
C CYS A 98 -48.43 22.54 39.56
N SER A 99 -47.47 21.68 39.82
CA SER A 99 -46.07 22.01 39.72
C SER A 99 -45.56 21.38 38.44
N VAL A 100 -45.53 22.19 37.40
CA VAL A 100 -45.11 21.74 36.07
C VAL A 100 -43.63 21.45 36.12
N PRO A 101 -43.20 20.21 35.84
CA PRO A 101 -41.76 19.99 35.92
C PRO A 101 -41.02 20.82 34.89
N GLN A 102 -40.06 21.54 35.33
CA GLN A 102 -39.31 22.42 34.44
C GLN A 102 -38.58 21.70 33.32
N THR A 103 -38.15 20.48 33.57
CA THR A 103 -37.45 19.71 32.55
C THR A 103 -38.40 19.34 31.35
N ILE A 104 -39.68 19.13 31.65
CA ILE A 104 -40.65 18.86 30.59
C ILE A 104 -40.98 20.18 29.84
N LEU A 105 -41.13 21.25 30.60
CA LEU A 105 -41.36 22.57 30.04
C LEU A 105 -40.28 22.96 29.05
N ARG A 106 -39.02 22.80 29.46
CA ARG A 106 -37.89 23.15 28.59
C ARG A 106 -37.64 22.23 27.40
N ASN A 107 -37.65 20.92 27.63
CA ASN A 107 -37.20 19.99 26.64
C ASN A 107 -38.28 19.45 25.74
N LEU A 108 -39.55 19.78 26.05
CA LEU A 108 -40.70 19.34 25.26
C LEU A 108 -41.51 20.60 24.81
N LEU A 109 -42.15 21.32 25.74
CA LEU A 109 -42.97 22.48 25.35
C LEU A 109 -42.20 23.61 24.63
N GLU A 110 -40.99 23.88 25.05
CA GLU A 110 -40.14 24.89 24.38
C GLU A 110 -39.09 24.26 23.42
N ASN A 111 -39.44 23.12 22.80
CA ASN A 111 -38.58 22.45 21.86
C ASN A 111 -39.26 22.34 20.52
N SER A 112 -38.72 23.06 19.53
CA SER A 112 -39.20 23.03 18.17
C SER A 112 -39.21 21.67 17.49
N GLY A 113 -38.37 20.74 17.96
CA GLY A 113 -38.38 19.35 17.55
C GLY A 113 -39.58 18.51 18.03
N TRP A 114 -40.29 19.00 19.04
CA TRP A 114 -41.58 18.43 19.55
C TRP A 114 -42.85 19.13 19.02
N ILE A 115 -42.77 20.43 18.79
CA ILE A 115 -43.97 21.23 18.56
C ILE A 115 -44.29 21.66 17.13
N THR A 116 -43.36 21.48 16.17
CA THR A 116 -43.59 21.96 14.81
C THR A 116 -44.28 20.97 13.85
N GLN A 117 -44.08 19.70 14.09
CA GLN A 117 -44.76 18.61 13.35
C GLN A 117 -46.24 18.61 13.63
N TYR A 118 -47.00 17.88 12.81
CA TYR A 118 -48.47 17.86 12.98
C TYR A 118 -48.93 16.40 13.22
N THR A 119 -50.16 16.12 12.88
CA THR A 119 -50.76 14.81 13.07
C THR A 119 -49.89 13.71 12.44
N PRO A 120 -49.65 12.66 13.19
CA PRO A 120 -48.81 11.55 12.71
C PRO A 120 -49.43 10.69 11.59
N TYR A 121 -49.47 11.31 10.42
CA TYR A 121 -49.97 10.84 9.15
C TYR A 121 -49.00 9.84 8.52
N GLN A 122 -47.72 10.10 8.65
CA GLN A 122 -46.66 9.32 8.11
C GLN A 122 -45.93 8.61 9.25
N PRO A 123 -46.51 7.51 9.72
CA PRO A 123 -46.00 6.71 10.83
C PRO A 123 -44.50 6.42 10.85
N GLU A 124 -43.91 6.11 9.72
CA GLU A 124 -42.48 5.78 9.66
C GLU A 124 -41.48 6.90 10.00
N VAL A 125 -41.92 8.15 10.03
CA VAL A 125 -41.14 9.28 10.43
C VAL A 125 -41.88 9.97 11.58
N SER A 126 -42.68 9.22 12.31
CA SER A 126 -43.44 9.76 13.41
C SER A 126 -43.59 8.78 14.60
N GLN A 127 -42.68 7.82 14.75
CA GLN A 127 -42.85 6.83 15.82
C GLN A 127 -42.70 7.41 17.28
N GLY A 128 -42.02 8.53 17.37
CA GLY A 128 -41.82 9.17 18.70
C GLY A 128 -43.10 9.68 19.37
N ARG A 129 -43.83 10.56 18.68
CA ARG A 129 -45.06 11.08 19.27
C ARG A 129 -46.10 10.03 19.32
N LEU A 130 -46.06 9.07 18.39
CA LEU A 130 -47.01 7.94 18.47
C LEU A 130 -46.84 7.12 19.76
N GLU A 131 -45.55 6.81 20.10
CA GLU A 131 -45.29 6.11 21.33
C GLU A 131 -45.76 6.91 22.57
N SER A 132 -45.48 8.21 22.59
CA SER A 132 -45.87 9.06 23.70
C SER A 132 -47.38 9.12 23.91
N LEU A 133 -48.14 9.21 22.82
CA LEU A 133 -49.59 9.19 22.92
C LEU A 133 -50.09 7.80 23.38
N LEU A 134 -49.43 6.71 22.99
CA LEU A 134 -49.76 5.40 23.52
C LEU A 134 -49.53 5.35 25.04
N ASN A 135 -48.42 5.96 25.47
CA ASN A 135 -48.19 6.15 26.94
C ASN A 135 -49.37 6.88 27.64
N TYR A 136 -49.89 7.94 26.99
CA TYR A 136 -51.02 8.70 27.54
C TYR A 136 -52.22 7.83 27.68
N GLN A 137 -52.50 7.07 26.62
CA GLN A 137 -53.65 6.15 26.61
C GLN A 137 -53.54 5.12 27.75
N THR A 138 -52.35 4.56 27.93
CA THR A 138 -52.12 3.50 28.93
C THR A 138 -52.32 4.07 30.35
N MET A 139 -51.78 5.28 30.55
CA MET A 139 -51.96 6.03 31.82
C MET A 139 -53.45 6.22 32.18
N VAL A 140 -54.21 6.67 31.19
CA VAL A 140 -55.65 6.95 31.40
C VAL A 140 -56.43 5.66 31.70
N CYS A 141 -56.15 4.60 30.96
CA CYS A 141 -56.81 3.27 31.20
C CYS A 141 -56.49 2.70 32.58
N ASP A 142 -55.21 2.75 32.95
CA ASP A 142 -54.80 2.27 34.26
C ASP A 142 -55.47 3.06 35.38
N ILE A 143 -55.44 4.41 35.30
CA ILE A 143 -55.96 5.21 36.40
C ILE A 143 -57.48 5.13 36.48
N THR A 144 -58.18 5.23 35.32
CA THR A 144 -59.65 5.16 35.34
C THR A 144 -60.20 3.74 35.54
N GLY A 145 -59.42 2.73 35.18
CA GLY A 145 -59.90 1.35 35.27
C GLY A 145 -60.76 0.91 34.09
N LEU A 146 -60.65 1.57 32.97
CA LEU A 146 -61.38 1.22 31.74
C LEU A 146 -60.42 0.67 30.69
N ASP A 147 -61.00 0.08 29.68
CA ASP A 147 -60.27 -0.66 28.67
C ASP A 147 -59.54 0.06 27.60
N MET A 148 -60.13 1.08 27.06
CA MET A 148 -59.54 1.83 25.99
C MET A 148 -59.71 3.32 26.14
N ALA A 149 -58.72 4.06 25.73
CA ALA A 149 -58.77 5.50 25.78
C ALA A 149 -58.20 6.08 24.52
N ASN A 150 -58.72 7.23 24.13
CA ASN A 150 -58.21 7.95 22.97
C ASN A 150 -56.97 8.82 23.27
N ALA A 151 -56.45 9.38 22.21
CA ALA A 151 -55.27 10.19 22.21
C ALA A 151 -55.49 11.71 22.46
N SER A 152 -56.61 12.04 23.12
CA SER A 152 -57.18 13.33 23.61
C SER A 152 -58.43 13.92 22.99
N LEU A 153 -59.22 14.52 23.85
CA LEU A 153 -60.35 15.39 23.47
C LEU A 153 -59.95 16.88 23.76
N LEU A 154 -60.85 17.82 23.53
CA LEU A 154 -60.50 19.25 23.59
C LEU A 154 -60.47 19.80 25.00
N ASP A 155 -61.42 19.35 25.85
CA ASP A 155 -61.56 19.78 27.26
C ASP A 155 -62.63 18.92 27.94
N GLU A 156 -62.86 19.11 29.22
CA GLU A 156 -63.79 18.30 29.98
C GLU A 156 -65.23 18.36 29.57
N GLY A 157 -65.74 19.54 29.35
CA GLY A 157 -67.15 19.73 28.99
C GLY A 157 -67.44 19.11 27.63
N THR A 158 -66.56 19.33 26.64
CA THR A 158 -66.72 18.70 25.34
C THR A 158 -66.55 17.18 25.42
N ALA A 159 -65.67 16.68 26.30
CA ALA A 159 -65.59 15.20 26.46
C ALA A 159 -66.88 14.65 27.03
N ALA A 160 -67.53 15.40 27.93
CA ALA A 160 -68.77 14.97 28.53
C ALA A 160 -69.88 14.91 27.45
N ALA A 161 -69.89 15.94 26.59
CA ALA A 161 -70.77 16.01 25.44
C ALA A 161 -70.58 14.85 24.48
N GLU A 162 -69.32 14.53 24.18
CA GLU A 162 -68.98 13.37 23.37
C GLU A 162 -69.50 12.08 24.03
N ALA A 163 -69.47 11.97 25.36
CA ALA A 163 -70.07 10.79 26.00
C ALA A 163 -71.58 10.68 25.76
N LEU A 164 -72.27 11.81 25.85
CA LEU A 164 -73.71 11.86 25.61
C LEU A 164 -74.01 11.36 24.18
N GLN A 165 -73.27 11.90 23.20
CA GLN A 165 -73.43 11.54 21.82
C GLN A 165 -73.06 10.07 21.56
N LEU A 166 -72.06 9.55 22.29
CA LEU A 166 -71.72 8.14 22.19
C LEU A 166 -72.92 7.29 22.67
N CYS A 167 -73.55 7.68 23.79
CA CYS A 167 -74.67 6.95 24.30
C CYS A 167 -75.84 6.91 23.30
N TYR A 168 -76.13 8.06 22.68
CA TYR A 168 -77.18 8.16 21.66
C TYR A 168 -76.86 7.25 20.49
N ARG A 169 -75.65 7.34 19.93
CA ARG A 169 -75.19 6.43 18.88
C ARG A 169 -75.36 4.95 19.23
N HIS A 170 -75.11 4.59 20.50
CA HIS A 170 -75.14 3.20 20.96
C HIS A 170 -76.55 2.65 21.02
N ASN A 171 -77.50 3.37 21.62
CA ASN A 171 -78.85 2.85 21.90
C ASN A 171 -80.01 3.69 21.32
N LYS A 172 -79.71 4.85 20.70
CA LYS A 172 -80.68 5.74 20.05
C LYS A 172 -81.80 6.30 20.92
N ARG A 173 -81.67 6.26 22.24
CA ARG A 173 -82.73 6.81 23.11
C ARG A 173 -82.57 8.32 23.23
N ARG A 174 -83.67 9.05 23.35
CA ARG A 174 -83.59 10.52 23.28
C ARG A 174 -83.60 11.21 24.61
N LYS A 175 -83.47 10.47 25.71
CA LYS A 175 -83.41 11.09 27.05
C LYS A 175 -82.01 10.88 27.64
N PHE A 176 -81.50 11.85 28.38
CA PHE A 176 -80.22 11.68 29.04
C PHE A 176 -80.21 12.41 30.39
N PHE A 177 -79.87 11.70 31.46
CA PHE A 177 -79.80 12.29 32.83
C PHE A 177 -78.44 12.97 33.14
N VAL A 178 -78.50 14.13 33.76
CA VAL A 178 -77.28 14.86 34.18
C VAL A 178 -77.42 15.22 35.67
N ASP A 179 -76.52 14.74 36.50
CA ASP A 179 -76.46 15.09 37.92
C ASP A 179 -76.14 16.60 37.99
N PRO A 180 -76.93 17.41 38.72
CA PRO A 180 -76.65 18.84 38.87
C PRO A 180 -75.41 19.17 39.70
N ARG A 181 -74.77 18.15 40.28
CA ARG A 181 -73.51 18.28 40.97
C ARG A 181 -72.29 18.02 40.04
N CYS A 182 -72.51 17.96 38.73
CA CYS A 182 -71.43 18.16 37.76
C CYS A 182 -71.04 19.65 37.80
N HIS A 183 -69.82 19.96 37.33
CA HIS A 183 -69.37 21.35 37.21
C HIS A 183 -70.31 22.14 36.28
N PRO A 184 -70.57 23.42 36.62
CA PRO A 184 -71.53 24.20 35.82
C PRO A 184 -71.21 24.32 34.32
N GLN A 185 -69.93 24.49 33.99
CA GLN A 185 -69.54 24.63 32.61
C GLN A 185 -69.71 23.26 31.88
N THR A 186 -69.51 22.15 32.57
CA THR A 186 -69.70 20.86 31.97
C THR A 186 -71.18 20.73 31.59
N ILE A 187 -72.06 21.09 32.51
CA ILE A 187 -73.52 21.01 32.29
C ILE A 187 -73.88 21.81 31.03
N ALA A 188 -73.35 23.03 30.93
CA ALA A 188 -73.72 23.96 29.84
C ALA A 188 -73.25 23.40 28.48
N VAL A 189 -72.04 22.88 28.39
CA VAL A 189 -71.58 22.28 27.14
C VAL A 189 -72.46 21.08 26.76
N VAL A 190 -72.80 20.23 27.74
CA VAL A 190 -73.57 19.02 27.44
C VAL A 190 -74.98 19.41 27.00
N GLN A 191 -75.57 20.41 27.66
CA GLN A 191 -76.93 20.86 27.28
C GLN A 191 -76.97 21.45 25.87
N THR A 192 -75.95 22.21 25.53
CA THR A 192 -75.85 22.80 24.20
C THR A 192 -75.71 21.72 23.12
N ARG A 193 -74.86 20.74 23.33
CA ARG A 193 -74.68 19.63 22.42
C ARG A 193 -75.98 18.81 22.27
N ALA A 194 -76.69 18.56 23.35
CA ALA A 194 -77.97 17.89 23.35
C ALA A 194 -79.09 18.66 22.62
N LYS A 195 -79.15 19.96 22.86
CA LYS A 195 -80.13 20.80 22.20
C LYS A 195 -80.07 20.59 20.67
N TYR A 196 -78.92 20.79 20.03
CA TYR A 196 -78.90 20.74 18.56
C TYR A 196 -78.91 19.31 18.01
N THR A 197 -78.55 18.29 18.80
CA THR A 197 -78.65 16.89 18.38
C THR A 197 -80.06 16.32 18.51
N GLY A 198 -80.93 17.00 19.27
CA GLY A 198 -82.31 16.53 19.50
C GLY A 198 -82.49 15.55 20.66
N VAL A 199 -81.59 15.58 21.65
CA VAL A 199 -81.70 14.75 22.85
C VAL A 199 -82.22 15.62 24.00
N LEU A 200 -83.12 15.11 24.83
CA LEU A 200 -83.57 15.85 25.97
C LEU A 200 -82.72 15.48 27.19
N THR A 201 -82.09 16.47 27.78
CA THR A 201 -81.40 16.30 29.03
C THR A 201 -82.33 16.65 30.16
N GLU A 202 -82.23 15.91 31.26
CA GLU A 202 -82.94 16.27 32.48
C GLU A 202 -81.93 16.36 33.63
N LEU A 203 -81.91 17.50 34.31
CA LEU A 203 -81.08 17.70 35.52
C LEU A 203 -81.70 17.07 36.77
N LYS A 204 -81.13 15.95 37.25
CA LYS A 204 -81.73 15.17 38.36
C LYS A 204 -80.66 14.59 39.27
N LEU A 205 -80.88 14.66 40.59
CA LEU A 205 -80.03 13.93 41.55
C LEU A 205 -80.32 12.43 41.41
N PRO A 206 -79.37 11.56 41.74
CA PRO A 206 -79.57 10.11 41.55
C PRO A 206 -80.89 9.55 42.08
N CYS A 207 -81.31 10.04 43.25
CA CYS A 207 -82.54 9.60 43.90
C CYS A 207 -83.81 9.98 43.15
N GLU A 208 -83.73 10.96 42.25
CA GLU A 208 -84.83 11.39 41.38
C GLU A 208 -84.77 10.74 39.99
N MET A 209 -83.77 9.90 39.70
CA MET A 209 -83.61 9.27 38.38
C MET A 209 -84.36 7.92 38.27
N ASP A 210 -85.32 7.85 37.36
CA ASP A 210 -86.02 6.61 37.07
C ASP A 210 -85.65 6.14 35.69
N PHE A 211 -84.98 4.99 35.61
CA PHE A 211 -84.59 4.42 34.31
C PHE A 211 -85.62 3.43 33.79
N SER A 212 -86.65 3.14 34.58
CA SER A 212 -87.48 1.95 34.34
C SER A 212 -88.28 2.01 33.05
N GLY A 213 -88.47 3.20 32.48
CA GLY A 213 -89.07 3.35 31.15
C GLY A 213 -88.22 2.82 30.00
N LYS A 214 -86.96 2.46 30.23
CA LYS A 214 -86.08 2.00 29.17
C LYS A 214 -86.01 3.03 28.04
N ASP A 215 -86.05 4.31 28.41
CA ASP A 215 -86.00 5.42 27.46
C ASP A 215 -84.83 6.38 27.73
N VAL A 216 -83.92 6.01 28.62
CA VAL A 216 -82.77 6.86 28.96
C VAL A 216 -81.54 6.25 28.30
N SER A 217 -80.85 7.07 27.52
CA SER A 217 -79.65 6.72 26.79
C SER A 217 -78.49 6.46 27.75
N GLY A 218 -78.33 7.40 28.66
CA GLY A 218 -77.28 7.34 29.65
C GLY A 218 -77.45 8.37 30.78
N VAL A 219 -76.50 8.30 31.68
CA VAL A 219 -76.41 9.20 32.85
C VAL A 219 -74.99 9.68 33.00
N LEU A 220 -74.85 10.98 33.28
CA LEU A 220 -73.57 11.60 33.63
C LEU A 220 -73.60 12.11 35.06
N PHE A 221 -72.63 11.68 35.85
CA PHE A 221 -72.45 12.09 37.26
C PHE A 221 -70.95 12.39 37.43
N GLN A 222 -70.53 12.92 38.58
CA GLN A 222 -69.13 13.32 38.79
C GLN A 222 -68.61 12.85 40.17
N TYR A 223 -67.36 12.43 40.20
CA TYR A 223 -66.73 11.66 41.30
C TYR A 223 -65.24 12.04 41.37
N PRO A 224 -64.81 12.83 42.36
CA PRO A 224 -65.64 13.60 43.29
C PRO A 224 -66.50 14.63 42.59
N ASP A 225 -67.61 15.02 43.19
CA ASP A 225 -68.53 15.97 42.51
C ASP A 225 -68.04 17.42 42.68
N THR A 226 -68.76 18.38 42.10
CA THR A 226 -68.37 19.77 42.08
C THR A 226 -68.34 20.36 43.48
N GLU A 227 -69.08 19.79 44.43
CA GLU A 227 -69.02 20.24 45.83
C GLU A 227 -67.88 19.60 46.66
N GLY A 228 -67.16 18.65 46.07
CA GLY A 228 -66.03 17.92 46.71
C GLY A 228 -66.37 16.53 47.23
N LYS A 229 -67.64 16.18 47.23
CA LYS A 229 -68.08 14.98 47.89
C LYS A 229 -67.67 13.70 47.12
N VAL A 230 -67.22 12.70 47.89
CA VAL A 230 -66.96 11.34 47.41
C VAL A 230 -68.15 10.46 47.71
N GLU A 231 -68.84 10.01 46.68
CA GLU A 231 -70.04 9.19 46.80
C GLU A 231 -69.87 7.78 46.16
N ASP A 232 -70.57 6.79 46.72
CA ASP A 232 -70.66 5.49 46.15
C ASP A 232 -71.77 5.47 45.08
N PHE A 233 -71.39 5.25 43.83
CA PHE A 233 -72.33 5.21 42.71
C PHE A 233 -72.67 3.78 42.23
N THR A 234 -72.28 2.75 43.02
CA THR A 234 -72.40 1.36 42.65
C THR A 234 -73.87 1.04 42.28
N GLU A 235 -74.77 1.42 43.16
CA GLU A 235 -76.20 1.15 43.01
C GLU A 235 -76.81 1.95 41.83
N LEU A 236 -76.44 3.24 41.69
CA LEU A 236 -76.91 4.03 40.54
C LEU A 236 -76.48 3.40 39.18
N VAL A 237 -75.23 2.98 39.07
CA VAL A 237 -74.76 2.35 37.85
C VAL A 237 -75.54 1.06 37.59
N GLU A 238 -75.80 0.31 38.65
CA GLU A 238 -76.50 -0.95 38.51
C GLU A 238 -77.92 -0.74 37.98
N ARG A 239 -78.62 0.26 38.52
CA ARG A 239 -79.96 0.65 38.05
C ARG A 239 -79.99 1.02 36.58
N ALA A 240 -79.04 1.85 36.17
CA ALA A 240 -78.94 2.28 34.78
C ALA A 240 -78.86 1.04 33.86
N HIS A 241 -77.94 0.16 34.19
CA HIS A 241 -77.65 -1.03 33.40
C HIS A 241 -78.83 -1.98 33.32
N GLN A 242 -79.52 -2.19 34.44
CA GLN A 242 -80.74 -3.01 34.48
C GLN A 242 -81.80 -2.58 33.48
N SER A 243 -81.81 -1.30 33.09
CA SER A 243 -82.74 -0.79 32.06
C SER A 243 -82.12 -0.47 30.70
N GLY A 244 -80.93 -0.98 30.43
CA GLY A 244 -80.21 -0.73 29.18
C GLY A 244 -79.54 0.64 28.99
N SER A 245 -79.35 1.40 30.06
CA SER A 245 -78.71 2.72 29.96
C SER A 245 -77.21 2.60 30.24
N LEU A 246 -76.40 3.45 29.64
CA LEU A 246 -74.95 3.55 29.97
C LEU A 246 -74.70 4.56 31.12
N ALA A 247 -73.59 4.36 31.82
CA ALA A 247 -73.16 5.22 32.91
C ALA A 247 -71.87 5.92 32.58
N CYS A 248 -71.86 7.24 32.71
CA CYS A 248 -70.70 8.07 32.34
C CYS A 248 -70.25 8.84 33.56
N CYS A 249 -68.93 8.81 33.85
CA CYS A 249 -68.40 9.41 35.06
C CYS A 249 -67.32 10.46 34.74
N ALA A 250 -67.59 11.72 35.09
CA ALA A 250 -66.57 12.81 34.98
C ALA A 250 -65.77 12.70 36.27
N THR A 251 -64.45 12.73 36.16
CA THR A 251 -63.57 12.40 37.29
C THR A 251 -62.23 13.10 37.20
N ASP A 252 -61.29 12.71 38.06
CA ASP A 252 -60.04 13.48 38.27
C ASP A 252 -58.87 12.52 38.43
N LEU A 253 -57.85 12.64 37.57
CA LEU A 253 -56.76 11.65 37.56
C LEU A 253 -55.97 11.62 38.86
N LEU A 254 -55.84 12.78 39.54
CA LEU A 254 -55.07 12.85 40.80
C LEU A 254 -55.87 12.23 41.92
N ALA A 255 -57.13 12.62 42.05
CA ALA A 255 -58.01 11.98 43.04
C ALA A 255 -57.97 10.42 42.92
N LEU A 256 -57.98 9.94 41.68
CA LEU A 256 -58.01 8.50 41.37
C LEU A 256 -56.72 7.74 41.70
N CYS A 257 -55.65 8.48 42.01
CA CYS A 257 -54.47 7.87 42.54
C CYS A 257 -54.66 7.33 43.93
N ILE A 258 -55.65 7.80 44.70
CA ILE A 258 -55.97 7.17 46.01
C ILE A 258 -57.43 6.68 46.18
N LEU A 259 -58.31 7.02 45.22
CA LEU A 259 -59.74 6.62 45.24
C LEU A 259 -60.00 5.41 44.33
N ARG A 260 -60.82 4.48 44.78
CA ARG A 260 -61.18 3.40 43.91
C ARG A 260 -61.81 4.02 42.65
N PRO A 261 -61.32 3.61 41.47
CA PRO A 261 -61.71 4.26 40.22
C PRO A 261 -63.00 3.77 39.59
N PRO A 262 -63.58 4.56 38.65
CA PRO A 262 -64.88 4.23 38.03
C PRO A 262 -64.98 2.86 37.35
N GLY A 263 -63.89 2.36 36.80
CA GLY A 263 -63.86 1.03 36.23
C GLY A 263 -64.22 -0.06 37.22
N GLU A 264 -63.94 0.16 38.49
CA GLU A 264 -64.21 -0.80 39.53
C GLU A 264 -65.60 -0.69 40.16
N PHE A 265 -66.39 0.34 39.80
CA PHE A 265 -67.84 0.34 40.09
C PHE A 265 -68.73 0.36 38.82
N GLY A 266 -68.29 -0.32 37.77
CA GLY A 266 -69.12 -0.66 36.60
C GLY A 266 -69.37 0.43 35.55
N VAL A 267 -68.67 1.57 35.68
CA VAL A 267 -68.83 2.66 34.72
C VAL A 267 -68.43 2.25 33.28
N ASP A 268 -69.19 2.75 32.32
CA ASP A 268 -68.96 2.50 30.87
C ASP A 268 -68.02 3.49 30.17
N ILE A 269 -68.08 4.78 30.57
CA ILE A 269 -67.27 5.86 29.99
C ILE A 269 -66.75 6.73 31.14
N ALA A 270 -65.43 6.92 31.20
CA ALA A 270 -64.84 7.84 32.18
C ALA A 270 -64.11 8.92 31.44
N LEU A 271 -64.21 10.16 31.96
CA LEU A 271 -63.71 11.35 31.25
C LEU A 271 -63.39 12.44 32.25
N GLY A 272 -62.58 13.41 31.80
CA GLY A 272 -62.16 14.54 32.63
C GLY A 272 -61.03 15.26 31.95
N SER A 273 -60.32 16.11 32.71
CA SER A 273 -59.14 16.83 32.23
C SER A 273 -57.87 16.19 32.80
N SER A 274 -56.82 16.14 31.99
CA SER A 274 -55.49 15.77 32.44
C SER A 274 -54.64 16.99 32.85
N GLN A 275 -55.25 18.17 32.92
CA GLN A 275 -54.54 19.41 33.22
C GLN A 275 -53.64 19.35 34.42
N ARG A 276 -54.15 18.87 35.54
CA ARG A 276 -53.33 18.90 36.77
C ARG A 276 -52.15 17.91 36.77
N PHE A 277 -52.07 17.01 35.77
CA PHE A 277 -50.88 16.20 35.50
C PHE A 277 -49.85 17.03 34.71
N GLY A 278 -49.41 18.12 35.35
CA GLY A 278 -48.30 18.92 34.86
C GLY A 278 -48.47 19.86 33.70
N VAL A 279 -49.65 20.47 33.57
CA VAL A 279 -49.88 21.44 32.52
C VAL A 279 -50.41 22.71 33.23
N PRO A 280 -50.01 23.90 32.78
CA PRO A 280 -50.47 25.12 33.37
C PRO A 280 -51.95 25.39 33.25
N LEU A 281 -52.45 26.15 34.21
CA LEU A 281 -53.84 26.59 34.21
C LEU A 281 -54.18 27.26 32.84
N GLY A 282 -53.25 28.04 32.30
CA GLY A 282 -53.43 28.68 30.98
C GLY A 282 -54.65 29.61 30.80
N TYR A 283 -55.22 30.13 31.90
CA TYR A 283 -56.49 30.92 31.81
C TYR A 283 -57.54 30.20 30.89
N GLY A 284 -57.62 28.87 31.05
CA GLY A 284 -58.59 28.05 30.36
C GLY A 284 -58.03 26.90 29.52
N GLY A 285 -56.82 27.11 28.99
CA GLY A 285 -56.15 26.04 28.26
C GLY A 285 -54.87 26.51 27.54
N PRO A 286 -54.22 25.61 26.80
CA PRO A 286 -54.78 24.31 26.37
C PRO A 286 -54.47 23.17 27.34
N HIS A 287 -55.43 22.22 27.42
CA HIS A 287 -55.32 21.02 28.20
C HIS A 287 -55.93 19.85 27.44
N ALA A 288 -55.27 18.69 27.50
CA ALA A 288 -55.85 17.43 27.00
C ALA A 288 -56.87 16.84 27.94
N ALA A 289 -58.10 16.63 27.43
CA ALA A 289 -59.11 15.85 28.12
C ALA A 289 -58.85 14.39 27.84
N PHE A 290 -59.28 13.55 28.78
CA PHE A 290 -59.18 12.12 28.64
C PHE A 290 -60.57 11.58 28.46
N PHE A 291 -60.65 10.40 27.82
CA PHE A 291 -61.89 9.78 27.47
C PHE A 291 -61.62 8.28 27.25
N ALA A 292 -62.23 7.46 28.08
CA ALA A 292 -61.94 6.05 28.09
C ALA A 292 -63.24 5.25 28.16
N VAL A 293 -63.26 4.08 27.55
CA VAL A 293 -64.49 3.27 27.44
C VAL A 293 -64.27 1.80 27.70
N ARG A 294 -65.34 1.10 28.02
CA ARG A 294 -65.37 -0.38 27.84
C ARG A 294 -65.11 -0.78 26.38
N GLU A 295 -64.43 -1.92 26.23
CA GLU A 295 -63.97 -2.43 24.94
C GLU A 295 -65.13 -2.56 23.95
N SER A 296 -66.30 -2.96 24.43
CA SER A 296 -67.47 -3.09 23.58
C SER A 296 -67.96 -1.77 22.93
N LEU A 297 -67.55 -0.63 23.47
CA LEU A 297 -67.93 0.65 22.89
C LEU A 297 -66.88 1.24 21.95
N VAL A 298 -65.72 0.58 21.80
CA VAL A 298 -64.58 1.23 21.12
C VAL A 298 -64.83 1.63 19.64
N ARG A 299 -65.69 0.90 18.93
CA ARG A 299 -66.02 1.24 17.55
C ARG A 299 -66.72 2.59 17.41
N MET A 300 -67.24 3.11 18.52
CA MET A 300 -67.92 4.40 18.53
C MET A 300 -67.07 5.51 19.16
N MET A 301 -65.82 5.22 19.47
CA MET A 301 -64.86 6.16 20.08
C MET A 301 -64.73 7.41 19.21
N PRO A 302 -64.75 8.63 19.81
CA PRO A 302 -64.36 9.82 19.06
C PRO A 302 -62.85 10.00 19.07
N GLY A 303 -62.32 10.64 18.02
CA GLY A 303 -60.96 11.18 18.02
C GLY A 303 -59.94 10.13 17.57
N ARG A 304 -58.68 10.52 17.71
CA ARG A 304 -57.60 9.62 17.39
C ARG A 304 -57.28 8.64 18.50
N MET A 305 -56.63 7.55 18.13
CA MET A 305 -56.26 6.52 19.04
C MET A 305 -55.11 5.71 18.43
N VAL A 306 -53.98 5.68 19.17
CA VAL A 306 -52.85 4.95 18.70
C VAL A 306 -53.03 3.46 18.98
N GLY A 307 -52.56 2.65 18.02
CA GLY A 307 -52.60 1.21 18.12
C GLY A 307 -51.26 0.61 17.74
N VAL A 308 -51.04 -0.63 18.16
CA VAL A 308 -49.83 -1.35 17.84
C VAL A 308 -50.10 -2.17 16.59
N THR A 309 -49.13 -2.21 15.70
CA THR A 309 -49.17 -3.00 14.48
C THR A 309 -47.77 -3.55 14.15
N ARG A 310 -47.54 -4.02 12.92
CA ARG A 310 -46.20 -4.50 12.47
C ARG A 310 -45.73 -3.68 11.29
N ASP A 311 -44.41 -3.60 11.07
CA ASP A 311 -43.89 -3.07 9.80
C ASP A 311 -43.64 -4.20 8.78
N ALA A 312 -43.12 -3.85 7.60
CA ALA A 312 -42.89 -4.86 6.56
C ALA A 312 -41.95 -6.00 6.97
N THR A 313 -41.10 -5.79 7.97
CA THR A 313 -40.23 -6.86 8.49
C THR A 313 -40.82 -7.69 9.62
N GLY A 314 -42.01 -7.37 10.13
CA GLY A 314 -42.57 -8.04 11.31
C GLY A 314 -42.26 -7.36 12.66
N LYS A 315 -41.50 -6.29 12.65
CA LYS A 315 -41.23 -5.51 13.85
C LYS A 315 -42.50 -4.86 14.41
N GLU A 316 -42.62 -4.85 15.73
CA GLU A 316 -43.75 -4.23 16.43
C GLU A 316 -43.61 -2.69 16.46
N VAL A 317 -44.63 -1.96 15.98
CA VAL A 317 -44.52 -0.52 15.70
C VAL A 317 -45.88 0.17 15.96
N TYR A 318 -45.96 1.49 15.86
CA TYR A 318 -47.18 2.23 16.24
C TYR A 318 -47.83 2.94 15.06
N ARG A 319 -49.14 3.13 15.11
CA ARG A 319 -49.91 3.81 14.07
C ARG A 319 -51.28 4.27 14.55
N LEU A 320 -51.84 5.36 14.02
CA LEU A 320 -53.23 5.73 14.38
C LEU A 320 -54.16 4.57 13.90
N ALA A 321 -55.02 4.10 14.81
CA ALA A 321 -55.87 2.91 14.56
C ALA A 321 -57.36 3.24 14.34
N LEU A 322 -58.07 2.31 13.73
CA LEU A 322 -59.50 2.42 13.48
C LEU A 322 -59.86 3.77 12.90
N GLN A 323 -59.15 4.17 11.85
CA GLN A 323 -59.23 5.56 11.36
C GLN A 323 -60.56 5.82 10.59
N THR A 324 -61.32 4.77 10.26
CA THR A 324 -62.55 4.96 9.53
C THR A 324 -63.60 5.60 10.43
N ARG A 325 -63.45 5.51 11.74
CA ARG A 325 -64.30 6.29 12.69
C ARG A 325 -64.28 7.80 12.47
N GLU A 326 -63.21 8.32 11.89
CA GLU A 326 -62.94 9.77 11.91
C GLU A 326 -63.53 10.54 10.73
N GLN A 327 -63.57 11.86 10.94
CA GLN A 327 -64.13 12.80 9.95
C GLN A 327 -63.56 12.67 8.51
N HIS A 328 -62.26 12.40 8.38
CA HIS A 328 -61.63 12.36 7.08
C HIS A 328 -62.03 11.15 6.24
N ILE A 329 -62.49 10.04 6.86
CA ILE A 329 -63.01 8.90 6.12
C ILE A 329 -64.54 8.92 6.08
N ARG A 330 -65.21 9.04 7.22
CA ARG A 330 -66.67 8.91 7.32
C ARG A 330 -67.50 10.18 7.27
N ARG A 331 -66.85 11.35 7.32
CA ARG A 331 -67.52 12.62 7.09
C ARG A 331 -68.70 12.83 8.02
N ASP A 332 -69.90 13.02 7.51
CA ASP A 332 -71.11 13.19 8.37
C ASP A 332 -71.49 11.93 9.18
N LYS A 333 -70.96 10.77 8.80
CA LYS A 333 -71.16 9.51 9.54
C LYS A 333 -70.05 9.18 10.55
N ALA A 334 -69.12 10.11 10.73
CA ALA A 334 -68.02 9.89 11.66
C ALA A 334 -68.52 9.88 13.11
N THR A 335 -67.65 9.47 14.04
CA THR A 335 -67.99 9.50 15.48
C THR A 335 -67.97 10.88 16.10
N SER A 336 -67.44 11.86 15.38
CA SER A 336 -67.37 13.23 15.83
C SER A 336 -66.83 14.06 14.70
N ASN A 337 -66.92 15.37 14.87
CA ASN A 337 -66.25 16.31 13.93
C ASN A 337 -64.79 16.55 14.24
N ILE A 338 -64.30 16.08 15.37
CA ILE A 338 -62.97 16.51 15.86
C ILE A 338 -61.82 16.14 14.91
N CYS A 339 -60.88 17.07 14.74
CA CYS A 339 -59.76 16.92 13.83
C CYS A 339 -58.50 17.29 14.66
N THR A 340 -58.08 18.56 14.65
CA THR A 340 -57.02 18.97 15.57
C THR A 340 -57.57 18.75 16.98
N ALA A 341 -56.75 18.18 17.87
CA ALA A 341 -57.14 17.87 19.25
C ALA A 341 -56.14 18.56 20.21
N GLN A 342 -55.52 17.82 21.13
CA GLN A 342 -54.67 18.45 22.12
C GLN A 342 -53.36 17.61 22.30
N ALA A 343 -52.83 17.12 21.18
CA ALA A 343 -51.76 16.13 21.24
C ALA A 343 -50.57 16.50 22.15
N LEU A 344 -50.03 17.70 21.95
CA LEU A 344 -48.83 18.17 22.66
C LEU A 344 -49.04 18.13 24.18
N LEU A 345 -50.25 18.48 24.61
CA LEU A 345 -50.57 18.53 26.01
C LEU A 345 -50.86 17.17 26.65
N ALA A 346 -51.40 16.25 25.85
CA ALA A 346 -51.52 14.88 26.21
C ALA A 346 -50.11 14.29 26.44
N ASN A 347 -49.16 14.62 25.57
CA ASN A 347 -47.80 14.15 25.72
C ASN A 347 -47.11 14.80 26.95
N MET A 348 -47.43 16.04 27.28
CA MET A 348 -46.95 16.65 28.54
C MET A 348 -47.46 15.89 29.80
N ALA A 349 -48.73 15.57 29.82
CA ALA A 349 -49.30 14.82 30.93
C ALA A 349 -48.76 13.36 31.04
N ALA A 350 -48.48 12.71 29.90
CA ALA A 350 -47.83 11.37 29.91
C ALA A 350 -46.45 11.43 30.51
N MET A 351 -45.71 12.46 30.14
CA MET A 351 -44.34 12.62 30.64
C MET A 351 -44.37 12.94 32.14
N PHE A 352 -45.40 13.65 32.62
CA PHE A 352 -45.62 13.87 34.07
C PHE A 352 -45.78 12.56 34.82
N ALA A 353 -46.68 11.72 34.31
CA ALA A 353 -46.91 10.40 34.88
C ALA A 353 -45.67 9.50 34.81
N ILE A 354 -44.93 9.60 33.71
CA ILE A 354 -43.66 8.87 33.55
C ILE A 354 -42.64 9.30 34.62
N TYR A 355 -42.48 10.61 34.79
CA TYR A 355 -41.47 11.18 35.65
C TYR A 355 -41.76 10.86 37.12
N HIS A 356 -43.05 10.90 37.50
CA HIS A 356 -43.45 10.63 38.87
C HIS A 356 -43.66 9.14 39.21
N GLY A 357 -44.04 8.32 38.25
CA GLY A 357 -44.48 6.94 38.50
C GLY A 357 -45.72 6.94 39.39
N SER A 358 -46.27 5.73 39.64
CA SER A 358 -47.37 5.61 40.58
C SER A 358 -46.97 6.03 41.97
N HIS A 359 -45.75 5.71 42.39
CA HIS A 359 -45.28 6.09 43.73
C HIS A 359 -45.28 7.63 43.93
N GLY A 360 -44.78 8.37 42.94
CA GLY A 360 -44.74 9.85 43.03
C GLY A 360 -46.11 10.51 42.90
N LEU A 361 -46.99 9.91 42.08
CA LEU A 361 -48.37 10.39 41.98
C LEU A 361 -49.15 10.13 43.28
N GLU A 362 -48.99 8.95 43.91
CA GLU A 362 -49.60 8.65 45.25
C GLU A 362 -49.08 9.64 46.30
N HIS A 363 -47.80 9.99 46.25
CA HIS A 363 -47.17 10.93 47.20
C HIS A 363 -47.88 12.30 47.14
N ILE A 364 -47.98 12.83 45.93
CA ILE A 364 -48.67 14.11 45.66
C ILE A 364 -50.15 14.07 46.09
N ALA A 365 -50.84 13.01 45.67
CA ALA A 365 -52.26 12.87 45.97
C ALA A 365 -52.53 12.83 47.51
N ARG A 366 -51.71 12.05 48.23
CA ARG A 366 -51.84 11.90 49.67
C ARG A 366 -51.51 13.22 50.37
N ARG A 367 -50.52 13.91 49.87
CA ARG A 367 -50.16 15.21 50.42
C ARG A 367 -51.30 16.25 50.31
N VAL A 368 -51.87 16.31 49.11
CA VAL A 368 -52.99 17.22 48.82
C VAL A 368 -54.19 16.92 49.74
N HIS A 369 -54.50 15.63 49.89
CA HIS A 369 -55.67 15.19 50.69
C HIS A 369 -55.43 15.48 52.15
N ASN A 370 -54.21 15.21 52.61
CA ASN A 370 -53.88 15.53 54.03
C ASN A 370 -53.91 17.02 54.32
N ALA A 371 -53.39 17.85 53.40
CA ALA A 371 -53.55 19.31 53.58
C ALA A 371 -55.03 19.69 53.73
N THR A 372 -55.88 19.05 52.93
CA THR A 372 -57.28 19.35 52.94
C THR A 372 -57.89 18.91 54.27
N LEU A 373 -57.53 17.71 54.75
CA LEU A 373 -57.97 17.19 56.03
C LEU A 373 -57.56 18.10 57.20
N ILE A 374 -56.31 18.61 57.14
CA ILE A 374 -55.83 19.58 58.13
C ILE A 374 -56.68 20.89 58.12
N LEU A 375 -56.89 21.44 56.96
CA LEU A 375 -57.72 22.62 56.80
C LEU A 375 -59.10 22.43 57.34
N SER A 376 -59.68 21.28 57.07
CA SER A 376 -61.00 20.98 57.52
C SER A 376 -61.12 20.93 59.04
N GLU A 377 -60.17 20.29 59.70
CA GLU A 377 -60.17 20.23 61.17
C GLU A 377 -59.98 21.60 61.78
N GLY A 378 -59.11 22.43 61.25
CA GLY A 378 -58.98 23.77 61.78
C GLY A 378 -60.25 24.61 61.63
N LEU A 379 -60.92 24.51 60.47
CA LEU A 379 -62.14 25.29 60.24
C LEU A 379 -63.28 24.89 61.19
N LYS A 380 -63.41 23.58 61.46
CA LYS A 380 -64.41 23.10 62.41
C LYS A 380 -64.15 23.58 63.82
N ARG A 381 -62.91 23.46 64.27
CA ARG A 381 -62.52 23.97 65.58
C ARG A 381 -62.79 25.47 65.70
N ALA A 382 -62.69 26.22 64.60
CA ALA A 382 -63.07 27.65 64.62
C ALA A 382 -64.58 27.95 64.52
N GLY A 383 -65.43 26.93 64.51
CA GLY A 383 -66.87 27.11 64.51
C GLY A 383 -67.54 27.12 63.15
N HIS A 384 -66.82 26.80 62.08
CA HIS A 384 -67.41 26.74 60.73
C HIS A 384 -67.92 25.34 60.46
N GLN A 385 -68.85 25.18 59.54
CA GLN A 385 -69.45 23.88 59.23
C GLN A 385 -69.05 23.38 57.86
N LEU A 386 -68.70 22.11 57.79
CA LEU A 386 -68.40 21.43 56.50
C LEU A 386 -69.63 20.66 56.08
N GLN A 387 -69.99 20.78 54.82
CA GLN A 387 -71.19 20.13 54.33
C GLN A 387 -70.91 18.65 54.02
N HIS A 388 -69.67 18.28 53.70
CA HIS A 388 -69.31 16.91 53.43
C HIS A 388 -68.06 16.44 54.23
N ASP A 389 -68.17 15.27 54.81
CA ASP A 389 -67.13 14.68 55.61
C ASP A 389 -66.11 13.88 54.83
N LEU A 390 -66.45 13.44 53.64
CA LEU A 390 -65.56 12.65 52.83
C LEU A 390 -65.34 13.36 51.53
N PHE A 391 -64.09 13.69 51.27
CA PHE A 391 -63.69 14.47 50.12
C PHE A 391 -62.24 14.10 49.70
N PHE A 392 -61.78 14.54 48.54
CA PHE A 392 -60.39 14.48 48.15
C PHE A 392 -59.69 15.81 48.51
N ASP A 393 -59.94 16.85 47.73
CA ASP A 393 -59.21 18.13 47.85
C ASP A 393 -60.12 19.35 48.02
N THR A 394 -61.41 19.14 48.24
CA THR A 394 -62.36 20.18 48.02
C THR A 394 -63.37 20.20 49.19
N LEU A 395 -63.51 21.38 49.77
CA LEU A 395 -64.38 21.56 50.91
C LEU A 395 -65.53 22.47 50.50
N LYS A 396 -66.68 22.26 51.13
CA LYS A 396 -67.82 23.17 51.01
C LYS A 396 -68.16 23.66 52.41
N ILE A 397 -68.01 24.95 52.63
CA ILE A 397 -67.97 25.52 53.94
C ILE A 397 -69.10 26.52 54.14
N GLN A 398 -69.84 26.34 55.22
CA GLN A 398 -70.84 27.28 55.70
C GLN A 398 -70.15 28.11 56.79
N CYS A 399 -69.92 29.38 56.55
CA CYS A 399 -69.22 30.20 57.56
C CYS A 399 -70.02 30.40 58.84
N GLY A 400 -69.36 30.13 59.98
CA GLY A 400 -69.87 30.40 61.31
C GLY A 400 -69.94 31.87 61.65
N CYS A 401 -69.20 32.70 60.95
CA CYS A 401 -69.35 34.17 60.99
C CYS A 401 -69.83 34.67 59.62
N SER A 402 -69.92 35.99 59.49
CA SER A 402 -70.14 36.66 58.20
C SER A 402 -69.18 36.16 57.06
N VAL A 403 -69.74 35.78 55.90
CA VAL A 403 -68.93 35.50 54.73
C VAL A 403 -68.13 36.74 54.26
N LYS A 404 -68.75 37.91 54.37
CA LYS A 404 -68.06 39.17 53.99
C LYS A 404 -66.71 39.37 54.69
N GLU A 405 -66.66 39.06 55.99
CA GLU A 405 -65.45 39.29 56.76
C GLU A 405 -64.42 38.24 56.44
N VAL A 406 -64.84 37.00 56.18
CA VAL A 406 -63.94 35.94 55.70
C VAL A 406 -63.28 36.36 54.36
N LEU A 407 -64.11 36.78 53.41
CA LEU A 407 -63.62 37.22 52.09
C LEU A 407 -62.74 38.49 52.11
N GLY A 408 -62.99 39.36 53.07
CA GLY A 408 -62.16 40.52 53.25
C GLY A 408 -60.76 40.10 53.65
N ARG A 409 -60.66 39.09 54.49
CA ARG A 409 -59.38 38.56 54.89
C ARG A 409 -58.69 37.79 53.78
N ALA A 410 -59.45 37.11 52.96
CA ALA A 410 -58.90 36.38 51.82
C ALA A 410 -58.29 37.33 50.77
N ALA A 411 -58.98 38.44 50.52
CA ALA A 411 -58.48 39.51 49.59
C ALA A 411 -57.17 40.14 50.02
N GLN A 412 -57.09 40.39 51.33
CA GLN A 412 -55.84 40.82 51.96
C GLN A 412 -54.65 39.90 51.73
N ARG A 413 -54.87 38.62 51.52
CA ARG A 413 -53.81 37.67 51.23
C ARG A 413 -53.76 37.21 49.76
N GLN A 414 -54.57 37.86 48.94
CA GLN A 414 -54.66 37.59 47.52
C GLN A 414 -54.95 36.11 47.26
N ILE A 415 -56.03 35.65 47.88
CA ILE A 415 -56.49 34.27 47.74
C ILE A 415 -57.95 34.32 47.24
N ASN A 416 -58.27 33.42 46.29
CA ASN A 416 -59.63 33.30 45.68
C ASN A 416 -60.22 31.98 46.18
N PHE A 417 -61.49 32.06 46.60
CA PHE A 417 -62.33 30.93 46.83
C PHE A 417 -63.45 30.90 45.77
N ARG A 418 -64.15 29.76 45.66
CA ARG A 418 -65.37 29.68 44.88
C ARG A 418 -66.55 30.14 45.72
N LEU A 419 -67.34 31.07 45.21
CA LEU A 419 -68.53 31.58 45.95
C LEU A 419 -69.76 30.88 45.38
N PHE A 420 -70.35 29.95 46.13
CA PHE A 420 -71.58 29.32 45.73
C PHE A 420 -72.74 30.34 45.89
N GLU A 421 -73.78 30.17 45.08
CA GLU A 421 -74.93 31.06 45.09
C GLU A 421 -75.62 31.03 46.42
N ASP A 422 -75.63 29.87 47.12
CA ASP A 422 -76.23 29.78 48.47
C ASP A 422 -75.49 30.48 49.60
N GLY A 423 -74.39 31.18 49.33
CA GLY A 423 -73.67 31.93 50.39
C GLY A 423 -72.54 31.11 51.04
N THR A 424 -72.44 29.83 50.70
CA THR A 424 -71.33 29.00 51.15
C THR A 424 -70.11 29.11 50.23
N LEU A 425 -68.98 28.58 50.68
CA LEU A 425 -67.69 28.75 50.02
C LEU A 425 -67.09 27.40 49.58
N GLY A 426 -66.54 27.38 48.38
CA GLY A 426 -65.78 26.25 47.88
C GLY A 426 -64.29 26.54 47.98
N ILE A 427 -63.55 25.60 48.57
CA ILE A 427 -62.09 25.66 48.61
C ILE A 427 -61.53 24.33 48.10
N SER A 428 -60.69 24.44 47.09
CA SER A 428 -60.02 23.34 46.47
C SER A 428 -58.50 23.49 46.58
N LEU A 429 -57.86 22.61 47.33
CA LEU A 429 -56.43 22.61 47.48
C LEU A 429 -55.81 21.84 46.32
N ASP A 430 -54.51 21.94 46.17
CA ASP A 430 -53.82 21.37 45.04
C ASP A 430 -52.33 21.07 45.38
N GLU A 431 -51.59 20.58 44.39
CA GLU A 431 -50.20 20.19 44.54
C GLU A 431 -49.34 21.31 45.12
N THR A 432 -49.68 22.57 44.82
CA THR A 432 -48.85 23.72 45.22
C THR A 432 -49.00 24.11 46.65
N VAL A 433 -49.99 23.57 47.35
CA VAL A 433 -50.30 24.03 48.70
C VAL A 433 -49.28 23.51 49.74
N ASN A 434 -48.70 24.45 50.49
CA ASN A 434 -47.75 24.17 51.58
C ASN A 434 -48.17 24.70 52.93
N GLU A 435 -47.34 24.45 53.95
CA GLU A 435 -47.63 24.91 55.31
C GLU A 435 -48.01 26.37 55.39
N LYS A 436 -47.25 27.23 54.71
CA LYS A 436 -47.50 28.67 54.74
C LYS A 436 -48.90 29.02 54.21
N ASP A 437 -49.28 28.40 53.09
CA ASP A 437 -50.61 28.62 52.52
C ASP A 437 -51.66 28.14 53.50
N LEU A 438 -51.47 26.97 54.13
CA LEU A 438 -52.45 26.50 55.14
C LEU A 438 -52.60 27.46 56.31
N ASP A 439 -51.48 28.01 56.78
CA ASP A 439 -51.50 28.99 57.87
C ASP A 439 -52.24 30.25 57.42
N ASP A 440 -52.04 30.69 56.18
CA ASP A 440 -52.82 31.81 55.63
C ASP A 440 -54.32 31.50 55.64
N LEU A 441 -54.66 30.29 55.19
CA LEU A 441 -56.09 29.88 55.11
C LEU A 441 -56.77 29.80 56.49
N LEU A 442 -56.06 29.20 57.47
CA LEU A 442 -56.55 29.13 58.87
C LEU A 442 -56.76 30.50 59.46
N TRP A 443 -55.83 31.41 59.19
CA TRP A 443 -56.00 32.83 59.59
C TRP A 443 -57.21 33.48 58.92
N ILE A 444 -57.39 33.25 57.60
CA ILE A 444 -58.56 33.75 56.89
C ILE A 444 -59.86 33.32 57.61
N PHE A 445 -59.89 32.08 58.09
CA PHE A 445 -61.08 31.59 58.77
C PHE A 445 -61.11 31.85 60.30
N GLY A 446 -60.19 32.66 60.81
CA GLY A 446 -60.22 33.01 62.23
C GLY A 446 -59.75 31.94 63.16
N CYS A 447 -59.08 30.90 62.69
CA CYS A 447 -58.62 29.80 63.53
C CYS A 447 -57.30 30.25 64.20
N GLU A 448 -57.29 30.22 65.52
CA GLU A 448 -56.09 30.60 66.31
C GLU A 448 -54.91 29.68 66.03
N SER A 449 -55.15 28.42 65.72
CA SER A 449 -54.09 27.38 65.71
C SER A 449 -53.42 27.27 64.36
N SER A 450 -52.13 27.12 64.35
CA SER A 450 -51.37 26.90 63.15
C SER A 450 -51.67 25.49 62.57
N ALA A 451 -51.22 25.29 61.35
CA ALA A 451 -51.26 23.98 60.67
C ALA A 451 -50.53 22.89 61.46
N GLU A 452 -49.35 23.20 61.95
CA GLU A 452 -48.62 22.30 62.88
C GLU A 452 -49.48 21.88 64.10
N LEU A 453 -50.10 22.87 64.74
CA LEU A 453 -50.92 22.60 65.92
C LEU A 453 -52.12 21.70 65.58
N VAL A 454 -52.78 22.05 64.48
CA VAL A 454 -53.97 21.31 64.08
C VAL A 454 -53.54 19.85 63.81
N ALA A 455 -52.44 19.66 63.14
CA ALA A 455 -51.97 18.32 62.87
C ALA A 455 -51.73 17.51 64.12
N GLU A 456 -51.30 18.19 65.18
CA GLU A 456 -51.03 17.54 66.44
C GLU A 456 -52.24 16.95 67.09
N SER A 457 -53.40 17.55 66.95
CA SER A 457 -54.59 16.98 67.57
C SER A 457 -55.31 15.94 66.72
N MET A 458 -54.82 15.72 65.53
CA MET A 458 -55.33 14.65 64.65
C MET A 458 -54.59 13.34 64.93
N ARG A 463 -57.86 8.15 58.66
CA ARG A 463 -58.61 9.36 58.26
C ARG A 463 -58.88 9.66 56.76
N GLY A 464 -60.01 10.30 56.46
CA GLY A 464 -60.45 10.54 55.08
C GLY A 464 -60.41 9.26 54.23
N ILE A 465 -59.88 9.38 53.02
CA ILE A 465 -60.00 8.37 52.01
C ILE A 465 -59.31 7.05 52.42
N PRO A 466 -58.05 7.11 52.90
CA PRO A 466 -57.34 5.89 53.31
C PRO A 466 -57.97 5.10 54.49
N GLY A 467 -58.68 5.80 55.37
CA GLY A 467 -59.45 5.14 56.40
C GLY A 467 -60.86 4.70 55.99
N SER A 468 -61.23 4.83 54.71
CA SER A 468 -62.63 4.57 54.24
C SER A 468 -62.74 3.34 53.29
N VAL A 469 -63.98 2.92 53.05
CA VAL A 469 -64.26 1.88 52.05
C VAL A 469 -63.93 2.31 50.62
N PHE A 470 -63.64 3.61 50.40
CA PHE A 470 -63.25 4.12 49.11
C PHE A 470 -61.75 4.08 48.76
N LYS A 471 -60.90 3.61 49.65
CA LYS A 471 -59.46 3.68 49.38
C LYS A 471 -59.10 2.78 48.21
N ARG A 472 -58.24 3.25 47.32
CA ARG A 472 -57.88 2.45 46.16
C ARG A 472 -57.09 1.22 46.60
N THR A 473 -57.37 0.07 46.05
CA THR A 473 -56.54 -1.10 46.29
C THR A 473 -55.94 -1.68 45.02
N SER A 474 -56.21 -1.10 43.85
CA SER A 474 -55.75 -1.64 42.60
C SER A 474 -54.51 -0.91 42.13
N PRO A 475 -53.62 -1.65 41.45
CA PRO A 475 -52.37 -1.08 40.98
C PRO A 475 -52.58 -0.27 39.74
N PHE A 476 -51.60 0.58 39.42
CA PHE A 476 -51.58 1.34 38.19
C PHE A 476 -50.19 1.74 37.77
N LEU A 477 -50.00 1.96 36.48
CA LEU A 477 -48.67 2.33 35.93
C LEU A 477 -47.58 1.30 36.29
N THR A 478 -47.90 0.00 36.14
CA THR A 478 -46.92 -1.05 36.32
C THR A 478 -46.02 -1.29 35.10
N HIS A 479 -46.36 -0.81 33.92
CA HIS A 479 -45.48 -1.04 32.75
C HIS A 479 -44.12 -0.33 32.96
N GLN A 480 -43.06 -0.93 32.43
CA GLN A 480 -41.70 -0.38 32.61
C GLN A 480 -41.50 1.09 32.18
N VAL A 481 -42.30 1.60 31.26
CA VAL A 481 -42.19 3.01 30.85
C VAL A 481 -42.43 3.98 32.01
N PHE A 482 -43.24 3.59 32.99
CA PHE A 482 -43.57 4.40 34.15
C PHE A 482 -42.68 4.12 35.37
N ASN A 483 -41.66 3.31 35.19
CA ASN A 483 -40.76 2.91 36.29
C ASN A 483 -39.30 3.05 35.88
N SER A 484 -39.01 3.82 34.85
CA SER A 484 -37.65 3.83 34.27
C SER A 484 -37.02 5.17 34.17
N TYR A 485 -37.81 6.24 34.12
CA TYR A 485 -37.25 7.56 33.75
C TYR A 485 -37.54 8.58 34.84
N HIS A 486 -37.04 8.28 36.05
CA HIS A 486 -37.29 9.09 37.25
C HIS A 486 -36.14 10.09 37.57
N SER A 487 -34.93 9.84 37.07
CA SER A 487 -33.86 10.81 37.19
C SER A 487 -34.07 11.87 36.12
N GLU A 488 -33.57 13.09 36.35
CA GLU A 488 -33.76 14.11 35.31
C GLU A 488 -32.92 13.73 34.07
N THR A 489 -31.76 13.18 34.30
CA THR A 489 -30.93 12.71 33.18
C THR A 489 -31.69 11.69 32.30
N ASN A 490 -32.45 10.76 32.93
CA ASN A 490 -33.13 9.74 32.13
C ASN A 490 -34.30 10.30 31.33
N ILE A 491 -35.04 11.19 31.96
CA ILE A 491 -36.22 11.77 31.30
C ILE A 491 -35.76 12.61 30.10
N VAL A 492 -34.71 13.43 30.28
CA VAL A 492 -34.22 14.19 29.15
C VAL A 492 -33.84 13.28 27.97
N ARG A 493 -33.12 12.18 28.28
CA ARG A 493 -32.70 11.22 27.24
C ARG A 493 -33.91 10.55 26.55
N TYR A 494 -34.93 10.21 27.30
CA TYR A 494 -36.15 9.61 26.73
C TYR A 494 -36.89 10.62 25.78
N MET A 495 -37.08 11.84 26.23
CA MET A 495 -37.73 12.91 25.43
C MET A 495 -36.94 13.17 24.14
N LYS A 496 -35.61 13.19 24.25
CA LYS A 496 -34.79 13.32 23.05
C LYS A 496 -34.88 12.13 22.08
N LYS A 497 -34.87 10.91 22.60
CA LYS A 497 -34.99 9.68 21.79
C LYS A 497 -36.25 9.74 20.94
N LEU A 498 -37.36 10.10 21.57
CA LEU A 498 -38.65 10.25 20.86
C LEU A 498 -38.64 11.40 19.86
N GLU A 499 -38.17 12.58 20.27
CA GLU A 499 -38.06 13.71 19.35
C GLU A 499 -37.31 13.31 18.07
N ASN A 500 -36.21 12.61 18.24
CA ASN A 500 -35.30 12.35 17.11
C ASN A 500 -35.88 11.30 16.11
N LYS A 501 -36.87 10.54 16.54
CA LYS A 501 -37.61 9.69 15.63
C LYS A 501 -38.56 10.43 14.68
N ASP A 502 -38.84 11.72 14.96
CA ASP A 502 -39.89 12.43 14.28
C ASP A 502 -39.35 13.51 13.38
N ILE A 503 -39.64 13.43 12.07
CA ILE A 503 -39.26 14.52 11.15
C ILE A 503 -40.14 15.71 11.50
N SER A 504 -39.59 16.93 11.42
CA SER A 504 -40.29 18.16 11.79
C SER A 504 -39.70 19.36 11.06
N LEU A 505 -40.19 20.56 11.34
CA LEU A 505 -39.74 21.76 10.65
C LEU A 505 -38.33 22.19 11.00
N VAL A 506 -37.68 21.52 11.96
CA VAL A 506 -36.27 21.72 12.18
C VAL A 506 -35.42 20.89 11.20
N HIS A 507 -36.07 20.04 10.38
CA HIS A 507 -35.36 19.26 9.38
C HIS A 507 -35.62 19.78 7.96
N SER A 508 -36.86 19.86 7.53
CA SER A 508 -37.17 20.15 6.13
C SER A 508 -38.61 20.61 5.99
N MET A 509 -38.92 21.15 4.81
CA MET A 509 -40.33 21.53 4.47
C MET A 509 -41.26 20.33 4.65
N ILE A 510 -42.44 20.57 5.25
CA ILE A 510 -43.52 19.60 5.38
C ILE A 510 -44.72 20.19 4.59
N PRO A 511 -44.79 19.90 3.27
CA PRO A 511 -45.67 20.70 2.41
C PRO A 511 -47.07 20.14 2.39
N LEU A 512 -47.63 20.05 3.55
CA LEU A 512 -48.91 19.56 3.77
C LEU A 512 -50.01 20.48 3.33
N GLY A 513 -50.61 20.11 2.21
CA GLY A 513 -51.76 20.81 1.69
C GLY A 513 -52.84 20.83 2.73
N SER A 514 -53.39 22.01 2.91
CA SER A 514 -54.45 22.31 3.82
C SER A 514 -54.03 22.41 5.29
N CYS A 515 -52.75 22.54 5.55
CA CYS A 515 -52.29 22.61 6.91
C CYS A 515 -51.47 23.86 7.22
N THR A 516 -50.86 24.45 6.22
CA THR A 516 -50.10 25.70 6.38
C THR A 516 -48.98 25.57 7.42
N MET A 517 -48.01 24.75 7.06
CA MET A 517 -46.87 24.44 7.87
C MET A 517 -45.83 25.57 7.78
N LYS A 518 -46.23 26.75 8.15
CA LYS A 518 -45.35 27.92 8.15
C LYS A 518 -44.47 28.03 9.48
N LEU A 519 -43.63 29.05 9.54
CA LEU A 519 -42.77 29.33 10.71
C LEU A 519 -43.57 29.64 12.01
N ASN A 520 -43.15 28.93 13.06
CA ASN A 520 -43.61 29.15 14.43
C ASN A 520 -42.41 29.80 15.13
N SER A 521 -42.43 31.13 15.24
CA SER A 521 -41.25 31.85 15.61
C SER A 521 -41.05 31.85 17.11
N SER A 522 -39.78 31.93 17.47
CA SER A 522 -39.32 31.94 18.85
C SER A 522 -39.89 33.13 19.63
N SER A 523 -39.89 34.30 19.02
CA SER A 523 -40.49 35.50 19.70
C SER A 523 -42.01 35.34 19.95
N GLU A 524 -42.70 34.70 19.02
CA GLU A 524 -44.13 34.47 19.17
C GLU A 524 -44.38 33.42 20.25
N LEU A 525 -43.55 32.41 20.30
CA LEU A 525 -43.68 31.34 21.25
C LEU A 525 -43.36 31.66 22.70
N ALA A 526 -42.36 32.49 22.93
CA ALA A 526 -41.90 32.86 24.27
C ALA A 526 -42.93 33.15 25.32
N PRO A 527 -43.90 34.01 25.04
CA PRO A 527 -44.89 34.38 26.04
C PRO A 527 -45.80 33.33 26.61
N ILE A 528 -46.06 32.25 25.92
CA ILE A 528 -46.96 31.21 26.41
C ILE A 528 -46.55 30.56 27.75
N THR A 529 -45.28 30.57 28.06
CA THR A 529 -44.84 30.11 29.37
C THR A 529 -44.57 31.24 30.35
N TRP A 530 -44.91 32.48 30.02
CA TRP A 530 -44.86 33.55 31.05
C TRP A 530 -45.92 33.28 32.10
N LYS A 531 -45.56 33.45 33.36
CA LYS A 531 -46.46 33.25 34.50
C LYS A 531 -47.74 34.06 34.48
N GLU A 532 -47.65 35.28 33.98
CA GLU A 532 -48.79 36.22 33.89
C GLU A 532 -49.84 35.73 32.85
N PHE A 533 -49.45 34.85 31.92
CA PHE A 533 -50.35 34.13 31.03
C PHE A 533 -50.65 32.68 31.48
N ALA A 534 -49.63 31.91 31.85
CA ALA A 534 -49.82 30.53 32.21
C ALA A 534 -50.44 30.19 33.52
N ASN A 535 -50.28 31.06 34.48
CA ASN A 535 -50.75 30.79 35.83
C ASN A 535 -51.96 31.55 36.39
N ILE A 536 -52.98 31.78 35.58
CA ILE A 536 -54.19 32.44 36.04
C ILE A 536 -55.33 31.44 35.93
N HIS A 537 -56.10 31.25 36.96
CA HIS A 537 -57.24 30.31 36.90
C HIS A 537 -58.31 30.94 35.95
N PRO A 538 -58.88 30.15 35.01
CA PRO A 538 -59.88 30.70 34.04
C PRO A 538 -61.07 31.46 34.63
N PHE A 539 -61.45 31.19 35.87
CA PHE A 539 -62.65 31.78 36.48
C PHE A 539 -62.35 32.78 37.59
N VAL A 540 -61.14 33.34 37.61
CA VAL A 540 -60.85 34.47 38.52
C VAL A 540 -61.80 35.68 38.29
N PRO A 541 -62.08 36.46 39.34
CA PRO A 541 -62.67 37.77 39.11
C PRO A 541 -61.89 38.50 38.02
N LEU A 542 -62.63 39.22 37.18
CA LEU A 542 -62.04 39.84 35.98
C LEU A 542 -61.07 41.00 36.24
N ASP A 543 -61.17 41.64 37.40
CA ASP A 543 -60.14 42.63 37.79
C ASP A 543 -58.72 42.02 37.99
N GLN A 544 -58.60 40.69 38.04
CA GLN A 544 -57.30 39.99 38.00
C GLN A 544 -56.77 39.63 36.57
N ALA A 545 -57.58 39.82 35.54
CA ALA A 545 -57.26 39.38 34.17
C ALA A 545 -57.39 40.49 33.12
N GLN A 546 -57.11 41.74 33.51
CA GLN A 546 -57.31 42.92 32.60
C GLN A 546 -56.29 42.90 31.45
N GLY A 547 -55.15 42.27 31.68
CA GLY A 547 -54.23 42.01 30.58
C GLY A 547 -54.81 41.12 29.51
N TYR A 548 -55.42 39.99 29.92
CA TYR A 548 -56.08 39.14 28.95
C TYR A 548 -57.18 39.92 28.21
N GLN A 549 -57.92 40.77 28.93
CA GLN A 549 -59.02 41.48 28.29
C GLN A 549 -58.48 42.37 27.16
N GLN A 550 -57.37 43.07 27.38
CA GLN A 550 -56.78 43.88 26.34
C GLN A 550 -56.26 43.05 25.18
N LEU A 551 -55.55 41.93 25.48
CA LEU A 551 -55.11 41.00 24.43
C LEU A 551 -56.30 40.58 23.51
N PHE A 552 -57.40 40.16 24.11
CA PHE A 552 -58.56 39.73 23.36
C PHE A 552 -59.08 40.89 22.45
N ARG A 553 -59.26 42.09 23.03
CA ARG A 553 -59.72 43.26 22.27
C ARG A 553 -58.83 43.57 21.09
N GLU A 554 -57.50 43.55 21.33
CA GLU A 554 -56.59 43.87 20.25
C GLU A 554 -56.60 42.81 19.14
N LEU A 555 -56.57 41.54 19.50
CA LEU A 555 -56.53 40.44 18.53
C LEU A 555 -57.90 40.40 17.77
N GLU A 556 -58.99 40.64 18.49
CA GLU A 556 -60.31 40.69 17.82
C GLU A 556 -60.36 41.73 16.73
N LYS A 557 -59.87 42.93 17.06
CA LYS A 557 -59.96 44.07 16.14
C LYS A 557 -59.11 43.78 14.88
N ASP A 558 -57.90 43.25 15.09
CA ASP A 558 -57.05 42.85 13.96
C ASP A 558 -57.72 41.72 13.11
N LEU A 559 -58.31 40.75 13.76
CA LEU A 559 -58.92 39.62 13.00
C LEU A 559 -60.17 40.12 12.23
N CYS A 560 -60.89 41.05 12.85
CA CYS A 560 -62.01 41.70 12.17
C CYS A 560 -61.57 42.40 10.88
N GLU A 561 -60.51 43.18 10.98
CA GLU A 561 -59.93 43.85 9.83
C GLU A 561 -59.39 42.92 8.71
N LEU A 562 -58.77 41.79 9.07
CA LEU A 562 -58.28 40.83 8.06
C LEU A 562 -59.42 40.09 7.30
N THR A 563 -60.57 39.94 7.95
CA THR A 563 -61.67 39.10 7.46
C THR A 563 -62.92 39.89 6.95
N GLY A 564 -63.00 41.16 7.33
CA GLY A 564 -64.18 41.98 7.09
C GLY A 564 -65.36 41.60 7.95
N TYR A 565 -65.16 41.00 9.14
CA TYR A 565 -66.27 40.69 10.06
C TYR A 565 -66.37 41.72 11.13
N ASP A 566 -67.46 41.70 11.88
CA ASP A 566 -67.77 42.77 12.86
C ASP A 566 -67.47 42.37 14.32
N GLN A 567 -67.43 41.07 14.59
CA GLN A 567 -67.18 40.59 15.91
C GLN A 567 -66.52 39.22 15.84
N VAL A 568 -65.58 38.99 16.75
CA VAL A 568 -64.92 37.68 16.90
C VAL A 568 -65.20 37.10 18.29
N CYS A 569 -65.48 35.77 18.32
CA CYS A 569 -65.68 35.00 19.52
C CYS A 569 -64.52 33.96 19.59
N PHE A 570 -63.76 34.00 20.71
CA PHE A 570 -62.61 33.12 20.92
C PHE A 570 -62.93 31.75 21.58
N GLN A 571 -64.15 31.53 22.02
CA GLN A 571 -64.47 30.28 22.71
C GLN A 571 -64.11 28.99 21.93
N PRO A 572 -64.31 28.94 20.60
CA PRO A 572 -64.12 27.62 20.00
C PRO A 572 -62.66 27.24 19.88
N ASN A 573 -62.33 26.05 20.39
CA ASN A 573 -60.94 25.66 20.61
C ASN A 573 -60.39 24.65 19.58
N SER A 574 -61.00 24.69 18.39
CA SER A 574 -60.50 24.05 17.19
C SER A 574 -61.28 24.59 16.04
N GLY A 575 -60.75 24.35 14.82
CA GLY A 575 -61.44 24.72 13.60
C GLY A 575 -62.82 24.08 13.50
N ALA A 576 -62.88 22.78 13.81
CA ALA A 576 -64.14 22.05 13.75
C ALA A 576 -65.12 22.57 14.80
N GLN A 577 -64.65 22.92 15.99
CA GLN A 577 -65.49 23.60 16.98
C GLN A 577 -66.04 24.93 16.46
N GLY A 578 -65.20 25.65 15.70
CA GLY A 578 -65.62 26.89 15.04
C GLY A 578 -66.77 26.64 14.08
N GLU A 579 -66.64 25.59 13.27
CA GLU A 579 -67.67 25.22 12.27
C GLU A 579 -68.94 24.92 13.01
N TYR A 580 -68.83 24.06 14.01
CA TYR A 580 -70.01 23.75 14.84
C TYR A 580 -70.62 24.99 15.52
N ALA A 581 -69.81 25.82 16.16
CA ALA A 581 -70.34 27.00 16.79
C ALA A 581 -71.02 27.92 15.77
N GLY A 582 -70.37 28.08 14.61
CA GLY A 582 -70.83 28.97 13.51
C GLY A 582 -72.17 28.55 12.94
N LEU A 583 -72.26 27.25 12.67
CA LEU A 583 -73.54 26.64 12.20
C LEU A 583 -74.65 26.75 13.27
N ALA A 584 -74.33 26.45 14.52
CA ALA A 584 -75.32 26.60 15.59
C ALA A 584 -75.82 28.06 15.74
N THR A 585 -74.90 29.03 15.62
CA THR A 585 -75.23 30.42 15.66
C THR A 585 -76.19 30.83 14.53
N ILE A 586 -75.94 30.34 13.32
CA ILE A 586 -76.85 30.50 12.20
C ILE A 586 -78.26 29.97 12.57
N ARG A 587 -78.33 28.77 13.12
CA ARG A 587 -79.64 28.19 13.50
C ARG A 587 -80.34 29.04 14.57
N ALA A 588 -79.61 29.55 15.56
CA ALA A 588 -80.22 30.40 16.63
C ALA A 588 -80.73 31.70 16.05
N TYR A 589 -79.95 32.28 15.14
CA TYR A 589 -80.42 33.40 14.30
C TYR A 589 -81.73 33.09 13.57
N LEU A 590 -81.73 32.01 12.81
CA LEU A 590 -82.93 31.62 12.07
C LEU A 590 -84.14 31.38 13.01
N ASN A 591 -83.92 30.67 14.12
CA ASN A 591 -84.96 30.39 15.14
C ASN A 591 -85.58 31.67 15.70
N GLN A 592 -84.76 32.61 16.09
CA GLN A 592 -85.25 33.84 16.65
C GLN A 592 -86.10 34.66 15.69
N LYS A 593 -85.80 34.60 14.41
CA LYS A 593 -86.53 35.34 13.44
C LYS A 593 -87.73 34.57 12.79
N GLY A 594 -88.18 33.54 13.46
CA GLY A 594 -89.27 32.71 12.99
C GLY A 594 -89.05 31.80 11.79
N GLU A 595 -87.80 31.50 11.47
CA GLU A 595 -87.45 30.63 10.32
C GLU A 595 -86.80 29.33 10.76
N GLY A 596 -87.13 28.87 11.96
CA GLY A 596 -86.52 27.72 12.56
C GLY A 596 -86.78 26.39 11.86
N HIS A 597 -87.75 26.37 10.97
CA HIS A 597 -87.91 25.23 10.06
C HIS A 597 -86.75 24.99 9.08
N ARG A 598 -85.95 26.01 8.85
CA ARG A 598 -84.85 25.88 7.95
C ARG A 598 -83.64 25.14 8.57
N THR A 599 -83.40 23.93 8.12
CA THR A 599 -82.25 23.16 8.58
C THR A 599 -81.33 22.59 7.48
N VAL A 600 -81.61 22.82 6.18
CA VAL A 600 -80.76 22.23 5.12
C VAL A 600 -79.43 22.98 4.98
N CYS A 601 -78.36 22.21 4.90
CA CYS A 601 -77.02 22.78 4.69
C CYS A 601 -76.45 22.16 3.41
N LEU A 602 -76.17 23.01 2.43
CA LEU A 602 -75.51 22.65 1.17
C LEU A 602 -74.00 22.57 1.42
N ILE A 603 -73.38 21.43 1.05
CA ILE A 603 -71.95 21.22 1.18
C ILE A 603 -71.32 20.66 -0.08
N PRO A 604 -70.50 21.45 -0.78
CA PRO A 604 -69.77 20.86 -1.92
C PRO A 604 -69.01 19.58 -1.53
N LYS A 605 -68.99 18.60 -2.43
CA LYS A 605 -68.33 17.33 -2.13
C LYS A 605 -66.81 17.43 -1.87
N SER A 606 -66.17 18.52 -2.33
CA SER A 606 -64.77 18.79 -2.08
C SER A 606 -64.46 19.34 -0.67
N ALA A 607 -65.50 19.66 0.14
CA ALA A 607 -65.27 20.20 1.48
C ALA A 607 -64.49 19.23 2.34
N HIS A 608 -63.69 19.80 3.23
CA HIS A 608 -63.05 19.07 4.32
C HIS A 608 -64.10 18.25 5.10
N GLY A 609 -63.70 17.06 5.54
CA GLY A 609 -64.64 16.15 6.24
C GLY A 609 -65.25 16.69 7.48
N THR A 610 -64.55 17.61 8.14
CA THR A 610 -65.10 18.35 9.30
C THR A 610 -66.43 19.07 8.96
N ASN A 611 -66.55 19.59 7.74
CA ASN A 611 -67.74 20.37 7.36
C ASN A 611 -69.06 19.56 7.54
N PRO A 612 -69.21 18.42 6.83
CA PRO A 612 -70.39 17.56 7.05
C PRO A 612 -70.52 16.98 8.48
N ALA A 613 -69.41 16.62 9.11
CA ALA A 613 -69.51 16.20 10.52
C ALA A 613 -70.03 17.31 11.50
N SER A 614 -69.53 18.55 11.32
CA SER A 614 -69.97 19.71 12.10
C SER A 614 -71.43 20.00 11.84
N ALA A 615 -71.85 19.91 10.56
CA ALA A 615 -73.23 20.20 10.22
C ALA A 615 -74.16 19.19 10.85
N HIS A 616 -73.76 17.90 10.81
CA HIS A 616 -74.52 16.82 11.49
C HIS A 616 -74.57 17.07 12.99
N MET A 617 -73.44 17.38 13.59
CA MET A 617 -73.41 17.72 15.02
C MET A 617 -74.34 18.93 15.37
N ALA A 618 -74.45 19.92 14.46
CA ALA A 618 -75.35 21.06 14.72
C ALA A 618 -76.82 20.77 14.39
N GLY A 619 -77.14 19.53 14.04
CA GLY A 619 -78.52 19.12 13.75
C GLY A 619 -79.06 19.49 12.38
N MET A 620 -78.18 19.84 11.44
CA MET A 620 -78.62 20.17 10.10
C MET A 620 -78.78 18.94 9.22
N LYS A 621 -79.61 19.07 8.19
CA LYS A 621 -79.73 18.07 7.13
C LYS A 621 -78.80 18.44 6.01
N ILE A 622 -77.99 17.49 5.60
CA ILE A 622 -76.94 17.80 4.64
C ILE A 622 -77.35 17.49 3.21
N GLN A 623 -77.14 18.44 2.31
CA GLN A 623 -77.32 18.17 0.88
C GLN A 623 -76.00 18.39 0.19
N PRO A 624 -75.33 17.31 -0.24
CA PRO A 624 -74.09 17.49 -1.01
C PRO A 624 -74.34 18.22 -2.34
N VAL A 625 -73.34 18.97 -2.78
CA VAL A 625 -73.37 19.66 -4.06
C VAL A 625 -72.19 19.14 -4.89
N GLU A 626 -72.43 18.82 -6.15
CA GLU A 626 -71.41 18.22 -7.00
C GLU A 626 -70.32 19.28 -7.35
N VAL A 627 -69.14 18.77 -7.68
CA VAL A 627 -68.03 19.52 -8.20
C VAL A 627 -67.85 19.13 -9.67
N ASP A 628 -67.52 20.09 -10.54
CA ASP A 628 -67.42 19.82 -11.98
C ASP A 628 -66.04 19.34 -12.35
N LYS A 629 -65.84 19.00 -13.63
CA LYS A 629 -64.56 18.48 -14.11
C LYS A 629 -63.38 19.44 -13.99
N TYR A 630 -63.63 20.73 -13.78
CA TYR A 630 -62.59 21.72 -13.62
C TYR A 630 -62.28 21.96 -12.14
N GLY A 631 -62.98 21.31 -11.23
CA GLY A 631 -62.72 21.39 -9.80
C GLY A 631 -63.59 22.37 -9.05
N ASN A 632 -64.42 23.10 -9.77
CA ASN A 632 -65.24 24.17 -9.19
C ASN A 632 -66.61 23.58 -8.76
N ILE A 633 -67.34 24.29 -7.90
CA ILE A 633 -68.70 23.89 -7.58
C ILE A 633 -69.46 23.85 -8.91
N ASP A 634 -70.13 22.72 -9.18
CA ASP A 634 -70.96 22.60 -10.36
C ASP A 634 -72.16 23.52 -10.31
N ALA A 635 -72.17 24.52 -11.19
CA ALA A 635 -73.19 25.59 -11.10
C ALA A 635 -74.56 25.06 -11.45
N VAL A 636 -74.64 24.12 -12.38
CA VAL A 636 -75.94 23.49 -12.75
C VAL A 636 -76.55 22.80 -11.50
N HIS A 637 -75.76 21.94 -10.86
CA HIS A 637 -76.27 21.23 -9.72
C HIS A 637 -76.57 22.13 -8.48
N LEU A 638 -75.70 23.11 -8.28
CA LEU A 638 -75.93 24.09 -7.23
C LEU A 638 -77.31 24.79 -7.40
N LYS A 639 -77.60 25.29 -8.58
CA LYS A 639 -78.86 25.99 -8.81
C LYS A 639 -80.07 25.03 -8.60
N ALA A 640 -79.89 23.78 -9.04
CA ALA A 640 -80.91 22.76 -8.81
C ALA A 640 -81.09 22.43 -7.30
N MET A 641 -80.02 22.36 -6.53
CA MET A 641 -80.19 22.05 -5.12
C MET A 641 -80.79 23.21 -4.32
N VAL A 642 -80.43 24.45 -4.69
CA VAL A 642 -81.02 25.66 -4.09
C VAL A 642 -82.49 25.71 -4.38
N ASP A 643 -82.89 25.36 -5.62
CA ASP A 643 -84.31 25.38 -6.01
C ASP A 643 -85.07 24.32 -5.21
N LYS A 644 -84.54 23.11 -5.15
CA LYS A 644 -85.13 22.01 -4.38
C LYS A 644 -85.33 22.38 -2.92
N HIS A 645 -84.32 22.97 -2.28
CA HIS A 645 -84.38 23.20 -0.84
C HIS A 645 -84.77 24.61 -0.42
N LYS A 646 -85.10 25.48 -1.37
CA LYS A 646 -85.28 26.91 -1.05
C LYS A 646 -86.20 27.27 0.13
N GLU A 647 -87.19 26.48 0.43
CA GLU A 647 -88.05 26.72 1.57
C GLU A 647 -87.39 26.35 2.90
N ASN A 648 -86.44 25.44 2.88
CA ASN A 648 -85.85 24.87 4.08
C ASN A 648 -84.34 25.13 4.17
N LEU A 649 -83.85 26.08 3.36
CA LEU A 649 -82.41 26.30 3.23
C LEU A 649 -81.91 27.15 4.40
N ALA A 650 -80.99 26.56 5.18
CA ALA A 650 -80.37 27.21 6.30
C ALA A 650 -79.03 27.82 5.95
N ALA A 651 -78.23 27.06 5.20
CA ALA A 651 -76.87 27.51 4.93
C ALA A 651 -76.21 26.82 3.77
N ILE A 652 -75.08 27.43 3.36
CA ILE A 652 -74.05 26.77 2.56
C ILE A 652 -72.72 26.87 3.32
N MET A 653 -71.89 25.84 3.18
CA MET A 653 -70.47 25.84 3.60
C MET A 653 -69.55 25.87 2.37
N ILE A 654 -68.91 27.02 2.13
CA ILE A 654 -67.93 27.15 1.07
C ILE A 654 -66.52 27.29 1.66
N THR A 655 -65.51 27.04 0.83
CA THR A 655 -64.14 27.32 1.14
C THR A 655 -63.54 28.15 0.04
N TYR A 656 -62.81 29.22 0.37
CA TYR A 656 -62.28 30.16 -0.65
C TYR A 656 -60.90 30.53 -0.25
N PRO A 657 -59.92 30.34 -1.12
CA PRO A 657 -60.04 29.54 -2.35
C PRO A 657 -60.40 28.09 -2.01
N SER A 658 -60.67 27.31 -3.02
CA SER A 658 -61.20 25.97 -2.83
C SER A 658 -60.20 25.01 -2.21
N THR A 659 -60.71 23.88 -1.73
CA THR A 659 -59.82 22.89 -1.09
C THR A 659 -58.85 22.19 -2.07
N ASN A 660 -58.92 22.49 -3.36
CA ASN A 660 -57.90 22.06 -4.34
C ASN A 660 -56.91 23.21 -4.67
N GLY A 661 -57.08 24.34 -4.00
CA GLY A 661 -56.16 25.50 -4.18
C GLY A 661 -56.62 26.53 -5.18
N VAL A 662 -57.77 26.31 -5.79
CA VAL A 662 -58.23 27.15 -6.89
C VAL A 662 -59.22 28.21 -6.42
N PHE A 663 -58.95 29.46 -6.80
CA PHE A 663 -59.95 30.53 -6.72
C PHE A 663 -61.09 30.34 -7.74
N GLU A 664 -62.30 30.11 -7.25
CA GLU A 664 -63.57 30.25 -8.01
C GLU A 664 -63.67 31.61 -8.64
N GLU A 665 -64.19 31.65 -9.85
CA GLU A 665 -64.32 32.87 -10.61
C GLU A 665 -65.38 33.87 -10.12
N ASN A 666 -66.49 33.39 -9.57
CA ASN A 666 -67.63 34.27 -9.24
C ASN A 666 -68.28 33.89 -7.91
N ILE A 667 -67.49 33.99 -6.85
CA ILE A 667 -67.93 33.55 -5.53
C ILE A 667 -69.03 34.44 -4.95
N SER A 668 -69.07 35.75 -5.28
CA SER A 668 -70.16 36.62 -4.79
C SER A 668 -71.53 36.17 -5.32
N ASP A 669 -71.53 35.62 -6.54
CA ASP A 669 -72.75 35.11 -7.15
C ASP A 669 -73.30 33.92 -6.37
N VAL A 670 -72.41 33.06 -5.83
CA VAL A 670 -72.83 31.94 -5.03
C VAL A 670 -73.41 32.48 -3.72
N CYS A 671 -72.72 33.43 -3.10
CA CYS A 671 -73.25 34.02 -1.87
C CYS A 671 -74.63 34.68 -2.11
N ASP A 672 -74.77 35.43 -3.18
CA ASP A 672 -76.05 36.09 -3.51
C ASP A 672 -77.20 35.09 -3.74
N LEU A 673 -76.90 33.98 -4.42
CA LEU A 673 -77.93 32.94 -4.67
C LEU A 673 -78.47 32.34 -3.34
N ILE A 674 -77.58 32.07 -2.38
CA ILE A 674 -78.01 31.53 -1.13
C ILE A 674 -78.79 32.55 -0.30
N HIS A 675 -78.29 33.78 -0.24
CA HIS A 675 -78.99 34.87 0.44
C HIS A 675 -80.38 35.10 -0.11
N GLN A 676 -80.53 35.12 -1.44
CA GLN A 676 -81.87 35.32 -2.07
C GLN A 676 -82.90 34.26 -1.71
N HIS A 677 -82.45 33.09 -1.28
CA HIS A 677 -83.33 31.99 -0.87
C HIS A 677 -83.39 31.75 0.65
N GLY A 678 -82.97 32.77 1.41
CA GLY A 678 -83.15 32.82 2.86
C GLY A 678 -82.12 32.10 3.70
N GLY A 679 -81.00 31.72 3.09
CA GLY A 679 -79.91 31.04 3.82
C GLY A 679 -78.78 32.00 4.19
N GLN A 680 -77.93 31.53 5.10
CA GLN A 680 -76.69 32.19 5.50
C GLN A 680 -75.47 31.48 4.86
N VAL A 681 -74.36 32.21 4.77
CA VAL A 681 -73.13 31.69 4.16
C VAL A 681 -72.09 31.50 5.24
N TYR A 682 -71.74 30.22 5.44
CA TYR A 682 -70.59 29.82 6.24
C TYR A 682 -69.38 29.61 5.30
N LEU A 683 -68.26 30.29 5.59
CA LEU A 683 -67.04 30.19 4.82
C LEU A 683 -65.89 29.61 5.70
N ASP A 684 -65.46 28.40 5.34
CA ASP A 684 -64.37 27.69 6.02
C ASP A 684 -63.11 28.49 5.81
N GLY A 685 -62.52 29.00 6.89
CA GLY A 685 -61.36 29.90 6.80
C GLY A 685 -59.97 29.26 6.81
N ALA A 686 -59.89 27.97 6.71
CA ALA A 686 -58.57 27.25 6.72
C ALA A 686 -57.67 27.66 5.55
N ASN A 687 -58.22 28.22 4.48
CA ASN A 687 -57.37 28.69 3.37
C ASN A 687 -57.13 30.19 3.36
N MET A 688 -57.23 30.87 4.53
CA MET A 688 -57.02 32.34 4.56
C MET A 688 -55.56 32.73 4.28
N ASN A 689 -54.62 31.77 4.28
CA ASN A 689 -53.23 32.09 3.87
C ASN A 689 -53.09 32.53 2.43
N ALA A 690 -54.09 32.21 1.57
CA ALA A 690 -54.11 32.75 0.21
C ALA A 690 -54.89 34.08 0.09
N GLN A 691 -55.47 34.58 1.20
CA GLN A 691 -56.34 35.75 1.19
C GLN A 691 -55.77 36.95 1.94
N VAL A 692 -55.09 36.73 3.07
CA VAL A 692 -54.80 37.82 4.02
C VAL A 692 -54.13 39.00 3.32
N GLY A 693 -54.74 40.17 3.41
CA GLY A 693 -54.17 41.41 2.79
C GLY A 693 -54.45 41.60 1.29
N ILE A 694 -55.21 40.68 0.68
CA ILE A 694 -55.53 40.75 -0.76
C ILE A 694 -57.05 40.83 -0.96
N CYS A 695 -57.80 39.96 -0.28
CA CYS A 695 -59.28 39.95 -0.27
C CYS A 695 -59.78 39.48 1.11
N ARG A 696 -61.07 39.64 1.37
CA ARG A 696 -61.62 39.33 2.69
C ARG A 696 -62.98 38.67 2.54
N PRO A 697 -63.19 37.46 3.17
CA PRO A 697 -64.50 36.77 3.01
C PRO A 697 -65.73 37.58 3.34
N GLY A 698 -65.64 38.44 4.34
CA GLY A 698 -66.75 39.38 4.63
C GLY A 698 -67.14 40.36 3.55
N ASP A 699 -66.25 40.68 2.66
CA ASP A 699 -66.56 41.62 1.62
C ASP A 699 -67.35 41.02 0.44
N PHE A 700 -67.22 39.73 0.24
CA PHE A 700 -67.91 39.10 -0.84
C PHE A 700 -69.18 38.31 -0.53
N GLY A 701 -69.71 38.45 0.67
CA GLY A 701 -70.96 37.79 0.99
C GLY A 701 -71.03 36.76 2.08
N SER A 702 -69.90 36.49 2.69
CA SER A 702 -69.86 35.50 3.78
C SER A 702 -70.38 36.11 5.07
N ASP A 703 -71.15 35.34 5.85
CA ASP A 703 -71.74 35.79 7.13
C ASP A 703 -70.95 35.37 8.39
N VAL A 704 -70.19 34.27 8.28
CA VAL A 704 -69.44 33.71 9.39
C VAL A 704 -68.34 32.85 8.87
N SER A 705 -67.16 32.91 9.50
CA SER A 705 -66.04 32.02 9.26
C SER A 705 -65.31 31.65 10.55
N HIS A 706 -64.84 30.39 10.65
CA HIS A 706 -63.79 30.04 11.61
C HIS A 706 -62.47 30.37 10.95
N LEU A 707 -61.48 30.69 11.77
CA LEU A 707 -60.08 30.78 11.38
C LEU A 707 -59.31 29.67 12.09
N ASN A 708 -58.27 29.12 11.44
CA ASN A 708 -57.39 28.17 12.09
C ASN A 708 -56.14 28.95 12.51
N LEU A 709 -56.04 29.33 13.79
CA LEU A 709 -54.87 30.12 14.22
C LEU A 709 -53.59 29.23 14.18
N HIS A 710 -53.78 27.92 14.36
CA HIS A 710 -52.71 26.90 14.18
C HIS A 710 -52.33 26.58 12.71
N LYS A 711 -52.99 27.20 11.74
CA LYS A 711 -52.52 27.12 10.35
C LYS A 711 -52.06 28.47 9.85
N THR A 712 -53.00 29.37 9.64
CA THR A 712 -52.69 30.67 9.07
C THR A 712 -51.85 31.62 9.97
N PHE A 713 -52.00 31.52 11.29
CA PHE A 713 -51.51 32.53 12.26
C PHE A 713 -50.53 31.99 13.32
N CYS A 714 -49.82 30.91 12.90
CA CYS A 714 -48.57 30.48 13.53
C CYS A 714 -48.64 29.72 14.87
N ILE A 715 -49.81 29.41 15.42
CA ILE A 715 -49.86 28.51 16.58
C ILE A 715 -49.24 27.19 16.13
N PRO A 716 -48.36 26.58 16.94
CA PRO A 716 -47.63 25.41 16.49
C PRO A 716 -48.54 24.19 16.35
N HIS A 717 -48.20 23.33 15.40
CA HIS A 717 -49.09 22.23 15.05
C HIS A 717 -49.06 21.13 16.18
N GLY A 718 -47.96 21.06 16.95
CA GLY A 718 -47.99 20.33 18.20
C GLY A 718 -48.07 18.79 18.14
N GLY A 719 -47.83 18.24 16.93
CA GLY A 719 -47.95 16.80 16.72
C GLY A 719 -49.41 16.38 16.64
N GLY A 720 -50.32 17.36 16.48
CA GLY A 720 -51.80 17.08 16.46
C GLY A 720 -52.73 17.96 17.32
N GLY A 721 -52.31 19.18 17.63
CA GLY A 721 -52.95 20.01 18.67
C GLY A 721 -51.88 20.60 19.58
N PRO A 722 -52.08 21.79 20.12
CA PRO A 722 -53.39 22.47 20.26
C PRO A 722 -53.74 23.35 19.08
N GLY A 723 -55.03 23.62 18.93
CA GLY A 723 -55.51 24.61 17.99
C GLY A 723 -56.41 25.65 18.66
N MET A 724 -56.77 26.62 17.85
CA MET A 724 -57.78 27.61 18.16
C MET A 724 -58.56 27.91 16.87
N GLY A 725 -59.87 27.84 16.97
CA GLY A 725 -60.74 28.14 15.85
C GLY A 725 -61.75 29.26 16.13
N PRO A 726 -61.29 30.51 16.37
CA PRO A 726 -62.21 31.63 16.59
C PRO A 726 -63.14 31.90 15.38
N ILE A 727 -64.34 32.34 15.64
CA ILE A 727 -65.27 32.65 14.56
C ILE A 727 -65.51 34.14 14.48
N GLY A 728 -65.41 34.64 13.25
CA GLY A 728 -65.79 35.99 12.92
C GLY A 728 -67.21 35.95 12.39
N VAL A 729 -68.02 36.95 12.78
CA VAL A 729 -69.39 37.05 12.29
C VAL A 729 -69.78 38.47 11.90
N LYS A 730 -70.72 38.56 10.94
CA LYS A 730 -71.36 39.83 10.63
C LYS A 730 -72.29 40.18 11.81
N LYS A 731 -72.58 41.47 11.97
CA LYS A 731 -73.23 41.94 13.18
C LYS A 731 -74.64 41.35 13.43
N HIS A 732 -75.36 40.99 12.36
CA HIS A 732 -76.66 40.29 12.50
C HIS A 732 -76.52 38.94 13.26
N LEU A 733 -75.39 38.29 13.19
CA LEU A 733 -75.21 37.04 13.98
C LEU A 733 -74.72 37.27 15.40
N ALA A 734 -74.20 38.48 15.69
CA ALA A 734 -73.44 38.71 16.94
C ALA A 734 -74.27 38.47 18.22
N PRO A 735 -75.55 38.88 18.24
CA PRO A 735 -76.32 38.57 19.45
C PRO A 735 -76.46 37.06 19.80
N PHE A 736 -76.18 36.15 18.84
CA PHE A 736 -76.37 34.70 19.02
C PHE A 736 -75.08 33.92 19.34
N LEU A 737 -73.98 34.63 19.48
CA LEU A 737 -72.66 34.01 19.80
C LEU A 737 -72.70 33.27 21.15
N PRO A 738 -71.80 32.28 21.33
CA PRO A 738 -71.69 31.56 22.59
C PRO A 738 -71.51 32.44 23.83
N ASN A 739 -72.10 31.95 24.93
CA ASN A 739 -71.96 32.52 26.26
C ASN A 739 -71.28 31.51 27.15
N HIS A 740 -71.12 31.85 28.42
CA HIS A 740 -70.51 30.94 29.43
C HIS A 740 -71.23 31.15 30.78
N PRO A 741 -71.49 30.06 31.53
CA PRO A 741 -72.29 30.21 32.74
C PRO A 741 -71.50 30.72 33.94
N VAL A 742 -70.17 30.71 33.92
CA VAL A 742 -69.37 31.27 35.03
C VAL A 742 -68.90 32.70 34.77
N ILE A 743 -68.42 32.96 33.56
CA ILE A 743 -67.87 34.27 33.16
C ILE A 743 -68.69 34.81 31.99
N SER A 744 -69.44 35.91 32.17
CA SER A 744 -70.45 36.28 31.14
C SER A 744 -69.78 36.92 29.90
N LEU A 745 -70.17 36.45 28.71
CA LEU A 745 -69.67 36.98 27.43
C LEU A 745 -70.66 37.92 26.70
N LYS A 746 -71.80 38.27 27.32
CA LYS A 746 -72.83 39.12 26.67
C LYS A 746 -72.37 40.61 26.58
N ARG A 747 -72.47 41.20 25.38
CA ARG A 747 -72.07 42.62 25.13
C ARG A 747 -73.25 43.58 24.93
N ASN A 748 -74.29 43.09 24.24
CA ASN A 748 -75.45 43.94 23.82
C ASN A 748 -76.71 43.73 24.65
N GLU A 749 -77.67 44.57 24.38
CA GLU A 749 -79.01 44.46 24.98
C GLU A 749 -79.78 43.18 24.47
N ASP A 750 -79.66 42.95 23.18
CA ASP A 750 -80.41 41.89 22.46
C ASP A 750 -79.95 40.43 22.76
N ALA A 751 -79.06 40.13 23.70
CA ALA A 751 -78.31 38.84 23.62
C ALA A 751 -79.22 37.60 23.68
N CYS A 752 -78.94 36.64 22.82
N CYS A 752 -78.94 36.64 22.82
CA CYS A 752 -79.72 35.41 22.75
CA CYS A 752 -79.72 35.41 22.75
C CYS A 752 -78.76 34.30 22.41
C CYS A 752 -78.76 34.30 22.41
N PRO A 753 -77.91 33.93 23.36
CA PRO A 753 -76.80 33.04 23.00
C PRO A 753 -77.19 31.65 22.51
N VAL A 754 -76.45 31.14 21.54
CA VAL A 754 -76.61 29.77 21.07
C VAL A 754 -76.46 28.74 22.22
N GLY A 755 -75.61 29.04 23.21
CA GLY A 755 -75.26 28.11 24.28
C GLY A 755 -73.79 28.27 24.64
N THR A 756 -73.13 27.19 25.08
CA THR A 756 -71.71 27.21 25.42
C THR A 756 -71.09 26.01 24.72
N VAL A 757 -70.03 26.27 23.96
CA VAL A 757 -69.38 25.19 23.17
C VAL A 757 -68.06 24.71 23.74
N SER A 758 -67.39 25.53 24.58
CA SER A 758 -66.19 25.09 25.24
C SER A 758 -66.26 25.28 26.77
N ALA A 759 -65.44 24.51 27.47
CA ALA A 759 -65.45 24.52 28.94
C ALA A 759 -65.01 25.86 29.55
N ALA A 760 -64.14 26.56 28.86
CA ALA A 760 -63.64 27.88 29.32
C ALA A 760 -64.10 28.97 28.41
N PRO A 761 -64.33 30.19 28.93
CA PRO A 761 -65.02 31.25 28.13
C PRO A 761 -64.32 31.73 26.85
N TRP A 762 -63.00 31.83 26.85
CA TRP A 762 -62.20 32.15 25.65
C TRP A 762 -61.31 30.98 25.24
N GLY A 763 -61.72 29.77 25.59
CA GLY A 763 -60.95 28.62 25.17
C GLY A 763 -59.55 28.57 25.70
N SER A 764 -58.60 28.19 24.84
CA SER A 764 -57.24 28.07 25.25
C SER A 764 -56.57 29.45 25.18
N SER A 765 -56.85 30.28 26.20
CA SER A 765 -56.43 31.70 26.19
C SER A 765 -54.93 31.90 26.12
N SER A 766 -54.15 31.04 26.78
CA SER A 766 -52.69 31.27 26.89
C SER A 766 -51.91 31.11 25.59
N ILE A 767 -52.52 30.55 24.53
CA ILE A 767 -51.84 30.44 23.23
C ILE A 767 -52.20 31.55 22.24
N LEU A 768 -53.21 32.33 22.55
CA LEU A 768 -53.56 33.49 21.72
C LEU A 768 -52.44 34.56 21.55
N PRO A 769 -51.55 34.71 22.50
CA PRO A 769 -50.46 35.70 22.26
C PRO A 769 -49.62 35.41 21.03
N ILE A 770 -49.50 34.12 20.65
CA ILE A 770 -48.70 33.74 19.47
C ILE A 770 -49.23 34.46 18.21
N SER A 771 -50.54 34.36 18.00
CA SER A 771 -51.18 35.00 16.84
C SER A 771 -51.21 36.53 16.93
N TRP A 772 -51.41 37.06 18.14
CA TRP A 772 -51.34 38.51 18.38
C TRP A 772 -49.93 38.96 17.93
N ALA A 773 -48.90 38.18 18.28
CA ALA A 773 -47.52 38.58 18.03
C ALA A 773 -47.15 38.57 16.56
N TYR A 774 -47.54 37.50 15.86
CA TYR A 774 -47.34 37.43 14.41
C TYR A 774 -47.95 38.63 13.70
N ILE A 775 -49.19 38.91 14.05
CA ILE A 775 -49.95 40.01 13.43
C ILE A 775 -49.28 41.39 13.71
N LYS A 776 -48.92 41.63 14.96
CA LYS A 776 -48.34 42.94 15.35
C LYS A 776 -46.96 43.15 14.77
N MET A 777 -46.17 42.05 14.58
CA MET A 777 -44.82 42.19 13.99
C MET A 777 -44.90 42.36 12.45
N MET A 778 -45.83 41.67 11.80
CA MET A 778 -45.93 41.69 10.32
C MET A 778 -46.50 42.99 9.82
N GLY A 779 -47.50 43.50 10.55
CA GLY A 779 -48.21 44.67 10.12
C GLY A 779 -49.01 44.46 8.87
N GLY A 780 -49.61 45.52 8.33
CA GLY A 780 -50.38 45.40 7.09
C GLY A 780 -49.60 44.99 5.85
N LYS A 781 -48.42 45.57 5.68
CA LYS A 781 -47.54 45.27 4.53
C LYS A 781 -46.96 43.86 4.64
N GLY A 782 -46.47 43.49 5.79
CA GLY A 782 -45.85 42.19 5.95
C GLY A 782 -46.88 41.05 5.75
N LEU A 783 -48.07 41.22 6.33
CA LEU A 783 -49.12 40.20 6.18
C LEU A 783 -49.48 40.01 4.71
N LYS A 784 -49.62 41.10 3.96
CA LYS A 784 -49.83 41.01 2.53
C LYS A 784 -48.70 40.28 1.77
N GLN A 785 -47.45 40.68 2.07
CA GLN A 785 -46.30 40.02 1.46
C GLN A 785 -46.25 38.51 1.72
N ALA A 786 -46.70 38.07 2.89
CA ALA A 786 -46.69 36.65 3.26
C ALA A 786 -47.64 35.87 2.34
N THR A 787 -48.84 36.41 2.15
CA THR A 787 -49.83 35.80 1.26
C THR A 787 -49.31 35.78 -0.19
N GLU A 788 -48.80 36.92 -0.65
CA GLU A 788 -48.24 37.02 -2.00
C GLU A 788 -47.18 35.93 -2.24
N THR A 789 -46.32 35.75 -1.26
CA THR A 789 -45.24 34.76 -1.36
C THR A 789 -45.73 33.30 -1.22
N ALA A 790 -46.77 33.06 -0.40
CA ALA A 790 -47.39 31.74 -0.35
C ALA A 790 -47.90 31.35 -1.74
N ILE A 791 -48.48 32.29 -2.45
CA ILE A 791 -49.03 32.06 -3.80
C ILE A 791 -47.86 31.92 -4.82
N LEU A 792 -46.85 32.78 -4.70
CA LEU A 792 -45.72 32.70 -5.63
C LEU A 792 -45.05 31.35 -5.53
N ASN A 793 -44.79 30.93 -4.31
CA ASN A 793 -44.08 29.65 -4.03
C ASN A 793 -44.90 28.44 -4.57
N ALA A 794 -46.20 28.45 -4.33
CA ALA A 794 -47.02 27.38 -4.87
C ALA A 794 -47.01 27.35 -6.41
N ASN A 795 -47.19 28.51 -7.07
CA ASN A 795 -47.19 28.56 -8.53
C ASN A 795 -45.84 28.19 -9.12
N TYR A 796 -44.76 28.58 -8.44
CA TYR A 796 -43.40 28.26 -8.91
C TYR A 796 -43.18 26.72 -8.94
N MET A 797 -43.60 26.04 -7.88
CA MET A 797 -43.49 24.57 -7.79
C MET A 797 -44.33 23.84 -8.88
N ALA A 798 -45.57 24.26 -9.00
CA ALA A 798 -46.47 23.76 -10.06
C ALA A 798 -45.86 23.92 -11.45
N LYS A 799 -45.34 25.10 -11.75
CA LYS A 799 -44.66 25.36 -12.99
C LYS A 799 -43.48 24.40 -13.25
N ARG A 800 -42.62 24.23 -12.26
CA ARG A 800 -41.51 23.29 -12.36
C ARG A 800 -41.95 21.83 -12.60
N LEU A 801 -43.06 21.42 -12.01
CA LEU A 801 -43.50 20.03 -12.07
C LEU A 801 -44.46 19.66 -13.22
N GLU A 802 -45.00 20.66 -13.90
CA GLU A 802 -46.14 20.45 -14.80
C GLU A 802 -45.89 19.57 -16.00
N THR A 803 -44.66 19.52 -16.51
CA THR A 803 -44.33 18.60 -17.60
C THR A 803 -43.99 17.19 -17.11
N HIS A 804 -43.87 17.00 -15.80
CA HIS A 804 -43.61 15.67 -15.21
C HIS A 804 -44.84 15.02 -14.55
N TYR A 805 -45.75 15.85 -14.03
CA TYR A 805 -46.97 15.43 -13.37
C TYR A 805 -48.10 16.34 -13.85
N ARG A 806 -49.31 15.83 -13.88
CA ARG A 806 -50.39 16.67 -14.26
C ARG A 806 -50.87 17.49 -13.09
N ILE A 807 -50.87 18.79 -13.26
CA ILE A 807 -51.39 19.66 -12.24
C ILE A 807 -52.89 19.49 -12.47
N LEU A 808 -53.57 18.86 -11.56
CA LEU A 808 -54.96 18.54 -11.73
C LEU A 808 -55.96 19.64 -11.93
N PHE A 809 -55.92 20.67 -11.11
CA PHE A 809 -56.88 21.79 -11.20
C PHE A 809 -56.17 23.13 -11.13
N ARG A 810 -56.64 24.07 -11.93
CA ARG A 810 -56.11 25.43 -12.03
C ARG A 810 -57.21 26.46 -12.18
N GLY A 811 -56.91 27.74 -11.91
CA GLY A 811 -57.88 28.81 -12.09
C GLY A 811 -58.06 29.19 -13.55
N ALA A 812 -58.94 30.13 -13.79
CA ALA A 812 -59.31 30.57 -15.14
C ALA A 812 -58.21 31.04 -16.04
N ARG A 813 -57.15 31.57 -15.46
CA ARG A 813 -56.05 32.02 -16.25
C ARG A 813 -54.87 31.07 -16.13
N GLY A 814 -55.12 29.96 -15.48
CA GLY A 814 -54.14 28.88 -15.33
C GLY A 814 -53.23 28.86 -14.12
N TYR A 815 -53.49 29.75 -13.15
CA TYR A 815 -52.73 29.83 -11.90
C TYR A 815 -53.47 29.14 -10.74
N VAL A 816 -52.68 28.65 -9.78
CA VAL A 816 -53.22 28.17 -8.50
C VAL A 816 -53.09 29.26 -7.41
N GLY A 817 -53.69 28.96 -6.26
CA GLY A 817 -53.57 29.75 -5.05
C GLY A 817 -52.31 29.42 -4.24
N HIS A 818 -52.50 28.96 -3.00
CA HIS A 818 -51.42 28.61 -2.06
C HIS A 818 -51.02 27.13 -2.10
N GLU A 819 -51.72 26.31 -2.87
CA GLU A 819 -51.50 24.87 -2.91
C GLU A 819 -51.97 24.32 -4.29
N PHE A 820 -51.62 23.09 -4.62
CA PHE A 820 -52.03 22.47 -5.90
C PHE A 820 -52.01 20.95 -5.79
N ILE A 821 -52.71 20.28 -6.70
CA ILE A 821 -52.79 18.83 -6.71
C ILE A 821 -51.94 18.26 -7.82
N LEU A 822 -51.15 17.26 -7.48
CA LEU A 822 -50.41 16.45 -8.42
C LEU A 822 -51.20 15.15 -8.67
N ASP A 823 -51.60 14.92 -9.91
CA ASP A 823 -52.37 13.72 -10.21
C ASP A 823 -51.47 12.55 -10.50
N THR A 824 -51.26 11.73 -9.50
CA THR A 824 -50.46 10.52 -9.59
C THR A 824 -51.25 9.28 -10.06
N ARG A 825 -52.56 9.43 -10.29
CA ARG A 825 -53.40 8.25 -10.65
C ARG A 825 -53.01 7.50 -11.90
N PRO A 826 -52.56 8.20 -12.95
CA PRO A 826 -52.21 7.44 -14.17
C PRO A 826 -51.10 6.39 -13.97
N PHE A 827 -50.31 6.56 -12.93
CA PHE A 827 -49.21 5.68 -12.67
C PHE A 827 -49.67 4.32 -12.16
N LYS A 828 -50.92 4.20 -11.76
CA LYS A 828 -51.41 2.91 -11.32
C LYS A 828 -51.43 1.94 -12.52
N LYS A 829 -51.96 2.39 -13.64
CA LYS A 829 -52.03 1.56 -14.81
C LYS A 829 -50.70 1.46 -15.53
N SER A 830 -49.93 2.55 -15.58
CA SER A 830 -48.67 2.49 -16.30
C SER A 830 -47.57 1.69 -15.56
N ALA A 831 -47.56 1.69 -14.22
CA ALA A 831 -46.42 1.14 -13.45
C ALA A 831 -46.76 0.38 -12.15
N ASN A 832 -48.04 0.15 -11.90
CA ASN A 832 -48.51 -0.35 -10.61
C ASN A 832 -48.05 0.46 -9.39
N ILE A 833 -47.86 1.75 -9.60
CA ILE A 833 -47.49 2.69 -8.54
C ILE A 833 -48.69 3.40 -7.97
N GLU A 834 -48.78 3.44 -6.66
CA GLU A 834 -49.87 4.08 -5.92
C GLU A 834 -49.32 5.39 -5.32
N ALA A 835 -50.21 6.34 -5.04
CA ALA A 835 -49.79 7.55 -4.30
C ALA A 835 -49.00 7.24 -2.99
N VAL A 836 -49.43 6.26 -2.18
CA VAL A 836 -48.69 5.82 -0.99
C VAL A 836 -47.19 5.47 -1.31
N ASP A 837 -46.91 4.84 -2.48
CA ASP A 837 -45.53 4.54 -2.86
C ASP A 837 -44.67 5.84 -2.99
N VAL A 838 -45.27 6.88 -3.59
CA VAL A 838 -44.61 8.15 -3.75
C VAL A 838 -44.40 8.81 -2.36
N ALA A 839 -45.38 8.67 -1.46
CA ALA A 839 -45.31 9.27 -0.12
C ALA A 839 -44.17 8.67 0.71
N LYS A 840 -44.08 7.35 0.67
CA LYS A 840 -43.07 6.59 1.41
C LYS A 840 -41.68 6.82 0.80
N ARG A 841 -41.62 6.90 -0.53
CA ARG A 841 -40.36 7.14 -1.20
C ARG A 841 -39.79 8.51 -0.93
N LEU A 842 -40.65 9.53 -0.82
CA LEU A 842 -40.21 10.89 -0.46
C LEU A 842 -39.45 10.92 0.89
N GLN A 843 -39.80 10.05 1.83
CA GLN A 843 -39.08 9.92 3.10
C GLN A 843 -37.58 9.66 2.88
N ASP A 844 -37.24 8.86 1.85
CA ASP A 844 -35.87 8.57 1.50
C ASP A 844 -35.12 9.77 0.95
N TYR A 845 -35.86 10.71 0.36
CA TYR A 845 -35.32 11.97 -0.13
C TYR A 845 -35.30 13.06 0.95
N GLY A 846 -35.71 12.72 2.18
CA GLY A 846 -35.64 13.63 3.33
C GLY A 846 -36.88 14.49 3.57
N PHE A 847 -38.02 14.06 3.03
CA PHE A 847 -39.27 14.83 3.09
C PHE A 847 -40.43 14.02 3.64
N HIS A 848 -41.19 14.64 4.54
CA HIS A 848 -42.51 14.21 4.98
C HIS A 848 -43.39 14.44 3.74
N ALA A 849 -44.21 13.46 3.40
CA ALA A 849 -45.08 13.62 2.23
C ALA A 849 -46.06 14.81 2.34
N PRO A 850 -46.55 15.29 1.20
CA PRO A 850 -47.68 16.25 1.24
C PRO A 850 -48.97 15.55 1.62
N THR A 851 -50.08 16.25 1.57
CA THR A 851 -51.39 15.70 1.93
C THR A 851 -51.83 14.68 0.88
N MET A 852 -52.31 13.55 1.35
CA MET A 852 -52.53 12.34 0.55
C MET A 852 -54.02 12.08 0.37
N SER A 853 -54.48 11.93 -0.87
CA SER A 853 -55.78 11.38 -1.20
C SER A 853 -56.98 12.19 -0.73
N TRP A 854 -56.78 13.49 -0.54
CA TRP A 854 -57.88 14.39 -0.20
C TRP A 854 -57.43 15.77 -0.73
N PRO A 855 -58.24 16.50 -1.52
CA PRO A 855 -59.64 16.20 -1.79
C PRO A 855 -59.88 15.15 -2.86
N VAL A 856 -58.84 14.71 -3.57
CA VAL A 856 -58.99 13.70 -4.60
C VAL A 856 -58.18 12.45 -4.26
N ALA A 857 -58.85 11.30 -4.12
CA ALA A 857 -58.18 10.00 -3.85
C ALA A 857 -57.10 9.69 -4.87
N GLY A 858 -55.97 9.18 -4.42
CA GLY A 858 -54.90 8.70 -5.31
C GLY A 858 -53.96 9.82 -5.79
N THR A 859 -54.08 11.00 -5.20
CA THR A 859 -53.27 12.21 -5.60
C THR A 859 -52.58 12.84 -4.37
N LEU A 860 -51.72 13.82 -4.62
CA LEU A 860 -50.96 14.56 -3.60
C LEU A 860 -51.30 16.05 -3.65
N MET A 861 -51.53 16.66 -2.51
CA MET A 861 -51.73 18.10 -2.47
C MET A 861 -50.62 18.81 -1.67
N VAL A 862 -49.99 19.75 -2.36
CA VAL A 862 -48.76 20.36 -1.98
C VAL A 862 -48.98 21.82 -1.60
N GLU A 863 -48.66 22.19 -0.35
CA GLU A 863 -48.69 23.58 0.16
C GLU A 863 -47.34 23.95 0.82
N PRO A 864 -46.51 24.71 0.12
CA PRO A 864 -45.21 25.03 0.70
C PRO A 864 -45.18 26.09 1.80
N THR A 865 -46.09 27.06 1.74
CA THR A 865 -46.14 28.25 2.58
C THR A 865 -45.07 29.25 2.12
N GLU A 866 -45.20 30.47 2.58
CA GLU A 866 -44.27 31.52 2.32
C GLU A 866 -42.95 31.41 3.16
N SER A 867 -42.88 30.55 4.15
CA SER A 867 -41.74 30.47 5.07
C SER A 867 -40.54 29.70 4.52
N GLU A 868 -40.72 29.00 3.40
CA GLU A 868 -39.67 28.17 2.81
C GLU A 868 -39.08 28.89 1.62
N ASP A 869 -37.76 28.77 1.46
CA ASP A 869 -37.08 29.52 0.40
C ASP A 869 -36.96 28.74 -0.91
N LYS A 870 -36.48 29.41 -1.97
CA LYS A 870 -36.37 28.82 -3.31
C LYS A 870 -35.53 27.55 -3.32
N ALA A 871 -34.43 27.54 -2.60
CA ALA A 871 -33.57 26.34 -2.57
C ALA A 871 -34.29 25.11 -1.98
N GLU A 872 -35.09 25.33 -0.96
CA GLU A 872 -35.87 24.27 -0.35
C GLU A 872 -36.98 23.80 -1.31
N LEU A 873 -37.65 24.73 -1.97
CA LEU A 873 -38.65 24.37 -2.99
C LEU A 873 -38.05 23.53 -4.11
N ASP A 874 -36.87 23.95 -4.57
CA ASP A 874 -36.11 23.22 -5.59
C ASP A 874 -35.69 21.79 -5.18
N ARG A 875 -35.28 21.61 -3.93
CA ARG A 875 -34.97 20.28 -3.45
C ARG A 875 -36.24 19.38 -3.54
N PHE A 876 -37.38 19.89 -3.10
CA PHE A 876 -38.60 19.12 -3.17
C PHE A 876 -38.97 18.80 -4.65
N CYS A 877 -38.90 19.79 -5.53
CA CYS A 877 -39.23 19.58 -6.95
C CYS A 877 -38.27 18.60 -7.63
N ASP A 878 -36.98 18.72 -7.31
CA ASP A 878 -35.99 17.79 -7.82
C ASP A 878 -36.23 16.35 -7.32
N ALA A 879 -36.65 16.21 -6.05
CA ALA A 879 -37.02 14.90 -5.53
C ALA A 879 -38.17 14.31 -6.36
N MET A 880 -39.18 15.14 -6.62
CA MET A 880 -40.34 14.66 -7.41
C MET A 880 -39.97 14.31 -8.86
N ILE A 881 -39.09 15.10 -9.46
CA ILE A 881 -38.62 14.84 -10.81
C ILE A 881 -37.85 13.49 -10.88
N SER A 882 -36.94 13.30 -9.91
CA SER A 882 -36.20 12.06 -9.81
C SER A 882 -37.12 10.82 -9.55
N ILE A 883 -38.17 11.02 -8.74
CA ILE A 883 -39.18 9.97 -8.54
C ILE A 883 -39.91 9.71 -9.86
N ARG A 884 -40.25 10.78 -10.62
CA ARG A 884 -40.90 10.60 -11.93
C ARG A 884 -40.04 9.74 -12.87
N GLN A 885 -38.73 9.98 -12.88
CA GLN A 885 -37.83 9.15 -13.62
C GLN A 885 -37.81 7.66 -13.09
N GLU A 886 -37.89 7.45 -11.78
CA GLU A 886 -38.00 6.06 -11.18
C GLU A 886 -39.25 5.31 -11.66
N ILE A 887 -40.33 6.05 -11.80
CA ILE A 887 -41.59 5.53 -12.33
C ILE A 887 -41.42 5.20 -13.82
N ALA A 888 -40.76 6.09 -14.56
CA ALA A 888 -40.47 5.83 -15.97
C ALA A 888 -39.61 4.56 -16.15
N ASP A 889 -38.70 4.29 -15.23
CA ASP A 889 -37.91 3.06 -15.25
C ASP A 889 -38.79 1.81 -15.12
N ILE A 890 -39.84 1.92 -14.31
CA ILE A 890 -40.79 0.82 -14.19
C ILE A 890 -41.65 0.77 -15.48
N GLU A 891 -42.19 1.91 -15.92
CA GLU A 891 -43.06 2.02 -17.14
C GLU A 891 -42.37 1.37 -18.35
N GLU A 892 -41.06 1.63 -18.48
CA GLU A 892 -40.29 1.21 -19.62
C GLU A 892 -39.53 -0.13 -19.45
N GLY A 893 -39.80 -0.86 -18.38
CA GLY A 893 -39.20 -2.18 -18.19
C GLY A 893 -37.72 -2.25 -17.86
N ARG A 894 -37.13 -1.16 -17.36
CA ARG A 894 -35.73 -1.17 -16.94
C ARG A 894 -35.49 -1.67 -15.51
N ILE A 895 -36.53 -1.77 -14.67
CA ILE A 895 -36.37 -2.35 -13.34
C ILE A 895 -37.59 -3.20 -12.98
N ASP A 896 -37.35 -4.25 -12.20
CA ASP A 896 -38.40 -5.11 -11.62
C ASP A 896 -39.61 -4.28 -11.09
N PRO A 897 -40.84 -4.64 -11.55
CA PRO A 897 -42.00 -3.85 -11.11
C PRO A 897 -42.50 -4.17 -9.67
N ARG A 898 -42.03 -5.26 -9.08
CA ARG A 898 -42.37 -5.66 -7.68
C ARG A 898 -41.33 -5.17 -6.66
N VAL A 899 -40.05 -5.29 -7.02
CA VAL A 899 -38.93 -4.95 -6.14
C VAL A 899 -38.13 -3.82 -6.79
N ASN A 900 -38.44 -2.59 -6.37
CA ASN A 900 -37.74 -1.39 -6.82
C ASN A 900 -37.86 -0.36 -5.70
N PRO A 901 -37.15 0.80 -5.81
CA PRO A 901 -37.11 1.69 -4.65
C PRO A 901 -38.46 2.19 -4.16
N LEU A 902 -39.35 2.51 -5.10
CA LEU A 902 -40.73 2.92 -4.79
C LEU A 902 -41.53 1.94 -3.95
N LYS A 903 -41.51 0.68 -4.39
CA LYS A 903 -42.25 -0.37 -3.72
C LYS A 903 -41.62 -0.74 -2.36
N MET A 904 -40.29 -0.67 -2.23
CA MET A 904 -39.59 -1.05 -1.00
C MET A 904 -39.45 0.09 0.02
N SER A 905 -39.86 1.31 -0.38
CA SER A 905 -39.74 2.48 0.49
C SER A 905 -40.71 2.38 1.71
N PRO A 906 -40.38 3.03 2.84
CA PRO A 906 -39.10 3.70 3.07
C PRO A 906 -37.98 2.73 3.38
N HIS A 907 -36.74 3.21 3.25
CA HIS A 907 -35.54 2.39 3.53
C HIS A 907 -34.97 2.81 4.91
N SER A 908 -35.15 1.91 5.87
CA SER A 908 -34.72 2.11 7.25
C SER A 908 -33.19 1.92 7.32
N LEU A 909 -32.65 2.35 8.46
CA LEU A 909 -31.24 2.21 8.78
C LEU A 909 -30.92 0.75 8.85
N THR A 910 -31.81 -0.04 9.47
CA THR A 910 -31.55 -1.50 9.55
C THR A 910 -31.47 -2.10 8.16
N CYS A 911 -32.31 -1.63 7.22
CA CYS A 911 -32.32 -2.14 5.84
C CYS A 911 -31.02 -1.83 5.09
N VAL A 912 -30.60 -0.57 5.17
CA VAL A 912 -29.48 -0.09 4.36
C VAL A 912 -28.10 -0.45 4.97
N THR A 913 -28.05 -0.74 6.28
CA THR A 913 -26.81 -1.17 6.93
C THR A 913 -26.58 -2.67 7.03
N SER A 914 -27.46 -3.50 6.52
CA SER A 914 -27.34 -4.95 6.80
C SER A 914 -26.32 -5.67 5.92
N SER A 915 -25.80 -6.76 6.40
CA SER A 915 -24.85 -7.52 5.59
C SER A 915 -25.48 -8.09 4.34
N HIS A 916 -26.76 -8.34 4.41
CA HIS A 916 -27.46 -8.98 3.33
C HIS A 916 -27.55 -8.31 1.91
N TRP A 917 -28.48 -7.39 1.70
CA TRP A 917 -28.69 -6.72 0.38
C TRP A 917 -29.04 -7.56 -0.89
N ASP A 918 -30.31 -7.64 -1.19
CA ASP A 918 -30.79 -8.40 -2.31
C ASP A 918 -31.68 -7.57 -3.22
N ARG A 919 -31.32 -6.32 -3.46
CA ARG A 919 -32.13 -5.47 -4.28
C ARG A 919 -31.44 -5.22 -5.60
N PRO A 920 -32.23 -4.98 -6.61
CA PRO A 920 -31.75 -4.73 -7.96
C PRO A 920 -31.24 -3.31 -8.17
N TYR A 921 -31.17 -2.58 -7.09
CA TYR A 921 -30.70 -1.20 -7.08
C TYR A 921 -29.74 -1.07 -5.89
N SER A 922 -28.94 0.00 -5.87
CA SER A 922 -27.90 0.15 -4.83
C SER A 922 -28.41 0.72 -3.52
N ARG A 923 -27.60 0.54 -2.47
CA ARG A 923 -27.85 1.20 -1.17
C ARG A 923 -27.87 2.72 -1.34
N GLU A 924 -27.02 3.21 -2.24
CA GLU A 924 -26.90 4.65 -2.48
C GLU A 924 -28.20 5.19 -3.09
N VAL A 925 -28.72 4.51 -4.09
CA VAL A 925 -30.01 4.85 -4.67
C VAL A 925 -31.10 4.76 -3.61
N ALA A 926 -31.02 3.74 -2.75
CA ALA A 926 -31.99 3.55 -1.65
C ALA A 926 -32.06 4.72 -0.72
N ALA A 927 -30.90 5.10 -0.21
CA ALA A 927 -30.83 6.04 0.96
C ALA A 927 -30.34 7.46 0.68
N PHE A 928 -29.57 7.65 -0.39
CA PHE A 928 -29.06 8.97 -0.77
C PHE A 928 -29.35 9.18 -2.26
N PRO A 929 -30.63 9.25 -2.64
CA PRO A 929 -30.94 9.25 -4.08
C PRO A 929 -30.50 10.49 -4.88
N LEU A 930 -30.32 11.65 -4.23
CA LEU A 930 -29.78 12.83 -4.91
C LEU A 930 -28.66 13.41 -4.04
N PRO A 931 -27.78 14.22 -4.64
CA PRO A 931 -26.62 14.76 -3.86
C PRO A 931 -26.94 15.62 -2.67
N PHE A 932 -28.10 16.27 -2.61
CA PHE A 932 -28.44 17.04 -1.40
C PHE A 932 -28.80 16.16 -0.18
N VAL A 933 -29.04 14.85 -0.39
CA VAL A 933 -29.30 13.94 0.72
C VAL A 933 -27.94 13.41 1.13
N LYS A 934 -27.42 13.90 2.25
CA LYS A 934 -26.06 13.57 2.70
C LYS A 934 -26.01 12.96 4.07
N PRO A 935 -25.00 12.14 4.37
CA PRO A 935 -24.82 11.67 5.78
C PRO A 935 -24.89 12.76 6.88
N GLU A 936 -24.39 13.96 6.62
CA GLU A 936 -24.51 15.09 7.57
C GLU A 936 -25.92 15.62 7.89
N ASN A 937 -26.87 15.38 7.01
CA ASN A 937 -28.25 15.83 7.18
C ASN A 937 -29.28 14.71 7.07
N LYS A 938 -28.83 13.45 6.99
CA LYS A 938 -29.73 12.30 6.68
C LYS A 938 -30.64 12.04 7.85
N PHE A 939 -31.94 12.19 7.58
CA PHE A 939 -32.96 11.77 8.53
C PHE A 939 -33.44 10.36 8.15
N TRP A 940 -33.41 9.44 9.11
CA TRP A 940 -33.79 8.07 8.90
C TRP A 940 -35.23 7.82 9.29
N PRO A 941 -36.01 7.29 8.35
CA PRO A 941 -37.25 6.62 8.76
C PRO A 941 -36.88 5.53 9.77
N THR A 942 -37.60 5.41 10.87
CA THR A 942 -37.11 4.53 11.94
C THR A 942 -37.58 3.08 11.74
N ILE A 943 -38.47 2.87 10.79
CA ILE A 943 -39.06 1.54 10.59
C ILE A 943 -39.30 1.37 9.11
N ALA A 944 -39.56 0.14 8.71
CA ALA A 944 -39.95 -0.13 7.34
C ALA A 944 -41.45 0.24 7.16
N ARG A 945 -41.96 0.06 5.95
CA ARG A 945 -43.34 0.38 5.64
C ARG A 945 -44.32 -0.22 6.57
N ILE A 946 -45.18 0.64 7.07
CA ILE A 946 -46.22 0.29 7.98
C ILE A 946 -47.31 -0.59 7.36
N ASP A 947 -47.89 -1.46 8.16
CA ASP A 947 -48.96 -2.36 7.75
C ASP A 947 -50.25 -1.80 8.28
N ASP A 948 -51.05 -1.20 7.42
CA ASP A 948 -52.28 -0.57 7.85
C ASP A 948 -53.42 -1.53 8.20
N ILE A 949 -53.45 -2.67 7.57
CA ILE A 949 -54.51 -3.66 7.83
C ILE A 949 -54.31 -4.38 9.17
N TYR A 950 -53.08 -4.82 9.44
CA TYR A 950 -52.82 -5.77 10.56
C TYR A 950 -53.29 -5.23 11.90
N GLY A 951 -52.98 -3.96 12.15
CA GLY A 951 -53.29 -3.30 13.39
C GLY A 951 -54.79 -3.20 13.72
N ASP A 952 -55.59 -2.91 12.72
CA ASP A 952 -57.05 -2.88 12.91
C ASP A 952 -57.67 -4.26 13.10
N GLN A 953 -57.05 -5.30 12.57
CA GLN A 953 -57.50 -6.68 12.76
C GLN A 953 -57.04 -7.25 14.14
N HIS A 954 -55.99 -6.68 14.73
CA HIS A 954 -55.48 -7.10 16.03
C HIS A 954 -55.32 -5.83 16.85
N LEU A 955 -56.34 -5.46 17.58
CA LEU A 955 -56.40 -4.15 18.17
C LEU A 955 -55.71 -4.15 19.51
N VAL A 956 -54.66 -3.35 19.63
CA VAL A 956 -53.86 -3.23 20.87
C VAL A 956 -53.56 -1.73 21.04
N CYS A 957 -54.16 -1.10 22.03
CA CYS A 957 -54.12 0.37 22.18
C CYS A 957 -53.58 0.80 23.55
N THR A 958 -52.81 -0.09 24.21
CA THR A 958 -51.97 0.26 25.37
C THR A 958 -50.55 -0.29 25.14
N CYS A 959 -49.58 0.18 25.93
CA CYS A 959 -48.20 -0.19 25.78
C CYS A 959 -48.04 -1.74 25.90
N PRO A 960 -47.51 -2.40 24.83
CA PRO A 960 -47.29 -3.82 24.98
C PRO A 960 -46.10 -4.13 25.94
N PRO A 961 -46.06 -5.35 26.52
CA PRO A 961 -45.04 -5.70 27.54
C PRO A 961 -43.59 -5.51 27.04
N MET A 962 -42.75 -4.90 27.88
CA MET A 962 -41.35 -4.61 27.60
C MET A 962 -40.49 -5.60 28.38
N ARG B 8 -41.61 16.52 63.23
CA ARG B 8 -42.92 17.05 63.72
C ARG B 8 -44.08 16.30 63.08
N LEU B 9 -45.18 16.31 63.77
CA LEU B 9 -46.32 15.66 63.25
C LEU B 9 -46.83 16.37 62.01
N LEU B 10 -46.35 17.59 61.72
CA LEU B 10 -46.79 18.25 60.50
C LEU B 10 -46.12 17.54 59.37
N GLU B 11 -44.84 17.27 59.50
CA GLU B 11 -44.12 16.56 58.48
C GLU B 11 -44.60 15.12 58.21
N ARG B 12 -45.20 14.46 59.18
CA ARG B 12 -45.72 13.15 58.96
C ARG B 12 -46.92 13.21 58.03
N LEU B 13 -47.85 14.13 58.29
CA LEU B 13 -49.04 14.34 57.47
C LEU B 13 -48.72 15.06 56.18
N LEU B 14 -47.75 15.98 56.24
CA LEU B 14 -47.47 16.90 55.15
C LEU B 14 -45.99 16.94 54.82
N PRO B 15 -45.45 15.88 54.18
CA PRO B 15 -44.01 15.84 53.91
C PRO B 15 -43.59 16.87 52.88
N ARG B 16 -42.28 16.97 52.62
CA ARG B 16 -41.75 17.90 51.59
C ARG B 16 -42.38 17.49 50.23
N HIS B 17 -42.75 18.48 49.43
CA HIS B 17 -43.36 18.18 48.09
C HIS B 17 -42.44 17.27 47.27
N ASP B 18 -41.15 17.63 47.23
CA ASP B 18 -40.14 16.88 46.45
C ASP B 18 -38.74 17.04 47.10
N ASP B 19 -37.84 16.15 46.70
CA ASP B 19 -36.40 16.24 47.07
C ASP B 19 -35.59 16.21 45.78
N PHE B 20 -35.01 17.36 45.45
CA PHE B 20 -34.24 17.49 44.20
C PHE B 20 -33.13 16.42 44.07
N ALA B 21 -32.60 15.95 45.19
CA ALA B 21 -31.54 14.95 45.18
C ALA B 21 -31.96 13.64 44.50
N ARG B 22 -33.26 13.33 44.58
CA ARG B 22 -33.83 12.11 43.96
C ARG B 22 -33.89 12.24 42.44
N ARG B 23 -33.84 13.49 41.93
CA ARG B 23 -33.75 13.74 40.48
C ARG B 23 -32.34 13.87 39.92
N HIS B 24 -31.48 14.45 40.75
CA HIS B 24 -30.11 14.74 40.40
C HIS B 24 -29.27 13.50 40.42
N ILE B 25 -29.47 12.69 41.45
CA ILE B 25 -28.70 11.47 41.67
C ILE B 25 -29.37 10.34 40.95
N GLY B 26 -28.62 9.72 40.04
CA GLY B 26 -29.18 8.71 39.16
C GLY B 26 -29.63 7.46 39.85
N PRO B 27 -28.70 6.76 40.57
CA PRO B 27 -29.09 5.50 41.26
C PRO B 27 -30.09 5.66 42.44
N GLY B 28 -31.19 4.91 42.44
CA GLY B 28 -32.13 4.88 43.57
C GLY B 28 -31.77 3.77 44.52
N ASP B 29 -32.67 3.46 45.44
CA ASP B 29 -32.39 2.53 46.53
C ASP B 29 -32.00 1.15 46.03
N LYS B 30 -32.73 0.66 45.03
CA LYS B 30 -32.48 -0.67 44.47
C LYS B 30 -31.11 -0.74 43.79
N ASP B 31 -30.84 0.19 42.91
CA ASP B 31 -29.52 0.35 42.26
C ASP B 31 -28.39 0.36 43.30
N GLN B 32 -28.55 1.14 44.37
CA GLN B 32 -27.49 1.29 45.36
C GLN B 32 -27.24 -0.01 46.13
N ARG B 33 -28.29 -0.68 46.61
CA ARG B 33 -28.15 -2.02 47.23
C ARG B 33 -27.42 -3.02 46.35
N GLU B 34 -27.77 -3.04 45.06
CA GLU B 34 -27.16 -4.01 44.15
C GLU B 34 -25.69 -3.72 43.91
N MET B 35 -25.35 -2.43 43.79
CA MET B 35 -23.97 -2.01 43.56
C MET B 35 -23.12 -2.34 44.79
N LEU B 36 -23.69 -2.08 45.98
CA LEU B 36 -23.07 -2.44 47.24
C LEU B 36 -22.80 -3.96 47.36
N GLN B 37 -23.82 -4.75 46.99
CA GLN B 37 -23.71 -6.21 46.86
C GLN B 37 -22.55 -6.61 45.97
N THR B 38 -22.44 -6.04 44.78
CA THR B 38 -21.31 -6.31 43.88
C THR B 38 -19.96 -6.04 44.56
N LEU B 39 -19.89 -4.95 45.33
CA LEU B 39 -18.70 -4.62 46.09
C LEU B 39 -18.52 -5.44 47.38
N GLY B 40 -19.47 -6.30 47.74
CA GLY B 40 -19.38 -7.05 48.99
C GLY B 40 -19.45 -6.19 50.25
N LEU B 41 -20.16 -5.06 50.18
CA LEU B 41 -20.28 -4.12 51.30
C LEU B 41 -21.71 -4.00 51.80
N ALA B 42 -21.84 -3.69 53.09
CA ALA B 42 -23.15 -3.65 53.77
C ALA B 42 -23.86 -2.31 53.64
N SER B 43 -23.13 -1.23 53.45
CA SER B 43 -23.70 0.08 53.40
C SER B 43 -22.72 1.06 52.77
N ILE B 44 -23.26 2.25 52.49
CA ILE B 44 -22.52 3.40 51.99
C ILE B 44 -21.49 3.87 53.00
N ASP B 45 -21.86 3.90 54.28
CA ASP B 45 -20.88 4.29 55.33
C ASP B 45 -19.65 3.39 55.36
N GLU B 46 -19.83 2.09 55.12
CA GLU B 46 -18.71 1.15 55.07
C GLU B 46 -17.77 1.47 53.91
N LEU B 47 -18.33 1.78 52.73
CA LEU B 47 -17.53 2.22 51.57
C LEU B 47 -16.72 3.50 51.88
N ILE B 48 -17.39 4.51 52.44
CA ILE B 48 -16.74 5.77 52.78
C ILE B 48 -15.66 5.54 53.85
N GLU B 49 -16.02 4.81 54.90
CA GLU B 49 -15.06 4.44 55.97
C GLU B 49 -13.81 3.75 55.39
N LYS B 50 -13.96 2.94 54.34
CA LYS B 50 -12.83 2.28 53.73
C LYS B 50 -12.06 3.11 52.69
N THR B 51 -12.59 4.25 52.29
CA THR B 51 -12.08 5.10 51.21
C THR B 51 -11.46 6.42 51.70
N VAL B 52 -12.23 7.19 52.44
CA VAL B 52 -11.78 8.52 52.85
C VAL B 52 -11.13 8.39 54.23
N PRO B 53 -9.88 8.80 54.38
CA PRO B 53 -9.23 8.63 55.67
C PRO B 53 -9.96 9.30 56.83
N ALA B 54 -10.08 8.58 57.94
CA ALA B 54 -10.94 8.99 59.06
C ALA B 54 -10.53 10.36 59.68
N ASN B 55 -9.23 10.61 59.73
CA ASN B 55 -8.71 11.77 60.46
C ASN B 55 -8.89 13.11 59.75
N ILE B 56 -9.27 13.12 58.47
CA ILE B 56 -9.56 14.38 57.76
C ILE B 56 -11.06 14.62 57.51
N ARG B 57 -11.92 13.67 57.89
CA ARG B 57 -13.36 13.82 57.71
C ARG B 57 -13.95 14.86 58.63
N LEU B 58 -15.03 15.46 58.18
CA LEU B 58 -15.79 16.43 58.97
C LEU B 58 -16.00 16.06 60.42
N LYS B 59 -15.73 17.00 61.32
CA LYS B 59 -15.98 16.81 62.75
C LYS B 59 -17.47 16.90 63.13
N ARG B 60 -18.25 17.73 62.44
CA ARG B 60 -19.71 17.75 62.59
C ARG B 60 -20.27 17.85 61.17
N PRO B 61 -21.53 17.43 60.95
CA PRO B 61 -22.11 17.61 59.60
C PRO B 61 -22.22 19.07 59.14
N LEU B 62 -22.27 19.27 57.82
CA LEU B 62 -22.37 20.62 57.25
C LEU B 62 -23.53 21.38 57.86
N LYS B 63 -23.33 22.65 58.21
CA LYS B 63 -24.40 23.54 58.63
C LYS B 63 -24.90 24.37 57.47
N MET B 64 -26.02 23.92 56.88
CA MET B 64 -26.64 24.60 55.74
C MET B 64 -28.10 24.88 56.08
N GLU B 65 -28.71 25.73 55.28
CA GLU B 65 -30.16 25.93 55.35
C GLU B 65 -30.90 24.68 54.98
N ASP B 66 -32.14 24.60 55.44
CA ASP B 66 -33.05 23.53 55.02
C ASP B 66 -33.16 23.48 53.51
N PRO B 67 -33.23 22.26 52.94
CA PRO B 67 -33.24 22.22 51.47
C PRO B 67 -34.54 22.85 50.93
N VAL B 68 -34.44 23.51 49.77
CA VAL B 68 -35.60 24.11 49.06
C VAL B 68 -36.11 23.12 47.99
N CYS B 69 -37.39 22.80 48.09
CA CYS B 69 -38.08 21.98 47.09
C CYS B 69 -37.89 22.55 45.70
N GLU B 70 -37.69 21.67 44.72
CA GLU B 70 -37.58 22.13 43.33
C GLU B 70 -38.82 22.94 42.91
N ASN B 71 -39.99 22.61 43.44
CA ASN B 71 -41.18 23.34 43.02
C ASN B 71 -41.24 24.78 43.64
N GLU B 72 -40.33 25.13 44.56
CA GLU B 72 -40.23 26.49 45.08
C GLU B 72 -38.92 27.23 44.74
N ILE B 73 -37.99 26.61 44.01
CA ILE B 73 -36.65 27.22 43.87
C ILE B 73 -36.71 28.51 43.05
N LEU B 74 -37.52 28.54 42.01
CA LEU B 74 -37.59 29.75 41.13
C LEU B 74 -38.27 30.93 41.81
N ALA B 75 -39.31 30.68 42.58
CA ALA B 75 -39.95 31.74 43.36
C ALA B 75 -38.99 32.22 44.47
N THR B 76 -38.25 31.29 45.09
CA THR B 76 -37.26 31.71 46.10
C THR B 76 -36.22 32.64 45.42
N LEU B 77 -35.74 32.26 44.25
CA LEU B 77 -34.72 33.02 43.56
C LEU B 77 -35.27 34.33 43.00
N HIS B 78 -36.52 34.29 42.54
CA HIS B 78 -37.20 35.52 42.09
C HIS B 78 -37.28 36.59 43.19
N ALA B 79 -37.48 36.20 44.46
CA ALA B 79 -37.49 37.19 45.53
C ALA B 79 -36.14 37.89 45.69
N ILE B 80 -35.08 37.24 45.24
CA ILE B 80 -33.75 37.86 45.16
C ILE B 80 -33.56 38.71 43.87
N SER B 81 -33.80 38.10 42.71
CA SER B 81 -33.49 38.75 41.44
C SER B 81 -34.31 40.03 41.21
N SER B 82 -35.52 40.07 41.73
CA SER B 82 -36.38 41.24 41.57
C SER B 82 -35.92 42.43 42.38
N LYS B 83 -34.95 42.27 43.26
CA LYS B 83 -34.34 43.42 43.93
C LYS B 83 -33.40 44.22 42.99
N ASN B 84 -32.93 43.62 41.89
CA ASN B 84 -32.18 44.35 40.85
C ASN B 84 -33.09 45.34 40.13
N GLN B 85 -32.56 46.46 39.63
CA GLN B 85 -33.32 47.39 38.80
C GLN B 85 -32.66 47.44 37.40
N ILE B 86 -33.52 47.35 36.37
CA ILE B 86 -33.09 47.30 34.99
C ILE B 86 -33.25 48.69 34.39
N TRP B 87 -32.18 49.46 34.38
CA TRP B 87 -32.15 50.77 33.78
C TRP B 87 -31.68 50.64 32.32
N ARG B 88 -31.83 51.70 31.54
CA ARG B 88 -31.14 51.80 30.26
C ARG B 88 -29.75 52.36 30.58
N SER B 89 -28.75 51.55 30.30
CA SER B 89 -27.37 51.91 30.57
C SER B 89 -26.65 52.29 29.28
N TYR B 90 -26.20 53.54 29.21
CA TYR B 90 -25.32 54.01 28.10
C TYR B 90 -23.90 54.26 28.64
N ILE B 91 -23.53 53.48 29.65
CA ILE B 91 -22.20 53.50 30.29
C ILE B 91 -21.04 53.15 29.32
N GLY B 92 -21.24 52.20 28.46
CA GLY B 92 -20.16 51.83 27.50
C GLY B 92 -19.08 51.04 28.23
N MET B 93 -17.82 51.46 28.10
CA MET B 93 -16.68 50.84 28.81
C MET B 93 -16.53 49.30 28.50
N GLY B 94 -16.83 48.91 27.25
CA GLY B 94 -16.65 47.56 26.80
C GLY B 94 -17.86 46.62 26.89
N TYR B 95 -19.00 47.13 27.35
CA TYR B 95 -20.27 46.35 27.47
C TYR B 95 -21.37 47.26 26.89
N TYR B 96 -22.11 46.75 25.90
CA TYR B 96 -23.13 47.53 25.13
C TYR B 96 -24.35 46.63 24.97
N ASN B 97 -25.52 47.15 25.30
CA ASN B 97 -26.71 46.33 25.15
C ASN B 97 -26.90 46.01 23.63
N CYS B 98 -27.52 44.89 23.35
CA CYS B 98 -27.74 44.44 22.00
C CYS B 98 -29.09 43.68 22.01
N SER B 99 -29.56 43.33 20.82
CA SER B 99 -30.83 42.67 20.66
C SER B 99 -30.49 41.22 20.34
N VAL B 100 -30.49 40.41 21.38
CA VAL B 100 -30.16 39.01 21.28
C VAL B 100 -31.27 38.31 20.48
N PRO B 101 -30.95 37.68 19.35
CA PRO B 101 -32.06 37.05 18.62
C PRO B 101 -32.68 35.95 19.43
N GLN B 102 -33.99 36.01 19.63
CA GLN B 102 -34.65 35.04 20.44
C GLN B 102 -34.51 33.61 19.91
N THR B 103 -34.38 33.45 18.59
CA THR B 103 -34.25 32.12 18.00
C THR B 103 -32.90 31.45 18.39
N ILE B 104 -31.84 32.25 18.54
CA ILE B 104 -30.53 31.77 18.96
C ILE B 104 -30.59 31.45 20.43
N LEU B 105 -31.24 32.32 21.17
CA LEU B 105 -31.46 32.17 22.54
C LEU B 105 -32.20 30.89 22.85
N ARG B 106 -33.26 30.61 22.13
CA ARG B 106 -34.01 29.41 22.38
C ARG B 106 -33.37 28.07 21.90
N ASN B 107 -32.86 28.07 20.71
CA ASN B 107 -32.44 26.87 20.03
C ASN B 107 -31.00 26.51 20.23
N LEU B 108 -30.24 27.42 20.86
CA LEU B 108 -28.81 27.18 21.18
C LEU B 108 -28.57 27.34 22.71
N LEU B 109 -28.72 28.55 23.26
CA LEU B 109 -28.44 28.77 24.68
C LEU B 109 -29.33 27.96 25.65
N GLU B 110 -30.60 27.81 25.31
CA GLU B 110 -31.52 26.98 26.12
C GLU B 110 -31.73 25.59 25.57
N ASN B 111 -30.70 25.03 24.90
CA ASN B 111 -30.81 23.73 24.28
C ASN B 111 -29.71 22.84 24.88
N SER B 112 -30.13 21.84 25.64
CA SER B 112 -29.22 20.89 26.25
C SER B 112 -28.36 20.07 25.27
N GLY B 113 -28.80 19.95 24.00
CA GLY B 113 -27.99 19.41 22.93
C GLY B 113 -26.81 20.25 22.45
N TRP B 114 -26.83 21.54 22.79
CA TRP B 114 -25.70 22.50 22.59
C TRP B 114 -24.80 22.73 23.81
N ILE B 115 -25.39 22.68 25.01
CA ILE B 115 -24.68 23.15 26.22
C ILE B 115 -24.12 22.09 27.17
N THR B 116 -24.47 20.81 26.99
CA THR B 116 -24.02 19.80 27.96
C THR B 116 -22.66 19.11 27.63
N GLN B 117 -22.32 19.04 26.35
CA GLN B 117 -21.03 18.57 25.90
C GLN B 117 -19.87 19.46 26.35
N TYR B 118 -18.64 18.97 26.26
CA TYR B 118 -17.49 19.78 26.70
C TYR B 118 -16.53 20.00 25.51
N THR B 119 -15.25 20.26 25.78
CA THR B 119 -14.28 20.52 24.74
C THR B 119 -14.26 19.40 23.69
N PRO B 120 -14.12 19.76 22.41
CA PRO B 120 -14.22 18.77 21.35
C PRO B 120 -12.95 17.90 21.22
N TYR B 121 -12.68 17.09 22.22
CA TYR B 121 -11.52 16.17 22.29
C TYR B 121 -11.66 15.00 21.30
N GLN B 122 -12.90 14.54 21.11
CA GLN B 122 -13.26 13.47 20.21
C GLN B 122 -13.92 14.07 18.91
N PRO B 123 -13.08 14.49 17.91
CA PRO B 123 -13.61 15.26 16.74
C PRO B 123 -14.72 14.59 15.94
N GLU B 124 -14.63 13.27 15.79
CA GLU B 124 -15.55 12.52 14.94
C GLU B 124 -17.02 12.50 15.44
N VAL B 125 -17.23 12.82 16.72
CA VAL B 125 -18.55 12.99 17.33
C VAL B 125 -18.70 14.43 17.87
N SER B 126 -17.99 15.37 17.24
CA SER B 126 -18.01 16.79 17.64
C SER B 126 -17.86 17.75 16.46
N GLN B 127 -18.17 17.33 15.24
CA GLN B 127 -17.97 18.21 14.06
C GLN B 127 -18.90 19.44 14.03
N GLY B 128 -20.00 19.39 14.76
CA GLY B 128 -20.92 20.54 14.82
C GLY B 128 -20.35 21.79 15.47
N ARG B 129 -19.96 21.65 16.74
CA ARG B 129 -19.38 22.80 17.44
C ARG B 129 -18.04 23.16 16.86
N LEU B 130 -17.32 22.19 16.31
CA LEU B 130 -16.05 22.53 15.64
C LEU B 130 -16.27 23.45 14.42
N GLU B 131 -17.27 23.14 13.59
CA GLU B 131 -17.60 23.98 12.47
C GLU B 131 -18.03 25.40 12.93
N SER B 132 -18.86 25.47 13.97
CA SER B 132 -19.36 26.73 14.49
C SER B 132 -18.21 27.62 15.01
N LEU B 133 -17.26 27.02 15.70
CA LEU B 133 -16.10 27.75 16.15
C LEU B 133 -15.22 28.19 14.97
N LEU B 134 -15.11 27.40 13.91
CA LEU B 134 -14.42 27.83 12.68
C LEU B 134 -15.13 29.03 12.07
N ASN B 135 -16.45 29.01 12.09
CA ASN B 135 -17.26 30.20 11.69
C ASN B 135 -16.86 31.46 12.53
N TYR B 136 -16.70 31.29 13.85
CA TYR B 136 -16.33 32.38 14.76
C TYR B 136 -14.99 32.92 14.36
N GLN B 137 -14.05 32.02 14.14
CA GLN B 137 -12.69 32.42 13.72
C GLN B 137 -12.72 33.21 12.43
N THR B 138 -13.49 32.74 11.44
CA THR B 138 -13.54 33.36 10.11
C THR B 138 -14.15 34.77 10.22
N MET B 139 -15.21 34.88 11.02
CA MET B 139 -15.87 36.17 11.30
C MET B 139 -14.86 37.21 11.89
N VAL B 140 -14.10 36.77 12.88
CA VAL B 140 -13.11 37.63 13.54
C VAL B 140 -11.99 38.06 12.61
N CYS B 141 -11.49 37.12 11.80
CA CYS B 141 -10.41 37.43 10.81
C CYS B 141 -10.89 38.41 9.75
N ASP B 142 -12.08 38.17 9.22
CA ASP B 142 -12.65 39.07 8.21
C ASP B 142 -12.86 40.45 8.78
N ILE B 143 -13.46 40.57 9.96
CA ILE B 143 -13.80 41.90 10.51
C ILE B 143 -12.53 42.63 10.97
N THR B 144 -11.63 41.95 11.65
CA THR B 144 -10.37 42.61 12.10
C THR B 144 -9.34 42.82 11.00
N GLY B 145 -9.41 42.03 9.93
CA GLY B 145 -8.42 42.12 8.85
C GLY B 145 -7.11 41.41 9.12
N LEU B 146 -7.10 40.47 10.04
CA LEU B 146 -5.91 39.70 10.40
C LEU B 146 -6.09 38.25 9.94
N ASP B 147 -5.02 37.48 10.05
CA ASP B 147 -4.85 36.22 9.33
C ASP B 147 -5.43 35.03 10.05
N MET B 148 -5.20 34.94 11.36
CA MET B 148 -5.71 33.81 12.15
C MET B 148 -6.21 34.21 13.50
N ALA B 149 -7.29 33.58 13.93
CA ALA B 149 -7.91 33.86 15.21
C ALA B 149 -8.15 32.59 15.97
N ASN B 150 -8.17 32.71 17.29
CA ASN B 150 -8.51 31.54 18.13
C ASN B 150 -10.03 31.36 18.34
N ALA B 151 -10.36 30.34 19.08
CA ALA B 151 -11.70 29.95 19.30
C ALA B 151 -12.31 30.46 20.57
N SER B 152 -11.80 31.61 21.01
CA SER B 152 -12.08 32.50 22.18
C SER B 152 -11.09 32.60 23.32
N LEU B 153 -11.20 33.74 23.98
CA LEU B 153 -10.53 34.06 25.22
C LEU B 153 -11.57 34.36 26.31
N LEU B 154 -11.15 34.68 27.52
CA LEU B 154 -12.09 34.75 28.64
C LEU B 154 -12.88 36.07 28.67
N ASP B 155 -12.20 37.17 28.32
CA ASP B 155 -12.78 38.54 28.27
C ASP B 155 -11.74 39.49 27.70
N GLU B 156 -12.10 40.76 27.58
CA GLU B 156 -11.25 41.72 26.88
C GLU B 156 -9.92 42.03 27.55
N GLY B 157 -9.97 42.22 28.86
CA GLY B 157 -8.78 42.56 29.62
C GLY B 157 -7.79 41.44 29.63
N THR B 158 -8.28 40.22 29.86
CA THR B 158 -7.37 39.04 29.79
C THR B 158 -6.85 38.82 28.37
N ALA B 159 -7.66 39.11 27.32
CA ALA B 159 -7.10 39.00 25.96
C ALA B 159 -5.98 40.01 25.73
N ALA B 160 -6.13 41.20 26.32
CA ALA B 160 -5.12 42.25 26.15
C ALA B 160 -3.81 41.81 26.87
N ALA B 161 -3.97 41.22 28.05
CA ALA B 161 -2.86 40.63 28.80
C ALA B 161 -2.16 39.53 28.04
N GLU B 162 -2.94 38.64 27.42
CA GLU B 162 -2.39 37.62 26.54
C GLU B 162 -1.60 38.24 25.38
N ALA B 163 -2.04 39.37 24.84
CA ALA B 163 -1.25 40.08 23.79
C ALA B 163 0.11 40.52 24.29
N LEU B 164 0.13 41.09 25.50
CA LEU B 164 1.38 41.52 26.14
C LEU B 164 2.35 40.35 26.29
N GLN B 165 1.83 39.23 26.81
CA GLN B 165 2.62 38.02 27.00
C GLN B 165 3.08 37.42 25.68
N LEU B 166 2.25 37.53 24.63
CA LEU B 166 2.68 37.07 23.30
C LEU B 166 3.87 37.92 22.82
N CYS B 167 3.81 39.24 23.04
CA CYS B 167 4.90 40.12 22.61
C CYS B 167 6.23 39.76 23.32
N TYR B 168 6.15 39.50 24.63
CA TYR B 168 7.30 39.11 25.41
C TYR B 168 7.88 37.77 24.89
N ARG B 169 7.03 36.80 24.62
CA ARG B 169 7.41 35.54 24.07
C ARG B 169 8.11 35.69 22.73
N HIS B 170 7.66 36.63 21.94
CA HIS B 170 8.17 36.88 20.58
C HIS B 170 9.56 37.49 20.58
N ASN B 171 9.78 38.54 21.36
CA ASN B 171 11.04 39.33 21.30
C ASN B 171 11.79 39.48 22.64
N LYS B 172 11.23 38.95 23.74
CA LYS B 172 11.82 38.98 25.09
C LYS B 172 12.18 40.33 25.68
N ARG B 173 11.62 41.43 25.18
CA ARG B 173 11.92 42.76 25.73
C ARG B 173 11.08 43.00 26.97
N ARG B 174 11.59 43.75 27.94
CA ARG B 174 10.91 43.85 29.24
C ARG B 174 10.08 45.13 29.40
N LYS B 175 9.92 45.91 28.34
CA LYS B 175 9.13 47.14 28.43
C LYS B 175 7.87 46.97 27.55
N PHE B 176 6.75 47.52 27.99
CA PHE B 176 5.55 47.48 27.16
C PHE B 176 4.74 48.76 27.36
N PHE B 177 4.40 49.45 26.26
CA PHE B 177 3.63 50.69 26.30
C PHE B 177 2.09 50.43 26.31
N VAL B 178 1.37 51.18 27.16
CA VAL B 178 -0.09 51.08 27.21
C VAL B 178 -0.67 52.51 27.10
N ASP B 179 -1.48 52.73 26.07
CA ASP B 179 -2.19 53.99 25.88
C ASP B 179 -3.16 54.12 27.07
N PRO B 180 -3.15 55.25 27.80
CA PRO B 180 -4.10 55.44 28.92
C PRO B 180 -5.56 55.62 28.51
N ARG B 181 -5.81 55.68 27.19
CA ARG B 181 -7.18 55.74 26.66
C ARG B 181 -7.72 54.34 26.31
N CYS B 182 -7.03 53.26 26.74
CA CYS B 182 -7.68 51.95 26.85
C CYS B 182 -8.67 51.99 28.02
N HIS B 183 -9.65 51.07 28.01
CA HIS B 183 -10.61 50.98 29.12
C HIS B 183 -9.89 50.73 30.45
N PRO B 184 -10.37 51.35 31.55
CA PRO B 184 -9.68 51.20 32.82
C PRO B 184 -9.49 49.77 33.33
N GLN B 185 -10.50 48.94 33.15
CA GLN B 185 -10.41 47.54 33.58
C GLN B 185 -9.39 46.78 32.71
N THR B 186 -9.28 47.12 31.43
CA THR B 186 -8.32 46.49 30.55
C THR B 186 -6.91 46.83 31.09
N ILE B 187 -6.68 48.10 31.40
CA ILE B 187 -5.40 48.56 31.91
C ILE B 187 -5.03 47.76 33.17
N ALA B 188 -5.98 47.61 34.09
CA ALA B 188 -5.73 46.97 35.38
C ALA B 188 -5.37 45.48 35.19
N VAL B 189 -6.09 44.75 34.34
CA VAL B 189 -5.74 43.38 34.07
C VAL B 189 -4.32 43.28 33.44
N VAL B 190 -4.00 44.18 32.51
CA VAL B 190 -2.73 44.12 31.81
C VAL B 190 -1.59 44.42 32.78
N GLN B 191 -1.78 45.41 33.65
CA GLN B 191 -0.75 45.78 34.63
C GLN B 191 -0.49 44.66 35.64
N THR B 192 -1.57 43.99 36.07
CA THR B 192 -1.46 42.87 36.99
C THR B 192 -0.70 41.72 36.35
N ARG B 193 -1.02 41.39 35.13
CA ARG B 193 -0.34 40.34 34.46
C ARG B 193 1.15 40.63 34.35
N ALA B 194 1.48 41.85 33.95
CA ALA B 194 2.84 42.30 33.75
C ALA B 194 3.64 42.32 35.05
N LYS B 195 3.03 42.80 36.10
CA LYS B 195 3.69 42.81 37.38
C LYS B 195 4.28 41.40 37.67
N TYR B 196 3.46 40.35 37.67
CA TYR B 196 3.96 39.02 38.06
C TYR B 196 4.81 38.32 36.97
N THR B 197 4.72 38.73 35.69
CA THR B 197 5.56 38.20 34.59
C THR B 197 6.92 38.88 34.55
N GLY B 198 7.10 40.01 35.25
CA GLY B 198 8.37 40.74 35.23
C GLY B 198 8.55 41.76 34.10
N VAL B 199 7.45 42.24 33.50
CA VAL B 199 7.51 43.22 32.41
C VAL B 199 7.13 44.57 32.97
N LEU B 200 7.79 45.64 32.56
CA LEU B 200 7.43 46.97 33.01
C LEU B 200 6.50 47.59 31.99
N THR B 201 5.31 47.94 32.45
CA THR B 201 4.38 48.69 31.66
C THR B 201 4.57 50.15 31.93
N GLU B 202 4.41 50.95 30.89
CA GLU B 202 4.46 52.41 31.04
C GLU B 202 3.23 52.97 30.35
N LEU B 203 2.42 53.73 31.10
CA LEU B 203 1.20 54.43 30.57
C LEU B 203 1.59 55.72 29.82
N LYS B 204 1.47 55.71 28.49
CA LYS B 204 1.93 56.83 27.62
C LYS B 204 0.97 57.06 26.45
N LEU B 205 0.66 58.31 26.14
CA LEU B 205 0.00 58.65 24.87
C LEU B 205 0.97 58.43 23.73
N PRO B 206 0.49 58.14 22.51
CA PRO B 206 1.39 57.85 21.38
C PRO B 206 2.51 58.85 21.17
N CYS B 207 2.22 60.14 21.35
CA CYS B 207 3.22 61.20 21.14
C CYS B 207 4.34 61.20 22.18
N GLU B 208 4.12 60.55 23.33
CA GLU B 208 5.12 60.37 24.40
C GLU B 208 5.85 59.02 24.30
N MET B 209 5.52 58.17 23.32
CA MET B 209 6.16 56.85 23.15
C MET B 209 7.42 56.93 22.29
N ASP B 210 8.57 56.58 22.86
CA ASP B 210 9.82 56.51 22.13
C ASP B 210 10.24 55.04 22.06
N PHE B 211 10.28 54.50 20.84
CA PHE B 211 10.67 53.11 20.66
C PHE B 211 12.14 52.99 20.32
N SER B 212 12.85 54.12 20.16
CA SER B 212 14.17 54.10 19.52
C SER B 212 15.23 53.35 20.31
N GLY B 213 15.00 53.09 21.60
CA GLY B 213 15.87 52.23 22.39
C GLY B 213 15.83 50.76 22.00
N LYS B 214 14.89 50.34 21.14
CA LYS B 214 14.77 48.94 20.77
C LYS B 214 14.63 48.04 21.99
N ASP B 215 13.95 48.55 23.01
CA ASP B 215 13.72 47.85 24.28
C ASP B 215 12.22 47.70 24.59
N VAL B 216 11.37 47.95 23.62
CA VAL B 216 9.92 47.83 23.80
C VAL B 216 9.36 46.55 23.19
N SER B 217 8.73 45.71 23.99
CA SER B 217 8.13 44.45 23.51
C SER B 217 7.11 44.80 22.47
N GLY B 218 6.18 45.64 22.87
CA GLY B 218 5.12 46.09 22.02
C GLY B 218 4.25 47.15 22.66
N VAL B 219 3.23 47.60 21.92
CA VAL B 219 2.30 48.64 22.38
C VAL B 219 0.81 48.26 22.24
N LEU B 220 0.03 48.61 23.25
CA LEU B 220 -1.43 48.39 23.22
C LEU B 220 -2.14 49.73 23.22
N PHE B 221 -3.02 49.90 22.25
CA PHE B 221 -3.86 51.09 22.09
C PHE B 221 -5.28 50.60 21.74
N GLN B 222 -6.27 51.49 21.70
CA GLN B 222 -7.67 51.06 21.51
C GLN B 222 -8.39 51.98 20.46
N TYR B 223 -9.23 51.34 19.63
CA TYR B 223 -9.76 51.92 18.39
C TYR B 223 -11.17 51.38 18.15
N PRO B 224 -12.21 52.17 18.35
CA PRO B 224 -12.21 53.48 18.99
C PRO B 224 -11.76 53.39 20.45
N ASP B 225 -11.26 54.48 21.01
CA ASP B 225 -10.71 54.44 22.38
C ASP B 225 -11.83 54.56 23.43
N THR B 226 -11.49 54.50 24.70
CA THR B 226 -12.45 54.53 25.79
C THR B 226 -13.23 55.84 25.85
N GLU B 227 -12.68 56.94 25.29
CA GLU B 227 -13.43 58.19 25.21
C GLU B 227 -14.34 58.31 23.96
N GLY B 228 -14.28 57.31 23.06
CA GLY B 228 -15.07 57.26 21.83
C GLY B 228 -14.33 57.65 20.56
N LYS B 229 -13.12 58.20 20.72
CA LYS B 229 -12.43 58.78 19.58
C LYS B 229 -11.92 57.74 18.57
N VAL B 230 -12.10 58.06 17.29
CA VAL B 230 -11.52 57.32 16.17
C VAL B 230 -10.25 58.02 15.71
N GLU B 231 -9.12 57.35 15.89
CA GLU B 231 -7.80 57.91 15.55
C GLU B 231 -7.06 57.07 14.49
N ASP B 232 -6.24 57.74 13.70
CA ASP B 232 -5.34 57.10 12.76
C ASP B 232 -4.06 56.70 13.52
N PHE B 233 -3.84 55.39 13.61
CA PHE B 233 -2.65 54.83 14.27
C PHE B 233 -1.58 54.35 13.27
N THR B 234 -1.72 54.68 11.98
CA THR B 234 -0.83 54.21 10.92
C THR B 234 0.63 54.57 11.25
N GLU B 235 0.85 55.83 11.60
CA GLU B 235 2.20 56.33 11.93
C GLU B 235 2.77 55.70 13.23
N LEU B 236 1.94 55.57 14.28
CA LEU B 236 2.35 54.92 15.51
C LEU B 236 2.77 53.45 15.27
N VAL B 237 2.00 52.70 14.50
CA VAL B 237 2.33 51.31 14.19
C VAL B 237 3.65 51.27 13.42
N GLU B 238 3.83 52.20 12.49
CA GLU B 238 5.03 52.24 11.66
C GLU B 238 6.28 52.47 12.55
N ARG B 239 6.19 53.40 13.50
CA ARG B 239 7.26 53.67 14.46
C ARG B 239 7.63 52.46 15.29
N ALA B 240 6.62 51.79 15.81
CA ALA B 240 6.86 50.58 16.60
C ALA B 240 7.67 49.56 15.80
N HIS B 241 7.21 49.29 14.58
CA HIS B 241 7.81 48.31 13.70
C HIS B 241 9.25 48.67 13.32
N GLN B 242 9.50 49.94 13.01
CA GLN B 242 10.86 50.43 12.72
C GLN B 242 11.88 50.10 13.81
N SER B 243 11.44 49.93 15.06
CA SER B 243 12.31 49.54 16.17
C SER B 243 12.16 48.11 16.67
N GLY B 244 11.53 47.25 15.89
CA GLY B 244 11.28 45.85 16.26
C GLY B 244 10.18 45.56 17.26
N SER B 245 9.28 46.51 17.51
CA SER B 245 8.18 46.30 18.47
C SER B 245 6.92 45.85 17.74
N LEU B 246 6.06 45.09 18.42
CA LEU B 246 4.72 44.75 17.88
C LEU B 246 3.67 45.81 18.26
N ALA B 247 2.58 45.85 17.49
CA ALA B 247 1.44 46.72 17.74
C ALA B 247 0.20 45.88 18.03
N CYS B 248 -0.46 46.15 19.14
CA CYS B 248 -1.67 45.43 19.55
C CYS B 248 -2.83 46.41 19.68
N CYS B 249 -3.98 46.04 19.09
CA CYS B 249 -5.14 46.93 19.01
C CYS B 249 -6.41 46.30 19.66
N ALA B 250 -6.88 46.88 20.77
CA ALA B 250 -8.16 46.49 21.37
C ALA B 250 -9.24 47.23 20.58
N THR B 251 -10.29 46.54 20.19
CA THR B 251 -11.26 47.07 19.22
C THR B 251 -12.67 46.50 19.43
N ASP B 252 -13.56 46.81 18.50
CA ASP B 252 -15.00 46.54 18.67
C ASP B 252 -15.55 46.00 17.33
N LEU B 253 -16.14 44.78 17.35
CA LEU B 253 -16.52 44.15 16.11
C LEU B 253 -17.62 44.92 15.36
N LEU B 254 -18.49 45.62 16.08
CA LEU B 254 -19.61 46.37 15.46
C LEU B 254 -19.06 47.63 14.80
N ALA B 255 -18.24 48.38 15.54
CA ALA B 255 -17.56 49.54 14.96
C ALA B 255 -16.83 49.19 13.64
N LEU B 256 -16.17 48.03 13.64
CA LEU B 256 -15.37 47.56 12.50
C LEU B 256 -16.18 47.14 11.27
N CYS B 257 -17.50 47.01 11.43
CA CYS B 257 -18.36 46.86 10.29
C CYS B 257 -18.43 48.10 9.40
N ILE B 258 -18.10 49.28 9.92
CA ILE B 258 -18.02 50.51 9.07
C ILE B 258 -16.68 51.25 9.12
N LEU B 259 -15.78 50.87 10.04
CA LEU B 259 -14.44 51.48 10.17
C LEU B 259 -13.36 50.64 9.53
N ARG B 260 -12.42 51.28 8.85
CA ARG B 260 -11.32 50.54 8.33
C ARG B 260 -10.64 49.81 9.49
N PRO B 261 -10.43 48.50 9.36
CA PRO B 261 -10.00 47.66 10.47
C PRO B 261 -8.48 47.64 10.70
N PRO B 262 -8.05 47.19 11.90
CA PRO B 262 -6.61 47.17 12.28
C PRO B 262 -5.67 46.44 11.33
N GLY B 263 -6.14 45.39 10.67
CA GLY B 263 -5.34 44.69 9.66
C GLY B 263 -4.91 45.57 8.53
N GLU B 264 -5.69 46.59 8.28
CA GLU B 264 -5.43 47.51 7.19
C GLU B 264 -4.46 48.63 7.58
N PHE B 265 -4.22 48.82 8.87
CA PHE B 265 -3.20 49.77 9.31
C PHE B 265 -2.00 49.09 10.01
N GLY B 266 -1.61 47.94 9.47
CA GLY B 266 -0.48 47.17 9.94
C GLY B 266 -0.38 46.51 11.30
N VAL B 267 -1.46 46.53 12.06
CA VAL B 267 -1.48 45.94 13.40
C VAL B 267 -1.16 44.41 13.36
N ASP B 268 -0.44 43.98 14.38
CA ASP B 268 0.02 42.58 14.54
C ASP B 268 -0.95 41.67 15.31
N ILE B 269 -1.65 42.22 16.33
CA ILE B 269 -2.64 41.49 17.14
C ILE B 269 -3.86 42.38 17.35
N ALA B 270 -5.05 41.87 17.03
CA ALA B 270 -6.29 42.59 17.32
C ALA B 270 -7.15 41.75 18.24
N LEU B 271 -7.82 42.42 19.17
CA LEU B 271 -8.54 41.73 20.24
C LEU B 271 -9.65 42.61 20.79
N GLY B 272 -10.58 42.00 21.54
CA GLY B 272 -11.72 42.72 22.16
C GLY B 272 -12.74 41.72 22.61
N SER B 273 -13.96 42.20 22.87
CA SER B 273 -15.11 41.35 23.22
C SER B 273 -16.04 41.19 22.03
N SER B 274 -16.61 40.00 21.87
CA SER B 274 -17.68 39.74 20.91
C SER B 274 -19.07 39.90 21.53
N GLN B 275 -19.15 40.44 22.75
CA GLN B 275 -20.40 40.50 23.52
C GLN B 275 -21.56 41.12 22.75
N ARG B 276 -21.32 42.28 22.14
CA ARG B 276 -22.46 42.97 21.49
C ARG B 276 -22.96 42.28 20.18
N PHE B 277 -22.25 41.24 19.70
CA PHE B 277 -22.76 40.35 18.65
C PHE B 277 -23.70 39.31 19.27
N GLY B 278 -24.78 39.81 19.86
CA GLY B 278 -25.88 38.98 20.34
C GLY B 278 -25.74 38.16 21.63
N VAL B 279 -25.00 38.68 22.61
CA VAL B 279 -24.90 38.05 23.89
C VAL B 279 -25.30 39.07 24.96
N PRO B 280 -26.03 38.61 26.00
CA PRO B 280 -26.47 39.56 27.05
C PRO B 280 -25.33 40.16 27.86
N LEU B 281 -25.61 41.34 28.39
CA LEU B 281 -24.71 42.05 29.28
C LEU B 281 -24.23 41.12 30.43
N GLY B 282 -25.15 40.30 30.95
CA GLY B 282 -24.83 39.32 32.03
C GLY B 282 -24.19 39.86 33.33
N TYR B 283 -24.33 41.15 33.63
CA TYR B 283 -23.66 41.77 34.78
C TYR B 283 -22.16 41.36 34.83
N GLY B 284 -21.52 41.33 33.62
CA GLY B 284 -20.12 41.06 33.46
C GLY B 284 -19.77 39.92 32.54
N GLY B 285 -20.67 38.93 32.44
CA GLY B 285 -20.48 37.82 31.52
C GLY B 285 -21.46 36.69 31.69
N PRO B 286 -21.29 35.60 30.93
CA PRO B 286 -20.12 35.31 30.13
C PRO B 286 -20.17 35.83 28.70
N HIS B 287 -18.99 36.20 28.18
CA HIS B 287 -18.80 36.67 26.81
C HIS B 287 -17.47 36.09 26.29
N ALA B 288 -17.45 35.69 25.03
CA ALA B 288 -16.25 35.36 24.29
C ALA B 288 -15.48 36.58 23.84
N ALA B 289 -14.21 36.66 24.25
CA ALA B 289 -13.24 37.59 23.69
C ALA B 289 -12.70 37.00 22.40
N PHE B 290 -12.26 37.90 21.53
CA PHE B 290 -11.65 37.50 20.26
C PHE B 290 -10.22 37.89 20.31
N PHE B 291 -9.41 37.20 19.52
CA PHE B 291 -7.95 37.40 19.50
C PHE B 291 -7.44 36.87 18.16
N ALA B 292 -6.88 37.76 17.36
CA ALA B 292 -6.41 37.43 16.03
C ALA B 292 -5.01 37.96 15.78
N VAL B 293 -4.21 37.30 14.96
CA VAL B 293 -2.85 37.73 14.73
C VAL B 293 -2.35 37.60 13.32
N ARG B 294 -1.16 38.10 13.03
CA ARG B 294 -0.53 37.90 11.74
C ARG B 294 -0.04 36.44 11.69
N GLU B 295 -0.02 35.88 10.50
CA GLU B 295 0.29 34.47 10.28
C GLU B 295 1.60 34.06 10.93
N SER B 296 2.58 34.96 10.84
CA SER B 296 3.90 34.72 11.42
C SER B 296 3.90 34.54 12.96
N LEU B 297 2.86 34.99 13.65
CA LEU B 297 2.79 34.85 15.09
C LEU B 297 1.99 33.63 15.54
N VAL B 298 1.41 32.87 14.62
CA VAL B 298 0.40 31.85 15.02
C VAL B 298 0.90 30.74 15.97
N ARG B 299 2.19 30.39 15.88
CA ARG B 299 2.75 29.37 16.75
C ARG B 299 2.79 29.81 18.21
N MET B 300 2.59 31.10 18.48
CA MET B 300 2.54 31.61 19.85
C MET B 300 1.12 31.94 20.32
N MET B 301 0.11 31.59 19.52
CA MET B 301 -1.30 31.82 19.82
C MET B 301 -1.67 31.18 21.16
N PRO B 302 -2.43 31.90 22.04
CA PRO B 302 -3.00 31.24 23.20
C PRO B 302 -4.34 30.60 22.85
N GLY B 303 -4.68 29.54 23.59
CA GLY B 303 -6.01 28.93 23.56
C GLY B 303 -6.19 27.93 22.45
N ARG B 304 -7.43 27.51 22.28
CA ARG B 304 -7.76 26.58 21.20
C ARG B 304 -7.99 27.30 19.89
N MET B 305 -7.85 26.53 18.82
CA MET B 305 -8.05 27.06 17.47
C MET B 305 -8.40 25.88 16.55
N VAL B 306 -9.54 26.00 15.87
CA VAL B 306 -9.97 25.00 14.94
C VAL B 306 -9.25 25.12 13.63
N GLY B 307 -8.89 23.97 13.06
CA GLY B 307 -8.23 23.86 11.77
C GLY B 307 -8.93 22.86 10.87
N VAL B 308 -8.74 22.99 9.57
CA VAL B 308 -9.26 22.06 8.60
C VAL B 308 -8.21 21.01 8.34
N THR B 309 -8.66 19.76 8.24
CA THR B 309 -7.80 18.62 7.98
C THR B 309 -8.56 17.59 7.12
N ARG B 310 -8.08 16.35 7.06
CA ARG B 310 -8.75 15.27 6.31
C ARG B 310 -9.07 14.14 7.28
N ASP B 311 -10.09 13.33 6.97
CA ASP B 311 -10.28 12.07 7.71
C ASP B 311 -9.60 10.90 6.96
N ALA B 312 -9.75 9.68 7.47
CA ALA B 312 -9.09 8.52 6.86
C ALA B 312 -9.46 8.28 5.39
N THR B 313 -10.60 8.77 4.93
CA THR B 313 -11.02 8.64 3.52
C THR B 313 -10.59 9.81 2.62
N GLY B 314 -9.96 10.87 3.16
CA GLY B 314 -9.63 12.06 2.37
C GLY B 314 -10.66 13.18 2.41
N LYS B 315 -11.78 12.95 3.09
CA LYS B 315 -12.81 13.97 3.25
C LYS B 315 -12.29 15.16 4.08
N GLU B 316 -12.69 16.36 3.69
CA GLU B 316 -12.34 17.59 4.40
C GLU B 316 -13.18 17.76 5.70
N VAL B 317 -12.50 17.92 6.85
CA VAL B 317 -13.16 17.84 8.18
C VAL B 317 -12.47 18.78 9.19
N TYR B 318 -12.99 18.89 10.41
CA TYR B 318 -12.47 19.88 11.37
C TYR B 318 -11.84 19.24 12.61
N ARG B 319 -10.83 19.89 13.17
CA ARG B 319 -10.22 19.45 14.46
C ARG B 319 -9.50 20.61 15.14
N LEU B 320 -9.32 20.52 16.45
CA LEU B 320 -8.46 21.47 17.17
C LEU B 320 -7.02 21.34 16.62
N ALA B 321 -6.43 22.48 16.23
CA ALA B 321 -5.11 22.51 15.54
C ALA B 321 -3.97 23.01 16.45
N LEU B 322 -2.74 22.67 16.07
CA LEU B 322 -1.55 23.12 16.76
C LEU B 322 -1.67 22.96 18.27
N GLN B 323 -2.02 21.75 18.69
CA GLN B 323 -2.40 21.52 20.09
C GLN B 323 -1.20 21.52 21.06
N THR B 324 0.03 21.45 20.53
CA THR B 324 1.18 21.40 21.41
C THR B 324 1.40 22.76 22.07
N ARG B 325 0.84 23.84 21.50
CA ARG B 325 0.84 25.15 22.17
C ARG B 325 0.19 25.15 23.57
N GLU B 326 -0.72 24.20 23.82
CA GLU B 326 -1.62 24.29 24.98
C GLU B 326 -1.10 23.65 26.27
N GLN B 327 -1.76 24.05 27.37
CA GLN B 327 -1.37 23.58 28.73
C GLN B 327 -1.26 22.03 28.88
N HIS B 328 -2.15 21.29 28.23
CA HIS B 328 -2.18 19.85 28.39
C HIS B 328 -0.96 19.13 27.75
N ILE B 329 -0.29 19.73 26.77
CA ILE B 329 0.92 19.18 26.17
C ILE B 329 2.16 19.85 26.74
N ARG B 330 2.23 21.19 26.72
CA ARG B 330 3.46 21.93 27.09
C ARG B 330 3.54 22.43 28.54
N ARG B 331 2.45 22.32 29.31
CA ARG B 331 2.50 22.58 30.73
C ARG B 331 3.03 24.00 31.04
N ASP B 332 4.09 24.13 31.80
CA ASP B 332 4.69 25.47 32.08
C ASP B 332 5.29 26.17 30.87
N LYS B 333 5.55 25.43 29.78
CA LYS B 333 5.99 26.02 28.50
C LYS B 333 4.87 26.37 27.51
N ALA B 334 3.64 26.20 27.92
CA ALA B 334 2.50 26.46 27.03
C ALA B 334 2.37 27.97 26.72
N THR B 335 1.55 28.31 25.72
CA THR B 335 1.35 29.71 25.38
C THR B 335 0.43 30.44 26.36
N SER B 336 -0.25 29.71 27.23
CA SER B 336 -1.06 30.29 28.28
C SER B 336 -1.47 29.13 29.21
N ASN B 337 -2.05 29.51 30.34
CA ASN B 337 -2.65 28.52 31.25
C ASN B 337 -4.07 28.14 30.86
N ILE B 338 -4.67 28.84 29.90
CA ILE B 338 -6.10 28.72 29.64
C ILE B 338 -6.53 27.28 29.24
N CYS B 339 -7.69 26.85 29.79
CA CYS B 339 -8.21 25.53 29.57
C CYS B 339 -9.68 25.72 29.18
N THR B 340 -10.61 25.70 30.12
CA THR B 340 -11.99 26.15 29.80
C THR B 340 -11.90 27.61 29.34
N ALA B 341 -12.61 27.93 28.25
CA ALA B 341 -12.65 29.27 27.67
C ALA B 341 -14.12 29.74 27.60
N GLN B 342 -14.62 30.13 26.43
CA GLN B 342 -15.97 30.69 26.36
C GLN B 342 -16.68 30.15 25.10
N ALA B 343 -16.52 28.84 24.86
CA ALA B 343 -16.94 28.25 23.61
C ALA B 343 -18.39 28.56 23.21
N LEU B 344 -19.31 28.29 24.15
CA LEU B 344 -20.74 28.43 23.92
C LEU B 344 -21.10 29.86 23.43
N LEU B 345 -20.43 30.86 24.03
CA LEU B 345 -20.69 32.24 23.74
C LEU B 345 -20.04 32.74 22.42
N ALA B 346 -18.91 32.16 22.07
CA ALA B 346 -18.31 32.30 20.76
C ALA B 346 -19.26 31.79 19.70
N ASN B 347 -19.88 30.64 19.95
CA ASN B 347 -20.82 30.07 19.00
C ASN B 347 -22.11 30.93 18.93
N MET B 348 -22.54 31.53 20.03
CA MET B 348 -23.66 32.50 19.95
C MET B 348 -23.34 33.73 19.06
N ALA B 349 -22.16 34.29 19.22
CA ALA B 349 -21.75 35.42 18.39
C ALA B 349 -21.58 35.07 16.90
N ALA B 350 -21.10 33.85 16.61
CA ALA B 350 -21.00 33.34 15.19
C ALA B 350 -22.35 33.23 14.58
N MET B 351 -23.28 32.71 15.34
CA MET B 351 -24.68 32.55 14.82
C MET B 351 -25.33 33.90 14.63
N PHE B 352 -24.99 34.90 15.45
CA PHE B 352 -25.44 36.31 15.24
C PHE B 352 -24.98 36.84 13.90
N ALA B 353 -23.66 36.69 13.65
CA ALA B 353 -23.09 37.13 12.41
C ALA B 353 -23.64 36.37 11.20
N ILE B 354 -23.87 35.06 11.37
CA ILE B 354 -24.51 34.24 10.34
C ILE B 354 -25.93 34.74 10.01
N TYR B 355 -26.72 34.98 11.02
CA TYR B 355 -28.12 35.35 10.89
C TYR B 355 -28.26 36.75 10.23
N HIS B 356 -27.38 37.68 10.58
CA HIS B 356 -27.41 39.03 10.02
C HIS B 356 -26.67 39.20 8.69
N GLY B 357 -25.63 38.42 8.44
CA GLY B 357 -24.74 38.65 7.29
C GLY B 357 -24.06 39.99 7.39
N SER B 358 -23.13 40.27 6.46
CA SER B 358 -22.51 41.59 6.42
C SER B 358 -23.51 42.69 6.20
N HIS B 359 -24.51 42.46 5.36
CA HIS B 359 -25.53 43.49 5.06
C HIS B 359 -26.29 43.86 6.37
N GLY B 360 -26.71 42.88 7.18
CA GLY B 360 -27.43 43.15 8.43
C GLY B 360 -26.55 43.75 9.54
N LEU B 361 -25.27 43.35 9.58
CA LEU B 361 -24.33 43.94 10.51
C LEU B 361 -24.03 45.41 10.15
N GLU B 362 -23.83 45.73 8.84
CA GLU B 362 -23.68 47.13 8.36
C GLU B 362 -24.90 47.97 8.71
N HIS B 363 -26.10 47.39 8.58
CA HIS B 363 -27.38 48.08 8.88
C HIS B 363 -27.39 48.53 10.33
N ILE B 364 -27.14 47.60 11.24
CA ILE B 364 -27.08 47.87 12.68
C ILE B 364 -25.99 48.91 13.04
N ALA B 365 -24.81 48.71 12.49
CA ALA B 365 -23.69 49.59 12.76
C ALA B 365 -23.98 51.05 12.31
N ARG B 366 -24.52 51.20 11.11
CA ARG B 366 -24.86 52.51 10.53
C ARG B 366 -25.96 53.16 11.32
N ARG B 367 -26.93 52.36 11.74
CA ARG B 367 -28.03 52.88 12.55
C ARG B 367 -27.52 53.45 13.89
N VAL B 368 -26.69 52.69 14.56
CA VAL B 368 -26.12 53.08 15.85
C VAL B 368 -25.30 54.37 15.71
N HIS B 369 -24.50 54.45 14.64
CA HIS B 369 -23.62 55.62 14.40
C HIS B 369 -24.45 56.84 14.10
N ASN B 370 -25.47 56.65 13.28
CA ASN B 370 -26.39 57.79 12.97
C ASN B 370 -27.17 58.25 14.19
N ALA B 371 -27.65 57.34 15.03
CA ALA B 371 -28.25 57.77 16.31
C ALA B 371 -27.26 58.64 17.11
N THR B 372 -26.00 58.25 17.12
CA THR B 372 -24.99 58.94 17.89
C THR B 372 -24.74 60.31 17.27
N LEU B 373 -24.67 60.38 15.93
CA LEU B 373 -24.53 61.64 15.19
C LEU B 373 -25.68 62.60 15.47
N ILE B 374 -26.90 62.05 15.50
CA ILE B 374 -28.10 62.85 15.85
C ILE B 374 -28.01 63.40 17.28
N LEU B 375 -27.71 62.53 18.24
CA LEU B 375 -27.51 62.95 19.64
C LEU B 375 -26.46 64.08 19.76
N SER B 376 -25.34 63.88 19.08
CA SER B 376 -24.28 64.85 19.10
C SER B 376 -24.72 66.24 18.60
N GLU B 377 -25.41 66.28 17.47
CA GLU B 377 -25.93 67.54 16.94
C GLU B 377 -26.91 68.22 17.84
N GLY B 378 -27.83 67.47 18.43
CA GLY B 378 -28.72 68.08 19.41
C GLY B 378 -28.02 68.66 20.61
N LEU B 379 -27.05 67.95 21.14
CA LEU B 379 -26.33 68.40 22.35
C LEU B 379 -25.53 69.68 22.10
N LYS B 380 -24.90 69.78 20.92
CA LYS B 380 -24.16 70.98 20.54
C LYS B 380 -25.07 72.19 20.39
N ARG B 381 -26.17 72.01 19.68
CA ARG B 381 -27.16 73.07 19.52
C ARG B 381 -27.69 73.53 20.89
N ALA B 382 -27.77 72.64 21.88
CA ALA B 382 -28.14 73.04 23.24
C ALA B 382 -27.01 73.70 24.09
N GLY B 383 -25.83 73.91 23.52
CA GLY B 383 -24.73 74.57 24.22
C GLY B 383 -23.78 73.65 24.96
N HIS B 384 -23.88 72.34 24.79
CA HIS B 384 -22.93 71.40 25.40
C HIS B 384 -21.74 71.18 24.46
N GLN B 385 -20.58 70.83 25.00
CA GLN B 385 -19.38 70.66 24.18
C GLN B 385 -18.97 69.18 24.05
N LEU B 386 -18.64 68.77 22.83
CA LEU B 386 -18.12 67.44 22.57
C LEU B 386 -16.63 67.51 22.46
N GLN B 387 -15.95 66.54 23.07
CA GLN B 387 -14.51 66.55 23.07
C GLN B 387 -13.96 65.98 21.77
N HIS B 388 -14.69 65.08 21.11
CA HIS B 388 -14.21 64.48 19.86
C HIS B 388 -15.31 64.54 18.82
N ASP B 389 -14.95 65.00 17.61
CA ASP B 389 -15.88 65.08 16.48
C ASP B 389 -15.93 63.82 15.64
N LEU B 390 -14.95 62.93 15.72
CA LEU B 390 -15.03 61.66 15.01
C LEU B 390 -15.10 60.48 15.98
N PHE B 391 -16.24 59.77 15.94
CA PHE B 391 -16.55 58.69 16.87
C PHE B 391 -17.43 57.63 16.17
N PHE B 392 -17.60 56.46 16.79
CA PHE B 392 -18.59 55.46 16.34
C PHE B 392 -19.87 55.65 17.14
N ASP B 393 -19.86 55.23 18.41
CA ASP B 393 -21.10 55.18 19.22
C ASP B 393 -21.00 55.92 20.55
N THR B 394 -19.92 56.65 20.77
CA THR B 394 -19.55 57.04 22.10
C THR B 394 -19.12 58.52 22.11
N LEU B 395 -19.74 59.27 23.01
CA LEU B 395 -19.52 60.70 23.09
C LEU B 395 -18.89 61.01 24.43
N LYS B 396 -18.09 62.08 24.47
CA LYS B 396 -17.56 62.59 25.72
C LYS B 396 -17.98 64.07 25.79
N ILE B 397 -18.77 64.40 26.80
CA ILE B 397 -19.54 65.60 26.84
C ILE B 397 -19.15 66.44 28.05
N GLN B 398 -18.85 67.71 27.80
CA GLN B 398 -18.69 68.72 28.83
C GLN B 398 -20.00 69.46 28.93
N CYS B 399 -20.73 69.31 30.04
CA CYS B 399 -22.06 69.94 30.13
C CYS B 399 -21.97 71.46 30.20
N GLY B 400 -22.75 72.13 29.32
CA GLY B 400 -22.92 73.56 29.31
C GLY B 400 -23.78 74.06 30.47
N CYS B 401 -24.56 73.17 31.11
CA CYS B 401 -25.18 73.51 32.40
C CYS B 401 -24.58 72.62 33.50
N SER B 402 -25.08 72.80 34.72
CA SER B 402 -24.78 71.90 35.84
C SER B 402 -24.92 70.38 35.53
N VAL B 403 -23.89 69.58 35.81
CA VAL B 403 -23.99 68.14 35.75
C VAL B 403 -25.06 67.58 36.71
N LYS B 404 -25.18 68.19 37.90
CA LYS B 404 -26.20 67.75 38.87
C LYS B 404 -27.63 67.74 38.31
N GLU B 405 -27.98 68.79 37.55
CA GLU B 405 -29.32 68.91 37.03
C GLU B 405 -29.53 67.94 35.87
N VAL B 406 -28.50 67.71 35.04
CA VAL B 406 -28.53 66.71 34.01
C VAL B 406 -28.80 65.31 34.59
N LEU B 407 -28.02 64.94 35.62
CA LEU B 407 -28.16 63.65 36.27
C LEU B 407 -29.48 63.44 37.03
N GLY B 408 -29.99 64.52 37.62
CA GLY B 408 -31.33 64.50 38.22
C GLY B 408 -32.40 64.10 37.21
N ARG B 409 -32.35 64.68 36.01
CA ARG B 409 -33.26 64.26 34.92
C ARG B 409 -33.01 62.84 34.40
N ALA B 410 -31.76 62.43 34.33
CA ALA B 410 -31.45 61.08 33.88
C ALA B 410 -32.00 60.02 34.82
N ALA B 411 -31.92 60.27 36.12
CA ALA B 411 -32.50 59.37 37.17
C ALA B 411 -34.00 59.22 37.06
N GLN B 412 -34.66 60.34 36.81
CA GLN B 412 -36.07 60.39 36.49
C GLN B 412 -36.50 59.48 35.33
N ARG B 413 -35.64 59.27 34.32
CA ARG B 413 -35.91 58.38 33.18
C ARG B 413 -35.16 57.02 33.30
N GLN B 414 -34.55 56.76 34.46
N GLN B 414 -34.55 56.76 34.46
CA GLN B 414 -33.81 55.54 34.73
CA GLN B 414 -33.81 55.54 34.73
C GLN B 414 -32.77 55.26 33.65
C GLN B 414 -32.77 55.26 33.65
N ILE B 415 -31.92 56.25 33.44
CA ILE B 415 -30.85 56.16 32.46
C ILE B 415 -29.51 56.42 33.18
N ASN B 416 -28.48 55.60 32.85
CA ASN B 416 -27.13 55.69 33.42
C ASN B 416 -26.19 56.20 32.32
N PHE B 417 -25.31 57.10 32.70
CA PHE B 417 -24.17 57.54 31.90
C PHE B 417 -22.87 57.06 32.59
N ARG B 418 -21.75 57.14 31.88
CA ARG B 418 -20.43 57.02 32.50
C ARG B 418 -20.03 58.38 33.08
N LEU B 419 -19.63 58.42 34.35
CA LEU B 419 -19.14 59.67 34.97
C LEU B 419 -17.60 59.63 34.98
N PHE B 420 -16.96 60.42 34.14
CA PHE B 420 -15.53 60.55 34.14
C PHE B 420 -15.08 61.34 35.38
N GLU B 421 -13.86 61.08 35.84
CA GLU B 421 -13.29 61.72 37.00
C GLU B 421 -13.23 63.21 36.86
N ASP B 422 -12.96 63.69 35.65
CA ASP B 422 -12.90 65.15 35.34
C ASP B 422 -14.22 65.89 35.33
N GLY B 423 -15.35 65.24 35.64
CA GLY B 423 -16.66 65.95 35.67
C GLY B 423 -17.41 65.92 34.33
N THR B 424 -16.79 65.38 33.29
CA THR B 424 -17.45 65.15 32.03
C THR B 424 -18.21 63.82 32.01
N LEU B 425 -19.06 63.65 30.98
CA LEU B 425 -19.96 62.50 30.89
C LEU B 425 -19.68 61.67 29.63
N GLY B 426 -19.70 60.35 29.80
CA GLY B 426 -19.61 59.42 28.71
C GLY B 426 -20.96 58.83 28.38
N ILE B 427 -21.30 58.86 27.10
CA ILE B 427 -22.54 58.25 26.58
C ILE B 427 -22.16 57.36 25.40
N SER B 428 -22.55 56.11 25.54
CA SER B 428 -22.39 55.09 24.52
C SER B 428 -23.79 54.55 24.09
N LEU B 429 -24.12 54.79 22.83
CA LEU B 429 -25.36 54.27 22.26
C LEU B 429 -25.09 52.85 21.74
N ASP B 430 -26.17 52.15 21.43
CA ASP B 430 -26.08 50.75 21.07
C ASP B 430 -27.27 50.33 20.18
N GLU B 431 -27.29 49.05 19.80
CA GLU B 431 -28.31 48.49 18.90
C GLU B 431 -29.73 48.78 19.38
N THR B 432 -29.92 48.87 20.70
CA THR B 432 -31.26 49.04 21.28
C THR B 432 -31.82 50.40 21.16
N VAL B 433 -30.99 51.39 20.78
CA VAL B 433 -31.43 52.78 20.83
C VAL B 433 -32.36 53.15 19.68
N ASN B 434 -33.53 53.69 20.05
CA ASN B 434 -34.55 54.19 19.09
C ASN B 434 -34.92 55.65 19.28
N GLU B 435 -35.81 56.13 18.45
CA GLU B 435 -36.26 57.55 18.51
C GLU B 435 -36.65 58.00 19.91
N LYS B 436 -37.45 57.19 20.57
CA LYS B 436 -37.93 57.44 21.94
C LYS B 436 -36.75 57.65 22.93
N ASP B 437 -35.74 56.78 22.88
CA ASP B 437 -34.59 56.91 23.76
C ASP B 437 -33.86 58.17 23.42
N LEU B 438 -33.68 58.50 22.13
CA LEU B 438 -33.04 59.79 21.76
C LEU B 438 -33.77 60.99 22.30
N ASP B 439 -35.08 60.97 22.21
CA ASP B 439 -35.93 62.07 22.74
C ASP B 439 -35.78 62.16 24.24
N ASP B 440 -35.71 61.00 24.94
CA ASP B 440 -35.42 61.02 26.38
C ASP B 440 -34.05 61.68 26.66
N LEU B 441 -33.05 61.31 25.88
CA LEU B 441 -31.69 61.84 26.05
C LEU B 441 -31.59 63.36 25.80
N LEU B 442 -32.20 63.84 24.72
CA LEU B 442 -32.26 65.23 24.37
C LEU B 442 -32.94 66.05 25.47
N TRP B 443 -34.02 65.50 26.01
CA TRP B 443 -34.71 66.12 27.16
C TRP B 443 -33.82 66.16 28.40
N ILE B 444 -33.12 65.05 28.69
CA ILE B 444 -32.18 65.01 29.80
C ILE B 444 -31.15 66.17 29.69
N PHE B 445 -30.68 66.44 28.48
CA PHE B 445 -29.71 67.50 28.26
C PHE B 445 -30.33 68.89 27.98
N GLY B 446 -31.63 69.05 28.21
CA GLY B 446 -32.23 70.39 28.12
C GLY B 446 -32.44 70.90 26.70
N CYS B 447 -32.43 70.03 25.70
CA CYS B 447 -32.39 70.52 24.32
C CYS B 447 -33.59 71.31 23.72
N GLU B 448 -34.81 71.13 24.24
CA GLU B 448 -36.01 71.79 23.76
C GLU B 448 -36.27 71.48 22.24
N SER B 449 -35.95 70.25 21.85
CA SER B 449 -35.93 69.86 20.47
C SER B 449 -36.41 68.44 20.47
N SER B 450 -36.45 67.84 19.29
CA SER B 450 -36.71 66.41 19.17
C SER B 450 -35.73 65.81 18.18
N ALA B 451 -35.64 64.47 18.21
CA ALA B 451 -34.82 63.71 17.28
C ALA B 451 -35.26 63.95 15.81
N GLU B 452 -36.58 63.96 15.56
CA GLU B 452 -37.11 64.36 14.25
C GLU B 452 -36.58 65.75 13.78
N LEU B 453 -36.66 66.74 14.68
CA LEU B 453 -36.24 68.08 14.33
C LEU B 453 -34.73 68.13 14.05
N VAL B 454 -33.97 67.47 14.91
CA VAL B 454 -32.52 67.48 14.76
C VAL B 454 -32.17 66.86 13.41
N ALA B 455 -32.80 65.72 13.05
CA ALA B 455 -32.53 65.07 11.76
C ALA B 455 -32.80 66.03 10.57
N GLU B 456 -33.87 66.83 10.67
CA GLU B 456 -34.23 67.73 9.60
C GLU B 456 -33.16 68.82 9.31
N SER B 457 -32.53 69.37 10.34
CA SER B 457 -31.44 70.35 10.12
C SER B 457 -30.06 69.76 9.69
N MET B 458 -29.88 68.44 9.75
CA MET B 458 -28.66 67.79 9.31
C MET B 458 -28.69 67.51 7.80
N GLY B 459 -29.86 67.21 7.24
CA GLY B 459 -29.95 66.83 5.83
C GLY B 459 -29.40 65.43 5.62
N GLU B 460 -29.12 65.10 4.35
CA GLU B 460 -28.52 63.79 3.96
C GLU B 460 -27.06 63.92 3.46
N GLU B 461 -26.37 64.85 4.09
CA GLU B 461 -24.97 65.05 3.86
C GLU B 461 -24.22 63.87 4.48
N CYS B 462 -23.06 63.58 3.94
CA CYS B 462 -22.25 62.51 4.48
C CYS B 462 -21.42 63.00 5.64
N ARG B 463 -21.71 62.56 6.85
CA ARG B 463 -20.91 62.96 8.00
C ARG B 463 -20.32 61.76 8.75
N GLY B 464 -19.68 62.01 9.88
CA GLY B 464 -19.03 60.99 10.65
C GLY B 464 -18.19 60.04 9.81
N ILE B 465 -18.29 58.77 10.12
CA ILE B 465 -17.35 57.76 9.61
C ILE B 465 -17.44 57.63 8.07
N PRO B 466 -18.64 57.53 7.50
CA PRO B 466 -18.76 57.44 6.02
C PRO B 466 -18.29 58.64 5.22
N GLY B 467 -18.35 59.82 5.82
CA GLY B 467 -17.76 61.02 5.23
C GLY B 467 -16.30 61.25 5.56
N SER B 468 -15.61 60.26 6.17
CA SER B 468 -14.19 60.41 6.59
C SER B 468 -13.23 59.46 5.83
N VAL B 469 -11.94 59.74 5.98
CA VAL B 469 -10.90 58.85 5.44
C VAL B 469 -10.87 57.48 6.16
N PHE B 470 -11.60 57.33 7.25
CA PHE B 470 -11.71 56.07 7.98
C PHE B 470 -12.81 55.10 7.53
N LYS B 471 -13.61 55.43 6.51
CA LYS B 471 -14.75 54.58 6.15
C LYS B 471 -14.24 53.25 5.62
N ARG B 472 -14.84 52.15 6.03
CA ARG B 472 -14.35 50.86 5.58
C ARG B 472 -14.67 50.70 4.11
N THR B 473 -13.73 50.20 3.32
CA THR B 473 -14.03 49.87 1.93
C THR B 473 -13.73 48.42 1.63
N SER B 474 -13.30 47.62 2.59
CA SER B 474 -12.97 46.22 2.37
C SER B 474 -14.15 45.34 2.75
N PRO B 475 -14.33 44.24 1.99
CA PRO B 475 -15.46 43.37 2.20
C PRO B 475 -15.22 42.45 3.39
N PHE B 476 -16.28 41.86 3.90
CA PHE B 476 -16.22 40.89 4.96
C PHE B 476 -17.40 39.93 4.96
N LEU B 477 -17.20 38.75 5.51
CA LEU B 477 -18.24 37.70 5.56
C LEU B 477 -18.81 37.37 4.15
N THR B 478 -17.91 37.21 3.17
CA THR B 478 -18.28 36.79 1.84
C THR B 478 -18.47 35.27 1.71
N HIS B 479 -18.03 34.45 2.66
CA HIS B 479 -18.23 33.01 2.55
C HIS B 479 -19.70 32.66 2.59
N GLN B 480 -20.10 31.62 1.86
CA GLN B 480 -21.50 31.18 1.78
C GLN B 480 -22.18 30.94 3.16
N VAL B 481 -21.44 30.59 4.20
CA VAL B 481 -22.02 30.36 5.50
C VAL B 481 -22.69 31.62 6.07
N PHE B 482 -22.20 32.80 5.69
CA PHE B 482 -22.74 34.09 6.13
C PHE B 482 -23.77 34.67 5.19
N ASN B 483 -24.15 33.93 4.16
CA ASN B 483 -25.07 34.44 3.14
C ASN B 483 -26.19 33.44 2.84
N SER B 484 -26.44 32.52 3.74
CA SER B 484 -27.34 31.39 3.47
C SER B 484 -28.43 31.23 4.49
N TYR B 485 -28.25 31.70 5.72
CA TYR B 485 -29.13 31.32 6.81
C TYR B 485 -29.80 32.55 7.46
N HIS B 486 -30.50 33.34 6.63
CA HIS B 486 -31.11 34.59 6.99
C HIS B 486 -32.61 34.50 7.37
N SER B 487 -33.30 33.47 6.91
CA SER B 487 -34.67 33.24 7.34
C SER B 487 -34.64 32.58 8.69
N GLU B 488 -35.67 32.73 9.51
CA GLU B 488 -35.62 32.05 10.82
C GLU B 488 -35.71 30.53 10.60
N THR B 489 -36.48 30.11 9.62
CA THR B 489 -36.53 28.68 9.30
C THR B 489 -35.13 28.12 8.97
N ASN B 490 -34.31 28.88 8.22
CA ASN B 490 -32.99 28.36 7.83
C ASN B 490 -32.04 28.29 9.01
N ILE B 491 -32.06 29.32 9.85
CA ILE B 491 -31.15 29.37 10.98
C ILE B 491 -31.48 28.20 11.96
N VAL B 492 -32.75 28.00 12.26
CA VAL B 492 -33.11 26.91 13.13
C VAL B 492 -32.59 25.56 12.56
N ARG B 493 -32.78 25.34 11.25
CA ARG B 493 -32.32 24.10 10.60
C ARG B 493 -30.81 23.94 10.65
N TYR B 494 -30.07 25.03 10.46
CA TYR B 494 -28.59 24.99 10.55
C TYR B 494 -28.10 24.65 11.97
N MET B 495 -28.68 25.32 12.98
CA MET B 495 -28.33 25.07 14.38
C MET B 495 -28.64 23.62 14.77
N LYS B 496 -29.76 23.10 14.29
CA LYS B 496 -30.09 21.69 14.54
C LYS B 496 -29.14 20.70 13.84
N LYS B 497 -28.76 20.98 12.60
CA LYS B 497 -27.84 20.14 11.84
C LYS B 497 -26.55 19.99 12.58
N LEU B 498 -25.98 21.10 13.05
CA LEU B 498 -24.76 21.08 13.81
C LEU B 498 -24.95 20.39 15.13
N GLU B 499 -26.03 20.67 15.81
CA GLU B 499 -26.33 20.04 17.06
C GLU B 499 -26.35 18.50 16.97
N ASN B 500 -26.95 17.96 15.93
CA ASN B 500 -27.11 16.54 15.75
C ASN B 500 -25.79 15.81 15.44
N LYS B 501 -24.79 16.53 14.99
CA LYS B 501 -23.49 15.96 14.80
C LYS B 501 -22.72 15.69 16.10
N ASP B 502 -23.17 16.26 17.22
CA ASP B 502 -22.39 16.28 18.45
C ASP B 502 -23.01 15.40 19.53
N ILE B 503 -22.27 14.38 19.99
CA ILE B 503 -22.79 13.53 21.11
C ILE B 503 -22.74 14.41 22.37
N SER B 504 -23.73 14.26 23.25
CA SER B 504 -23.90 15.09 24.44
C SER B 504 -24.64 14.35 25.53
N LEU B 505 -24.90 14.98 26.65
CA LEU B 505 -25.57 14.34 27.77
C LEU B 505 -27.07 14.08 27.53
N VAL B 506 -27.59 14.53 26.40
CA VAL B 506 -28.92 14.12 25.96
C VAL B 506 -28.87 12.72 25.29
N HIS B 507 -27.68 12.19 25.05
CA HIS B 507 -27.53 10.88 24.44
C HIS B 507 -27.08 9.81 25.43
N SER B 508 -25.96 10.01 26.09
CA SER B 508 -25.37 9.00 26.95
C SER B 508 -24.37 9.62 27.91
N MET B 509 -23.94 8.81 28.90
CA MET B 509 -22.89 9.23 29.86
C MET B 509 -21.61 9.62 29.07
N ILE B 510 -20.96 10.73 29.49
CA ILE B 510 -19.67 11.17 28.98
C ILE B 510 -18.70 11.14 30.17
N PRO B 511 -18.04 9.96 30.39
CA PRO B 511 -17.39 9.72 31.67
C PRO B 511 -15.99 10.28 31.71
N LEU B 512 -15.89 11.61 31.52
CA LEU B 512 -14.60 12.25 31.37
C LEU B 512 -13.97 12.47 32.73
N GLY B 513 -12.91 11.70 33.00
CA GLY B 513 -12.14 11.92 34.20
C GLY B 513 -11.73 13.37 34.29
N SER B 514 -11.78 13.94 35.48
CA SER B 514 -11.43 15.31 35.80
C SER B 514 -12.36 16.40 35.20
N CYS B 515 -13.54 15.99 34.77
CA CYS B 515 -14.52 16.88 34.16
C CYS B 515 -15.85 16.96 34.87
N THR B 516 -16.19 15.91 35.58
CA THR B 516 -17.44 15.87 36.37
C THR B 516 -18.67 16.25 35.53
N MET B 517 -18.95 15.37 34.55
CA MET B 517 -20.05 15.57 33.59
C MET B 517 -21.39 15.17 34.23
N LYS B 518 -21.75 15.88 35.29
CA LYS B 518 -23.03 15.62 36.01
C LYS B 518 -24.25 16.36 35.39
N LEU B 519 -25.42 16.19 35.99
CA LEU B 519 -26.64 16.88 35.56
C LEU B 519 -26.60 18.40 35.64
N ASN B 520 -26.99 19.03 34.53
CA ASN B 520 -27.22 20.48 34.43
C ASN B 520 -28.72 20.63 34.36
N SER B 521 -29.35 20.93 35.51
CA SER B 521 -30.76 20.76 35.62
C SER B 521 -31.50 21.97 35.04
N SER B 522 -32.69 21.67 34.54
CA SER B 522 -33.52 22.71 33.97
C SER B 522 -33.88 23.84 34.95
N SER B 523 -34.19 23.48 36.20
CA SER B 523 -34.48 24.50 37.21
C SER B 523 -33.28 25.40 37.52
N GLU B 524 -32.08 24.78 37.57
CA GLU B 524 -30.85 25.55 37.76
C GLU B 524 -30.58 26.51 36.57
N LEU B 525 -30.87 26.02 35.35
CA LEU B 525 -30.52 26.75 34.14
C LEU B 525 -31.49 27.91 33.85
N ALA B 526 -32.78 27.74 34.20
CA ALA B 526 -33.79 28.73 33.86
C ALA B 526 -33.39 30.25 34.14
N PRO B 527 -32.91 30.52 35.32
CA PRO B 527 -32.67 31.93 35.70
C PRO B 527 -31.66 32.70 34.88
N ILE B 528 -30.76 32.03 34.18
CA ILE B 528 -29.66 32.78 33.51
C ILE B 528 -30.13 33.65 32.35
N THR B 529 -31.32 33.37 31.81
CA THR B 529 -31.88 34.26 30.81
C THR B 529 -33.01 35.11 31.37
N TRP B 530 -33.20 35.15 32.70
CA TRP B 530 -34.11 36.16 33.26
C TRP B 530 -33.49 37.53 33.03
N LYS B 531 -34.30 38.49 32.63
CA LYS B 531 -33.83 39.86 32.38
C LYS B 531 -33.16 40.53 33.57
N GLU B 532 -33.65 40.22 34.77
CA GLU B 532 -33.13 40.76 36.04
C GLU B 532 -31.67 40.30 36.33
N PHE B 533 -31.26 39.17 35.73
CA PHE B 533 -29.87 38.71 35.71
C PHE B 533 -29.11 39.01 34.40
N ALA B 534 -29.73 38.77 33.24
CA ALA B 534 -29.03 38.92 31.97
C ALA B 534 -28.79 40.37 31.50
N ASN B 535 -29.65 41.30 31.91
CA ASN B 535 -29.68 42.61 31.28
C ASN B 535 -29.25 43.76 32.16
N ILE B 536 -28.26 43.55 33.02
CA ILE B 536 -27.73 44.64 33.89
C ILE B 536 -26.28 44.88 33.47
N HIS B 537 -25.93 46.15 33.25
CA HIS B 537 -24.57 46.47 32.84
C HIS B 537 -23.63 46.22 34.10
N PRO B 538 -22.48 45.55 33.91
CA PRO B 538 -21.59 45.25 35.05
C PRO B 538 -21.16 46.43 35.94
N PHE B 539 -21.18 47.66 35.41
CA PHE B 539 -20.69 48.83 36.15
C PHE B 539 -21.79 49.79 36.58
N VAL B 540 -23.03 49.32 36.68
CA VAL B 540 -24.12 50.17 37.24
C VAL B 540 -23.82 50.61 38.70
N PRO B 541 -24.32 51.78 39.12
CA PRO B 541 -24.41 52.02 40.57
C PRO B 541 -24.98 50.82 41.30
N LEU B 542 -24.42 50.51 42.47
CA LEU B 542 -24.73 49.29 43.23
C LEU B 542 -26.16 49.21 43.80
N ASP B 543 -26.80 50.36 44.00
CA ASP B 543 -28.21 50.36 44.39
C ASP B 543 -29.14 49.78 43.27
N GLN B 544 -28.64 49.57 42.06
CA GLN B 544 -29.36 48.87 40.98
C GLN B 544 -29.13 47.31 40.94
N ALA B 545 -28.16 46.81 41.74
CA ALA B 545 -27.79 45.41 41.70
C ALA B 545 -27.83 44.71 43.07
N GLN B 546 -28.78 45.10 43.93
CA GLN B 546 -28.87 44.59 45.32
C GLN B 546 -29.26 43.10 45.33
N GLY B 547 -29.95 42.67 44.29
CA GLY B 547 -30.22 41.27 44.12
C GLY B 547 -28.94 40.47 43.90
N TYR B 548 -28.07 40.93 43.00
CA TYR B 548 -26.79 40.28 42.79
C TYR B 548 -26.00 40.25 44.13
N GLN B 549 -26.06 41.34 44.89
CA GLN B 549 -25.27 41.40 46.12
C GLN B 549 -25.73 40.29 47.09
N GLN B 550 -27.03 40.09 47.24
CA GLN B 550 -27.54 39.03 48.09
C GLN B 550 -27.16 37.63 47.53
N LEU B 551 -27.30 37.41 46.23
CA LEU B 551 -26.85 36.16 45.57
C LEU B 551 -25.38 35.84 45.95
N PHE B 552 -24.49 36.82 45.79
CA PHE B 552 -23.11 36.63 46.08
C PHE B 552 -22.90 36.24 47.56
N ARG B 553 -23.51 37.00 48.47
CA ARG B 553 -23.42 36.73 49.92
C ARG B 553 -23.87 35.34 50.25
N GLU B 554 -25.01 34.92 49.69
CA GLU B 554 -25.53 33.62 50.01
C GLU B 554 -24.64 32.50 49.47
N LEU B 555 -24.20 32.61 48.20
CA LEU B 555 -23.39 31.56 47.56
C LEU B 555 -21.99 31.54 48.27
N GLU B 556 -21.46 32.71 48.62
CA GLU B 556 -20.16 32.74 49.31
C GLU B 556 -20.23 31.97 50.62
N LYS B 557 -21.27 32.21 51.40
CA LYS B 557 -21.40 31.63 52.71
C LYS B 557 -21.51 30.09 52.61
N ASP B 558 -22.33 29.62 51.66
CA ASP B 558 -22.43 28.17 51.40
C ASP B 558 -21.07 27.60 50.92
N LEU B 559 -20.36 28.29 50.05
CA LEU B 559 -19.09 27.75 49.55
C LEU B 559 -18.02 27.75 50.67
N CYS B 560 -18.07 28.75 51.54
CA CYS B 560 -17.22 28.79 52.72
C CYS B 560 -17.44 27.55 53.61
N GLU B 561 -18.72 27.26 53.88
CA GLU B 561 -19.08 26.09 54.67
C GLU B 561 -18.72 24.72 54.02
N LEU B 562 -18.82 24.60 52.69
CA LEU B 562 -18.40 23.35 52.00
C LEU B 562 -16.90 23.09 51.99
N THR B 563 -16.12 24.18 52.06
CA THR B 563 -14.64 24.13 51.85
C THR B 563 -13.80 24.37 53.13
N GLY B 564 -14.44 24.91 54.15
CA GLY B 564 -13.77 25.36 55.34
C GLY B 564 -12.93 26.59 55.16
N TYR B 565 -13.25 27.45 54.18
CA TYR B 565 -12.51 28.71 53.99
C TYR B 565 -13.29 29.85 54.62
N ASP B 566 -12.64 31.00 54.73
CA ASP B 566 -13.23 32.17 55.40
C ASP B 566 -13.80 33.23 54.47
N GLN B 567 -13.39 33.22 53.23
CA GLN B 567 -13.89 34.16 52.29
C GLN B 567 -13.73 33.63 50.89
N VAL B 568 -14.68 33.97 50.03
CA VAL B 568 -14.64 33.62 48.62
C VAL B 568 -14.64 34.86 47.73
N CYS B 569 -13.80 34.82 46.66
CA CYS B 569 -13.72 35.83 45.61
C CYS B 569 -14.21 35.19 44.28
N PHE B 570 -15.23 35.77 43.67
CA PHE B 570 -15.85 35.31 42.41
C PHE B 570 -15.22 35.87 41.12
N GLN B 571 -14.27 36.79 41.20
CA GLN B 571 -13.68 37.36 39.99
C GLN B 571 -13.08 36.35 39.00
N PRO B 572 -12.42 35.27 39.48
CA PRO B 572 -11.73 34.48 38.46
C PRO B 572 -12.71 33.63 37.64
N ASN B 573 -12.60 33.76 36.31
CA ASN B 573 -13.60 33.26 35.39
C ASN B 573 -13.24 31.97 34.66
N SER B 574 -12.34 31.21 35.30
CA SER B 574 -12.09 29.79 34.96
C SER B 574 -11.30 29.24 36.11
N GLY B 575 -11.18 27.93 36.15
CA GLY B 575 -10.34 27.24 37.12
C GLY B 575 -8.89 27.65 37.02
N ALA B 576 -8.38 27.75 35.81
CA ALA B 576 -6.98 28.20 35.60
C ALA B 576 -6.78 29.64 36.07
N GLN B 577 -7.77 30.51 35.83
CA GLN B 577 -7.74 31.86 36.38
C GLN B 577 -7.73 31.87 37.92
N GLY B 578 -8.47 30.92 38.51
CA GLY B 578 -8.46 30.73 39.96
C GLY B 578 -7.06 30.38 40.47
N GLU B 579 -6.40 29.46 39.76
CA GLU B 579 -5.04 29.01 40.13
C GLU B 579 -4.13 30.21 40.05
N TYR B 580 -4.18 30.91 38.93
CA TYR B 580 -3.39 32.15 38.81
C TYR B 580 -3.68 33.20 39.89
N ALA B 581 -4.95 33.50 40.13
CA ALA B 581 -5.30 34.47 41.16
C ALA B 581 -4.79 34.00 42.53
N GLY B 582 -4.98 32.72 42.82
CA GLY B 582 -4.62 32.11 44.14
C GLY B 582 -3.13 32.13 44.41
N LEU B 583 -2.37 31.76 43.38
CA LEU B 583 -0.90 31.85 43.45
C LEU B 583 -0.42 33.32 43.60
N ALA B 584 -0.98 34.23 42.81
CA ALA B 584 -0.63 35.64 42.94
C ALA B 584 -0.96 36.20 44.34
N THR B 585 -2.11 35.81 44.91
CA THR B 585 -2.50 36.22 46.24
C THR B 585 -1.49 35.73 47.32
N ILE B 586 -1.04 34.48 47.19
CA ILE B 586 0.03 33.96 48.01
C ILE B 586 1.29 34.87 47.92
N ARG B 587 1.70 35.20 46.70
CA ARG B 587 2.88 36.05 46.51
C ARG B 587 2.69 37.44 47.14
N ALA B 588 1.50 38.04 47.00
CA ALA B 588 1.23 39.37 47.60
C ALA B 588 1.28 39.31 49.11
N TYR B 589 0.70 38.24 49.67
CA TYR B 589 0.88 37.89 51.09
C TYR B 589 2.34 37.81 51.53
N LEU B 590 3.11 36.98 50.82
CA LEU B 590 4.53 36.81 51.14
C LEU B 590 5.29 38.16 51.02
N ASN B 591 5.04 38.92 49.95
CA ASN B 591 5.68 40.24 49.70
C ASN B 591 5.41 41.22 50.83
N GLN B 592 4.16 41.35 51.23
CA GLN B 592 3.81 42.30 52.29
C GLN B 592 4.44 41.94 53.66
N LYS B 593 4.73 40.66 53.90
CA LYS B 593 5.30 40.20 55.16
C LYS B 593 6.85 40.15 55.16
N GLY B 594 7.49 40.71 54.12
CA GLY B 594 8.95 40.70 54.00
C GLY B 594 9.55 39.39 53.54
N GLU B 595 8.76 38.52 52.91
CA GLU B 595 9.26 37.21 52.42
C GLU B 595 9.20 37.12 50.91
N GLY B 596 9.28 38.25 50.22
CA GLY B 596 9.10 38.32 48.78
C GLY B 596 10.14 37.60 47.96
N HIS B 597 11.26 37.28 48.57
CA HIS B 597 12.26 36.39 47.96
C HIS B 597 11.78 34.95 47.69
N ARG B 598 10.77 34.50 48.42
CA ARG B 598 10.20 33.16 48.21
C ARG B 598 9.37 33.10 46.93
N THR B 599 9.88 32.43 45.90
CA THR B 599 9.11 32.20 44.68
C THR B 599 9.00 30.71 44.22
N VAL B 600 9.61 29.76 44.94
CA VAL B 600 9.57 28.36 44.49
C VAL B 600 8.18 27.71 44.72
N CYS B 601 7.68 27.03 43.69
CA CYS B 601 6.40 26.35 43.76
C CYS B 601 6.64 24.88 43.44
N LEU B 602 6.36 24.01 44.42
CA LEU B 602 6.43 22.55 44.28
C LEU B 602 5.14 22.08 43.58
N ILE B 603 5.30 21.31 42.48
CA ILE B 603 4.17 20.78 41.75
C ILE B 603 4.38 19.28 41.40
N PRO B 604 3.59 18.38 42.01
CA PRO B 604 3.70 16.99 41.61
C PRO B 604 3.56 16.79 40.09
N LYS B 605 4.31 15.84 39.53
CA LYS B 605 4.24 15.58 38.09
C LYS B 605 2.86 15.11 37.58
N SER B 606 2.01 14.59 38.47
CA SER B 606 0.65 14.21 38.16
C SER B 606 -0.35 15.37 38.11
N ALA B 607 0.07 16.59 38.48
CA ALA B 607 -0.84 17.76 38.41
C ALA B 607 -1.33 18.00 37.01
N HIS B 608 -2.55 18.51 36.93
CA HIS B 608 -3.11 19.06 35.69
C HIS B 608 -2.16 20.08 35.09
N GLY B 609 -2.09 20.12 33.76
CA GLY B 609 -1.17 21.01 33.05
C GLY B 609 -1.38 22.50 33.35
N THR B 610 -2.60 22.88 33.71
CA THR B 610 -2.89 24.24 34.17
C THR B 610 -2.03 24.67 35.36
N ASN B 611 -1.74 23.73 36.26
CA ASN B 611 -0.99 24.06 37.49
C ASN B 611 0.38 24.72 37.18
N PRO B 612 1.28 24.00 36.47
CA PRO B 612 2.58 24.62 36.10
C PRO B 612 2.44 25.85 35.16
N ALA B 613 1.47 25.85 34.25
CA ALA B 613 1.25 27.06 33.44
C ALA B 613 0.81 28.30 34.27
N SER B 614 -0.09 28.09 35.23
CA SER B 614 -0.55 29.15 36.13
C SER B 614 0.58 29.63 37.01
N ALA B 615 1.40 28.70 37.49
CA ALA B 615 2.54 29.07 38.35
C ALA B 615 3.54 29.91 37.57
N HIS B 616 3.82 29.51 36.33
CA HIS B 616 4.71 30.30 35.43
C HIS B 616 4.09 31.69 35.16
N MET B 617 2.80 31.72 34.84
CA MET B 617 2.10 33.00 34.67
C MET B 617 2.19 33.90 35.93
N ALA B 618 2.15 33.30 37.13
CA ALA B 618 2.27 34.11 38.36
C ALA B 618 3.71 34.45 38.74
N GLY B 619 4.67 34.12 37.87
CA GLY B 619 6.08 34.42 38.12
C GLY B 619 6.83 33.52 39.10
N MET B 620 6.28 32.36 39.39
CA MET B 620 6.97 31.42 40.29
C MET B 620 8.00 30.55 39.54
N LYS B 621 8.97 30.07 40.30
CA LYS B 621 9.92 29.07 39.83
C LYS B 621 9.41 27.70 40.18
N ILE B 622 9.36 26.85 39.19
CA ILE B 622 8.64 25.59 39.37
C ILE B 622 9.60 24.44 39.69
N GLN B 623 9.30 23.70 40.74
CA GLN B 623 10.09 22.52 41.05
C GLN B 623 9.15 21.33 41.00
N PRO B 624 9.30 20.47 39.97
CA PRO B 624 8.50 19.25 39.93
C PRO B 624 8.79 18.33 41.12
N VAL B 625 7.77 17.60 41.55
CA VAL B 625 7.91 16.59 42.59
C VAL B 625 7.48 15.25 41.99
N GLU B 626 8.28 14.22 42.22
CA GLU B 626 8.03 12.92 41.59
C GLU B 626 6.81 12.23 42.23
N VAL B 627 6.27 11.30 41.48
CA VAL B 627 5.18 10.43 41.90
C VAL B 627 5.77 9.01 42.08
N ASP B 628 5.33 8.27 43.09
CA ASP B 628 5.88 6.94 43.38
C ASP B 628 5.14 5.88 42.59
N LYS B 629 5.58 4.63 42.71
CA LYS B 629 4.97 3.52 41.97
C LYS B 629 3.50 3.23 42.31
N TYR B 630 2.99 3.76 43.43
CA TYR B 630 1.60 3.57 43.82
C TYR B 630 0.73 4.77 43.37
N GLY B 631 1.31 5.78 42.71
CA GLY B 631 0.56 6.90 42.21
C GLY B 631 0.54 8.13 43.10
N ASN B 632 1.10 8.02 44.28
CA ASN B 632 1.04 9.08 45.30
C ASN B 632 2.27 10.00 45.13
N ILE B 633 2.22 11.18 45.73
CA ILE B 633 3.42 12.02 45.77
C ILE B 633 4.52 11.19 46.43
N ASP B 634 5.69 11.10 45.78
CA ASP B 634 6.84 10.42 46.36
C ASP B 634 7.33 11.14 47.61
N ALA B 635 7.19 10.50 48.76
CA ALA B 635 7.52 11.08 50.05
C ALA B 635 9.00 11.42 50.17
N VAL B 636 9.83 10.54 49.66
CA VAL B 636 11.31 10.71 49.68
C VAL B 636 11.67 12.00 48.91
N HIS B 637 11.21 12.10 47.68
CA HIS B 637 11.54 13.22 46.85
C HIS B 637 10.92 14.56 47.34
N LEU B 638 9.70 14.47 47.84
CA LEU B 638 9.06 15.63 48.46
C LEU B 638 9.91 16.21 49.59
N LYS B 639 10.33 15.37 50.53
CA LYS B 639 11.15 15.85 51.66
C LYS B 639 12.45 16.44 51.18
N ALA B 640 13.05 15.81 50.16
CA ALA B 640 14.28 16.34 49.55
C ALA B 640 14.03 17.70 48.83
N MET B 641 12.92 17.87 48.15
CA MET B 641 12.68 19.16 47.48
C MET B 641 12.36 20.30 48.46
N VAL B 642 11.65 19.97 49.54
CA VAL B 642 11.36 20.93 50.61
C VAL B 642 12.66 21.34 51.28
N ASP B 643 13.57 20.38 51.50
CA ASP B 643 14.88 20.66 52.15
C ASP B 643 15.71 21.57 51.23
N LYS B 644 15.79 21.22 49.95
CA LYS B 644 16.50 22.01 48.96
C LYS B 644 16.00 23.44 48.90
N HIS B 645 14.69 23.62 48.85
CA HIS B 645 14.11 24.95 48.60
C HIS B 645 13.62 25.67 49.83
N LYS B 646 13.83 25.13 51.01
CA LYS B 646 13.25 25.69 52.25
C LYS B 646 13.40 27.21 52.48
N GLU B 647 14.50 27.81 52.03
CA GLU B 647 14.66 29.24 52.20
C GLU B 647 13.83 30.06 51.21
N ASN B 648 13.48 29.47 50.06
CA ASN B 648 12.85 30.17 48.96
C ASN B 648 11.47 29.58 48.63
N LEU B 649 10.90 28.79 49.54
CA LEU B 649 9.67 28.05 49.26
C LEU B 649 8.46 28.97 49.44
N ALA B 650 7.71 29.14 48.34
CA ALA B 650 6.51 29.97 48.31
C ALA B 650 5.25 29.13 48.48
N ALA B 651 5.20 28.00 47.77
CA ALA B 651 3.97 27.21 47.79
C ALA B 651 4.14 25.80 47.30
N ILE B 652 3.11 25.00 47.59
CA ILE B 652 2.84 23.73 46.93
C ILE B 652 1.44 23.78 46.33
N MET B 653 1.28 23.14 45.17
CA MET B 653 -0.03 22.85 44.55
C MET B 653 -0.35 21.36 44.65
N ILE B 654 -1.31 20.99 45.49
CA ILE B 654 -1.76 19.62 45.60
C ILE B 654 -3.19 19.49 45.06
N THR B 655 -3.60 18.26 44.76
CA THR B 655 -4.95 17.94 44.38
C THR B 655 -5.48 16.84 45.30
N TYR B 656 -6.69 16.98 45.85
CA TYR B 656 -7.19 15.99 46.82
C TYR B 656 -8.64 15.73 46.52
N PRO B 657 -9.03 14.49 46.30
CA PRO B 657 -8.11 13.35 46.07
C PRO B 657 -7.27 13.60 44.83
N SER B 658 -6.33 12.72 44.59
CA SER B 658 -5.36 12.94 43.53
C SER B 658 -5.92 12.89 42.13
N THR B 659 -5.14 13.36 41.16
CA THR B 659 -5.63 13.39 39.78
C THR B 659 -5.77 11.98 39.15
N ASN B 660 -5.40 10.94 39.85
CA ASN B 660 -5.68 9.55 39.43
C ASN B 660 -6.91 8.96 40.18
N GLY B 661 -7.53 9.77 41.02
CA GLY B 661 -8.74 9.37 41.76
C GLY B 661 -8.48 8.80 43.14
N VAL B 662 -7.22 8.78 43.57
CA VAL B 662 -6.86 8.15 44.82
C VAL B 662 -6.73 9.19 45.95
N PHE B 663 -7.40 8.92 47.07
CA PHE B 663 -7.12 9.61 48.34
C PHE B 663 -5.76 9.21 48.91
N GLU B 664 -4.81 10.17 48.95
CA GLU B 664 -3.56 10.09 49.68
C GLU B 664 -3.88 9.81 51.15
N GLU B 665 -3.04 8.99 51.77
CA GLU B 665 -3.27 8.60 53.14
C GLU B 665 -2.93 9.60 54.21
N ASN B 666 -2.03 10.53 53.96
CA ASN B 666 -1.62 11.46 55.05
C ASN B 666 -1.44 12.88 54.56
N ILE B 667 -2.51 13.46 54.05
CA ILE B 667 -2.42 14.75 53.37
C ILE B 667 -2.13 15.91 54.35
N SER B 668 -2.58 15.81 55.61
CA SER B 668 -2.24 16.83 56.62
C SER B 668 -0.75 16.94 56.88
N ASP B 669 -0.07 15.80 56.80
CA ASP B 669 1.39 15.76 56.96
C ASP B 669 2.09 16.55 55.86
N VAL B 670 1.57 16.48 54.63
CA VAL B 670 2.14 17.23 53.52
C VAL B 670 1.91 18.73 53.77
N CYS B 671 0.71 19.09 54.18
CA CYS B 671 0.41 20.49 54.47
C CYS B 671 1.31 21.01 55.60
N ASP B 672 1.46 20.23 56.66
CA ASP B 672 2.32 20.63 57.80
C ASP B 672 3.79 20.81 57.38
N LEU B 673 4.30 19.93 56.53
CA LEU B 673 5.69 20.04 56.06
C LEU B 673 5.97 21.36 55.30
N ILE B 674 5.04 21.76 54.45
CA ILE B 674 5.18 23.01 53.70
C ILE B 674 5.07 24.22 54.62
N HIS B 675 4.10 24.21 55.51
CA HIS B 675 3.92 25.28 56.47
C HIS B 675 5.12 25.47 57.36
N GLN B 676 5.70 24.37 57.86
CA GLN B 676 6.90 24.46 58.73
C GLN B 676 8.12 25.10 58.05
N HIS B 677 8.15 25.11 56.71
CA HIS B 677 9.24 25.71 55.94
C HIS B 677 8.86 27.03 55.24
N GLY B 678 7.77 27.66 55.73
CA GLY B 678 7.39 29.02 55.36
C GLY B 678 6.59 29.17 54.08
N GLY B 679 6.04 28.07 53.56
CA GLY B 679 5.23 28.10 52.33
C GLY B 679 3.73 28.04 52.65
N GLN B 680 2.93 28.39 51.64
CA GLN B 680 1.46 28.28 51.66
C GLN B 680 1.03 27.06 50.83
N VAL B 681 -0.18 26.56 51.13
CA VAL B 681 -0.74 25.39 50.45
C VAL B 681 -1.87 25.82 49.55
N TYR B 682 -1.65 25.67 48.25
CA TYR B 682 -2.68 25.76 47.22
C TYR B 682 -3.23 24.34 46.93
N LEU B 683 -4.55 24.19 47.05
CA LEU B 683 -5.24 22.94 46.77
C LEU B 683 -6.19 23.08 45.56
N ASP B 684 -5.85 22.39 44.47
CA ASP B 684 -6.62 22.39 43.24
C ASP B 684 -7.96 21.71 43.57
N GLY B 685 -9.05 22.48 43.45
CA GLY B 685 -10.38 22.00 43.83
C GLY B 685 -11.22 21.28 42.80
N ALA B 686 -10.64 20.96 41.66
CA ALA B 686 -11.37 20.26 40.59
C ALA B 686 -11.91 18.91 40.98
N ASN B 687 -11.37 18.29 42.02
CA ASN B 687 -11.89 17.01 42.47
C ASN B 687 -12.80 17.10 43.72
N MET B 688 -13.40 18.28 43.99
CA MET B 688 -14.29 18.42 45.16
C MET B 688 -15.55 17.56 45.12
N ASN B 689 -15.89 17.01 43.98
CA ASN B 689 -17.06 16.07 43.92
C ASN B 689 -16.84 14.77 44.71
N ALA B 690 -15.58 14.44 45.05
CA ALA B 690 -15.34 13.36 45.98
C ALA B 690 -15.23 13.81 47.46
N GLN B 691 -15.39 15.12 47.72
CA GLN B 691 -15.23 15.68 49.07
C GLN B 691 -16.50 16.24 49.68
N VAL B 692 -17.37 16.87 48.86
CA VAL B 692 -18.43 17.74 49.39
C VAL B 692 -19.27 16.99 50.42
N GLY B 693 -19.36 17.53 51.63
CA GLY B 693 -20.13 16.94 52.73
C GLY B 693 -19.53 15.77 53.49
N ILE B 694 -18.29 15.43 53.16
CA ILE B 694 -17.55 14.35 53.83
C ILE B 694 -16.29 14.91 54.50
N CYS B 695 -15.53 15.73 53.77
CA CYS B 695 -14.29 16.39 54.24
C CYS B 695 -14.16 17.76 53.58
N ARG B 696 -13.25 18.59 54.10
CA ARG B 696 -13.11 19.96 53.61
C ARG B 696 -11.64 20.31 53.52
N PRO B 697 -11.15 20.79 52.34
CA PRO B 697 -9.71 21.12 52.23
C PRO B 697 -9.19 22.12 53.29
N GLY B 698 -10.01 23.07 53.69
CA GLY B 698 -9.63 23.97 54.78
C GLY B 698 -9.38 23.33 56.13
N ASP B 699 -10.02 22.21 56.46
CA ASP B 699 -9.79 21.56 57.75
C ASP B 699 -8.46 20.79 57.85
N PHE B 700 -7.86 20.39 56.73
CA PHE B 700 -6.64 19.64 56.75
C PHE B 700 -5.35 20.40 56.39
N GLY B 701 -5.44 21.72 56.28
CA GLY B 701 -4.24 22.58 56.19
C GLY B 701 -4.04 23.33 54.89
N SER B 702 -5.06 23.31 54.02
CA SER B 702 -5.01 24.09 52.78
C SER B 702 -5.33 25.55 53.07
N ASP B 703 -4.62 26.46 52.40
CA ASP B 703 -4.81 27.93 52.58
C ASP B 703 -5.68 28.61 51.52
N VAL B 704 -5.74 28.01 50.32
CA VAL B 704 -6.49 28.56 49.22
C VAL B 704 -6.80 27.47 48.22
N SER B 705 -8.02 27.51 47.66
CA SER B 705 -8.42 26.64 46.55
C SER B 705 -9.29 27.38 45.53
N HIS B 706 -9.12 27.06 44.23
CA HIS B 706 -10.17 27.36 43.23
C HIS B 706 -11.16 26.20 43.29
N LEU B 707 -12.40 26.50 42.96
CA LEU B 707 -13.45 25.52 42.68
C LEU B 707 -13.82 25.67 41.20
N ASN B 708 -14.19 24.57 40.56
CA ASN B 708 -14.68 24.56 39.19
C ASN B 708 -16.22 24.46 39.31
N LEU B 709 -16.92 25.59 39.18
CA LEU B 709 -18.39 25.54 39.30
C LEU B 709 -19.00 24.79 38.10
N HIS B 710 -18.31 24.85 36.96
CA HIS B 710 -18.65 24.09 35.75
C HIS B 710 -18.29 22.57 35.82
N LYS B 711 -17.70 22.10 36.92
CA LYS B 711 -17.55 20.66 37.15
C LYS B 711 -18.38 20.22 38.33
N THR B 712 -17.96 20.56 39.53
CA THR B 712 -18.61 20.12 40.75
C THR B 712 -20.05 20.67 40.99
N PHE B 713 -20.35 21.89 40.51
CA PHE B 713 -21.55 22.66 40.91
C PHE B 713 -22.46 23.07 39.73
N CYS B 714 -22.43 22.22 38.69
CA CYS B 714 -23.46 22.12 37.65
C CYS B 714 -23.52 23.23 36.58
N ILE B 715 -22.60 24.19 36.53
CA ILE B 715 -22.58 25.11 35.38
C ILE B 715 -22.32 24.22 34.14
N PRO B 716 -23.05 24.45 33.03
CA PRO B 716 -22.91 23.56 31.88
C PRO B 716 -21.58 23.68 31.19
N HIS B 717 -21.12 22.58 30.62
CA HIS B 717 -19.73 22.52 30.09
C HIS B 717 -19.64 23.32 28.76
N GLY B 718 -20.77 23.47 28.06
CA GLY B 718 -20.85 24.51 27.00
C GLY B 718 -20.07 24.25 25.72
N GLY B 719 -19.57 23.02 25.54
CA GLY B 719 -18.72 22.69 24.39
C GLY B 719 -17.34 23.21 24.56
N GLY B 720 -16.98 23.61 25.79
CA GLY B 720 -15.64 24.24 26.08
C GLY B 720 -15.62 25.57 26.87
N GLY B 721 -16.64 25.84 27.68
CA GLY B 721 -16.87 27.15 28.28
C GLY B 721 -18.32 27.53 28.15
N PRO B 722 -18.90 28.28 29.08
CA PRO B 722 -18.18 29.07 30.09
C PRO B 722 -17.89 28.33 31.38
N GLY B 723 -16.90 28.82 32.11
CA GLY B 723 -16.63 28.37 33.48
C GLY B 723 -16.61 29.51 34.47
N MET B 724 -16.51 29.10 35.72
CA MET B 724 -16.29 29.98 36.84
C MET B 724 -15.40 29.24 37.86
N GLY B 725 -14.32 29.92 38.23
CA GLY B 725 -13.37 29.40 39.18
C GLY B 725 -13.11 30.24 40.39
N PRO B 726 -14.10 30.47 41.19
CA PRO B 726 -13.94 31.21 42.44
C PRO B 726 -12.88 30.59 43.38
N ILE B 727 -12.19 31.46 44.11
CA ILE B 727 -11.19 31.00 45.07
C ILE B 727 -11.65 31.25 46.50
N GLY B 728 -11.51 30.21 47.31
CA GLY B 728 -11.74 30.30 48.73
C GLY B 728 -10.38 30.47 49.40
N VAL B 729 -10.33 31.33 50.43
CA VAL B 729 -9.09 31.55 51.18
C VAL B 729 -9.29 31.58 52.69
N LYS B 730 -8.24 31.19 53.41
CA LYS B 730 -8.18 31.42 54.87
C LYS B 730 -7.99 32.91 55.11
N LYS B 731 -8.41 33.36 56.27
CA LYS B 731 -8.51 34.82 56.53
C LYS B 731 -7.19 35.60 56.40
N HIS B 732 -6.06 34.94 56.69
CA HIS B 732 -4.72 35.55 56.50
C HIS B 732 -4.48 35.96 55.02
N LEU B 733 -5.09 35.28 54.05
CA LEU B 733 -4.93 35.71 52.66
C LEU B 733 -5.95 36.76 52.22
N ALA B 734 -7.02 36.93 53.00
CA ALA B 734 -8.20 37.72 52.53
C ALA B 734 -7.87 39.19 52.19
N PRO B 735 -7.04 39.87 52.99
CA PRO B 735 -6.71 41.24 52.56
C PRO B 735 -6.01 41.36 51.18
N PHE B 736 -5.47 40.27 50.62
CA PHE B 736 -4.70 40.30 49.35
C PHE B 736 -5.52 39.86 48.10
N LEU B 737 -6.80 39.56 48.30
CA LEU B 737 -7.70 39.17 47.19
C LEU B 737 -7.83 40.26 46.12
N PRO B 738 -8.17 39.86 44.87
CA PRO B 738 -8.37 40.81 43.78
C PRO B 738 -9.31 41.96 44.07
N ASN B 739 -8.99 43.10 43.48
CA ASN B 739 -9.80 44.30 43.48
C ASN B 739 -10.22 44.58 42.04
N HIS B 740 -10.95 45.68 41.85
CA HIS B 740 -11.37 46.13 40.51
C HIS B 740 -11.34 47.67 40.51
N PRO B 741 -10.89 48.28 39.39
CA PRO B 741 -10.75 49.74 39.39
C PRO B 741 -12.04 50.51 39.20
N VAL B 742 -13.12 49.88 38.73
CA VAL B 742 -14.40 50.58 38.54
C VAL B 742 -15.38 50.33 39.70
N ILE B 743 -15.45 49.09 40.17
CA ILE B 743 -16.36 48.67 41.24
C ILE B 743 -15.53 48.10 42.39
N SER B 744 -15.49 48.78 43.53
CA SER B 744 -14.49 48.42 44.59
C SER B 744 -14.91 47.13 45.31
N LEU B 745 -13.96 46.19 45.45
CA LEU B 745 -14.17 44.93 46.16
C LEU B 745 -13.55 44.90 47.58
N LYS B 746 -13.04 46.03 48.08
CA LYS B 746 -12.42 46.12 49.42
C LYS B 746 -13.46 46.02 50.55
N ARG B 747 -13.20 45.15 51.53
CA ARG B 747 -14.02 44.97 52.75
C ARG B 747 -13.49 45.69 54.00
N ASN B 748 -12.22 46.16 53.96
CA ASN B 748 -11.49 46.85 55.05
C ASN B 748 -10.62 48.01 54.53
N GLU B 749 -10.14 48.81 55.49
CA GLU B 749 -8.98 49.69 55.29
C GLU B 749 -7.67 48.92 55.12
N ASP B 750 -7.51 47.80 55.83
CA ASP B 750 -6.45 46.78 55.65
C ASP B 750 -6.11 46.23 54.25
N ALA B 751 -7.03 46.38 53.29
CA ALA B 751 -6.89 45.74 51.97
C ALA B 751 -5.59 46.12 51.25
N CYS B 752 -4.98 45.11 50.64
CA CYS B 752 -3.72 45.23 49.93
C CYS B 752 -3.80 44.31 48.70
N PRO B 753 -4.67 44.69 47.75
CA PRO B 753 -5.03 43.72 46.71
C PRO B 753 -3.89 43.28 45.78
N VAL B 754 -3.93 42.03 45.40
CA VAL B 754 -2.99 41.49 44.41
C VAL B 754 -3.00 42.27 43.09
N GLY B 755 -4.19 42.80 42.72
CA GLY B 755 -4.39 43.43 41.41
C GLY B 755 -5.81 43.09 40.91
N THR B 756 -6.00 43.02 39.58
CA THR B 756 -7.28 42.65 38.97
C THR B 756 -6.99 41.57 37.96
N VAL B 757 -7.71 40.46 38.05
CA VAL B 757 -7.49 39.31 37.14
C VAL B 757 -8.54 39.14 36.07
N SER B 758 -9.76 39.69 36.27
CA SER B 758 -10.75 39.63 35.24
C SER B 758 -11.35 41.03 34.93
N ALA B 759 -11.90 41.16 33.72
CA ALA B 759 -12.43 42.44 33.26
C ALA B 759 -13.61 42.97 34.10
N ALA B 760 -14.42 42.06 34.63
CA ALA B 760 -15.58 42.45 35.44
C ALA B 760 -15.38 42.01 36.89
N PRO B 761 -15.94 42.75 37.87
CA PRO B 761 -15.59 42.53 39.28
C PRO B 761 -15.91 41.13 39.89
N TRP B 762 -17.06 40.54 39.50
CA TRP B 762 -17.42 39.20 39.90
C TRP B 762 -17.47 38.26 38.68
N GLY B 763 -16.68 38.58 37.65
CA GLY B 763 -16.62 37.67 36.50
C GLY B 763 -17.93 37.50 35.81
N SER B 764 -18.23 36.28 35.39
CA SER B 764 -19.44 36.00 34.66
C SER B 764 -20.62 35.85 35.64
N SER B 765 -21.11 36.97 36.15
CA SER B 765 -22.10 36.97 37.25
C SER B 765 -23.39 36.24 36.97
N SER B 766 -23.87 36.34 35.72
CA SER B 766 -25.17 35.78 35.37
C SER B 766 -25.27 34.25 35.41
N ILE B 767 -24.17 33.53 35.48
CA ILE B 767 -24.22 32.05 35.56
C ILE B 767 -24.07 31.51 36.99
N LEU B 768 -23.70 32.37 37.93
CA LEU B 768 -23.65 31.97 39.34
C LEU B 768 -24.98 31.45 39.94
N PRO B 769 -26.17 31.89 39.41
CA PRO B 769 -27.38 31.36 40.00
C PRO B 769 -27.51 29.84 39.87
N ILE B 770 -26.89 29.26 38.85
CA ILE B 770 -26.94 27.81 38.63
C ILE B 770 -26.39 27.06 39.87
N SER B 771 -25.22 27.47 40.32
CA SER B 771 -24.56 26.85 41.48
C SER B 771 -25.28 27.18 42.80
N TRP B 772 -25.79 28.44 42.92
CA TRP B 772 -26.61 28.79 44.06
C TRP B 772 -27.80 27.80 44.14
N ALA B 773 -28.40 27.53 42.99
CA ALA B 773 -29.65 26.74 42.92
C ALA B 773 -29.42 25.28 43.27
N TYR B 774 -28.34 24.68 42.73
CA TYR B 774 -27.97 23.33 43.07
C TYR B 774 -27.78 23.16 44.58
N ILE B 775 -27.02 24.09 45.15
CA ILE B 775 -26.70 24.04 46.57
C ILE B 775 -27.98 24.20 47.45
N LYS B 776 -28.82 25.17 47.13
CA LYS B 776 -30.03 25.43 47.92
C LYS B 776 -31.07 24.27 47.81
N MET B 777 -31.11 23.60 46.67
CA MET B 777 -32.09 22.48 46.50
C MET B 777 -31.57 21.17 47.17
N MET B 778 -30.25 20.96 47.08
CA MET B 778 -29.65 19.74 47.65
C MET B 778 -29.61 19.76 49.17
N GLY B 779 -29.28 20.93 49.71
CA GLY B 779 -29.09 21.06 51.15
C GLY B 779 -27.85 20.30 51.61
N GLY B 780 -27.64 20.27 52.92
CA GLY B 780 -26.53 19.50 53.48
C GLY B 780 -26.59 17.99 53.25
N LYS B 781 -27.76 17.39 53.45
CA LYS B 781 -27.94 15.94 53.22
C LYS B 781 -27.79 15.55 51.76
N GLY B 782 -28.43 16.28 50.87
CA GLY B 782 -28.38 15.95 49.45
C GLY B 782 -26.96 16.08 48.90
N LEU B 783 -26.27 17.15 49.27
CA LEU B 783 -24.89 17.36 48.82
C LEU B 783 -23.99 16.21 49.25
N LYS B 784 -24.12 15.76 50.49
CA LYS B 784 -23.40 14.59 50.96
C LYS B 784 -23.72 13.30 50.15
N GLN B 785 -25.03 13.05 49.96
CA GLN B 785 -25.47 11.90 49.17
C GLN B 785 -24.91 11.88 47.74
N ALA B 786 -24.75 13.07 47.15
CA ALA B 786 -24.22 13.19 45.79
C ALA B 786 -22.77 12.70 45.72
N THR B 787 -21.97 13.16 46.69
CA THR B 787 -20.55 12.76 46.82
C THR B 787 -20.45 11.24 47.07
N GLU B 788 -21.25 10.75 48.02
CA GLU B 788 -21.27 9.34 48.35
C GLU B 788 -21.54 8.49 47.10
N THR B 789 -22.51 8.93 46.30
CA THR B 789 -22.89 8.22 45.10
C THR B 789 -21.89 8.36 43.94
N ALA B 790 -21.21 9.51 43.84
CA ALA B 790 -20.14 9.65 42.86
C ALA B 790 -19.05 8.61 43.14
N ILE B 791 -18.74 8.38 44.42
CA ILE B 791 -17.73 7.41 44.83
C ILE B 791 -18.25 5.98 44.66
N LEU B 792 -19.51 5.74 45.01
CA LEU B 792 -20.08 4.38 44.86
C LEU B 792 -20.03 3.98 43.40
N ASN B 793 -20.49 4.88 42.54
CA ASN B 793 -20.57 4.61 41.07
C ASN B 793 -19.16 4.33 40.49
N ALA B 794 -18.17 5.13 40.88
CA ALA B 794 -16.82 4.89 40.42
C ALA B 794 -16.27 3.54 40.90
N ASN B 795 -16.44 3.20 42.18
CA ASN B 795 -15.94 1.91 42.70
C ASN B 795 -16.67 0.75 42.10
N TYR B 796 -17.97 0.91 41.83
CA TYR B 796 -18.78 -0.16 41.20
C TYR B 796 -18.24 -0.51 39.79
N MET B 797 -17.93 0.53 39.00
CA MET B 797 -17.38 0.33 37.64
C MET B 797 -16.00 -0.34 37.66
N ALA B 798 -15.12 0.18 38.52
CA ALA B 798 -13.79 -0.40 38.73
C ALA B 798 -13.89 -1.89 39.10
N LYS B 799 -14.75 -2.22 40.03
CA LYS B 799 -14.99 -3.59 40.43
C LYS B 799 -15.42 -4.49 39.24
N ARG B 800 -16.39 -4.03 38.47
CA ARG B 800 -16.82 -4.74 37.27
C ARG B 800 -15.72 -4.98 36.22
N LEU B 801 -14.83 -4.00 36.07
CA LEU B 801 -13.81 -4.03 35.03
C LEU B 801 -12.45 -4.66 35.42
N GLU B 802 -12.23 -4.90 36.71
CA GLU B 802 -10.89 -5.22 37.22
C GLU B 802 -10.31 -6.53 36.74
N THR B 803 -11.15 -7.52 36.42
CA THR B 803 -10.66 -8.77 35.84
C THR B 803 -10.46 -8.70 34.32
N HIS B 804 -10.90 -7.60 33.69
CA HIS B 804 -10.67 -7.37 32.25
C HIS B 804 -9.57 -6.35 31.93
N TYR B 805 -9.38 -5.38 32.81
CA TYR B 805 -8.40 -4.30 32.67
C TYR B 805 -7.72 -4.11 34.01
N ARG B 806 -6.44 -3.76 33.97
CA ARG B 806 -5.78 -3.34 35.18
C ARG B 806 -6.27 -1.96 35.62
N ILE B 807 -6.81 -1.91 36.83
CA ILE B 807 -7.06 -0.66 37.51
C ILE B 807 -5.72 -0.22 38.05
N LEU B 808 -5.17 0.85 37.49
CA LEU B 808 -3.77 1.22 37.71
C LEU B 808 -3.44 1.68 39.11
N PHE B 809 -4.29 2.51 39.71
CA PHE B 809 -3.98 3.03 41.07
C PHE B 809 -5.20 2.93 41.99
N ARG B 810 -4.96 2.57 43.24
CA ARG B 810 -6.01 2.44 44.27
C ARG B 810 -5.54 2.96 45.62
N GLY B 811 -6.47 3.24 46.53
CA GLY B 811 -6.13 3.69 47.89
C GLY B 811 -5.66 2.52 48.76
N ALA B 812 -5.24 2.88 49.97
CA ALA B 812 -4.69 1.94 50.93
C ALA B 812 -5.50 0.70 51.14
N ARG B 813 -6.80 0.84 51.27
CA ARG B 813 -7.64 -0.30 51.47
C ARG B 813 -8.25 -0.84 50.17
N GLY B 814 -7.68 -0.46 49.05
CA GLY B 814 -8.13 -0.94 47.76
C GLY B 814 -9.26 -0.26 46.97
N TYR B 815 -9.76 0.85 47.48
CA TYR B 815 -10.83 1.64 46.89
C TYR B 815 -10.32 2.89 46.16
N VAL B 816 -11.08 3.31 45.15
CA VAL B 816 -10.86 4.61 44.50
C VAL B 816 -11.83 5.67 45.05
N GLY B 817 -11.61 6.91 44.62
CA GLY B 817 -12.50 8.03 44.87
C GLY B 817 -13.65 8.12 43.87
N HIS B 818 -13.75 9.25 43.16
CA HIS B 818 -14.81 9.52 42.16
C HIS B 818 -14.45 9.11 40.71
N GLU B 819 -13.23 8.64 40.48
CA GLU B 819 -12.76 8.29 39.15
C GLU B 819 -11.60 7.22 39.29
N PHE B 820 -11.21 6.61 38.17
CA PHE B 820 -10.13 5.59 38.18
C PHE B 820 -9.50 5.46 36.81
N ILE B 821 -8.29 4.88 36.76
CA ILE B 821 -7.55 4.72 35.52
C ILE B 821 -7.58 3.26 35.09
N LEU B 822 -7.88 3.07 33.81
CA LEU B 822 -7.76 1.78 33.15
C LEU B 822 -6.42 1.76 32.39
N ASP B 823 -5.55 0.82 32.74
CA ASP B 823 -4.27 0.73 32.08
C ASP B 823 -4.35 -0.10 30.81
N THR B 824 -4.47 0.60 29.69
CA THR B 824 -4.53 -0.02 28.37
C THR B 824 -3.15 -0.27 27.72
N ARG B 825 -2.08 0.15 28.40
CA ARG B 825 -0.72 0.07 27.79
C ARG B 825 -0.24 -1.32 27.41
N PRO B 826 -0.56 -2.35 28.21
CA PRO B 826 -0.09 -3.70 27.81
C PRO B 826 -0.60 -4.17 26.44
N PHE B 827 -1.69 -3.60 25.95
CA PHE B 827 -2.26 -3.99 24.65
C PHE B 827 -1.43 -3.52 23.46
N LYS B 828 -0.50 -2.61 23.70
CA LYS B 828 0.40 -2.17 22.65
C LYS B 828 1.31 -3.34 22.24
N LYS B 829 1.95 -3.98 23.22
CA LYS B 829 2.77 -5.18 22.95
C LYS B 829 1.93 -6.38 22.50
N SER B 830 0.82 -6.64 23.19
CA SER B 830 0.09 -7.87 22.92
C SER B 830 -0.69 -7.82 21.59
N ALA B 831 -1.16 -6.63 21.16
CA ALA B 831 -2.09 -6.55 20.00
C ALA B 831 -1.89 -5.37 19.03
N ASN B 832 -0.82 -4.58 19.23
CA ASN B 832 -0.63 -3.31 18.54
C ASN B 832 -1.84 -2.35 18.64
N ILE B 833 -2.53 -2.42 19.77
CA ILE B 833 -3.66 -1.54 20.07
C ILE B 833 -3.20 -0.38 20.96
N GLU B 834 -3.63 0.81 20.59
CA GLU B 834 -3.31 2.04 21.29
C GLU B 834 -4.55 2.50 22.04
N ALA B 835 -4.37 3.29 23.10
CA ALA B 835 -5.52 3.90 23.79
C ALA B 835 -6.50 4.64 22.82
N VAL B 836 -5.98 5.41 21.86
CA VAL B 836 -6.80 6.04 20.80
C VAL B 836 -7.75 5.02 20.07
N ASP B 837 -7.28 3.81 19.80
CA ASP B 837 -8.15 2.76 19.20
C ASP B 837 -9.38 2.44 20.06
N VAL B 838 -9.16 2.33 21.37
CA VAL B 838 -10.22 2.07 22.33
C VAL B 838 -11.19 3.30 22.37
N ALA B 839 -10.64 4.52 22.31
CA ALA B 839 -11.46 5.75 22.36
C ALA B 839 -12.41 5.87 21.17
N LYS B 840 -11.85 5.60 19.98
CA LYS B 840 -12.58 5.70 18.73
C LYS B 840 -13.60 4.56 18.61
N ARG B 841 -13.21 3.37 19.09
CA ARG B 841 -14.13 2.23 19.05
C ARG B 841 -15.34 2.42 19.96
N LEU B 842 -15.14 3.04 21.13
CA LEU B 842 -16.26 3.39 22.03
C LEU B 842 -17.36 4.21 21.34
N GLN B 843 -16.99 5.08 20.38
CA GLN B 843 -17.97 5.85 19.62
C GLN B 843 -19.01 4.93 18.93
N ASP B 844 -18.54 3.77 18.42
CA ASP B 844 -19.39 2.78 17.79
C ASP B 844 -20.38 2.13 18.75
N TYR B 845 -20.01 2.07 20.03
CA TYR B 845 -20.85 1.57 21.09
C TYR B 845 -21.77 2.66 21.70
N GLY B 846 -21.71 3.88 21.15
CA GLY B 846 -22.57 5.00 21.55
C GLY B 846 -22.07 5.85 22.69
N PHE B 847 -20.73 5.84 22.92
CA PHE B 847 -20.11 6.56 24.02
C PHE B 847 -18.99 7.48 23.55
N HIS B 848 -18.99 8.72 24.07
CA HIS B 848 -17.86 9.62 24.04
C HIS B 848 -16.80 8.94 24.95
N ALA B 849 -15.58 8.88 24.50
CA ALA B 849 -14.51 8.29 25.33
C ALA B 849 -14.29 9.04 26.68
N PRO B 850 -13.73 8.32 27.67
CA PRO B 850 -13.26 9.00 28.88
C PRO B 850 -12.00 9.81 28.59
N THR B 851 -11.41 10.38 29.64
CA THR B 851 -10.23 11.24 29.49
C THR B 851 -9.02 10.39 29.09
N MET B 852 -8.27 10.89 28.11
CA MET B 852 -7.24 10.09 27.40
C MET B 852 -5.85 10.55 27.73
N SER B 853 -4.99 9.64 28.18
CA SER B 853 -3.53 9.87 28.27
C SER B 853 -3.10 10.93 29.26
N TRP B 854 -3.94 11.18 30.25
CA TRP B 854 -3.60 12.10 31.33
C TRP B 854 -4.43 11.61 32.55
N PRO B 855 -3.84 11.37 33.72
CA PRO B 855 -2.45 11.75 34.06
C PRO B 855 -1.38 10.82 33.57
N VAL B 856 -1.74 9.66 33.05
CA VAL B 856 -0.77 8.68 32.56
C VAL B 856 -1.00 8.43 31.07
N ALA B 857 0.03 8.72 30.24
CA ALA B 857 -0.01 8.46 28.79
C ALA B 857 -0.38 7.00 28.47
N GLY B 858 -1.25 6.81 27.47
CA GLY B 858 -1.58 5.48 26.99
C GLY B 858 -2.68 4.79 27.79
N THR B 859 -3.34 5.51 28.69
CA THR B 859 -4.41 4.97 29.57
C THR B 859 -5.69 5.84 29.49
N LEU B 860 -6.76 5.37 30.13
CA LEU B 860 -8.08 6.03 30.14
C LEU B 860 -8.52 6.33 31.55
N MET B 861 -9.03 7.54 31.80
CA MET B 861 -9.54 7.84 33.13
C MET B 861 -11.04 8.15 33.13
N VAL B 862 -11.77 7.38 33.95
CA VAL B 862 -13.18 7.26 33.91
C VAL B 862 -13.81 7.88 35.13
N GLU B 863 -14.69 8.87 34.94
CA GLU B 863 -15.48 9.52 36.02
C GLU B 863 -16.98 9.51 35.64
N PRO B 864 -17.76 8.63 36.27
CA PRO B 864 -19.18 8.59 35.91
C PRO B 864 -20.08 9.71 36.45
N THR B 865 -19.75 10.23 37.65
CA THR B 865 -20.56 11.13 38.48
C THR B 865 -21.76 10.37 39.10
N GLU B 866 -22.39 11.03 40.05
CA GLU B 866 -23.57 10.54 40.72
C GLU B 866 -24.86 10.62 39.89
N SER B 867 -24.85 11.36 38.77
CA SER B 867 -26.08 11.63 38.00
C SER B 867 -26.49 10.48 37.08
N GLU B 868 -25.62 9.50 36.91
CA GLU B 868 -25.87 8.36 36.01
C GLU B 868 -26.29 7.15 36.83
N ASP B 869 -27.24 6.40 36.34
CA ASP B 869 -27.75 5.25 37.06
C ASP B 869 -27.05 3.95 36.73
N LYS B 870 -27.41 2.90 37.49
CA LYS B 870 -26.73 1.59 37.37
C LYS B 870 -26.79 1.02 35.94
N ALA B 871 -27.96 1.15 35.28
CA ALA B 871 -28.11 0.61 33.93
C ALA B 871 -27.16 1.28 32.92
N GLU B 872 -26.96 2.59 33.07
CA GLU B 872 -26.04 3.34 32.22
C GLU B 872 -24.59 2.90 32.50
N LEU B 873 -24.23 2.76 33.78
CA LEU B 873 -22.89 2.29 34.15
C LEU B 873 -22.62 0.91 33.58
N ASP B 874 -23.61 0.02 33.66
CA ASP B 874 -23.54 -1.32 33.08
C ASP B 874 -23.35 -1.35 31.55
N ARG B 875 -24.06 -0.49 30.84
CA ARG B 875 -23.86 -0.38 29.39
C ARG B 875 -22.38 0.02 29.10
N PHE B 876 -21.85 1.01 29.81
CA PHE B 876 -20.45 1.40 29.60
C PHE B 876 -19.49 0.25 29.92
N CYS B 877 -19.70 -0.42 31.05
CA CYS B 877 -18.82 -1.58 31.44
C CYS B 877 -18.90 -2.73 30.44
N ASP B 878 -20.12 -3.02 29.98
CA ASP B 878 -20.33 -4.06 28.96
C ASP B 878 -19.66 -3.69 27.62
N ALA B 879 -19.69 -2.40 27.25
CA ALA B 879 -18.98 -1.95 26.06
C ALA B 879 -17.48 -2.25 26.22
N MET B 880 -16.93 -1.92 27.38
CA MET B 880 -15.51 -2.14 27.62
C MET B 880 -15.12 -3.63 27.67
N ILE B 881 -15.99 -4.45 28.25
CA ILE B 881 -15.79 -5.89 28.27
C ILE B 881 -15.77 -6.48 26.85
N SER B 882 -16.77 -6.07 26.04
CA SER B 882 -16.83 -6.49 24.64
C SER B 882 -15.59 -6.00 23.82
N ILE B 883 -15.10 -4.79 24.12
CA ILE B 883 -13.85 -4.30 23.50
C ILE B 883 -12.69 -5.17 23.96
N ARG B 884 -12.64 -5.54 25.24
CA ARG B 884 -11.56 -6.43 25.74
C ARG B 884 -11.55 -7.77 24.99
N GLN B 885 -12.72 -8.32 24.73
CA GLN B 885 -12.82 -9.50 23.93
C GLN B 885 -12.32 -9.26 22.44
N GLU B 886 -12.61 -8.09 21.85
CA GLU B 886 -12.10 -7.71 20.49
C GLU B 886 -10.56 -7.67 20.44
N ILE B 887 -9.98 -7.21 21.52
CA ILE B 887 -8.53 -7.16 21.69
C ILE B 887 -8.00 -8.58 21.82
N ALA B 888 -8.68 -9.40 22.61
CA ALA B 888 -8.29 -10.82 22.73
C ALA B 888 -8.31 -11.55 21.37
N ASP B 889 -9.27 -11.19 20.50
CA ASP B 889 -9.32 -11.74 19.14
C ASP B 889 -8.06 -11.39 18.34
N ILE B 890 -7.54 -10.18 18.54
CA ILE B 890 -6.29 -9.79 17.90
C ILE B 890 -5.12 -10.51 18.57
N GLU B 891 -5.06 -10.50 19.92
CA GLU B 891 -3.98 -11.16 20.70
C GLU B 891 -3.80 -12.62 20.28
N GLU B 892 -4.92 -13.31 20.09
CA GLU B 892 -4.95 -14.70 19.75
C GLU B 892 -5.02 -15.07 18.28
N GLY B 893 -4.81 -14.12 17.40
CA GLY B 893 -4.81 -14.40 15.95
C GLY B 893 -6.12 -14.84 15.29
N ARG B 894 -7.26 -14.52 15.88
CA ARG B 894 -8.57 -14.81 15.28
C ARG B 894 -9.07 -13.75 14.30
N ILE B 895 -8.46 -12.57 14.25
CA ILE B 895 -8.79 -11.56 13.23
C ILE B 895 -7.53 -10.84 12.77
N ASP B 896 -7.52 -10.40 11.52
CA ASP B 896 -6.43 -9.53 10.97
C ASP B 896 -6.01 -8.42 11.97
N PRO B 897 -4.70 -8.31 12.26
CA PRO B 897 -4.26 -7.29 13.23
C PRO B 897 -4.19 -5.85 12.69
N ARG B 898 -4.28 -5.69 11.36
CA ARG B 898 -4.29 -4.34 10.71
C ARG B 898 -5.70 -3.85 10.40
N VAL B 899 -6.56 -4.77 9.94
CA VAL B 899 -7.94 -4.47 9.54
C VAL B 899 -8.92 -5.22 10.45
N ASN B 900 -9.36 -4.56 11.49
CA ASN B 900 -10.33 -5.07 12.45
C ASN B 900 -11.12 -3.86 13.02
N PRO B 901 -12.20 -4.12 13.79
CA PRO B 901 -13.06 -3.01 14.19
C PRO B 901 -12.34 -1.89 14.98
N LEU B 902 -11.44 -2.28 15.87
CA LEU B 902 -10.64 -1.35 16.66
C LEU B 902 -9.79 -0.38 15.82
N LYS B 903 -9.08 -0.95 14.86
CA LYS B 903 -8.20 -0.18 14.00
C LYS B 903 -8.99 0.70 13.02
N MET B 904 -10.15 0.23 12.54
CA MET B 904 -10.95 0.95 11.55
C MET B 904 -11.94 1.92 12.17
N SER B 905 -12.06 1.94 13.50
CA SER B 905 -13.00 2.82 14.20
C SER B 905 -12.60 4.31 14.06
N PRO B 906 -13.55 5.24 14.15
CA PRO B 906 -14.98 4.95 14.19
C PRO B 906 -15.55 4.59 12.84
N HIS B 907 -16.74 3.99 12.86
CA HIS B 907 -17.46 3.59 11.64
C HIS B 907 -18.59 4.62 11.34
N SER B 908 -18.35 5.42 10.31
CA SER B 908 -19.29 6.43 9.85
C SER B 908 -20.49 5.79 9.15
N LEU B 909 -21.53 6.58 8.96
CA LEU B 909 -22.72 6.18 8.22
C LEU B 909 -22.32 5.92 6.78
N THR B 910 -21.47 6.79 6.25
CA THR B 910 -21.04 6.60 4.86
C THR B 910 -20.28 5.27 4.72
N CYS B 911 -19.47 4.92 5.71
CA CYS B 911 -18.71 3.65 5.72
C CYS B 911 -19.63 2.41 5.77
N VAL B 912 -20.59 2.42 6.68
CA VAL B 912 -21.44 1.25 6.92
C VAL B 912 -22.58 1.09 5.90
N THR B 913 -22.96 2.18 5.22
CA THR B 913 -24.00 2.13 4.18
C THR B 913 -23.49 1.92 2.75
N SER B 914 -22.19 1.77 2.52
CA SER B 914 -21.70 1.85 1.14
C SER B 914 -21.84 0.55 0.37
N SER B 915 -21.87 0.66 -0.95
CA SER B 915 -21.86 -0.53 -1.79
C SER B 915 -20.61 -1.41 -1.58
N HIS B 916 -19.50 -0.78 -1.24
CA HIS B 916 -18.27 -1.50 -1.04
C HIS B 916 -18.00 -1.77 0.39
N TRP B 917 -17.71 -3.01 0.73
CA TRP B 917 -17.38 -3.34 2.09
C TRP B 917 -15.97 -3.95 2.14
N ASP B 918 -15.87 -5.26 2.13
CA ASP B 918 -14.56 -5.96 2.18
C ASP B 918 -13.63 -5.82 3.37
N ARG B 919 -14.22 -5.97 4.54
CA ARG B 919 -13.59 -6.10 5.81
C ARG B 919 -13.89 -7.50 6.33
N PRO B 920 -12.97 -8.05 7.13
CA PRO B 920 -13.14 -9.40 7.65
C PRO B 920 -14.08 -9.47 8.86
N TYR B 921 -14.88 -8.44 9.07
CA TYR B 921 -15.93 -8.45 10.09
C TYR B 921 -17.18 -7.81 9.45
N SER B 922 -18.33 -8.02 10.08
CA SER B 922 -19.60 -7.56 9.51
C SER B 922 -19.90 -6.09 9.80
N ARG B 923 -20.83 -5.56 9.00
CA ARG B 923 -21.40 -4.22 9.24
C ARG B 923 -22.09 -4.16 10.62
N GLU B 924 -22.68 -5.29 11.00
CA GLU B 924 -23.40 -5.39 12.28
C GLU B 924 -22.42 -5.23 13.46
N VAL B 925 -21.31 -5.97 13.40
CA VAL B 925 -20.27 -5.84 14.38
C VAL B 925 -19.69 -4.41 14.37
N ALA B 926 -19.57 -3.83 13.17
CA ALA B 926 -19.08 -2.45 13.00
C ALA B 926 -19.91 -1.45 13.74
N ALA B 927 -21.21 -1.47 13.46
CA ALA B 927 -22.13 -0.36 13.87
C ALA B 927 -23.09 -0.64 15.05
N PHE B 928 -23.41 -1.91 15.29
CA PHE B 928 -24.33 -2.30 16.38
C PHE B 928 -23.68 -3.44 17.15
N PRO B 929 -22.55 -3.17 17.83
CA PRO B 929 -21.80 -4.30 18.40
C PRO B 929 -22.46 -5.04 19.58
N LEU B 930 -23.37 -4.40 20.30
CA LEU B 930 -24.10 -5.06 21.40
C LEU B 930 -25.58 -4.73 21.24
N PRO B 931 -26.48 -5.55 21.81
CA PRO B 931 -27.92 -5.32 21.63
C PRO B 931 -28.47 -4.01 22.12
N PHE B 932 -27.83 -3.34 23.10
CA PHE B 932 -28.31 -2.00 23.49
C PHE B 932 -28.05 -0.91 22.46
N VAL B 933 -27.19 -1.16 21.48
CA VAL B 933 -26.95 -0.22 20.39
C VAL B 933 -27.95 -0.55 19.29
N LYS B 934 -29.01 0.26 19.19
CA LYS B 934 -30.12 -0.02 18.27
C LYS B 934 -30.34 1.09 17.26
N PRO B 935 -30.88 0.78 16.08
CA PRO B 935 -31.30 1.87 15.15
C PRO B 935 -32.11 3.03 15.75
N GLU B 936 -33.00 2.76 16.70
CA GLU B 936 -33.76 3.87 17.36
C GLU B 936 -32.95 4.84 18.25
N ASN B 937 -31.78 4.41 18.71
CA ASN B 937 -30.92 5.26 19.54
C ASN B 937 -29.50 5.45 18.98
N LYS B 938 -29.28 4.99 17.73
CA LYS B 938 -27.93 4.97 17.12
C LYS B 938 -27.49 6.41 16.83
N PHE B 939 -26.41 6.80 17.49
CA PHE B 939 -25.72 8.02 17.22
C PHE B 939 -24.53 7.73 16.31
N TRP B 940 -24.45 8.43 15.17
CA TRP B 940 -23.44 8.23 14.18
C TRP B 940 -22.27 9.19 14.38
N PRO B 941 -21.06 8.65 14.50
CA PRO B 941 -19.89 9.45 14.17
C PRO B 941 -20.04 10.00 12.77
N THR B 942 -19.76 11.26 12.55
CA THR B 942 -20.11 11.88 11.25
C THR B 942 -18.96 11.70 10.25
N ILE B 943 -17.80 11.25 10.70
CA ILE B 943 -16.62 11.19 9.84
C ILE B 943 -15.79 9.99 10.25
N ALA B 944 -14.88 9.58 9.38
CA ALA B 944 -13.91 8.51 9.74
C ALA B 944 -12.80 9.09 10.64
N ARG B 945 -11.91 8.24 11.13
CA ARG B 945 -10.88 8.71 12.04
C ARG B 945 -10.12 9.88 11.46
N ILE B 946 -9.85 10.81 12.31
CA ILE B 946 -9.16 11.99 11.92
C ILE B 946 -7.63 11.89 11.92
N ASP B 947 -7.05 12.44 10.88
CA ASP B 947 -5.62 12.52 10.67
C ASP B 947 -5.06 13.74 11.40
N ASP B 948 -4.42 13.50 12.54
CA ASP B 948 -3.88 14.57 13.41
C ASP B 948 -2.66 15.30 12.80
N ILE B 949 -1.86 14.59 12.02
CA ILE B 949 -0.65 15.16 11.44
C ILE B 949 -0.95 16.09 10.27
N TYR B 950 -1.84 15.66 9.37
CA TYR B 950 -2.10 16.39 8.12
C TYR B 950 -2.48 17.84 8.33
N GLY B 951 -3.37 18.09 9.30
CA GLY B 951 -3.90 19.46 9.51
C GLY B 951 -2.86 20.45 9.95
N ASP B 952 -1.94 20.03 10.82
CA ASP B 952 -0.87 20.92 11.25
C ASP B 952 0.16 21.18 10.15
N GLN B 953 0.25 20.30 9.19
CA GLN B 953 1.17 20.51 8.09
C GLN B 953 0.57 21.33 6.98
N HIS B 954 -0.74 21.52 7.02
CA HIS B 954 -1.43 22.30 6.02
C HIS B 954 -2.43 23.21 6.74
N LEU B 955 -1.92 24.12 7.54
CA LEU B 955 -2.71 25.04 8.35
C LEU B 955 -3.71 25.91 7.62
N VAL B 956 -4.97 25.68 7.95
CA VAL B 956 -6.11 26.37 7.40
C VAL B 956 -7.05 26.56 8.56
N CYS B 957 -7.20 27.80 9.01
CA CYS B 957 -7.98 28.08 10.17
C CYS B 957 -9.20 28.98 10.02
N THR B 958 -9.67 29.09 8.78
CA THR B 958 -10.89 29.78 8.39
C THR B 958 -11.72 28.83 7.48
N CYS B 959 -12.98 29.17 7.23
CA CYS B 959 -13.86 28.34 6.42
C CYS B 959 -13.28 28.18 4.98
N PRO B 960 -13.03 26.93 4.55
CA PRO B 960 -12.59 26.76 3.16
C PRO B 960 -13.75 26.99 2.16
N PRO B 961 -13.43 27.33 0.88
CA PRO B 961 -14.47 27.78 -0.08
C PRO B 961 -15.58 26.75 -0.32
N ALA C 6 32.93 8.99 2.21
CA ALA C 6 33.64 9.79 1.17
C ALA C 6 33.29 9.50 -0.32
N SER C 7 32.68 8.35 -0.64
CA SER C 7 32.31 8.01 -2.04
C SER C 7 31.40 9.06 -2.71
N ARG C 8 31.39 9.09 -4.03
CA ARG C 8 30.49 9.94 -4.79
C ARG C 8 29.08 9.39 -4.66
N LEU C 9 28.09 10.27 -4.71
CA LEU C 9 26.71 9.82 -4.67
C LEU C 9 26.40 8.85 -5.81
N LEU C 10 26.86 9.13 -7.00
CA LEU C 10 26.72 8.27 -8.13
C LEU C 10 27.23 6.84 -7.86
N GLU C 11 28.33 6.68 -7.13
CA GLU C 11 28.82 5.34 -6.78
C GLU C 11 27.88 4.61 -5.81
N ARG C 12 27.13 5.32 -4.99
CA ARG C 12 26.17 4.66 -4.09
C ARG C 12 24.94 4.19 -4.87
N LEU C 13 24.39 5.06 -5.71
CA LEU C 13 23.27 4.70 -6.57
C LEU C 13 23.68 3.70 -7.64
N LEU C 14 24.91 3.82 -8.14
CA LEU C 14 25.39 3.08 -9.27
C LEU C 14 26.75 2.43 -8.97
N PRO C 15 26.77 1.36 -8.14
CA PRO C 15 28.07 0.75 -7.79
C PRO C 15 28.71 0.03 -8.96
N ARG C 16 29.90 -0.52 -8.78
CA ARG C 16 30.59 -1.33 -9.79
C ARG C 16 29.68 -2.52 -10.15
N HIS C 17 29.61 -2.83 -11.44
CA HIS C 17 28.79 -3.98 -11.92
C HIS C 17 29.19 -5.27 -11.17
N ASP C 18 30.49 -5.52 -11.07
CA ASP C 18 30.99 -6.75 -10.44
C ASP C 18 32.41 -6.50 -9.85
N ASP C 19 32.81 -7.39 -8.95
CA ASP C 19 34.19 -7.42 -8.40
C ASP C 19 34.76 -8.81 -8.64
N PHE C 20 35.69 -8.91 -9.57
CA PHE C 20 36.30 -10.19 -9.96
C PHE C 20 36.86 -10.96 -8.74
N ALA C 21 37.32 -10.22 -7.72
CA ALA C 21 37.85 -10.84 -6.53
C ALA C 21 36.86 -11.76 -5.82
N ARG C 22 35.58 -11.44 -5.93
CA ARG C 22 34.49 -12.24 -5.31
C ARG C 22 34.29 -13.57 -6.04
N ARG C 23 34.74 -13.64 -7.29
CA ARG C 23 34.73 -14.90 -8.08
C ARG C 23 36.00 -15.75 -7.97
N HIS C 24 37.12 -15.05 -7.91
CA HIS C 24 38.42 -15.67 -7.80
C HIS C 24 38.68 -16.25 -6.43
N ILE C 25 38.32 -15.51 -5.40
CA ILE C 25 38.55 -15.88 -4.01
C ILE C 25 37.41 -16.72 -3.52
N GLY C 26 37.72 -17.93 -3.10
CA GLY C 26 36.69 -18.90 -2.76
C GLY C 26 35.88 -18.55 -1.53
N PRO C 27 36.51 -18.37 -0.35
CA PRO C 27 35.75 -18.06 0.86
C PRO C 27 35.06 -16.64 0.88
N GLY C 28 33.76 -16.59 1.18
CA GLY C 28 33.06 -15.32 1.39
C GLY C 28 33.09 -14.88 2.86
N ASP C 29 32.24 -13.92 3.21
CA ASP C 29 32.27 -13.32 4.53
C ASP C 29 32.04 -14.32 5.64
N LYS C 30 31.06 -15.18 5.43
CA LYS C 30 30.68 -16.20 6.41
C LYS C 30 31.82 -17.19 6.64
N ASP C 31 32.32 -17.76 5.56
CA ASP C 31 33.49 -18.65 5.63
C ASP C 31 34.65 -18.01 6.40
N GLN C 32 34.97 -16.75 6.08
CA GLN C 32 36.11 -16.09 6.70
C GLN C 32 35.91 -15.88 8.21
N ARG C 33 34.75 -15.38 8.64
CA ARG C 33 34.44 -15.27 10.08
C ARG C 33 34.58 -16.60 10.83
N GLU C 34 34.08 -17.68 10.23
CA GLU C 34 34.14 -18.97 10.89
C GLU C 34 35.56 -19.50 11.01
N MET C 35 36.36 -19.29 9.97
CA MET C 35 37.76 -19.73 9.95
C MET C 35 38.56 -18.95 11.00
N LEU C 36 38.30 -17.67 11.12
CA LEU C 36 38.95 -16.80 12.08
C LEU C 36 38.53 -17.22 13.49
N GLN C 37 37.29 -17.62 13.62
CA GLN C 37 36.73 -18.10 14.85
C GLN C 37 37.55 -19.30 15.31
N THR C 38 37.77 -20.24 14.41
CA THR C 38 38.52 -21.46 14.67
C THR C 38 39.95 -21.14 15.13
N LEU C 39 40.53 -20.17 14.49
CA LEU C 39 41.84 -19.68 14.88
C LEU C 39 41.86 -18.84 16.17
N GLY C 40 40.70 -18.53 16.75
CA GLY C 40 40.65 -17.68 17.92
C GLY C 40 41.10 -16.24 17.67
N LEU C 41 40.89 -15.73 16.43
CA LEU C 41 41.29 -14.40 16.05
C LEU C 41 40.10 -13.51 15.70
N ALA C 42 40.25 -12.21 15.90
CA ALA C 42 39.18 -11.23 15.69
C ALA C 42 39.04 -10.76 14.23
N SER C 43 40.12 -10.78 13.47
CA SER C 43 40.10 -10.24 12.13
C SER C 43 41.29 -10.75 11.33
N ILE C 44 41.24 -10.48 10.02
CA ILE C 44 42.30 -10.75 9.07
C ILE C 44 43.55 -9.94 9.40
N ASP C 45 43.40 -8.68 9.79
CA ASP C 45 44.54 -7.87 10.19
C ASP C 45 45.32 -8.48 11.37
N GLU C 46 44.62 -9.10 12.33
CA GLU C 46 45.25 -9.73 13.46
C GLU C 46 46.10 -10.94 13.01
N LEU C 47 45.57 -11.75 12.08
CA LEU C 47 46.30 -12.85 11.48
C LEU C 47 47.59 -12.38 10.76
N ILE C 48 47.45 -11.35 9.92
CA ILE C 48 48.58 -10.80 9.19
C ILE C 48 49.62 -10.20 10.16
N GLU C 49 49.14 -9.40 11.11
CA GLU C 49 49.98 -8.84 12.18
C GLU C 49 50.79 -9.90 12.90
N LYS C 50 50.20 -11.09 13.12
CA LYS C 50 50.91 -12.16 13.80
C LYS C 50 51.81 -13.02 12.92
N THR C 51 51.69 -12.88 11.61
CA THR C 51 52.34 -13.75 10.60
C THR C 51 53.50 -13.06 9.86
N VAL C 52 53.21 -11.93 9.24
CA VAL C 52 54.20 -11.24 8.41
C VAL C 52 54.92 -10.23 9.28
N PRO C 53 56.26 -10.33 9.38
CA PRO C 53 56.96 -9.43 10.27
C PRO C 53 56.72 -7.94 9.97
N ALA C 54 56.51 -7.16 11.02
CA ALA C 54 56.01 -5.78 10.85
C ALA C 54 56.99 -4.89 10.06
N ASN C 55 58.28 -5.10 10.27
CA ASN C 55 59.28 -4.18 9.73
C ASN C 55 59.55 -4.31 8.23
N ILE C 56 59.06 -5.37 7.59
CA ILE C 56 59.20 -5.50 6.11
C ILE C 56 57.89 -5.22 5.33
N ARG C 57 56.78 -4.99 6.03
CA ARG C 57 55.51 -4.74 5.39
C ARG C 57 55.46 -3.41 4.69
N LEU C 58 54.68 -3.34 3.62
CA LEU C 58 54.46 -2.09 2.89
C LEU C 58 54.14 -0.90 3.79
N LYS C 59 54.80 0.22 3.56
CA LYS C 59 54.53 1.46 4.30
C LYS C 59 53.24 2.17 3.80
N ARG C 60 52.91 2.03 2.51
CA ARG C 60 51.71 2.60 1.92
C ARG C 60 51.12 1.46 1.07
N PRO C 61 49.79 1.49 0.81
CA PRO C 61 49.24 0.37 -0.06
C PRO C 61 49.79 0.41 -1.49
N LEU C 62 49.70 -0.68 -2.21
CA LEU C 62 50.02 -0.72 -3.66
C LEU C 62 49.31 0.41 -4.41
N LYS C 63 50.05 1.11 -5.29
CA LYS C 63 49.51 2.08 -6.17
C LYS C 63 49.21 1.47 -7.54
N MET C 64 47.95 1.10 -7.75
CA MET C 64 47.53 0.49 -9.00
C MET C 64 46.36 1.28 -9.59
N GLU C 65 46.07 1.02 -10.84
CA GLU C 65 44.87 1.45 -11.49
C GLU C 65 43.63 0.94 -10.82
N ASP C 66 42.54 1.69 -10.96
CA ASP C 66 41.24 1.22 -10.47
C ASP C 66 40.91 -0.15 -11.05
N PRO C 67 40.26 -0.99 -10.25
CA PRO C 67 40.02 -2.33 -10.80
C PRO C 67 39.04 -2.27 -12.01
N VAL C 68 39.27 -3.16 -12.99
CA VAL C 68 38.39 -3.32 -14.15
C VAL C 68 37.37 -4.45 -13.92
N CYS C 69 36.07 -4.11 -14.03
CA CYS C 69 35.00 -5.08 -13.91
C CYS C 69 35.22 -6.23 -14.88
N GLU C 70 34.93 -7.46 -14.47
CA GLU C 70 35.01 -8.58 -15.38
C GLU C 70 34.17 -8.35 -16.65
N ASN C 71 33.04 -7.69 -16.51
CA ASN C 71 32.19 -7.47 -17.69
C ASN C 71 32.78 -6.40 -18.68
N GLU C 72 33.88 -5.73 -18.34
CA GLU C 72 34.59 -4.86 -19.28
C GLU C 72 36.02 -5.31 -19.66
N ILE C 73 36.51 -6.42 -19.13
CA ILE C 73 37.97 -6.71 -19.28
C ILE C 73 38.33 -7.01 -20.74
N LEU C 74 37.46 -7.72 -21.45
CA LEU C 74 37.78 -8.11 -22.85
C LEU C 74 37.75 -6.93 -23.83
N ALA C 75 36.80 -6.01 -23.64
CA ALA C 75 36.77 -4.80 -24.43
C ALA C 75 37.98 -3.90 -24.08
N THR C 76 38.36 -3.85 -22.80
CA THR C 76 39.54 -3.05 -22.42
C THR C 76 40.78 -3.68 -23.15
N LEU C 77 40.89 -5.01 -23.14
CA LEU C 77 42.03 -5.66 -23.74
C LEU C 77 42.01 -5.58 -25.28
N HIS C 78 40.80 -5.66 -25.84
CA HIS C 78 40.64 -5.50 -27.27
C HIS C 78 41.13 -4.13 -27.79
N ALA C 79 40.96 -3.06 -27.01
CA ALA C 79 41.51 -1.78 -27.42
C ALA C 79 43.03 -1.78 -27.53
N ILE C 80 43.67 -2.69 -26.83
CA ILE C 80 45.10 -2.94 -26.98
C ILE C 80 45.44 -3.87 -28.15
N SER C 81 44.84 -5.05 -28.16
CA SER C 81 45.19 -6.08 -29.14
C SER C 81 44.92 -5.63 -30.61
N SER C 82 43.90 -4.80 -30.81
CA SER C 82 43.56 -4.38 -32.16
C SER C 82 44.58 -3.35 -32.71
N LYS C 83 45.52 -2.86 -31.89
CA LYS C 83 46.60 -2.07 -32.44
C LYS C 83 47.66 -2.92 -33.19
N ASN C 84 47.70 -4.25 -32.97
CA ASN C 84 48.55 -5.15 -33.77
C ASN C 84 48.05 -5.21 -35.21
N GLN C 85 48.92 -5.45 -36.18
CA GLN C 85 48.53 -5.72 -37.58
C GLN C 85 48.95 -7.16 -37.92
N ILE C 86 48.04 -7.88 -38.52
CA ILE C 86 48.20 -9.28 -38.90
C ILE C 86 48.54 -9.28 -40.39
N TRP C 87 49.83 -9.36 -40.71
CA TRP C 87 50.27 -9.48 -42.11
C TRP C 87 50.43 -10.96 -42.43
N ARG C 88 50.60 -11.28 -43.71
CA ARG C 88 51.09 -12.60 -44.10
C ARG C 88 52.61 -12.55 -43.97
N SER C 89 53.14 -13.33 -43.04
CA SER C 89 54.58 -13.33 -42.78
C SER C 89 55.20 -14.61 -43.38
N TYR C 90 56.12 -14.41 -44.34
CA TYR C 90 56.93 -15.50 -44.89
C TYR C 90 58.38 -15.30 -44.48
N ILE C 91 58.57 -14.74 -43.28
CA ILE C 91 59.90 -14.50 -42.68
C ILE C 91 60.66 -15.82 -42.41
N GLY C 92 59.99 -16.85 -41.97
CA GLY C 92 60.68 -18.10 -41.68
C GLY C 92 61.44 -17.97 -40.36
N MET C 93 62.73 -18.32 -40.36
CA MET C 93 63.60 -18.19 -39.17
C MET C 93 63.09 -19.01 -37.94
N GLY C 94 62.49 -20.16 -38.20
CA GLY C 94 62.04 -21.06 -37.15
C GLY C 94 60.58 -20.94 -36.69
N TYR C 95 59.81 -20.05 -37.32
CA TYR C 95 58.38 -19.84 -37.02
C TYR C 95 57.66 -19.78 -38.37
N TYR C 96 56.64 -20.65 -38.57
CA TYR C 96 55.93 -20.83 -39.86
C TYR C 96 54.45 -20.95 -39.56
N ASN C 97 53.64 -20.17 -40.22
CA ASN C 97 52.20 -20.23 -39.96
C ASN C 97 51.69 -21.64 -40.35
N CYS C 98 50.65 -22.07 -39.67
CA CYS C 98 50.07 -23.37 -39.84
C CYS C 98 48.55 -23.24 -39.64
N SER C 99 47.84 -24.30 -39.96
CA SER C 99 46.40 -24.33 -39.85
C SER C 99 46.09 -25.19 -38.65
N VAL C 100 45.88 -24.51 -37.55
CA VAL C 100 45.62 -25.15 -36.24
C VAL C 100 44.23 -25.78 -36.36
N PRO C 101 44.12 -27.11 -36.19
CA PRO C 101 42.77 -27.66 -36.32
C PRO C 101 41.85 -27.11 -35.24
N GLN C 102 40.72 -26.57 -35.64
CA GLN C 102 39.81 -25.97 -34.68
C GLN C 102 39.31 -26.94 -33.62
N THR C 103 39.18 -28.23 -33.97
CA THR C 103 38.72 -29.21 -32.99
C THR C 103 39.70 -29.42 -31.83
N ILE C 104 40.99 -29.28 -32.12
CA ILE C 104 42.03 -29.41 -31.06
C ILE C 104 42.03 -28.14 -30.23
N LEU C 105 41.91 -27.01 -30.90
CA LEU C 105 41.83 -25.72 -30.27
C LEU C 105 40.71 -25.65 -29.27
N ARG C 106 39.56 -26.15 -29.64
CA ARG C 106 38.42 -26.13 -28.80
C ARG C 106 38.34 -27.15 -27.68
N ASN C 107 38.68 -28.38 -27.99
CA ASN C 107 38.48 -29.49 -27.09
C ASN C 107 39.67 -29.80 -26.20
N LEU C 108 40.81 -29.15 -26.48
CA LEU C 108 42.03 -29.34 -25.70
C LEU C 108 42.52 -27.95 -25.15
N LEU C 109 42.95 -27.04 -26.02
CA LEU C 109 43.46 -25.75 -25.54
C LEU C 109 42.44 -24.88 -24.76
N GLU C 110 41.18 -24.89 -25.18
CA GLU C 110 40.13 -24.16 -24.47
C GLU C 110 39.28 -25.08 -23.56
N ASN C 111 39.90 -26.14 -23.01
CA ASN C 111 39.23 -27.05 -22.13
C ASN C 111 39.94 -27.09 -20.77
N SER C 112 39.28 -26.58 -19.77
CA SER C 112 39.74 -26.63 -18.40
C SER C 112 40.07 -28.01 -17.81
N GLY C 113 39.48 -29.06 -18.37
CA GLY C 113 39.82 -30.45 -18.07
C GLY C 113 41.18 -30.93 -18.57
N TRP C 114 41.73 -30.21 -19.56
CA TRP C 114 43.12 -30.42 -20.08
C TRP C 114 44.19 -29.46 -19.51
N ILE C 115 43.80 -28.24 -19.19
CA ILE C 115 44.79 -27.20 -18.90
C ILE C 115 45.04 -26.80 -17.42
N THR C 116 44.21 -27.27 -16.49
CA THR C 116 44.33 -26.86 -15.09
C THR C 116 45.24 -27.72 -14.21
N GLN C 117 45.36 -28.99 -14.53
CA GLN C 117 46.27 -29.94 -13.86
C GLN C 117 47.72 -29.55 -14.15
N TYR C 118 48.64 -30.12 -13.37
CA TYR C 118 50.07 -29.77 -13.54
C TYR C 118 50.87 -31.05 -13.88
N THR C 119 52.16 -31.07 -13.58
CA THR C 119 53.01 -32.19 -13.90
C THR C 119 52.43 -33.52 -13.35
N PRO C 120 52.48 -34.57 -14.13
CA PRO C 120 51.89 -35.83 -13.68
C PRO C 120 52.72 -36.63 -12.68
N TYR C 121 52.80 -36.14 -11.44
CA TYR C 121 53.51 -36.71 -10.32
C TYR C 121 52.77 -37.90 -9.73
N GLN C 122 51.45 -37.85 -9.77
CA GLN C 122 50.54 -38.83 -9.26
C GLN C 122 49.99 -39.63 -10.49
N PRO C 123 50.71 -40.67 -10.96
CA PRO C 123 50.38 -41.32 -12.25
C PRO C 123 48.98 -41.95 -12.34
N GLU C 124 48.52 -42.52 -11.24
CA GLU C 124 47.25 -43.26 -11.25
C GLU C 124 45.98 -42.39 -11.54
N VAL C 125 46.11 -41.07 -11.37
CA VAL C 125 45.09 -40.09 -11.69
C VAL C 125 45.64 -39.11 -12.75
N SER C 126 46.58 -39.58 -13.58
CA SER C 126 47.18 -38.77 -14.64
C SER C 126 47.54 -39.58 -15.88
N GLN C 127 46.90 -40.73 -16.12
CA GLN C 127 47.28 -41.55 -17.27
C GLN C 127 46.97 -40.92 -18.66
N GLY C 128 46.04 -40.01 -18.66
CA GLY C 128 45.66 -39.32 -19.95
C GLY C 128 46.77 -38.49 -20.58
N ARG C 129 47.27 -37.50 -19.81
CA ARG C 129 48.32 -36.67 -20.35
C ARG C 129 49.59 -37.44 -20.47
N LEU C 130 49.80 -38.44 -19.62
CA LEU C 130 50.99 -39.30 -19.80
C LEU C 130 51.00 -40.04 -21.14
N GLU C 131 49.86 -40.62 -21.50
CA GLU C 131 49.73 -41.28 -22.81
C GLU C 131 49.99 -40.29 -23.98
N SER C 132 49.39 -39.10 -23.89
CA SER C 132 49.56 -38.11 -24.93
C SER C 132 51.02 -37.65 -25.10
N LEU C 133 51.71 -37.47 -24.02
CA LEU C 133 53.15 -37.15 -24.07
C LEU C 133 53.97 -38.33 -24.66
N LEU C 134 53.59 -39.57 -24.36
CA LEU C 134 54.23 -40.72 -24.99
C LEU C 134 53.99 -40.71 -26.52
N ASN C 135 52.76 -40.34 -26.91
CA ASN C 135 52.48 -40.09 -28.36
C ASN C 135 53.44 -39.05 -29.00
N TYR C 136 53.71 -37.95 -28.25
CA TYR C 136 54.61 -36.89 -28.73
C TYR C 136 55.96 -37.42 -28.92
N GLN C 137 56.42 -38.17 -27.93
CA GLN C 137 57.78 -38.80 -27.98
C GLN C 137 57.91 -39.71 -29.20
N THR C 138 56.88 -40.53 -29.44
CA THR C 138 56.92 -41.53 -30.51
C THR C 138 56.96 -40.82 -31.87
N MET C 139 56.13 -39.78 -32.00
CA MET C 139 56.10 -38.92 -33.22
C MET C 139 57.50 -38.34 -33.53
N VAL C 140 58.15 -37.78 -32.50
CA VAL C 140 59.49 -37.18 -32.65
C VAL C 140 60.53 -38.20 -33.06
N CYS C 141 60.52 -39.35 -32.41
CA CYS C 141 61.48 -40.46 -32.75
C CYS C 141 61.29 -40.97 -34.16
N ASP C 142 60.04 -41.21 -34.55
CA ASP C 142 59.76 -41.69 -35.90
C ASP C 142 60.20 -40.69 -36.95
N ILE C 143 59.84 -39.39 -36.76
CA ILE C 143 60.13 -38.41 -37.80
C ILE C 143 61.62 -38.09 -37.86
N THR C 144 62.27 -37.92 -36.70
CA THR C 144 63.74 -37.64 -36.70
C THR C 144 64.61 -38.86 -37.01
N GLY C 145 64.09 -40.06 -36.74
CA GLY C 145 64.89 -41.27 -36.95
C GLY C 145 65.84 -41.59 -35.80
N LEU C 146 65.58 -41.05 -34.62
CA LEU C 146 66.40 -41.32 -33.42
C LEU C 146 65.62 -42.13 -32.41
N ASP C 147 66.29 -42.56 -31.36
CA ASP C 147 65.84 -43.66 -30.51
C ASP C 147 64.94 -43.23 -29.38
N MET C 148 65.28 -42.12 -28.72
CA MET C 148 64.49 -41.64 -27.59
C MET C 148 64.35 -40.13 -27.59
N ALA C 149 63.18 -39.67 -27.18
CA ALA C 149 62.92 -38.25 -27.10
C ALA C 149 62.27 -37.91 -25.79
N ASN C 150 62.48 -36.69 -25.37
CA ASN C 150 61.89 -36.20 -24.19
C ASN C 150 60.44 -35.69 -24.39
N ALA C 151 59.82 -35.29 -23.32
CA ALA C 151 58.47 -34.83 -23.32
C ALA C 151 58.29 -33.31 -23.50
N SER C 152 59.28 -32.60 -24.04
CA SER C 152 59.46 -31.14 -24.41
C SER C 152 60.58 -30.31 -23.78
N LEU C 153 61.13 -29.46 -24.59
CA LEU C 153 62.04 -28.43 -24.15
C LEU C 153 61.33 -27.05 -24.38
N LEU C 154 61.95 -25.99 -23.95
CA LEU C 154 61.29 -24.68 -23.91
C LEU C 154 61.09 -24.04 -25.29
N ASP C 155 62.09 -24.17 -26.14
CA ASP C 155 62.18 -23.63 -27.47
C ASP C 155 63.39 -24.16 -28.22
N GLU C 156 63.55 -23.82 -29.49
CA GLU C 156 64.64 -24.32 -30.31
C GLU C 156 66.04 -23.97 -29.89
N GLY C 157 66.25 -22.72 -29.56
CA GLY C 157 67.52 -22.18 -29.12
C GLY C 157 67.98 -22.83 -27.84
N THR C 158 67.10 -22.90 -26.87
CA THR C 158 67.42 -23.59 -25.62
C THR C 158 67.62 -25.10 -25.82
N ALA C 159 66.90 -25.71 -26.74
CA ALA C 159 67.16 -27.15 -27.03
C ALA C 159 68.55 -27.33 -27.63
N ALA C 160 68.97 -26.37 -28.46
CA ALA C 160 70.29 -26.45 -29.09
C ALA C 160 71.37 -26.30 -28.02
N ALA C 161 71.15 -25.37 -27.07
CA ALA C 161 72.00 -25.20 -25.91
C ALA C 161 72.11 -26.42 -25.07
N GLU C 162 70.98 -27.05 -24.80
CA GLU C 162 70.94 -28.34 -24.08
C GLU C 162 71.75 -29.41 -24.84
N ALA C 163 71.73 -29.41 -26.16
CA ALA C 163 72.59 -30.36 -26.92
C ALA C 163 74.08 -30.13 -26.66
N LEU C 164 74.50 -28.86 -26.65
CA LEU C 164 75.88 -28.48 -26.39
C LEU C 164 76.31 -28.98 -25.01
N GLN C 165 75.46 -28.71 -24.01
CA GLN C 165 75.71 -29.14 -22.63
C GLN C 165 75.71 -30.66 -22.49
N LEU C 166 74.87 -31.35 -23.27
CA LEU C 166 74.90 -32.81 -23.26
C LEU C 166 76.25 -33.30 -23.81
N CYS C 167 76.75 -32.68 -24.87
CA CYS C 167 78.02 -33.09 -25.43
C CYS C 167 79.17 -32.94 -24.44
N TYR C 168 79.18 -31.80 -23.72
CA TYR C 168 80.18 -31.54 -22.69
C TYR C 168 80.11 -32.58 -21.57
N ARG C 169 78.91 -32.86 -21.10
CA ARG C 169 78.66 -33.86 -20.10
C ARG C 169 79.14 -35.26 -20.50
N HIS C 170 79.10 -35.54 -21.78
CA HIS C 170 79.48 -36.83 -22.31
C HIS C 170 80.96 -37.05 -22.48
N ASN C 171 81.66 -36.07 -23.01
CA ASN C 171 83.10 -36.23 -23.33
C ASN C 171 84.03 -35.17 -22.68
N LYS C 172 83.46 -34.18 -21.97
CA LYS C 172 84.18 -33.12 -21.26
C LYS C 172 85.14 -32.24 -22.08
N ARG C 173 85.01 -32.21 -23.41
CA ARG C 173 85.90 -31.38 -24.22
C ARG C 173 85.38 -29.94 -24.23
N ARG C 174 86.26 -28.98 -24.36
CA ARG C 174 85.88 -27.58 -24.13
C ARG C 174 85.63 -26.79 -25.41
N LYS C 175 85.65 -27.46 -26.55
CA LYS C 175 85.45 -26.79 -27.83
C LYS C 175 84.15 -27.28 -28.44
N PHE C 176 83.40 -26.40 -29.10
CA PHE C 176 82.18 -26.84 -29.79
C PHE C 176 82.00 -26.03 -31.07
N PHE C 177 81.81 -26.71 -32.20
CA PHE C 177 81.60 -26.07 -33.52
C PHE C 177 80.10 -25.72 -33.77
N VAL C 178 79.83 -24.52 -34.28
CA VAL C 178 78.48 -24.10 -34.68
C VAL C 178 78.51 -23.59 -36.12
N ASP C 179 77.75 -24.22 -36.99
CA ASP C 179 77.58 -23.80 -38.39
C ASP C 179 76.92 -22.43 -38.35
N PRO C 180 77.50 -21.40 -39.02
CA PRO C 180 76.88 -20.05 -39.03
C PRO C 180 75.57 -19.97 -39.84
N ARG C 181 75.19 -21.07 -40.50
CA ARG C 181 73.93 -21.18 -41.19
C ARG C 181 72.82 -21.79 -40.30
N CYS C 182 73.05 -21.91 -38.99
CA CYS C 182 71.95 -22.06 -38.04
C CYS C 182 71.22 -20.73 -37.95
N HIS C 183 69.98 -20.74 -37.46
CA HIS C 183 69.23 -19.50 -37.24
C HIS C 183 69.94 -18.57 -36.26
N PRO C 184 69.89 -17.27 -36.50
CA PRO C 184 70.67 -16.35 -35.63
C PRO C 184 70.29 -16.38 -34.14
N GLN C 185 69.00 -16.56 -33.84
CA GLN C 185 68.60 -16.64 -32.45
C GLN C 185 69.09 -17.96 -31.80
N THR C 186 69.17 -19.03 -32.58
CA THR C 186 69.68 -20.28 -32.06
C THR C 186 71.15 -20.07 -31.68
N ILE C 187 71.90 -19.43 -32.58
CA ILE C 187 73.34 -19.16 -32.34
C ILE C 187 73.50 -18.39 -31.03
N ALA C 188 72.68 -17.35 -30.85
CA ALA C 188 72.81 -16.46 -29.69
C ALA C 188 72.53 -17.21 -28.37
N VAL C 189 71.49 -18.03 -28.33
CA VAL C 189 71.22 -18.79 -27.14
C VAL C 189 72.38 -19.79 -26.85
N VAL C 190 72.90 -20.43 -27.89
CA VAL C 190 73.92 -21.45 -27.70
C VAL C 190 75.23 -20.77 -27.20
N GLN C 191 75.55 -19.60 -27.79
CA GLN C 191 76.77 -18.87 -27.37
C GLN C 191 76.68 -18.40 -25.92
N THR C 192 75.49 -17.93 -25.52
CA THR C 192 75.27 -17.49 -24.16
C THR C 192 75.42 -18.64 -23.17
N ARG C 193 74.79 -19.79 -23.47
CA ARG C 193 74.94 -20.98 -22.64
C ARG C 193 76.41 -21.45 -22.51
N ALA C 194 77.13 -21.44 -23.63
CA ALA C 194 78.55 -21.81 -23.67
C ALA C 194 79.45 -20.85 -22.87
N LYS C 195 79.20 -19.56 -23.01
CA LYS C 195 79.94 -18.57 -22.28
C LYS C 195 79.94 -18.91 -20.77
N TYR C 196 78.80 -18.98 -20.13
CA TYR C 196 78.78 -19.23 -18.71
C TYR C 196 79.15 -20.64 -18.26
N THR C 197 79.17 -21.59 -19.18
CA THR C 197 79.52 -22.95 -18.86
C THR C 197 81.00 -23.19 -19.02
N GLY C 198 81.69 -22.33 -19.73
CA GLY C 198 83.12 -22.44 -19.92
C GLY C 198 83.52 -23.20 -21.15
N VAL C 199 82.64 -23.27 -22.13
CA VAL C 199 82.94 -23.97 -23.38
C VAL C 199 83.22 -22.92 -24.45
N LEU C 200 84.20 -23.14 -25.31
CA LEU C 200 84.45 -22.22 -26.39
C LEU C 200 83.72 -22.69 -27.64
N THR C 201 82.84 -21.84 -28.15
CA THR C 201 82.21 -22.08 -29.41
C THR C 201 83.02 -21.43 -30.50
N GLU C 202 83.07 -22.08 -31.65
CA GLU C 202 83.67 -21.48 -32.84
C GLU C 202 82.66 -21.56 -33.97
N LEU C 203 82.34 -20.42 -34.58
CA LEU C 203 81.44 -20.34 -35.78
C LEU C 203 82.20 -20.71 -37.07
N LYS C 204 81.93 -21.91 -37.62
CA LYS C 204 82.67 -22.45 -38.77
C LYS C 204 81.76 -23.18 -39.73
N LEU C 205 81.95 -22.96 -41.04
CA LEU C 205 81.32 -23.79 -42.08
C LEU C 205 81.97 -25.18 -42.04
N PRO C 206 81.25 -26.23 -42.47
CA PRO C 206 81.81 -27.59 -42.38
C PRO C 206 83.20 -27.77 -42.94
N CYS C 207 83.48 -27.12 -44.07
CA CYS C 207 84.79 -27.22 -44.75
C CYS C 207 85.93 -26.58 -43.96
N GLU C 208 85.61 -25.69 -43.00
CA GLU C 208 86.58 -25.06 -42.10
C GLU C 208 86.70 -25.79 -40.75
N MET C 209 85.94 -26.87 -40.53
CA MET C 209 85.97 -27.63 -39.27
C MET C 209 87.03 -28.73 -39.28
N ASP C 210 88.00 -28.65 -38.37
CA ASP C 210 88.98 -29.70 -38.18
C ASP C 210 88.75 -30.36 -36.84
N PHE C 211 88.37 -31.64 -36.84
CA PHE C 211 88.15 -32.36 -35.59
C PHE C 211 89.39 -33.10 -35.11
N SER C 212 90.45 -33.09 -35.91
CA SER C 212 91.55 -34.06 -35.74
C SER C 212 92.32 -33.92 -34.44
N GLY C 213 92.21 -32.76 -33.78
CA GLY C 213 92.78 -32.56 -32.45
C GLY C 213 92.08 -33.35 -31.33
N LYS C 214 90.95 -34.00 -31.61
CA LYS C 214 90.23 -34.73 -30.58
C LYS C 214 89.92 -33.85 -29.37
N ASP C 215 89.66 -32.58 -29.62
CA ASP C 215 89.34 -31.59 -28.61
C ASP C 215 87.97 -30.91 -28.83
N VAL C 216 87.17 -31.43 -29.76
CA VAL C 216 85.85 -30.88 -30.03
C VAL C 216 84.81 -31.82 -29.45
N SER C 217 83.95 -31.26 -28.60
CA SER C 217 82.88 -31.94 -27.91
C SER C 217 81.81 -32.40 -28.89
N GLY C 218 81.42 -31.47 -29.75
CA GLY C 218 80.42 -31.69 -30.75
C GLY C 218 80.30 -30.57 -31.78
N VAL C 219 79.39 -30.79 -32.71
CA VAL C 219 79.07 -29.86 -33.80
C VAL C 219 77.56 -29.75 -33.92
N LEU C 220 77.09 -28.51 -34.10
CA LEU C 220 75.69 -28.19 -34.39
C LEU C 220 75.58 -27.58 -35.79
N PHE C 221 74.71 -28.17 -36.61
CA PHE C 221 74.42 -27.71 -37.96
C PHE C 221 72.88 -27.77 -38.13
N GLN C 222 72.35 -27.26 -39.24
CA GLN C 222 70.90 -27.19 -39.43
C GLN C 222 70.50 -27.65 -40.86
N TYR C 223 69.37 -28.38 -40.92
CA TYR C 223 68.93 -29.17 -42.08
C TYR C 223 67.42 -29.16 -42.14
N PRO C 224 66.80 -28.43 -43.08
CA PRO C 224 67.41 -27.42 -43.94
C PRO C 224 68.00 -26.27 -43.15
N ASP C 225 68.98 -25.57 -43.71
CA ASP C 225 69.63 -24.49 -42.96
C ASP C 225 68.82 -23.20 -43.01
N THR C 226 69.27 -22.15 -42.33
CA THR C 226 68.57 -20.89 -42.22
C THR C 226 68.37 -20.21 -43.57
N GLU C 227 69.21 -20.51 -44.56
CA GLU C 227 69.03 -19.97 -45.91
C GLU C 227 68.08 -20.80 -46.81
N GLY C 228 67.61 -21.95 -46.30
CA GLY C 228 66.71 -22.87 -47.00
C GLY C 228 67.35 -24.10 -47.61
N LYS C 229 68.69 -24.12 -47.63
CA LYS C 229 69.38 -25.15 -48.37
C LYS C 229 69.30 -26.56 -47.71
N VAL C 230 69.10 -27.56 -48.54
CA VAL C 230 69.20 -28.98 -48.18
C VAL C 230 70.55 -29.51 -48.54
N GLU C 231 71.35 -29.85 -47.54
CA GLU C 231 72.72 -30.37 -47.74
C GLU C 231 72.89 -31.81 -47.19
N ASP C 232 73.79 -32.55 -47.82
CA ASP C 232 74.21 -33.84 -47.35
C ASP C 232 75.31 -33.65 -46.28
N PHE C 233 75.00 -34.05 -45.05
CA PHE C 233 75.92 -33.95 -43.93
C PHE C 233 76.62 -35.29 -43.56
N THR C 234 76.48 -36.32 -44.41
CA THR C 234 76.96 -37.67 -44.16
C THR C 234 78.46 -37.65 -43.84
N GLU C 235 79.22 -36.97 -44.69
CA GLU C 235 80.67 -36.92 -44.55
C GLU C 235 81.10 -36.09 -43.31
N LEU C 236 80.44 -34.95 -43.06
CA LEU C 236 80.73 -34.15 -41.87
C LEU C 236 80.48 -34.95 -40.57
N VAL C 237 79.36 -35.67 -40.49
CA VAL C 237 79.07 -36.49 -39.33
C VAL C 237 80.14 -37.56 -39.16
N GLU C 238 80.56 -38.15 -40.26
CA GLU C 238 81.54 -39.23 -40.22
C GLU C 238 82.89 -38.70 -39.67
N ARG C 239 83.32 -37.53 -40.13
CA ARG C 239 84.53 -36.87 -39.62
C ARG C 239 84.49 -36.60 -38.14
N ALA C 240 83.36 -36.06 -37.68
CA ALA C 240 83.18 -35.78 -36.26
C ALA C 240 83.40 -37.05 -35.43
N HIS C 241 82.72 -38.12 -35.83
CA HIS C 241 82.74 -39.39 -35.14
C HIS C 241 84.12 -40.02 -35.12
N GLN C 242 84.83 -39.97 -36.24
CA GLN C 242 86.22 -40.47 -36.33
C GLN C 242 87.15 -39.86 -35.28
N SER C 243 86.85 -38.66 -34.80
CA SER C 243 87.64 -38.00 -33.74
C SER C 243 86.97 -37.96 -32.37
N GLY C 244 85.92 -38.76 -32.14
CA GLY C 244 85.19 -38.79 -30.88
C GLY C 244 84.21 -37.66 -30.60
N SER C 245 83.82 -36.89 -31.62
CA SER C 245 82.88 -35.78 -31.40
C SER C 245 81.46 -36.23 -31.71
N LEU C 246 80.47 -35.65 -31.04
CA LEU C 246 79.05 -35.90 -31.37
C LEU C 246 78.55 -34.89 -32.44
N ALA C 247 77.50 -35.28 -33.16
CA ALA C 247 76.87 -34.48 -34.19
C ALA C 247 75.45 -34.14 -33.81
N CYS C 248 75.10 -32.86 -33.84
CA CYS C 248 73.78 -32.36 -33.42
C CYS C 248 73.14 -31.62 -34.57
N CYS C 249 71.87 -31.96 -34.87
CA CYS C 249 71.17 -31.44 -36.03
C CYS C 249 69.87 -30.70 -35.64
N ALA C 250 69.83 -29.41 -35.88
CA ALA C 250 68.58 -28.59 -35.71
C ALA C 250 67.82 -28.79 -36.99
N THR C 251 66.52 -29.07 -36.90
CA THR C 251 65.75 -29.54 -38.06
C THR C 251 64.27 -29.18 -37.92
N ASP C 252 63.45 -29.71 -38.82
CA ASP C 252 62.06 -29.23 -39.00
C ASP C 252 61.15 -30.45 -39.26
N LEU C 253 60.22 -30.70 -38.37
CA LEU C 253 59.33 -31.84 -38.47
C LEU C 253 58.54 -32.00 -39.78
N LEU C 254 58.10 -30.87 -40.34
CA LEU C 254 57.36 -30.85 -41.58
C LEU C 254 58.25 -31.21 -42.71
N ALA C 255 59.42 -30.60 -42.79
CA ALA C 255 60.39 -30.93 -43.82
C ALA C 255 60.80 -32.42 -43.79
N LEU C 256 60.93 -32.99 -42.63
CA LEU C 256 61.29 -34.38 -42.43
C LEU C 256 60.23 -35.36 -42.96
N CYS C 257 58.98 -34.91 -43.13
CA CYS C 257 57.99 -35.74 -43.72
C CYS C 257 58.29 -36.12 -45.16
N ILE C 258 59.12 -35.37 -45.87
CA ILE C 258 59.57 -35.79 -47.24
C ILE C 258 61.10 -35.89 -47.44
N LEU C 259 61.89 -35.41 -46.45
CA LEU C 259 63.36 -35.47 -46.49
C LEU C 259 63.91 -36.63 -45.67
N ARG C 260 64.93 -37.29 -46.18
CA ARG C 260 65.56 -38.32 -45.38
C ARG C 260 66.03 -37.65 -44.07
N PRO C 261 65.64 -38.23 -42.92
CA PRO C 261 65.88 -37.61 -41.63
C PRO C 261 67.28 -37.83 -41.02
N PRO C 262 67.66 -37.01 -40.00
CA PRO C 262 69.00 -37.06 -39.42
C PRO C 262 69.44 -38.41 -38.85
N GLY C 263 68.51 -39.21 -38.33
CA GLY C 263 68.82 -40.55 -37.86
C GLY C 263 69.43 -41.43 -38.94
N GLU C 264 69.09 -41.18 -40.19
CA GLU C 264 69.57 -41.97 -41.30
C GLU C 264 70.89 -41.48 -41.92
N PHE C 265 71.42 -40.32 -41.47
CA PHE C 265 72.81 -39.94 -41.75
C PHE C 265 73.69 -39.78 -40.48
N GLY C 266 73.44 -40.64 -39.49
CA GLY C 266 74.34 -40.84 -38.34
C GLY C 266 74.31 -39.81 -37.21
N VAL C 267 73.36 -38.88 -37.25
CA VAL C 267 73.24 -37.86 -36.21
C VAL C 267 72.96 -38.45 -34.83
N ASP C 268 73.60 -37.86 -33.80
CA ASP C 268 73.46 -38.26 -32.40
C ASP C 268 72.32 -37.60 -31.62
N ILE C 269 72.05 -36.31 -31.92
CA ILE C 269 71.00 -35.52 -31.27
C ILE C 269 70.27 -34.70 -32.35
N ALA C 270 68.96 -34.84 -32.42
CA ALA C 270 68.13 -34.02 -33.32
C ALA C 270 67.16 -33.21 -32.51
N LEU C 271 66.96 -31.96 -32.93
CA LEU C 271 66.20 -30.98 -32.14
C LEU C 271 65.61 -29.92 -33.05
N GLY C 272 64.61 -29.21 -32.55
CA GLY C 272 63.90 -28.16 -33.27
C GLY C 272 62.65 -27.79 -32.53
N SER C 273 61.76 -27.08 -33.23
CA SER C 273 60.43 -26.71 -32.72
C SER C 273 59.37 -27.59 -33.37
N SER C 274 58.35 -27.96 -32.57
CA SER C 274 57.15 -28.62 -33.07
C SER C 274 56.04 -27.61 -33.42
N GLN C 275 56.34 -26.32 -33.44
CA GLN C 275 55.33 -25.27 -33.58
C GLN C 275 54.45 -25.44 -34.78
N ARG C 276 55.04 -25.69 -35.95
CA ARG C 276 54.24 -25.78 -37.16
C ARG C 276 53.32 -27.03 -37.24
N PHE C 277 53.51 -28.00 -36.31
CA PHE C 277 52.52 -29.09 -36.10
C PHE C 277 51.33 -28.59 -35.26
N GLY C 278 50.64 -27.60 -35.82
CA GLY C 278 49.36 -27.12 -35.27
C GLY C 278 49.33 -26.28 -34.01
N VAL C 279 50.34 -25.41 -33.82
CA VAL C 279 50.34 -24.49 -32.73
C VAL C 279 50.54 -23.09 -33.30
N PRO C 280 49.86 -22.09 -32.75
CA PRO C 280 50.00 -20.72 -33.27
C PRO C 280 51.36 -20.11 -33.13
N LEU C 281 51.65 -19.17 -34.03
CA LEU C 281 52.87 -18.39 -33.98
C LEU C 281 53.08 -17.78 -32.57
N GLY C 282 51.99 -17.32 -31.97
CA GLY C 282 52.04 -16.73 -30.62
C GLY C 282 52.99 -15.54 -30.34
N TYR C 283 53.42 -14.83 -31.38
CA TYR C 283 54.45 -13.77 -31.25
C TYR C 283 55.62 -14.26 -30.41
N GLY C 284 56.04 -15.53 -30.66
CA GLY C 284 57.18 -16.14 -30.01
C GLY C 284 56.91 -17.45 -29.30
N GLY C 285 55.71 -17.59 -28.76
CA GLY C 285 55.32 -18.84 -28.12
C GLY C 285 53.97 -18.77 -27.39
N PRO C 286 53.59 -19.86 -26.72
CA PRO C 286 54.41 -20.99 -26.40
C PRO C 286 54.39 -22.11 -27.44
N HIS C 287 55.52 -22.80 -27.58
CA HIS C 287 55.69 -23.93 -28.47
C HIS C 287 56.61 -24.94 -27.76
N ALA C 288 56.29 -26.20 -27.93
CA ALA C 288 57.16 -27.32 -27.50
C ALA C 288 58.28 -27.56 -28.48
N ALA C 289 59.51 -27.52 -27.97
CA ALA C 289 60.68 -27.98 -28.71
C ALA C 289 60.78 -29.48 -28.53
N PHE C 290 61.41 -30.12 -29.52
CA PHE C 290 61.65 -31.54 -29.49
C PHE C 290 63.12 -31.75 -29.36
N PHE C 291 63.50 -32.92 -28.84
CA PHE C 291 64.87 -33.22 -28.51
C PHE C 291 64.96 -34.76 -28.40
N ALA C 292 65.73 -35.34 -29.30
CA ALA C 292 65.81 -36.78 -29.41
C ALA C 292 67.26 -37.23 -29.56
N VAL C 293 67.58 -38.40 -29.02
CA VAL C 293 68.98 -38.87 -28.97
C VAL C 293 69.12 -40.35 -29.35
N ARG C 294 70.34 -40.74 -29.69
CA ARG C 294 70.73 -42.17 -29.64
C ARG C 294 70.60 -42.72 -28.23
N GLU C 295 70.26 -44.02 -28.20
CA GLU C 295 70.00 -44.75 -26.96
C GLU C 295 71.11 -44.61 -25.94
N SER C 296 72.34 -44.66 -26.43
CA SER C 296 73.53 -44.56 -25.56
C SER C 296 73.66 -43.21 -24.84
N LEU C 297 72.97 -42.18 -25.30
CA LEU C 297 73.02 -40.89 -24.61
C LEU C 297 71.88 -40.65 -23.62
N VAL C 298 70.94 -41.60 -23.52
CA VAL C 298 69.66 -41.30 -22.80
C VAL C 298 69.83 -40.95 -21.30
N ARG C 299 70.85 -41.47 -20.65
CA ARG C 299 71.10 -41.19 -19.24
C ARG C 299 71.45 -39.72 -18.99
N MET C 300 71.81 -39.01 -20.07
CA MET C 300 72.14 -37.60 -19.97
C MET C 300 71.04 -36.67 -20.53
N MET C 301 69.89 -37.25 -20.87
CA MET C 301 68.74 -36.55 -21.42
C MET C 301 68.32 -35.43 -20.45
N PRO C 302 68.03 -34.20 -20.96
CA PRO C 302 67.37 -33.22 -20.12
C PRO C 302 65.87 -33.38 -20.12
N GLY C 303 65.22 -32.97 -19.02
CA GLY C 303 63.78 -32.81 -18.96
C GLY C 303 63.05 -34.09 -18.60
N ARG C 304 61.73 -34.04 -18.68
CA ARG C 304 60.91 -35.20 -18.44
C ARG C 304 60.80 -36.10 -19.64
N MET C 305 60.51 -37.37 -19.34
CA MET C 305 60.33 -38.36 -20.37
C MET C 305 59.41 -39.46 -19.86
N VAL C 306 58.34 -39.71 -20.59
CA VAL C 306 57.40 -40.78 -20.23
C VAL C 306 57.96 -42.14 -20.61
N GLY C 307 57.72 -43.11 -19.74
CA GLY C 307 58.12 -44.48 -19.96
C GLY C 307 56.98 -45.43 -19.62
N VAL C 308 57.09 -46.65 -20.12
CA VAL C 308 56.09 -47.66 -19.86
C VAL C 308 56.53 -48.47 -18.69
N THR C 309 55.59 -48.81 -17.81
CA THR C 309 55.85 -49.66 -16.64
C THR C 309 54.64 -50.57 -16.38
N ARG C 310 54.57 -51.18 -15.18
CA ARG C 310 53.37 -51.99 -14.80
C ARG C 310 52.70 -51.38 -13.57
N ASP C 311 51.43 -51.65 -13.34
CA ASP C 311 50.82 -51.35 -12.03
C ASP C 311 50.86 -52.59 -11.11
N ALA C 312 50.30 -52.49 -9.91
CA ALA C 312 50.34 -53.59 -8.96
C ALA C 312 49.72 -54.91 -9.48
N THR C 313 48.82 -54.83 -10.46
CA THR C 313 48.24 -56.05 -11.06
C THR C 313 48.98 -56.60 -12.27
N GLY C 314 50.04 -55.94 -12.74
CA GLY C 314 50.74 -56.35 -13.97
C GLY C 314 50.26 -55.68 -15.26
N LYS C 315 49.23 -54.84 -15.16
CA LYS C 315 48.75 -54.07 -16.30
C LYS C 315 49.82 -53.06 -16.80
N GLU C 316 49.92 -52.93 -18.11
CA GLU C 316 50.89 -52.02 -18.75
C GLU C 316 50.36 -50.54 -18.64
N VAL C 317 51.19 -49.63 -18.09
CA VAL C 317 50.74 -48.29 -17.68
C VAL C 317 51.87 -47.28 -17.90
N TYR C 318 51.59 -45.98 -17.70
CA TYR C 318 52.59 -44.94 -18.02
C TYR C 318 53.08 -44.18 -16.79
N ARG C 319 54.33 -43.74 -16.80
CA ARG C 319 54.88 -42.86 -15.73
C ARG C 319 56.09 -42.09 -16.23
N LEU C 320 56.40 -40.97 -15.57
CA LEU C 320 57.63 -40.25 -15.86
C LEU C 320 58.82 -41.17 -15.46
N ALA C 321 59.77 -41.34 -16.38
CA ALA C 321 60.86 -42.33 -16.25
C ALA C 321 62.25 -41.66 -16.02
N LEU C 322 63.18 -42.43 -15.50
CA LEU C 322 64.55 -42.00 -15.20
C LEU C 322 64.56 -40.65 -14.50
N GLN C 323 63.78 -40.56 -13.42
CA GLN C 323 63.53 -39.23 -12.82
C GLN C 323 64.77 -38.67 -12.04
N THR C 324 65.76 -39.52 -11.78
CA THR C 324 66.90 -39.08 -11.00
C THR C 324 67.77 -38.13 -11.83
N ARG C 325 67.62 -38.15 -13.17
CA ARG C 325 68.26 -37.13 -14.02
C ARG C 325 67.87 -35.69 -13.68
N GLU C 326 66.71 -35.49 -13.05
CA GLU C 326 66.08 -34.16 -12.97
C GLU C 326 66.47 -33.36 -11.71
N GLN C 327 66.19 -32.06 -11.79
CA GLN C 327 66.51 -31.08 -10.75
C GLN C 327 65.99 -31.46 -9.34
N HIS C 328 64.79 -32.02 -9.27
CA HIS C 328 64.19 -32.33 -7.98
C HIS C 328 64.90 -33.46 -7.22
N ILE C 329 65.62 -34.37 -7.92
CA ILE C 329 66.41 -35.42 -7.26
C ILE C 329 67.88 -35.00 -7.19
N ARG C 330 68.50 -34.63 -8.32
CA ARG C 330 69.96 -34.40 -8.39
C ARG C 330 70.45 -32.98 -8.25
N ARG C 331 69.53 -32.00 -8.22
CA ARG C 331 69.86 -30.62 -7.86
C ARG C 331 70.95 -30.06 -8.80
N ASP C 332 72.08 -29.63 -8.28
CA ASP C 332 73.18 -29.11 -9.13
C ASP C 332 73.84 -30.18 -10.04
N LYS C 333 73.61 -31.46 -9.74
CA LYS C 333 74.13 -32.56 -10.56
C LYS C 333 73.10 -33.09 -11.61
N ALA C 334 71.95 -32.40 -11.72
CA ALA C 334 70.94 -32.80 -12.66
C ALA C 334 71.40 -32.58 -14.12
N THR C 335 70.67 -33.13 -15.08
CA THR C 335 71.00 -32.92 -16.50
C THR C 335 70.61 -31.52 -17.01
N SER C 336 69.80 -30.80 -16.22
CA SER C 336 69.40 -29.45 -16.56
C SER C 336 68.72 -28.84 -15.37
N ASN C 337 68.48 -27.53 -15.47
CA ASN C 337 67.64 -26.85 -14.46
C ASN C 337 66.15 -26.95 -14.77
N ILE C 338 65.79 -27.45 -15.94
CA ILE C 338 64.41 -27.35 -16.40
C ILE C 338 63.38 -28.05 -15.49
N CYS C 339 62.22 -27.39 -15.29
CA CYS C 339 61.19 -27.85 -14.39
C CYS C 339 59.88 -27.77 -15.18
N THR C 340 59.13 -26.65 -15.09
CA THR C 340 58.03 -26.44 -15.98
C THR C 340 58.60 -26.40 -17.40
N ALA C 341 57.93 -27.08 -18.34
CA ALA C 341 58.38 -27.17 -19.74
C ALA C 341 57.25 -26.68 -20.64
N GLN C 342 56.80 -27.48 -21.62
CA GLN C 342 55.82 -27.00 -22.58
C GLN C 342 54.76 -28.11 -22.82
N ALA C 343 54.38 -28.81 -21.74
CA ALA C 343 53.56 -30.01 -21.88
C ALA C 343 52.31 -29.89 -22.77
N LEU C 344 51.50 -28.90 -22.47
CA LEU C 344 50.20 -28.67 -23.16
C LEU C 344 50.41 -28.51 -24.67
N LEU C 345 51.50 -27.84 -25.05
CA LEU C 345 51.79 -27.60 -26.46
C LEU C 345 52.40 -28.80 -27.19
N ALA C 346 53.14 -29.61 -26.46
CA ALA C 346 53.59 -30.91 -26.92
C ALA C 346 52.38 -31.79 -27.21
N ASN C 347 51.39 -31.76 -26.31
CA ASN C 347 50.17 -32.55 -26.52
C ASN C 347 49.35 -32.01 -27.71
N MET C 348 49.34 -30.70 -27.94
CA MET C 348 48.70 -30.15 -29.15
C MET C 348 49.36 -30.64 -30.45
N ALA C 349 50.69 -30.64 -30.49
CA ALA C 349 51.41 -31.14 -31.65
C ALA C 349 51.23 -32.67 -31.89
N ALA C 350 51.13 -33.45 -30.81
CA ALA C 350 50.84 -34.91 -30.92
C ALA C 350 49.47 -35.14 -31.52
N MET C 351 48.51 -34.35 -31.08
CA MET C 351 47.13 -34.48 -31.59
C MET C 351 47.06 -34.06 -33.04
N PHE C 352 47.87 -33.08 -33.46
CA PHE C 352 48.01 -32.69 -34.88
C PHE C 352 48.49 -33.88 -35.74
N ALA C 353 49.57 -34.52 -35.28
CA ALA C 353 50.10 -35.66 -35.95
C ALA C 353 49.12 -36.87 -35.97
N ILE C 354 48.40 -37.04 -34.87
CA ILE C 354 47.36 -38.06 -34.76
C ILE C 354 46.24 -37.83 -35.81
N TYR C 355 45.76 -36.59 -35.88
CA TYR C 355 44.61 -36.24 -36.72
C TYR C 355 44.97 -36.35 -38.20
N HIS C 356 46.19 -35.97 -38.57
CA HIS C 356 46.64 -36.03 -39.96
C HIS C 356 47.21 -37.39 -40.40
N GLY C 357 47.79 -38.16 -39.50
CA GLY C 357 48.51 -39.37 -39.87
C GLY C 357 49.71 -39.04 -40.73
N SER C 358 50.52 -40.07 -41.08
CA SER C 358 51.62 -39.82 -41.98
C SER C 358 51.16 -39.39 -43.35
N HIS C 359 50.05 -39.96 -43.82
CA HIS C 359 49.49 -39.61 -45.12
C HIS C 359 49.13 -38.12 -45.18
N GLY C 360 48.48 -37.59 -44.16
CA GLY C 360 48.08 -36.15 -44.14
C GLY C 360 49.26 -35.19 -43.94
N LEU C 361 50.27 -35.63 -43.16
CA LEU C 361 51.49 -34.85 -43.01
C LEU C 361 52.31 -34.81 -44.33
N GLU C 362 52.43 -35.95 -45.05
CA GLU C 362 53.04 -35.98 -46.40
C GLU C 362 52.30 -35.06 -47.39
N HIS C 363 50.97 -35.05 -47.32
CA HIS C 363 50.12 -34.21 -48.19
C HIS C 363 50.47 -32.73 -48.01
N ILE C 364 50.46 -32.28 -46.75
CA ILE C 364 50.83 -30.92 -46.39
C ILE C 364 52.24 -30.54 -46.83
N ALA C 365 53.19 -31.40 -46.54
CA ALA C 365 54.59 -31.13 -46.87
C ALA C 365 54.84 -30.96 -48.35
N ARG C 366 54.22 -31.84 -49.10
CA ARG C 366 54.31 -31.89 -50.52
C ARG C 366 53.70 -30.69 -51.14
N ARG C 367 52.58 -30.31 -50.61
CA ARG C 367 51.89 -29.10 -51.09
C ARG C 367 52.77 -27.83 -50.86
N VAL C 368 53.32 -27.71 -49.65
CA VAL C 368 54.15 -26.60 -49.29
C VAL C 368 55.41 -26.52 -50.22
N HIS C 369 56.02 -27.69 -50.47
CA HIS C 369 57.26 -27.77 -51.27
C HIS C 369 56.95 -27.41 -52.69
N ASN C 370 55.83 -27.92 -53.21
CA ASN C 370 55.44 -27.59 -54.58
C ASN C 370 55.12 -26.11 -54.75
N ALA C 371 54.41 -25.52 -53.81
CA ALA C 371 54.20 -24.06 -53.87
C ALA C 371 55.55 -23.32 -53.96
N THR C 372 56.54 -23.79 -53.20
CA THR C 372 57.81 -23.15 -53.17
C THR C 372 58.51 -23.34 -54.52
N LEU C 373 58.44 -24.55 -55.09
CA LEU C 373 59.00 -24.84 -56.41
C LEU C 373 58.36 -23.97 -57.52
N ILE C 374 57.04 -23.80 -57.43
CA ILE C 374 56.33 -22.91 -58.35
C ILE C 374 56.82 -21.44 -58.25
N LEU C 375 56.86 -20.92 -57.02
CA LEU C 375 57.41 -19.59 -56.77
C LEU C 375 58.84 -19.40 -57.34
N SER C 376 59.67 -20.39 -57.10
CA SER C 376 61.02 -20.36 -57.59
C SER C 376 61.12 -20.23 -59.12
N GLU C 377 60.32 -21.04 -59.83
CA GLU C 377 60.30 -20.99 -61.28
C GLU C 377 59.78 -19.66 -61.82
N GLY C 378 58.76 -19.12 -61.22
CA GLY C 378 58.28 -17.81 -61.66
C GLY C 378 59.32 -16.70 -61.42
N LEU C 379 60.01 -16.73 -60.28
CA LEU C 379 61.02 -15.71 -59.98
C LEU C 379 62.21 -15.75 -60.95
N LYS C 380 62.63 -16.96 -61.32
CA LYS C 380 63.72 -17.13 -62.29
C LYS C 380 63.33 -16.61 -63.67
N ARG C 381 62.14 -16.97 -64.14
CA ARG C 381 61.63 -16.47 -65.40
C ARG C 381 61.56 -14.93 -65.40
N ALA C 382 61.30 -14.32 -64.23
CA ALA C 382 61.32 -12.85 -64.13
C ALA C 382 62.72 -12.22 -63.99
N GLY C 383 63.79 -13.01 -64.04
CA GLY C 383 65.14 -12.49 -64.03
C GLY C 383 65.81 -12.43 -62.66
N HIS C 384 65.19 -12.99 -61.63
CA HIS C 384 65.77 -13.02 -60.29
C HIS C 384 66.60 -14.28 -60.12
N GLN C 385 67.57 -14.26 -59.21
CA GLN C 385 68.49 -15.39 -59.03
C GLN C 385 68.26 -16.08 -57.71
N LEU C 386 68.21 -17.42 -57.74
CA LEU C 386 68.12 -18.24 -56.52
C LEU C 386 69.48 -18.71 -56.14
N GLN C 387 69.81 -18.61 -54.87
CA GLN C 387 71.13 -18.99 -54.40
C GLN C 387 71.22 -20.51 -54.21
N HIS C 388 70.11 -21.16 -53.93
CA HIS C 388 70.08 -22.59 -53.72
C HIS C 388 69.00 -23.27 -54.56
N ASP C 389 69.38 -24.35 -55.20
CA ASP C 389 68.51 -25.15 -56.04
C ASP C 389 67.68 -26.14 -55.32
N LEU C 390 68.21 -26.69 -54.25
CA LEU C 390 67.50 -27.71 -53.49
C LEU C 390 67.12 -27.17 -52.09
N PHE C 391 65.81 -27.09 -51.87
CA PHE C 391 65.23 -26.53 -50.65
C PHE C 391 63.93 -27.27 -50.31
N PHE C 392 63.39 -27.03 -49.12
CA PHE C 392 62.05 -27.49 -48.76
C PHE C 392 61.05 -26.33 -49.02
N ASP C 393 61.04 -25.32 -48.16
CA ASP C 393 60.02 -24.26 -48.18
C ASP C 393 60.60 -22.84 -48.25
N THR C 394 61.91 -22.71 -48.47
CA THR C 394 62.58 -21.51 -48.18
C THR C 394 63.57 -21.15 -49.31
N LEU C 395 63.42 -19.92 -49.79
CA LEU C 395 64.21 -19.44 -50.91
C LEU C 395 65.13 -18.34 -50.45
N LYS C 396 66.28 -18.20 -51.09
CA LYS C 396 67.16 -17.06 -50.90
C LYS C 396 67.35 -16.41 -52.26
N ILE C 397 66.91 -15.18 -52.39
CA ILE C 397 66.72 -14.55 -53.65
C ILE C 397 67.59 -13.30 -53.78
N GLN C 398 68.34 -13.21 -54.87
CA GLN C 398 69.06 -12.01 -55.26
C GLN C 398 68.17 -11.30 -56.29
N CYS C 399 67.60 -10.15 -55.96
CA CYS C 399 66.71 -9.47 -56.89
C CYS C 399 67.42 -8.96 -58.15
N GLY C 400 66.85 -9.31 -59.31
CA GLY C 400 67.24 -8.80 -60.61
C GLY C 400 66.87 -7.35 -60.83
N CYS C 401 65.94 -6.82 -60.06
CA CYS C 401 65.73 -5.36 -59.96
C CYS C 401 66.12 -4.86 -58.57
N SER C 402 65.91 -3.58 -58.32
CA SER C 402 65.98 -2.97 -56.97
C SER C 402 65.19 -3.75 -55.88
N VAL C 403 65.84 -4.08 -54.76
CA VAL C 403 65.13 -4.65 -53.62
C VAL C 403 64.06 -3.67 -53.06
N LYS C 404 64.37 -2.38 -53.07
CA LYS C 404 63.41 -1.35 -52.60
C LYS C 404 62.04 -1.43 -53.31
N GLU C 405 62.06 -1.63 -54.62
CA GLU C 405 60.82 -1.66 -55.38
C GLU C 405 60.07 -2.95 -55.15
N VAL C 406 60.78 -4.07 -54.99
CA VAL C 406 60.18 -5.35 -54.58
C VAL C 406 59.46 -5.20 -53.22
N LEU C 407 60.17 -4.65 -52.24
CA LEU C 407 59.60 -4.47 -50.89
C LEU C 407 58.46 -3.45 -50.82
N GLY C 408 58.51 -2.42 -51.64
CA GLY C 408 57.39 -1.47 -51.81
C GLY C 408 56.12 -2.19 -52.24
N ARG C 409 56.23 -3.11 -53.22
CA ARG C 409 55.09 -3.95 -53.61
C ARG C 409 54.63 -4.92 -52.52
N ALA C 410 55.57 -5.51 -51.79
CA ALA C 410 55.22 -6.42 -50.73
C ALA C 410 54.42 -5.74 -49.62
N ALA C 411 54.82 -4.53 -49.25
CA ALA C 411 54.09 -3.68 -48.25
C ALA C 411 52.65 -3.34 -48.65
N GLN C 412 52.50 -3.01 -49.93
CA GLN C 412 51.19 -2.86 -50.55
C GLN C 412 50.25 -4.06 -50.40
N ARG C 413 50.77 -5.28 -50.34
CA ARG C 413 49.96 -6.50 -50.13
C ARG C 413 50.10 -7.05 -48.68
N GLN C 414 50.71 -6.27 -47.79
CA GLN C 414 50.88 -6.64 -46.39
C GLN C 414 51.52 -8.02 -46.24
N ILE C 415 52.67 -8.15 -46.88
CA ILE C 415 53.45 -9.38 -46.86
C ILE C 415 54.86 -9.01 -46.33
N ASN C 416 55.41 -9.86 -45.44
CA ASN C 416 56.76 -9.70 -44.85
C ASN C 416 57.67 -10.78 -45.42
N PHE C 417 58.87 -10.37 -45.83
CA PHE C 417 59.95 -11.25 -46.15
C PHE C 417 61.06 -11.10 -45.08
N ARG C 418 62.02 -12.05 -45.07
CA ARG C 418 63.24 -11.87 -44.32
C ARG C 418 64.24 -11.04 -45.13
N LEU C 419 64.80 -9.99 -44.54
CA LEU C 419 65.83 -9.19 -45.22
C LEU C 419 67.19 -9.59 -44.68
N PHE C 420 67.98 -10.30 -45.49
CA PHE C 420 69.33 -10.65 -45.13
C PHE C 420 70.22 -9.37 -45.19
N GLU C 421 71.26 -9.35 -44.36
CA GLU C 421 72.22 -8.27 -44.30
C GLU C 421 72.86 -8.00 -45.63
N ASP C 422 73.12 -9.05 -46.43
CA ASP C 422 73.73 -8.87 -47.77
C ASP C 422 72.82 -8.27 -48.85
N GLY C 423 71.60 -7.88 -48.53
CA GLY C 423 70.71 -7.24 -49.53
C GLY C 423 69.81 -8.25 -50.25
N THR C 424 70.01 -9.54 -50.03
CA THR C 424 69.15 -10.59 -50.57
C THR C 424 67.94 -10.83 -49.65
N LEU C 425 66.97 -11.59 -50.18
CA LEU C 425 65.67 -11.79 -49.51
C LEU C 425 65.40 -13.27 -49.19
N GLY C 426 64.88 -13.50 -47.99
CA GLY C 426 64.44 -14.82 -47.57
C GLY C 426 62.92 -14.91 -47.67
N ILE C 427 62.43 -15.97 -48.32
CA ILE C 427 61.00 -16.27 -48.36
C ILE C 427 60.78 -17.71 -47.95
N SER C 428 59.94 -17.86 -46.92
CA SER C 428 59.56 -19.14 -46.40
C SER C 428 58.05 -19.34 -46.49
N LEU C 429 57.63 -20.30 -47.32
CA LEU C 429 56.22 -20.63 -47.47
C LEU C 429 55.84 -21.63 -46.39
N ASP C 430 54.54 -21.86 -46.24
CA ASP C 430 54.02 -22.68 -45.16
C ASP C 430 52.65 -23.29 -45.52
N GLU C 431 52.09 -24.06 -44.62
CA GLU C 431 50.81 -24.72 -44.81
C GLU C 431 49.67 -23.82 -45.29
N THR C 432 49.67 -22.57 -44.89
CA THR C 432 48.62 -21.62 -45.24
C THR C 432 48.66 -21.07 -46.66
N VAL C 433 49.75 -21.29 -47.35
CA VAL C 433 49.91 -20.70 -48.66
C VAL C 433 49.05 -21.37 -49.74
N ASN C 434 48.25 -20.55 -50.42
CA ASN C 434 47.38 -20.97 -51.55
C ASN C 434 47.69 -20.24 -52.85
N GLU C 435 46.94 -20.62 -53.91
CA GLU C 435 47.11 -20.00 -55.22
C GLU C 435 47.12 -18.47 -55.17
N LYS C 436 46.18 -17.90 -54.44
CA LYS C 436 46.04 -16.45 -54.32
C LYS C 436 47.34 -15.79 -53.77
N ASP C 437 47.89 -16.39 -52.71
CA ASP C 437 49.12 -15.90 -52.11
C ASP C 437 50.25 -16.02 -53.13
N LEU C 438 50.34 -17.14 -53.84
CA LEU C 438 51.38 -17.27 -54.88
C LEU C 438 51.27 -16.21 -55.97
N ASP C 439 50.05 -15.92 -56.41
CA ASP C 439 49.81 -14.88 -57.42
C ASP C 439 50.23 -13.52 -56.88
N ASP C 440 49.93 -13.25 -55.59
CA ASP C 440 50.43 -12.01 -54.95
C ASP C 440 51.96 -11.95 -54.98
N LEU C 441 52.59 -13.07 -54.63
CA LEU C 441 54.08 -13.13 -54.57
C LEU C 441 54.74 -12.93 -55.92
N LEU C 442 54.20 -13.60 -56.96
CA LEU C 442 54.68 -13.46 -58.33
C LEU C 442 54.56 -12.03 -58.83
N TRP C 443 53.44 -11.40 -58.51
CA TRP C 443 53.25 -9.98 -58.80
C TRP C 443 54.26 -9.09 -58.05
N ILE C 444 54.49 -9.37 -56.76
CA ILE C 444 55.51 -8.64 -56.01
C ILE C 444 56.87 -8.69 -56.73
N PHE C 445 57.22 -9.84 -57.29
CA PHE C 445 58.47 -9.98 -58.01
C PHE C 445 58.43 -9.61 -59.51
N GLY C 446 57.34 -9.02 -59.98
CA GLY C 446 57.29 -8.56 -61.36
C GLY C 446 57.09 -9.66 -62.39
N CYS C 447 56.70 -10.85 -61.99
CA CYS C 447 56.51 -11.97 -62.91
C CYS C 447 55.10 -11.79 -63.57
N GLU C 448 55.08 -11.73 -64.89
CA GLU C 448 53.84 -11.61 -65.67
C GLU C 448 52.90 -12.80 -65.46
N SER C 449 53.43 -13.98 -65.22
CA SER C 449 52.64 -15.24 -65.32
C SER C 449 52.02 -15.61 -64.01
N SER C 450 50.80 -16.08 -64.04
CA SER C 450 50.13 -16.59 -62.87
C SER C 450 50.77 -17.89 -62.38
N ALA C 451 50.39 -18.26 -61.15
CA ALA C 451 50.77 -19.55 -60.57
C ALA C 451 50.34 -20.75 -61.42
N GLU C 452 49.12 -20.71 -61.90
CA GLU C 452 48.62 -21.71 -62.87
C GLU C 452 49.51 -21.83 -64.12
N LEU C 453 49.86 -20.69 -64.70
CA LEU C 453 50.69 -20.68 -65.90
C LEU C 453 52.09 -21.26 -65.63
N VAL C 454 52.69 -20.81 -64.55
CA VAL C 454 54.01 -21.25 -64.20
C VAL C 454 54.03 -22.77 -64.01
N ALA C 455 53.03 -23.27 -63.34
CA ALA C 455 52.88 -24.69 -63.12
C ALA C 455 52.84 -25.43 -64.42
N GLU C 456 52.07 -24.95 -65.38
CA GLU C 456 51.95 -25.57 -66.66
C GLU C 456 53.24 -25.84 -67.39
N SER C 457 54.22 -24.95 -67.32
CA SER C 457 55.50 -25.23 -67.99
C SER C 457 56.44 -26.15 -67.23
N MET C 458 56.12 -26.42 -65.98
CA MET C 458 56.89 -27.41 -65.20
C MET C 458 56.46 -28.84 -65.52
N ARG C 463 61.07 -33.47 -59.77
CA ARG C 463 61.52 -32.14 -59.26
C ARG C 463 61.65 -31.86 -57.74
N GLY C 464 62.58 -31.00 -57.38
CA GLY C 464 62.95 -30.78 -55.98
C GLY C 464 63.24 -32.08 -55.23
N ILE C 465 62.71 -32.18 -54.02
CA ILE C 465 63.10 -33.21 -53.07
C ILE C 465 62.74 -34.62 -53.58
N PRO C 466 61.51 -34.83 -54.06
CA PRO C 466 61.11 -36.17 -54.58
C PRO C 466 61.88 -36.66 -55.81
N GLY C 467 62.39 -35.75 -56.64
CA GLY C 467 63.30 -36.12 -57.70
C GLY C 467 64.78 -36.20 -57.31
N SER C 468 65.11 -36.11 -56.02
CA SER C 468 66.53 -36.06 -55.57
C SER C 468 66.96 -37.28 -54.71
N VAL C 469 68.26 -37.39 -54.50
CA VAL C 469 68.83 -38.42 -53.60
C VAL C 469 68.41 -38.18 -52.12
N PHE C 470 67.81 -37.02 -51.81
CA PHE C 470 67.33 -36.73 -50.48
C PHE C 470 65.89 -37.16 -50.16
N LYS C 471 65.16 -37.75 -51.08
CA LYS C 471 63.76 -38.07 -50.84
C LYS C 471 63.65 -39.11 -49.73
N ARG C 472 62.70 -38.94 -48.81
CA ARG C 472 62.57 -39.87 -47.73
C ARG C 472 62.10 -41.22 -48.25
N THR C 473 62.66 -42.32 -47.80
CA THR C 473 62.09 -43.63 -48.17
C THR C 473 61.68 -44.43 -46.92
N SER C 474 61.85 -43.89 -45.72
CA SER C 474 61.55 -44.61 -44.50
C SER C 474 60.18 -44.27 -43.97
N PRO C 475 59.52 -45.24 -43.36
CA PRO C 475 58.16 -45.04 -42.86
C PRO C 475 58.18 -44.28 -41.56
N PHE C 476 57.04 -43.72 -41.19
CA PHE C 476 56.84 -43.07 -39.92
C PHE C 476 55.38 -43.07 -39.48
N LEU C 477 55.16 -43.00 -38.17
CA LEU C 477 53.81 -43.00 -37.60
C LEU C 477 52.99 -44.25 -38.04
N THR C 478 53.62 -45.43 -37.98
CA THR C 478 52.90 -46.68 -38.28
C THR C 478 52.10 -47.22 -37.08
N HIS C 479 52.31 -46.74 -35.86
CA HIS C 479 51.54 -47.27 -34.72
C HIS C 479 50.05 -46.92 -34.89
N GLN C 480 49.17 -47.78 -34.40
CA GLN C 480 47.73 -47.58 -34.53
C GLN C 480 47.20 -46.23 -34.01
N VAL C 481 47.85 -45.61 -33.06
CA VAL C 481 47.42 -44.31 -32.53
C VAL C 481 47.37 -43.22 -33.63
N PHE C 482 48.24 -43.33 -34.63
CA PHE C 482 48.34 -42.38 -35.73
C PHE C 482 47.51 -42.76 -36.95
N ASN C 483 46.73 -43.83 -36.84
CA ASN C 483 45.96 -44.36 -37.99
C ASN C 483 44.53 -44.64 -37.58
N SER C 484 44.05 -44.05 -36.50
CA SER C 484 42.74 -44.42 -35.93
C SER C 484 41.80 -43.27 -35.74
N TYR C 485 42.31 -42.04 -35.62
CA TYR C 485 41.48 -40.93 -35.15
C TYR C 485 41.46 -39.80 -36.18
N HIS C 486 41.02 -40.14 -37.40
CA HIS C 486 41.05 -39.20 -38.53
C HIS C 486 39.69 -38.48 -38.77
N SER C 487 38.59 -39.07 -38.28
CA SER C 487 37.32 -38.36 -38.30
C SER C 487 37.28 -37.37 -37.18
N GLU C 488 36.51 -36.27 -37.32
CA GLU C 488 36.44 -35.30 -36.21
C GLU C 488 35.74 -35.97 -35.02
N THR C 489 34.73 -36.77 -35.30
CA THR C 489 34.06 -37.51 -34.23
C THR C 489 35.07 -38.39 -33.42
N ASN C 490 36.02 -39.05 -34.11
CA ASN C 490 36.94 -39.92 -33.39
C ASN C 490 37.95 -39.15 -32.54
N ILE C 491 38.46 -38.07 -33.10
CA ILE C 491 39.46 -37.27 -32.41
C ILE C 491 38.83 -36.64 -31.12
N VAL C 492 37.61 -36.10 -31.25
CA VAL C 492 36.95 -35.58 -30.07
C VAL C 492 36.82 -36.66 -28.97
N ARG C 493 36.40 -37.87 -29.37
CA ARG C 493 36.23 -38.97 -28.42
C ARG C 493 37.56 -39.39 -27.76
N TYR C 494 38.64 -39.40 -28.54
CA TYR C 494 39.97 -39.72 -28.00
C TYR C 494 40.45 -38.66 -26.96
N MET C 495 40.33 -37.39 -27.32
CA MET C 495 40.74 -36.29 -26.43
C MET C 495 39.91 -36.32 -25.13
N LYS C 496 38.61 -36.59 -25.25
CA LYS C 496 37.78 -36.75 -24.06
C LYS C 496 38.16 -37.96 -23.15
N LYS C 497 38.44 -39.10 -23.77
CA LYS C 497 38.83 -40.30 -23.03
C LYS C 497 40.07 -40.02 -22.18
N LEU C 498 41.06 -39.36 -22.78
CA LEU C 498 42.28 -38.97 -22.03
C LEU C 498 42.01 -37.93 -20.96
N GLU C 499 41.25 -36.87 -21.28
CA GLU C 499 40.86 -35.86 -20.29
C GLU C 499 40.29 -36.51 -19.04
N ASN C 500 39.39 -37.44 -19.25
CA ASN C 500 38.60 -38.00 -18.15
C ASN C 500 39.43 -38.95 -17.24
N LYS C 501 40.58 -39.40 -17.71
CA LYS C 501 41.50 -40.13 -16.88
C LYS C 501 42.25 -39.25 -15.85
N ASP C 502 42.20 -37.91 -16.03
CA ASP C 502 43.08 -37.03 -15.30
C ASP C 502 42.29 -36.17 -14.32
N ILE C 503 42.60 -36.29 -13.01
CA ILE C 503 41.96 -35.40 -12.03
C ILE C 503 42.51 -34.00 -12.27
N SER C 504 41.68 -32.98 -12.08
CA SER C 504 42.05 -31.58 -12.38
C SER C 504 41.23 -30.62 -11.55
N LEU C 505 41.40 -29.32 -11.74
CA LEU C 505 40.70 -28.35 -10.98
C LEU C 505 39.20 -28.22 -11.30
N VAL C 506 38.72 -28.95 -12.31
CA VAL C 506 37.30 -29.09 -12.52
C VAL C 506 36.70 -30.17 -11.62
N HIS C 507 37.53 -30.90 -10.87
CA HIS C 507 37.05 -31.90 -9.93
C HIS C 507 37.17 -31.44 -8.47
N SER C 508 38.35 -31.06 -8.03
CA SER C 508 38.60 -30.81 -6.62
C SER C 508 39.90 -30.05 -6.43
N MET C 509 40.09 -29.54 -5.21
CA MET C 509 41.35 -28.83 -4.85
C MET C 509 42.56 -29.81 -5.08
N ILE C 510 43.64 -29.27 -5.67
CA ILE C 510 44.92 -29.92 -5.84
C ILE C 510 45.96 -29.13 -5.02
N PRO C 511 46.13 -29.49 -3.73
CA PRO C 511 46.79 -28.54 -2.80
C PRO C 511 48.28 -28.70 -2.81
N LEU C 512 48.85 -28.50 -3.97
CA LEU C 512 50.21 -28.69 -4.19
C LEU C 512 51.11 -27.59 -3.70
N GLY C 513 51.79 -27.90 -2.63
CA GLY C 513 52.80 -27.03 -2.10
C GLY C 513 53.83 -26.70 -3.15
N SER C 514 54.10 -25.39 -3.20
CA SER C 514 55.02 -24.74 -4.09
C SER C 514 54.51 -24.71 -5.54
N CYS C 515 53.21 -24.83 -5.73
CA CYS C 515 52.63 -24.84 -7.06
C CYS C 515 51.55 -23.76 -7.28
N THR C 516 50.88 -23.38 -6.24
CA THR C 516 49.82 -22.34 -6.29
C THR C 516 48.76 -22.64 -7.35
N MET C 517 48.02 -23.71 -7.08
CA MET C 517 46.98 -24.22 -7.98
C MET C 517 45.69 -23.41 -7.81
N LYS C 518 45.79 -22.12 -8.10
CA LYS C 518 44.61 -21.19 -8.00
C LYS C 518 43.74 -21.17 -9.31
N LEU C 519 42.68 -20.36 -9.30
CA LEU C 519 41.77 -20.24 -10.44
C LEU C 519 42.40 -19.69 -11.73
N ASN C 520 42.15 -20.41 -12.83
CA ASN C 520 42.52 -19.99 -14.19
C ASN C 520 41.18 -19.61 -14.82
N SER C 521 40.89 -18.31 -14.84
CA SER C 521 39.57 -17.85 -15.13
C SER C 521 39.37 -17.78 -16.63
N SER C 522 38.11 -18.05 -17.02
CA SER C 522 37.72 -18.04 -18.40
C SER C 522 37.97 -16.66 -19.07
N SER C 523 37.66 -15.57 -18.38
CA SER C 523 37.96 -14.22 -18.93
C SER C 523 39.44 -13.96 -19.19
N GLU C 524 40.28 -14.46 -18.25
CA GLU C 524 41.75 -14.34 -18.41
C GLU C 524 42.24 -15.19 -19.62
N LEU C 525 41.63 -16.36 -19.78
CA LEU C 525 42.10 -17.33 -20.78
C LEU C 525 41.62 -16.94 -22.20
N ALA C 526 40.45 -16.35 -22.33
CA ALA C 526 39.88 -16.06 -23.65
C ALA C 526 40.86 -15.43 -24.68
N PRO C 527 41.58 -14.39 -24.29
CA PRO C 527 42.44 -13.69 -25.27
C PRO C 527 43.54 -14.46 -25.93
N ILE C 528 43.97 -15.56 -25.36
CA ILE C 528 45.20 -16.25 -25.91
C ILE C 528 44.93 -16.92 -27.26
N THR C 529 43.70 -17.16 -27.60
CA THR C 529 43.37 -17.61 -28.97
C THR C 529 42.83 -16.50 -29.86
N TRP C 530 42.84 -15.25 -29.41
CA TRP C 530 42.52 -14.15 -30.33
C TRP C 530 43.60 -14.06 -31.40
N LYS C 531 43.18 -13.88 -32.66
CA LYS C 531 44.12 -13.80 -33.79
C LYS C 531 45.15 -12.68 -33.69
N GLU C 532 44.76 -11.56 -33.09
CA GLU C 532 45.61 -10.39 -32.89
C GLU C 532 46.77 -10.66 -31.91
N PHE C 533 46.63 -11.69 -31.06
CA PHE C 533 47.72 -12.23 -30.23
C PHE C 533 48.35 -13.51 -30.79
N ALA C 534 47.55 -14.48 -31.24
CA ALA C 534 48.07 -15.78 -31.64
C ALA C 534 48.80 -15.81 -32.99
N ASN C 535 48.44 -14.92 -33.90
CA ASN C 535 48.85 -15.07 -35.30
C ASN C 535 49.81 -13.95 -35.78
N ILE C 536 50.76 -13.54 -34.94
CA ILE C 536 51.78 -12.57 -35.32
C ILE C 536 53.14 -13.26 -35.26
N HIS C 537 53.92 -13.18 -36.32
CA HIS C 537 55.24 -13.81 -36.35
C HIS C 537 56.16 -13.00 -35.35
N PRO C 538 56.91 -13.71 -34.47
CA PRO C 538 57.76 -12.98 -33.47
C PRO C 538 58.74 -11.91 -34.00
N PHE C 539 59.15 -11.99 -35.25
CA PHE C 539 60.16 -11.09 -35.82
C PHE C 539 59.60 -10.12 -36.85
N VAL C 540 58.32 -9.83 -36.80
CA VAL C 540 57.75 -8.75 -37.63
C VAL C 540 58.38 -7.39 -37.31
N PRO C 541 58.46 -6.49 -38.31
CA PRO C 541 58.73 -5.07 -37.94
C PRO C 541 57.79 -4.65 -36.80
N LEU C 542 58.32 -3.84 -35.91
CA LEU C 542 57.63 -3.48 -34.65
C LEU C 542 56.38 -2.59 -34.83
N ASP C 543 56.29 -1.86 -35.95
CA ASP C 543 55.05 -1.16 -36.28
C ASP C 543 53.83 -2.09 -36.52
N GLN C 544 54.05 -3.40 -36.65
CA GLN C 544 52.98 -4.42 -36.68
C GLN C 544 52.55 -4.98 -35.29
N ALA C 545 53.31 -4.67 -34.23
CA ALA C 545 53.09 -5.26 -32.91
C ALA C 545 52.96 -4.20 -31.81
N GLN C 546 52.37 -3.03 -32.12
CA GLN C 546 52.26 -1.92 -31.15
C GLN C 546 51.32 -2.26 -29.99
N GLY C 547 50.38 -3.12 -30.26
CA GLY C 547 49.56 -3.68 -29.18
C GLY C 547 50.37 -4.50 -28.19
N TYR C 548 51.26 -5.35 -28.66
CA TYR C 548 52.14 -6.13 -27.75
C TYR C 548 53.02 -5.19 -26.87
N GLN C 549 53.61 -4.19 -27.49
CA GLN C 549 54.41 -3.17 -26.83
C GLN C 549 53.66 -2.52 -25.68
N GLN C 550 52.40 -2.16 -25.88
CA GLN C 550 51.59 -1.60 -24.83
C GLN C 550 51.34 -2.62 -23.74
N LEU C 551 50.92 -3.84 -24.10
CA LEU C 551 50.77 -4.95 -23.14
C LEU C 551 51.98 -5.12 -22.23
N PHE C 552 53.15 -5.19 -22.85
CA PHE C 552 54.40 -5.39 -22.10
C PHE C 552 54.61 -4.21 -21.10
N ARG C 553 54.49 -2.98 -21.58
CA ARG C 553 54.65 -1.79 -20.75
C ARG C 553 53.70 -1.79 -19.56
N GLU C 554 52.43 -2.11 -19.82
CA GLU C 554 51.48 -2.12 -18.73
C GLU C 554 51.75 -3.22 -17.69
N LEU C 555 52.05 -4.44 -18.15
CA LEU C 555 52.28 -5.57 -17.25
C LEU C 555 53.61 -5.33 -16.48
N GLU C 556 54.61 -4.78 -17.17
CA GLU C 556 55.89 -4.47 -16.50
C GLU C 556 55.69 -3.53 -15.34
N LYS C 557 54.92 -2.46 -15.56
CA LYS C 557 54.73 -1.41 -14.58
C LYS C 557 54.02 -1.98 -13.36
N ASP C 558 52.97 -2.80 -13.59
CA ASP C 558 52.26 -3.42 -12.48
C ASP C 558 53.20 -4.41 -11.75
N LEU C 559 54.01 -5.16 -12.47
CA LEU C 559 54.91 -6.15 -11.78
C LEU C 559 55.98 -5.44 -10.99
N CYS C 560 56.46 -4.31 -11.51
CA CYS C 560 57.40 -3.47 -10.78
C CYS C 560 56.81 -2.99 -9.45
N GLU C 561 55.58 -2.49 -9.49
CA GLU C 561 54.88 -2.07 -8.29
C GLU C 561 54.57 -3.20 -7.27
N LEU C 562 54.26 -4.41 -7.73
CA LEU C 562 54.05 -5.56 -6.78
C LEU C 562 55.31 -6.06 -6.10
N THR C 563 56.45 -5.85 -6.73
CA THR C 563 57.74 -6.49 -6.31
C THR C 563 58.77 -5.45 -5.72
N GLY C 564 58.54 -4.18 -6.00
CA GLY C 564 59.50 -3.14 -5.68
C GLY C 564 60.71 -3.13 -6.58
N TYR C 565 60.62 -3.65 -7.80
CA TYR C 565 61.76 -3.61 -8.75
C TYR C 565 61.60 -2.48 -9.72
N ASP C 566 62.68 -2.17 -10.45
CA ASP C 566 62.70 -1.00 -11.34
C ASP C 566 62.50 -1.35 -12.83
N GLN C 567 62.77 -2.60 -13.20
CA GLN C 567 62.63 -3.04 -14.54
C GLN C 567 62.34 -4.51 -14.58
N VAL C 568 61.45 -4.90 -15.51
CA VAL C 568 61.13 -6.31 -15.74
C VAL C 568 61.52 -6.70 -17.18
N CYS C 569 62.11 -7.91 -17.31
CA CYS C 569 62.47 -8.52 -18.58
C CYS C 569 61.61 -9.80 -18.73
N PHE C 570 60.84 -9.89 -19.83
CA PHE C 570 59.96 -11.01 -20.13
C PHE C 570 60.59 -12.19 -20.90
N GLN C 571 61.81 -12.05 -21.36
CA GLN C 571 62.44 -13.13 -22.14
C GLN C 571 62.42 -14.53 -21.47
N PRO C 572 62.65 -14.63 -20.15
CA PRO C 572 62.82 -16.00 -19.65
C PRO C 572 61.48 -16.72 -19.57
N ASN C 573 61.45 -17.92 -20.17
CA ASN C 573 60.21 -18.62 -20.42
C ASN C 573 59.91 -19.80 -19.48
N SER C 574 60.49 -19.70 -18.29
CA SER C 574 60.12 -20.54 -17.14
C SER C 574 60.79 -19.90 -15.94
N GLY C 575 60.35 -20.33 -14.76
CA GLY C 575 60.94 -19.91 -13.50
C GLY C 575 62.44 -20.22 -13.43
N ALA C 576 62.80 -21.44 -13.84
CA ALA C 576 64.18 -21.86 -13.83
C ALA C 576 65.01 -21.03 -14.82
N GLN C 577 64.48 -20.71 -15.97
CA GLN C 577 65.13 -19.80 -16.90
C GLN C 577 65.32 -18.39 -16.29
N GLY C 578 64.35 -17.96 -15.48
CA GLY C 578 64.47 -16.71 -14.74
C GLY C 578 65.65 -16.73 -13.78
N GLU C 579 65.80 -17.85 -13.05
CA GLU C 579 66.88 -18.02 -12.10
C GLU C 579 68.17 -17.96 -12.86
N TYR C 580 68.27 -18.73 -13.93
CA TYR C 580 69.48 -18.69 -14.77
C TYR C 580 69.76 -17.29 -15.34
N ALA C 581 68.76 -16.63 -15.92
CA ALA C 581 68.96 -15.31 -16.46
C ALA C 581 69.44 -14.35 -15.36
N GLY C 582 68.79 -14.43 -14.18
CA GLY C 582 69.05 -13.54 -13.04
C GLY C 582 70.44 -13.68 -12.47
N LEU C 583 70.86 -14.94 -12.33
CA LEU C 583 72.24 -15.24 -11.91
C LEU C 583 73.26 -14.78 -12.94
N ALA C 584 73.01 -15.05 -14.23
CA ALA C 584 73.92 -14.57 -15.26
C ALA C 584 74.06 -13.04 -15.29
N THR C 585 72.91 -12.33 -15.12
CA THR C 585 72.91 -10.90 -15.04
C THR C 585 73.76 -10.34 -13.87
N ILE C 586 73.65 -10.99 -12.70
CA ILE C 586 74.52 -10.70 -11.56
C ILE C 586 76.00 -10.84 -11.96
N ARG C 587 76.35 -11.95 -12.61
CA ARG C 587 77.76 -12.17 -13.00
C ARG C 587 78.23 -11.09 -14.00
N ALA C 588 77.37 -10.69 -14.96
CA ALA C 588 77.76 -9.66 -15.95
C ALA C 588 77.94 -8.32 -15.28
N TYR C 589 77.05 -7.99 -14.33
CA TYR C 589 77.25 -6.86 -13.40
C TYR C 589 78.61 -6.90 -12.69
N LEU C 590 78.92 -8.02 -12.06
CA LEU C 590 80.16 -8.15 -11.37
C LEU C 590 81.36 -8.00 -12.30
N ASN C 591 81.36 -8.71 -13.42
CA ASN C 591 82.44 -8.63 -14.37
C ASN C 591 82.68 -7.18 -14.85
N GLN C 592 81.62 -6.45 -15.08
CA GLN C 592 81.75 -5.12 -15.58
C GLN C 592 82.41 -4.17 -14.60
N LYS C 593 82.20 -4.39 -13.32
CA LYS C 593 82.73 -3.56 -12.32
C LYS C 593 84.10 -4.02 -11.72
N GLY C 594 84.76 -4.94 -12.42
CA GLY C 594 86.06 -5.46 -11.99
C GLY C 594 86.04 -6.50 -10.90
N GLU C 595 84.90 -7.16 -10.67
CA GLU C 595 84.79 -8.18 -9.60
C GLU C 595 84.47 -9.56 -10.14
N GLY C 596 84.91 -9.83 -11.36
CA GLY C 596 84.55 -11.06 -12.07
C GLY C 596 85.07 -12.34 -11.48
N HIS C 597 86.04 -12.22 -10.60
CA HIS C 597 86.51 -13.36 -9.78
C HIS C 597 85.46 -13.92 -8.82
N ARG C 598 84.46 -13.11 -8.44
CA ARG C 598 83.42 -13.57 -7.54
C ARG C 598 82.45 -14.53 -8.26
N THR C 599 82.49 -15.81 -7.91
CA THR C 599 81.57 -16.80 -8.44
C THR C 599 80.80 -17.64 -7.38
N VAL C 600 81.05 -17.44 -6.07
CA VAL C 600 80.40 -18.28 -5.07
C VAL C 600 78.93 -17.90 -4.87
N CYS C 601 78.08 -18.92 -4.84
CA CYS C 601 76.64 -18.71 -4.63
C CYS C 601 76.23 -19.55 -3.43
N LEU C 602 75.76 -18.86 -2.40
CA LEU C 602 75.23 -19.47 -1.17
C LEU C 602 73.79 -19.90 -1.42
N ILE C 603 73.48 -21.17 -1.16
CA ILE C 603 72.15 -21.72 -1.34
C ILE C 603 71.70 -22.54 -0.13
N PRO C 604 70.70 -22.06 0.63
CA PRO C 604 70.19 -22.90 1.70
C PRO C 604 69.77 -24.30 1.20
N LYS C 605 69.98 -25.31 2.03
CA LYS C 605 69.64 -26.68 1.61
C LYS C 605 68.12 -26.91 1.39
N SER C 606 67.26 -26.04 1.94
CA SER C 606 65.84 -26.09 1.70
C SER C 606 65.37 -25.50 0.34
N ALA C 607 66.28 -24.88 -0.42
CA ALA C 607 65.92 -24.32 -1.73
C ALA C 607 65.38 -25.35 -2.69
N HIS C 608 64.46 -24.94 -3.53
CA HIS C 608 64.01 -25.71 -4.68
C HIS C 608 65.21 -26.18 -5.50
N GLY C 609 65.12 -27.39 -6.05
CA GLY C 609 66.23 -27.99 -6.78
C GLY C 609 66.68 -27.21 -8.00
N THR C 610 65.76 -26.44 -8.60
CA THR C 610 66.10 -25.52 -9.70
C THR C 610 67.21 -24.53 -9.31
N ASN C 611 67.21 -24.07 -8.04
CA ASN C 611 68.17 -23.06 -7.61
C ASN C 611 69.65 -23.52 -7.83
N PRO C 612 70.07 -24.63 -7.21
CA PRO C 612 71.42 -25.17 -7.50
C PRO C 612 71.70 -25.58 -8.94
N ALA C 613 70.72 -26.13 -9.61
CA ALA C 613 70.89 -26.44 -11.07
C ALA C 613 71.11 -25.15 -11.94
N SER C 614 70.33 -24.09 -11.67
CA SER C 614 70.47 -22.83 -12.36
C SER C 614 71.81 -22.20 -12.05
N ALA C 615 72.24 -22.26 -10.78
CA ALA C 615 73.52 -21.68 -10.40
C ALA C 615 74.66 -22.40 -11.10
N HIS C 616 74.59 -23.74 -11.15
CA HIS C 616 75.60 -24.54 -11.88
C HIS C 616 75.57 -24.17 -13.38
N MET C 617 74.39 -24.10 -13.97
CA MET C 617 74.28 -23.68 -15.37
C MET C 617 74.88 -22.26 -15.62
N ALA C 618 74.74 -21.34 -14.65
CA ALA C 618 75.34 -20.01 -14.80
C ALA C 618 76.84 -19.95 -14.51
N GLY C 619 77.47 -21.11 -14.24
CA GLY C 619 78.89 -21.17 -13.96
C GLY C 619 79.32 -20.79 -12.55
N MET C 620 78.38 -20.74 -11.60
CA MET C 620 78.73 -20.43 -10.24
C MET C 620 79.17 -21.65 -9.45
N LYS C 621 79.97 -21.38 -8.40
CA LYS C 621 80.37 -22.40 -7.44
C LYS C 621 79.41 -22.37 -6.29
N ILE C 622 78.85 -23.51 -5.96
CA ILE C 622 77.78 -23.55 -4.99
C ILE C 622 78.26 -23.87 -3.60
N GLN C 623 77.84 -23.08 -2.62
CA GLN C 623 78.13 -23.40 -1.21
C GLN C 623 76.79 -23.58 -0.52
N PRO C 624 76.42 -24.83 -0.17
CA PRO C 624 75.20 -25.04 0.60
C PRO C 624 75.26 -24.35 1.98
N VAL C 625 74.11 -23.92 2.47
CA VAL C 625 73.98 -23.34 3.80
C VAL C 625 72.98 -24.18 4.57
N GLU C 626 73.29 -24.52 5.82
CA GLU C 626 72.45 -25.39 6.62
C GLU C 626 71.16 -24.66 7.06
N VAL C 627 70.15 -25.46 7.36
CA VAL C 627 68.87 -25.06 7.90
C VAL C 627 68.83 -25.60 9.34
N ASP C 628 68.28 -24.83 10.29
CA ASP C 628 68.26 -25.24 11.71
C ASP C 628 67.05 -26.07 12.03
N LYS C 629 66.94 -26.55 13.26
CA LYS C 629 65.83 -27.43 13.68
C LYS C 629 64.45 -26.76 13.62
N TYR C 630 64.38 -25.44 13.53
CA TYR C 630 63.12 -24.71 13.42
C TYR C 630 62.75 -24.43 11.98
N GLY C 631 63.60 -24.81 11.01
CA GLY C 631 63.30 -24.69 9.60
C GLY C 631 63.89 -23.48 8.94
N ASN C 632 64.54 -22.63 9.72
CA ASN C 632 65.05 -21.35 9.23
C ASN C 632 66.50 -21.55 8.75
N ILE C 633 67.01 -20.66 7.92
CA ILE C 633 68.44 -20.65 7.62
C ILE C 633 69.20 -20.60 8.93
N ASP C 634 70.12 -21.53 9.13
CA ASP C 634 70.98 -21.55 10.31
C ASP C 634 71.91 -20.34 10.33
N ALA C 635 71.70 -19.46 11.29
CA ALA C 635 72.41 -18.17 11.32
C ALA C 635 73.88 -18.37 11.62
N VAL C 636 74.20 -19.36 12.46
CA VAL C 636 75.63 -19.68 12.77
C VAL C 636 76.35 -20.08 11.47
N HIS C 637 75.79 -21.04 10.75
CA HIS C 637 76.45 -21.52 9.56
C HIS C 637 76.51 -20.47 8.41
N LEU C 638 75.43 -19.72 8.28
CA LEU C 638 75.40 -18.62 7.32
C LEU C 638 76.56 -17.64 7.55
N LYS C 639 76.73 -17.16 8.79
CA LYS C 639 77.80 -16.21 9.08
C LYS C 639 79.18 -16.83 8.80
N ALA C 640 79.33 -18.12 9.13
CA ALA C 640 80.57 -18.84 8.83
C ALA C 640 80.80 -18.97 7.32
N MET C 641 79.78 -19.25 6.51
CA MET C 641 80.02 -19.39 5.08
C MET C 641 80.31 -18.06 4.39
N VAL C 642 79.67 -16.99 4.85
CA VAL C 642 79.92 -15.63 4.34
C VAL C 642 81.35 -15.23 4.66
N ASP C 643 81.81 -15.57 5.88
CA ASP C 643 83.19 -15.24 6.29
C ASP C 643 84.18 -16.00 5.44
N LYS C 644 83.97 -17.31 5.28
CA LYS C 644 84.82 -18.18 4.47
C LYS C 644 84.93 -17.65 3.03
N HIS C 645 83.80 -17.28 2.41
CA HIS C 645 83.82 -16.95 1.00
C HIS C 645 83.85 -15.46 0.68
N LYS C 646 83.97 -14.61 1.69
CA LYS C 646 83.81 -13.15 1.50
C LYS C 646 84.56 -12.48 0.32
N GLU C 647 85.69 -12.99 -0.06
CA GLU C 647 86.44 -12.42 -1.16
C GLU C 647 85.87 -12.86 -2.52
N ASN C 648 85.16 -13.98 -2.55
CA ASN C 648 84.71 -14.58 -3.80
C ASN C 648 83.18 -14.67 -3.88
N LEU C 649 82.48 -13.95 -3.00
CA LEU C 649 81.02 -14.11 -2.88
C LEU C 649 80.31 -13.32 -3.99
N ALA C 650 79.56 -14.04 -4.79
CA ALA C 650 78.78 -13.47 -5.92
C ALA C 650 77.33 -13.26 -5.53
N ALA C 651 76.73 -14.26 -4.87
CA ALA C 651 75.31 -14.15 -4.58
C ALA C 651 74.83 -15.08 -3.49
N ILE C 652 73.61 -14.79 -3.03
CA ILE C 652 72.79 -15.73 -2.27
C ILE C 652 71.46 -15.91 -3.00
N MET C 653 70.91 -17.13 -2.95
CA MET C 653 69.54 -17.43 -3.37
C MET C 653 68.64 -17.73 -2.17
N ILE C 654 67.73 -16.80 -1.86
CA ILE C 654 66.78 -16.98 -0.76
C ILE C 654 65.38 -17.12 -1.35
N THR C 655 64.47 -17.68 -0.53
CA THR C 655 63.08 -17.74 -0.84
C THR C 655 62.29 -17.14 0.31
N TYR C 656 61.31 -16.28 0.05
CA TYR C 656 60.56 -15.57 1.11
C TYR C 656 59.12 -15.53 0.73
N PRO C 657 58.21 -16.02 1.57
CA PRO C 657 58.55 -16.88 2.73
C PRO C 657 59.27 -18.14 2.29
N SER C 658 59.76 -18.89 3.23
CA SER C 658 60.60 -20.04 2.95
C SER C 658 59.85 -21.18 2.25
N THR C 659 60.60 -22.11 1.72
CA THR C 659 60.02 -23.24 1.01
C THR C 659 59.24 -24.22 1.92
N ASN C 660 59.24 -24.01 3.22
CA ASN C 660 58.37 -24.74 4.15
C ASN C 660 57.12 -23.91 4.55
N GLY C 661 56.99 -22.74 3.97
CA GLY C 661 55.84 -21.84 4.23
C GLY C 661 56.05 -20.82 5.33
N VAL C 662 57.26 -20.79 5.92
CA VAL C 662 57.50 -19.99 7.09
C VAL C 662 58.20 -18.66 6.72
N PHE C 663 57.62 -17.55 7.19
CA PHE C 663 58.32 -16.27 7.19
C PHE C 663 59.47 -16.23 8.20
N GLU C 664 60.70 -16.13 7.70
CA GLU C 664 61.90 -15.80 8.48
C GLU C 664 61.71 -14.49 9.20
N GLU C 665 62.22 -14.42 10.42
CA GLU C 665 62.02 -13.26 11.26
C GLU C 665 62.81 -12.02 10.86
N ASN C 666 64.01 -12.17 10.28
CA ASN C 666 64.89 -11.02 10.02
C ASN C 666 65.59 -11.10 8.68
N ILE C 667 64.79 -11.10 7.62
CA ILE C 667 65.31 -11.35 6.28
C ILE C 667 66.16 -10.17 5.77
N SER C 668 65.87 -8.94 6.20
CA SER C 668 66.71 -7.77 5.81
C SER C 668 68.14 -7.90 6.30
N ASP C 669 68.30 -8.53 7.47
CA ASP C 669 69.63 -8.77 8.05
C ASP C 669 70.44 -9.72 7.17
N VAL C 670 69.77 -10.73 6.57
CA VAL C 670 70.47 -11.63 5.67
C VAL C 670 70.87 -10.87 4.41
N CYS C 671 69.95 -10.08 3.86
CA CYS C 671 70.27 -9.27 2.68
C CYS C 671 71.47 -8.32 2.97
N ASP C 672 71.43 -7.64 4.13
CA ASP C 672 72.49 -6.70 4.48
C ASP C 672 73.86 -7.42 4.64
N LEU C 673 73.87 -8.62 5.24
CA LEU C 673 75.12 -9.40 5.39
C LEU C 673 75.78 -9.72 4.04
N ILE C 674 74.99 -10.12 3.07
CA ILE C 674 75.53 -10.44 1.77
C ILE C 674 76.02 -9.20 1.03
N HIS C 675 75.25 -8.13 1.06
CA HIS C 675 75.64 -6.87 0.47
C HIS C 675 76.95 -6.32 1.08
N GLN C 676 77.09 -6.38 2.40
CA GLN C 676 78.33 -5.91 3.06
C GLN C 676 79.59 -6.68 2.64
N HIS C 677 79.44 -7.88 2.10
CA HIS C 677 80.57 -8.69 1.63
C HIS C 677 80.65 -8.80 0.10
N GLY C 678 79.99 -7.86 -0.59
CA GLY C 678 80.16 -7.65 -2.02
C GLY C 678 79.32 -8.52 -2.94
N GLY C 679 78.31 -9.20 -2.39
CA GLY C 679 77.42 -10.07 -3.17
C GLY C 679 76.09 -9.40 -3.46
N GLN C 680 75.35 -9.98 -4.41
CA GLN C 680 73.99 -9.61 -4.78
C GLN C 680 72.99 -10.66 -4.21
N VAL C 681 71.73 -10.24 -4.06
CA VAL C 681 70.68 -11.07 -3.49
C VAL C 681 69.70 -11.44 -4.58
N TYR C 682 69.68 -12.75 -4.87
CA TYR C 682 68.66 -13.35 -5.71
C TYR C 682 67.54 -13.91 -4.80
N LEU C 683 66.29 -13.48 -5.05
CA LEU C 683 65.13 -13.95 -4.30
C LEU C 683 64.16 -14.72 -5.22
N ASP C 684 64.05 -16.03 -4.95
CA ASP C 684 63.18 -16.92 -5.68
C ASP C 684 61.73 -16.46 -5.40
N GLY C 685 61.03 -16.05 -6.45
CA GLY C 685 59.70 -15.49 -6.32
C GLY C 685 58.50 -16.44 -6.39
N ALA C 686 58.75 -17.72 -6.38
CA ALA C 686 57.67 -18.74 -6.45
C ALA C 686 56.65 -18.66 -5.32
N ASN C 687 57.01 -18.06 -4.22
CA ASN C 687 56.12 -17.90 -3.08
C ASN C 687 55.54 -16.51 -2.94
N MET C 688 55.42 -15.75 -4.05
CA MET C 688 54.86 -14.37 -3.97
C MET C 688 53.38 -14.38 -3.64
N ASN C 689 52.71 -15.53 -3.70
CA ASN C 689 51.28 -15.58 -3.31
C ASN C 689 51.05 -15.28 -1.84
N ALA C 690 52.12 -15.40 -0.99
CA ALA C 690 52.02 -15.00 0.39
C ALA C 690 52.48 -13.53 0.62
N GLN C 691 52.91 -12.81 -0.45
CA GLN C 691 53.44 -11.48 -0.33
C GLN C 691 52.60 -10.40 -0.99
N VAL C 692 51.96 -10.70 -2.13
CA VAL C 692 51.39 -9.67 -2.99
C VAL C 692 50.47 -8.74 -2.21
N GLY C 693 50.75 -7.45 -2.21
CA GLY C 693 49.93 -6.44 -1.49
C GLY C 693 50.18 -6.27 0.00
N ILE C 694 51.12 -7.02 0.55
CA ILE C 694 51.46 -6.98 1.98
C ILE C 694 52.92 -6.54 2.18
N CYS C 695 53.84 -7.14 1.43
CA CYS C 695 55.28 -6.79 1.43
C CYS C 695 55.85 -7.01 0.04
N ARG C 696 57.08 -6.51 -0.19
CA ARG C 696 57.68 -6.59 -1.54
C ARG C 696 59.16 -6.95 -1.41
N PRO C 697 59.64 -8.00 -2.11
CA PRO C 697 61.07 -8.39 -1.99
C PRO C 697 62.08 -7.24 -2.25
N GLY C 698 61.78 -6.37 -3.18
CA GLY C 698 62.61 -5.16 -3.40
C GLY C 698 62.76 -4.20 -2.24
N ASP C 699 61.81 -4.14 -1.34
CA ASP C 699 61.87 -3.26 -0.19
C ASP C 699 62.79 -3.79 0.95
N PHE C 700 63.01 -5.09 0.99
CA PHE C 700 63.83 -5.65 2.03
C PHE C 700 65.24 -6.05 1.68
N GLY C 701 65.70 -5.69 0.51
CA GLY C 701 67.06 -5.99 0.13
C GLY C 701 67.38 -6.87 -1.06
N SER C 702 66.38 -7.42 -1.71
CA SER C 702 66.62 -8.23 -2.87
C SER C 702 66.96 -7.40 -4.08
N ASP C 703 67.83 -7.91 -4.91
CA ASP C 703 68.27 -7.22 -6.15
C ASP C 703 67.61 -7.72 -7.44
N VAL C 704 67.17 -8.98 -7.42
CA VAL C 704 66.57 -9.62 -8.58
C VAL C 704 65.72 -10.77 -8.12
N SER C 705 64.56 -10.94 -8.77
CA SER C 705 63.69 -12.11 -8.59
C SER C 705 63.06 -12.54 -9.91
N HIS C 706 62.91 -13.86 -10.12
CA HIS C 706 61.96 -14.38 -11.12
C HIS C 706 60.59 -14.42 -10.43
N LEU C 707 59.54 -14.28 -11.21
CA LEU C 707 58.17 -14.57 -10.80
C LEU C 707 57.68 -15.76 -11.62
N ASN C 708 56.81 -16.58 -11.04
CA ASN C 708 56.19 -17.68 -11.78
C ASN C 708 54.79 -17.20 -12.14
N LEU C 709 54.59 -16.76 -13.39
CA LEU C 709 53.26 -16.29 -13.79
C LEU C 709 52.25 -17.44 -13.80
N HIS C 710 52.75 -18.65 -14.07
CA HIS C 710 51.95 -19.92 -13.99
C HIS C 710 51.66 -20.42 -12.57
N LYS C 711 52.16 -19.72 -11.53
CA LYS C 711 51.72 -20.04 -10.16
C LYS C 711 50.96 -18.89 -9.57
N THR C 712 51.66 -17.81 -9.27
CA THR C 712 51.06 -16.67 -8.59
C THR C 712 50.01 -15.88 -9.43
N PHE C 713 50.15 -15.84 -10.77
CA PHE C 713 49.44 -14.92 -11.66
C PHE C 713 48.61 -15.58 -12.76
N CYS C 714 48.18 -16.83 -12.44
CA CYS C 714 47.06 -17.52 -13.09
C CYS C 714 47.31 -18.11 -14.48
N ILE C 715 48.53 -18.08 -15.04
CA ILE C 715 48.77 -18.86 -16.26
C ILE C 715 48.47 -20.33 -15.93
N PRO C 716 47.74 -21.05 -16.80
CA PRO C 716 47.34 -22.42 -16.46
C PRO C 716 48.53 -23.37 -16.40
N HIS C 717 48.44 -24.35 -15.53
CA HIS C 717 49.57 -25.23 -15.26
C HIS C 717 49.80 -26.22 -16.47
N GLY C 718 48.76 -26.49 -17.22
CA GLY C 718 48.93 -27.09 -18.56
C GLY C 718 49.38 -28.58 -18.60
N GLY C 719 49.31 -29.27 -17.46
CA GLY C 719 49.80 -30.63 -17.36
C GLY C 719 51.29 -30.68 -17.30
N GLY C 720 51.94 -29.53 -17.04
CA GLY C 720 53.44 -29.43 -17.05
C GLY C 720 54.10 -28.30 -17.85
N GLY C 721 53.38 -27.21 -18.09
CA GLY C 721 53.80 -26.16 -19.05
C GLY C 721 52.61 -25.78 -19.90
N PRO C 722 52.53 -24.52 -20.36
CA PRO C 722 53.62 -23.56 -20.43
C PRO C 722 53.74 -22.68 -19.18
N GLY C 723 54.93 -22.13 -18.98
CA GLY C 723 55.15 -21.12 -17.96
C GLY C 723 55.82 -19.86 -18.53
N MET C 724 55.88 -18.84 -17.67
CA MET C 724 56.70 -17.66 -17.90
C MET C 724 57.35 -17.26 -16.55
N GLY C 725 58.63 -16.90 -16.64
CA GLY C 725 59.44 -16.58 -15.50
C GLY C 725 60.15 -15.25 -15.68
N PRO C 726 59.38 -14.16 -15.87
CA PRO C 726 60.02 -12.82 -15.99
C PRO C 726 60.82 -12.48 -14.73
N ILE C 727 61.90 -11.70 -14.94
CA ILE C 727 62.72 -11.29 -13.84
C ILE C 727 62.57 -9.78 -13.64
N GLY C 728 62.38 -9.42 -12.37
CA GLY C 728 62.47 -8.05 -11.96
C GLY C 728 63.85 -7.78 -11.40
N VAL C 729 64.38 -6.59 -11.71
CA VAL C 729 65.68 -6.19 -11.20
C VAL C 729 65.69 -4.74 -10.70
N LYS C 730 66.60 -4.48 -9.73
CA LYS C 730 66.92 -3.13 -9.33
C LYS C 730 67.70 -2.47 -10.48
N LYS C 731 67.68 -1.16 -10.54
CA LYS C 731 68.18 -0.43 -11.70
C LYS C 731 69.69 -0.64 -11.97
N HIS C 732 70.48 -0.89 -10.93
CA HIS C 732 71.91 -1.24 -11.10
C HIS C 732 72.12 -2.51 -11.97
N LEU C 733 71.15 -3.44 -11.97
CA LEU C 733 71.28 -4.61 -12.84
C LEU C 733 70.75 -4.40 -14.24
N ALA C 734 69.95 -3.35 -14.44
CA ALA C 734 69.15 -3.23 -15.69
C ALA C 734 70.00 -3.18 -16.97
N PRO C 735 71.13 -2.45 -16.96
CA PRO C 735 71.96 -2.49 -18.17
C PRO C 735 72.45 -3.89 -18.62
N PHE C 736 72.39 -4.91 -17.74
CA PHE C 736 72.96 -6.25 -18.03
C PHE C 736 71.90 -7.31 -18.42
N LEU C 737 70.65 -6.88 -18.50
CA LEU C 737 69.55 -7.78 -18.86
C LEU C 737 69.71 -8.37 -20.29
N PRO C 738 69.09 -9.54 -20.55
CA PRO C 738 69.13 -10.15 -21.86
C PRO C 738 68.72 -9.26 -23.03
N ASN C 739 69.38 -9.49 -24.16
CA ASN C 739 69.13 -8.88 -25.44
C ASN C 739 68.67 -9.95 -26.42
N HIS C 740 68.44 -9.57 -27.68
CA HIS C 740 68.06 -10.53 -28.74
C HIS C 740 68.72 -10.07 -30.05
N PRO C 741 69.21 -11.00 -30.89
CA PRO C 741 69.92 -10.57 -32.09
C PRO C 741 69.03 -10.13 -33.25
N VAL C 742 67.73 -10.47 -33.25
CA VAL C 742 66.81 -10.07 -34.33
C VAL C 742 66.01 -8.79 -33.95
N ILE C 743 65.51 -8.75 -32.73
CA ILE C 743 64.67 -7.66 -32.23
C ILE C 743 65.35 -7.03 -31.00
N SER C 744 65.80 -5.78 -31.09
CA SER C 744 66.69 -5.24 -30.03
C SER C 744 65.89 -4.88 -28.76
N LEU C 745 66.39 -5.32 -27.60
CA LEU C 745 65.79 -5.04 -26.28
C LEU C 745 66.53 -3.95 -25.48
N LYS C 746 67.53 -3.28 -26.06
CA LYS C 746 68.32 -2.26 -25.35
C LYS C 746 67.53 -0.94 -25.12
N ARG C 747 67.51 -0.46 -23.87
CA ARG C 747 66.86 0.81 -23.46
C ARG C 747 67.81 2.00 -23.29
N ASN C 748 69.14 1.73 -23.23
CA ASN C 748 70.19 2.76 -22.94
C ASN C 748 71.38 2.67 -23.91
N GLU C 749 72.18 3.72 -23.90
CA GLU C 749 73.56 3.68 -24.40
C GLU C 749 74.48 2.83 -23.51
N ASP C 750 74.27 2.90 -22.21
CA ASP C 750 75.05 2.13 -21.24
C ASP C 750 74.88 0.58 -21.33
N ALA C 751 74.11 0.08 -22.29
CA ALA C 751 73.72 -1.32 -22.28
C ALA C 751 74.86 -2.33 -22.45
N CYS C 752 74.84 -3.38 -21.66
CA CYS C 752 75.88 -4.38 -21.69
C CYS C 752 75.29 -5.76 -21.42
N PRO C 753 74.64 -6.29 -22.41
CA PRO C 753 73.80 -7.47 -22.20
C PRO C 753 74.53 -8.76 -21.84
N VAL C 754 73.99 -9.46 -20.86
CA VAL C 754 74.38 -10.82 -20.53
C VAL C 754 74.46 -11.74 -21.74
N GLY C 755 73.53 -11.59 -22.67
CA GLY C 755 73.40 -12.49 -23.82
C GLY C 755 71.92 -12.68 -24.17
N THR C 756 71.56 -13.84 -24.69
CA THR C 756 70.16 -14.18 -25.05
C THR C 756 69.87 -15.52 -24.43
N VAL C 757 68.79 -15.55 -23.65
CA VAL C 757 68.44 -16.82 -22.94
C VAL C 757 67.27 -17.57 -23.57
N SER C 758 66.41 -16.87 -24.35
CA SER C 758 65.34 -17.56 -25.03
C SER C 758 65.35 -17.24 -26.55
N ALA C 759 64.73 -18.12 -27.33
CA ALA C 759 64.70 -18.01 -28.79
C ALA C 759 63.94 -16.77 -29.29
N ALA C 760 62.92 -16.35 -28.55
CA ALA C 760 62.14 -15.17 -28.93
C ALA C 760 62.34 -14.06 -27.91
N PRO C 761 62.25 -12.78 -28.36
CA PRO C 761 62.66 -11.65 -27.49
C PRO C 761 61.89 -11.45 -26.16
N TRP C 762 60.56 -11.70 -26.19
CA TRP C 762 59.75 -11.66 -24.97
C TRP C 762 59.18 -13.04 -24.65
N GLY C 763 59.87 -14.10 -25.09
CA GLY C 763 59.42 -15.43 -24.72
C GLY C 763 58.06 -15.76 -25.29
N SER C 764 57.25 -16.47 -24.50
CA SER C 764 55.93 -16.89 -24.96
C SER C 764 54.95 -15.72 -24.80
N SER C 765 55.02 -14.77 -25.74
CA SER C 765 54.24 -13.51 -25.62
C SER C 765 52.75 -13.67 -25.51
N SER C 766 52.19 -14.61 -26.23
CA SER C 766 50.71 -14.76 -26.33
C SER C 766 50.02 -15.21 -25.03
N ILE C 767 50.76 -15.67 -24.04
CA ILE C 767 50.15 -16.05 -22.74
C ILE C 767 50.23 -14.97 -21.66
N LEU C 768 51.03 -13.94 -21.91
CA LEU C 768 51.10 -12.83 -20.99
C LEU C 768 49.75 -12.04 -20.75
N PRO C 769 48.82 -12.07 -21.71
CA PRO C 769 47.55 -11.39 -21.42
C PRO C 769 46.79 -11.96 -20.22
N ILE C 770 47.02 -13.25 -19.91
CA ILE C 770 46.34 -13.88 -18.79
C ILE C 770 46.68 -13.16 -17.49
N SER C 771 47.97 -12.93 -17.25
CA SER C 771 48.44 -12.27 -16.06
C SER C 771 48.08 -10.77 -16.05
N TRP C 772 48.14 -10.12 -17.22
CA TRP C 772 47.70 -8.73 -17.37
C TRP C 772 46.23 -8.64 -16.86
N ALA C 773 45.43 -9.63 -17.29
CA ALA C 773 44.00 -9.61 -17.00
C ALA C 773 43.66 -9.81 -15.53
N TYR C 774 44.29 -10.78 -14.91
CA TYR C 774 44.15 -11.03 -13.47
C TYR C 774 44.48 -9.78 -12.65
N ILE C 775 45.60 -9.18 -12.99
CA ILE C 775 46.08 -8.01 -12.27
C ILE C 775 45.12 -6.79 -12.44
N LYS C 776 44.67 -6.53 -13.69
CA LYS C 776 43.81 -5.39 -13.94
C LYS C 776 42.43 -5.56 -13.32
N MET C 777 41.93 -6.83 -13.23
CA MET C 777 40.59 -7.05 -12.65
C MET C 777 40.63 -7.00 -11.11
N MET C 778 41.70 -7.49 -10.52
CA MET C 778 41.82 -7.55 -9.05
C MET C 778 42.07 -6.20 -8.44
N GLY C 779 42.91 -5.42 -9.10
CA GLY C 779 43.31 -4.14 -8.59
C GLY C 779 44.14 -4.27 -7.35
N GLY C 780 44.46 -3.13 -6.74
CA GLY C 780 45.22 -3.12 -5.49
C GLY C 780 44.54 -3.83 -4.31
N LYS C 781 43.27 -3.56 -4.10
CA LYS C 781 42.53 -4.20 -2.99
C LYS C 781 42.31 -5.68 -3.21
N GLY C 782 41.92 -6.07 -4.39
CA GLY C 782 41.67 -7.48 -4.66
C GLY C 782 42.93 -8.33 -4.56
N LEU C 783 44.03 -7.82 -5.10
CA LEU C 783 45.32 -8.54 -5.00
C LEU C 783 45.71 -8.77 -3.57
N LYS C 784 45.57 -7.73 -2.72
CA LYS C 784 45.84 -7.88 -1.29
C LYS C 784 44.93 -8.93 -0.62
N GLN C 785 43.63 -8.84 -0.89
CA GLN C 785 42.66 -9.81 -0.36
C GLN C 785 42.99 -11.26 -0.73
N ALA C 786 43.52 -11.47 -1.91
CA ALA C 786 43.87 -12.81 -2.40
C ALA C 786 44.98 -13.40 -1.54
N THR C 787 46.01 -12.60 -1.29
CA THR C 787 47.13 -13.00 -0.43
C THR C 787 46.66 -13.27 1.00
N GLU C 788 45.87 -12.34 1.53
CA GLU C 788 45.30 -12.49 2.88
C GLU C 788 44.58 -13.83 3.03
N THR C 789 43.79 -14.13 2.02
CA THR C 789 42.98 -15.38 2.03
C THR C 789 43.81 -16.64 1.78
N ALA C 790 44.86 -16.55 0.96
CA ALA C 790 45.78 -17.68 0.80
C ALA C 790 46.40 -18.04 2.17
N ILE C 791 46.73 -17.03 2.95
CA ILE C 791 47.33 -17.22 4.30
C ILE C 791 46.26 -17.72 5.29
N LEU C 792 45.05 -17.13 5.22
CA LEU C 792 43.98 -17.55 6.13
C LEU C 792 43.66 -19.02 5.93
N ASN C 793 43.51 -19.39 4.68
CA ASN C 793 43.13 -20.79 4.28
C ASN C 793 44.23 -21.79 4.75
N ALA C 794 45.50 -21.44 4.53
CA ALA C 794 46.55 -22.31 4.98
C ALA C 794 46.57 -22.46 6.53
N ASN C 795 46.46 -21.35 7.28
CA ASN C 795 46.46 -21.42 8.74
C ASN C 795 45.25 -22.14 9.28
N TYR C 796 44.10 -21.98 8.62
CA TYR C 796 42.87 -22.68 9.04
C TYR C 796 43.03 -24.22 8.95
N MET C 797 43.61 -24.69 7.85
CA MET C 797 43.86 -26.13 7.65
C MET C 797 44.86 -26.70 8.68
N ALA C 798 45.96 -25.98 8.85
CA ALA C 798 46.97 -26.33 9.87
C ALA C 798 46.34 -26.44 11.28
N LYS C 799 45.54 -25.46 11.65
CA LYS C 799 44.81 -25.48 12.90
C LYS C 799 43.93 -26.73 13.08
N ARG C 800 43.14 -27.02 12.06
CA ARG C 800 42.32 -28.23 12.07
C ARG C 800 43.09 -29.55 12.21
N LEU C 801 44.27 -29.61 11.61
CA LEU C 801 45.06 -30.84 11.55
C LEU C 801 46.08 -31.05 12.68
N GLU C 802 46.36 -30.01 13.44
CA GLU C 802 47.53 -30.00 14.34
C GLU C 802 47.52 -30.99 15.47
N THR C 803 46.36 -31.39 15.96
CA THR C 803 46.26 -32.45 16.98
C THR C 803 46.28 -33.86 16.39
N HIS C 804 46.20 -33.98 15.07
CA HIS C 804 46.27 -35.27 14.37
C HIS C 804 47.61 -35.56 13.69
N TYR C 805 48.29 -34.49 13.24
CA TYR C 805 49.57 -34.56 12.55
C TYR C 805 50.44 -33.45 13.10
N ARG C 806 51.74 -33.62 13.06
CA ARG C 806 52.57 -32.56 13.50
C ARG C 806 52.80 -31.56 12.37
N ILE C 807 52.53 -30.29 12.62
CA ILE C 807 52.81 -29.24 11.68
C ILE C 807 54.28 -29.08 11.97
N LEU C 808 55.13 -29.37 11.01
CA LEU C 808 56.56 -29.50 11.25
C LEU C 808 57.23 -28.16 11.49
N PHE C 809 56.90 -27.10 10.75
CA PHE C 809 57.55 -25.82 10.96
C PHE C 809 56.56 -24.67 11.01
N ARG C 810 56.82 -23.71 11.91
CA ARG C 810 55.97 -22.54 12.09
C ARG C 810 56.78 -21.28 12.30
N GLY C 811 56.13 -20.13 12.18
CA GLY C 811 56.78 -18.86 12.43
C GLY C 811 56.89 -18.54 13.89
N ALA C 812 57.55 -17.44 14.20
CA ALA C 812 57.81 -16.99 15.57
C ALA C 812 56.64 -16.92 16.50
N ARG C 813 55.48 -16.54 16.02
CA ARG C 813 54.32 -16.49 16.83
C ARG C 813 53.39 -17.69 16.58
N GLY C 814 53.88 -18.71 15.91
CA GLY C 814 53.11 -19.90 15.66
C GLY C 814 52.27 -20.04 14.39
N TYR C 815 52.37 -19.08 13.49
CA TYR C 815 51.60 -19.09 12.23
C TYR C 815 52.45 -19.51 11.03
N VAL C 816 51.78 -20.11 10.04
CA VAL C 816 52.40 -20.34 8.73
C VAL C 816 52.01 -19.22 7.73
N GLY C 817 52.63 -19.28 6.56
CA GLY C 817 52.32 -18.44 5.42
C GLY C 817 51.16 -19.01 4.57
N HIS C 818 51.46 -19.30 3.30
CA HIS C 818 50.48 -19.82 2.32
C HIS C 818 50.44 -21.36 2.23
N GLU C 819 51.33 -22.05 2.94
CA GLU C 819 51.46 -23.48 2.84
C GLU C 819 52.08 -24.01 4.19
N PHE C 820 52.04 -25.34 4.41
CA PHE C 820 52.59 -25.93 5.63
C PHE C 820 52.93 -27.39 5.40
N ILE C 821 53.78 -27.95 6.27
CA ILE C 821 54.24 -29.33 6.15
C ILE C 821 53.59 -30.18 7.21
N LEU C 822 53.07 -31.31 6.80
CA LEU C 822 52.57 -32.36 7.68
C LEU C 822 53.65 -33.42 7.82
N ASP C 823 54.10 -33.64 9.05
CA ASP C 823 55.14 -34.64 9.29
C ASP C 823 54.55 -36.02 9.48
N THR C 824 54.55 -36.78 8.40
CA THR C 824 54.09 -38.17 8.38
C THR C 824 55.16 -39.20 8.77
N ARG C 825 56.38 -38.75 9.01
CA ARG C 825 57.51 -39.71 9.28
C ARG C 825 57.35 -40.65 10.45
N PRO C 826 56.76 -40.18 11.56
CA PRO C 826 56.64 -41.10 12.71
C PRO C 826 55.80 -42.35 12.42
N PHE C 827 54.93 -42.30 11.39
CA PHE C 827 54.09 -43.43 11.06
C PHE C 827 54.84 -44.61 10.43
N LYS C 828 56.10 -44.36 10.03
CA LYS C 828 56.93 -45.44 9.52
C LYS C 828 57.21 -46.45 10.64
N LYS C 829 57.67 -45.95 11.78
CA LYS C 829 57.94 -46.82 12.96
C LYS C 829 56.63 -47.37 13.55
N SER C 830 55.63 -46.49 13.71
CA SER C 830 54.44 -46.91 14.42
C SER C 830 53.56 -47.89 13.62
N ALA C 831 53.53 -47.78 12.28
CA ALA C 831 52.54 -48.53 11.45
C ALA C 831 53.03 -49.07 10.10
N ASN C 832 54.31 -48.96 9.83
CA ASN C 832 54.88 -49.24 8.52
C ASN C 832 54.21 -48.46 7.35
N ILE C 833 53.74 -47.28 7.65
CA ILE C 833 53.11 -46.39 6.68
C ILE C 833 54.12 -45.34 6.19
N GLU C 834 54.16 -45.17 4.86
CA GLU C 834 55.05 -44.25 4.20
C GLU C 834 54.21 -43.07 3.69
N ALA C 835 54.82 -41.93 3.47
CA ALA C 835 54.12 -40.78 2.85
C ALA C 835 53.38 -41.15 1.54
N VAL C 836 54.02 -41.94 0.65
CA VAL C 836 53.39 -42.46 -0.57
C VAL C 836 52.03 -43.18 -0.28
N ASP C 837 51.93 -43.93 0.83
CA ASP C 837 50.65 -44.59 1.18
C ASP C 837 49.52 -43.58 1.40
N VAL C 838 49.85 -42.47 2.09
CA VAL C 838 48.91 -41.41 2.35
C VAL C 838 48.52 -40.73 1.01
N ALA C 839 49.49 -40.54 0.11
CA ALA C 839 49.27 -39.86 -1.18
C ALA C 839 48.29 -40.65 -2.06
N LYS C 840 48.52 -41.96 -2.13
CA LYS C 840 47.72 -42.86 -2.93
C LYS C 840 46.34 -43.03 -2.32
N ARG C 841 46.26 -43.09 -0.99
CA ARG C 841 44.98 -43.22 -0.31
C ARG C 841 44.09 -42.00 -0.48
N LEU C 842 44.69 -40.82 -0.49
CA LEU C 842 43.92 -39.55 -0.77
C LEU C 842 43.15 -39.61 -2.11
N GLN C 843 43.70 -40.31 -3.12
CA GLN C 843 43.01 -40.50 -4.40
C GLN C 843 41.62 -41.14 -4.20
N ASP C 844 41.51 -42.07 -3.24
CA ASP C 844 40.24 -42.73 -2.91
C ASP C 844 39.23 -41.78 -2.29
N TYR C 845 39.71 -40.74 -1.62
CA TYR C 845 38.90 -39.70 -1.03
C TYR C 845 38.58 -38.56 -2.05
N GLY C 846 39.05 -38.68 -3.30
CA GLY C 846 38.78 -37.75 -4.37
C GLY C 846 39.76 -36.58 -4.53
N PHE C 847 40.98 -36.77 -4.00
CA PHE C 847 42.00 -35.72 -3.99
C PHE C 847 43.32 -36.17 -4.61
N HIS C 848 43.88 -35.30 -5.45
CA HIS C 848 45.26 -35.36 -5.88
C HIS C 848 46.08 -35.02 -4.62
N ALA C 849 47.11 -35.78 -4.36
CA ALA C 849 47.96 -35.54 -3.20
C ALA C 849 48.64 -34.15 -3.20
N PRO C 850 49.00 -33.65 -2.01
CA PRO C 850 49.83 -32.42 -1.99
C PRO C 850 51.27 -32.76 -2.41
N THR C 851 52.18 -31.81 -2.29
CA THR C 851 53.56 -32.02 -2.71
C THR C 851 54.25 -32.98 -1.75
N MET C 852 54.94 -33.94 -2.31
CA MET C 852 55.54 -35.00 -1.55
C MET C 852 57.04 -35.02 -1.41
N SER C 853 57.52 -35.12 -0.17
CA SER C 853 58.94 -35.36 0.12
C SER C 853 59.88 -34.24 -0.27
N TRP C 854 59.37 -33.02 -0.35
CA TRP C 854 60.19 -31.86 -0.61
C TRP C 854 59.42 -30.68 0.02
N PRO C 855 60.03 -29.84 0.87
CA PRO C 855 61.48 -29.81 1.14
C PRO C 855 61.99 -30.84 2.10
N VAL C 856 61.11 -31.57 2.78
CA VAL C 856 61.55 -32.61 3.73
C VAL C 856 61.03 -33.98 3.28
N ALA C 857 61.95 -34.91 3.04
CA ALA C 857 61.61 -36.31 2.68
C ALA C 857 60.66 -36.94 3.67
N GLY C 858 59.69 -37.69 3.17
CA GLY C 858 58.77 -38.47 4.02
C GLY C 858 57.60 -37.66 4.58
N THR C 859 57.43 -36.43 4.09
CA THR C 859 56.36 -35.51 4.57
C THR C 859 55.53 -34.97 3.40
N LEU C 860 54.43 -34.27 3.72
CA LEU C 860 53.52 -33.68 2.73
C LEU C 860 53.45 -32.16 2.90
N MET C 861 53.53 -31.41 1.81
CA MET C 861 53.38 -29.97 1.91
C MET C 861 52.12 -29.47 1.14
N VAL C 862 51.27 -28.76 1.90
CA VAL C 862 49.94 -28.45 1.55
C VAL C 862 49.78 -26.95 1.29
N GLU C 863 49.37 -26.56 0.08
CA GLU C 863 49.03 -25.18 -0.30
C GLU C 863 47.61 -25.10 -0.94
N PRO C 864 46.63 -24.65 -0.21
CA PRO C 864 45.27 -24.61 -0.76
C PRO C 864 44.95 -23.51 -1.79
N THR C 865 45.61 -22.35 -1.65
CA THR C 865 45.33 -21.10 -2.38
C THR C 865 44.06 -20.46 -1.84
N GLU C 866 43.91 -19.19 -2.23
CA GLU C 866 42.72 -18.41 -1.93
C GLU C 866 41.49 -18.78 -2.75
N SER C 867 41.64 -19.57 -3.82
CA SER C 867 40.52 -19.85 -4.74
C SER C 867 39.56 -20.93 -4.23
N GLU C 868 39.94 -21.63 -3.16
CA GLU C 868 39.14 -22.72 -2.63
C GLU C 868 38.38 -22.27 -1.40
N ASP C 869 37.14 -22.70 -1.27
CA ASP C 869 36.33 -22.27 -0.15
C ASP C 869 36.42 -23.18 1.09
N LYS C 870 35.80 -22.72 2.19
CA LYS C 870 35.86 -23.43 3.48
C LYS C 870 35.37 -24.87 3.39
N ALA C 871 34.28 -25.10 2.66
CA ALA C 871 33.73 -26.45 2.53
C ALA C 871 34.74 -27.42 1.86
N GLU C 872 35.45 -26.92 0.85
CA GLU C 872 36.46 -27.70 0.18
C GLU C 872 37.64 -27.99 1.12
N LEU C 873 38.09 -26.96 1.84
CA LEU C 873 39.17 -27.15 2.84
C LEU C 873 38.80 -28.17 3.89
N ASP C 874 37.56 -28.10 4.37
CA ASP C 874 37.01 -29.09 5.31
C ASP C 874 36.94 -30.54 4.80
N ARG C 875 36.56 -30.71 3.55
CA ARG C 875 36.58 -32.04 2.94
C ARG C 875 38.02 -32.60 2.97
N PHE C 876 39.00 -31.79 2.58
CA PHE C 876 40.39 -32.24 2.60
C PHE C 876 40.84 -32.58 4.03
N CYS C 877 40.54 -31.71 4.99
CA CYS C 877 40.94 -31.94 6.40
C CYS C 877 40.26 -33.18 6.99
N ASP C 878 38.98 -33.36 6.68
CA ASP C 878 38.24 -34.54 7.10
C ASP C 878 38.82 -35.83 6.48
N ALA C 879 39.26 -35.76 5.22
CA ALA C 879 39.93 -36.88 4.60
C ALA C 879 41.19 -37.24 5.38
N MET C 880 41.98 -36.22 5.71
CA MET C 880 43.21 -36.45 6.48
C MET C 880 42.97 -36.99 7.89
N ILE C 881 41.94 -36.50 8.55
CA ILE C 881 41.55 -36.99 9.88
C ILE C 881 41.14 -38.47 9.83
N SER C 882 40.30 -38.80 8.85
CA SER C 882 39.88 -40.17 8.64
C SER C 882 41.07 -41.11 8.28
N ILE C 883 42.03 -40.60 7.50
CA ILE C 883 43.26 -41.35 7.22
C ILE C 883 44.05 -41.53 8.52
N ARG C 884 44.13 -40.49 9.35
CA ARG C 884 44.83 -40.61 10.66
C ARG C 884 44.22 -41.73 11.52
N GLN C 885 42.90 -41.80 11.53
CA GLN C 885 42.24 -42.88 12.21
C GLN C 885 42.58 -44.29 11.58
N GLU C 886 42.68 -44.36 10.25
CA GLU C 886 43.09 -45.64 9.54
C GLU C 886 44.50 -46.11 9.96
N ILE C 887 45.38 -45.13 10.17
CA ILE C 887 46.72 -45.39 10.66
C ILE C 887 46.67 -45.85 12.11
N ALA C 888 45.84 -45.20 12.91
CA ALA C 888 45.66 -45.62 14.31
C ALA C 888 45.14 -47.09 14.41
N ASP C 889 44.29 -47.51 13.46
CA ASP C 889 43.83 -48.88 13.38
C ASP C 889 44.98 -49.87 13.17
N ILE C 890 45.97 -49.44 12.36
CA ILE C 890 47.14 -50.27 12.14
C ILE C 890 48.01 -50.21 13.41
N GLU C 891 48.29 -49.00 13.94
CA GLU C 891 49.12 -48.79 15.17
C GLU C 891 48.65 -49.69 16.31
N GLU C 892 47.33 -49.77 16.48
CA GLU C 892 46.72 -50.49 17.59
C GLU C 892 46.32 -51.96 17.31
N GLY C 893 46.75 -52.51 16.17
CA GLY C 893 46.48 -53.90 15.86
C GLY C 893 45.03 -54.30 15.54
N ARG C 894 44.19 -53.35 15.14
CA ARG C 894 42.81 -53.67 14.75
C ARG C 894 42.65 -54.09 13.27
N ILE C 895 43.65 -53.85 12.44
CA ILE C 895 43.63 -54.34 11.05
C ILE C 895 45.02 -54.83 10.64
N ASP C 896 45.05 -55.85 9.79
CA ASP C 896 46.27 -56.37 9.17
C ASP C 896 47.25 -55.23 8.72
N PRO C 897 48.51 -55.30 9.15
CA PRO C 897 49.44 -54.23 8.77
C PRO C 897 49.99 -54.30 7.33
N ARG C 898 49.78 -55.42 6.64
CA ARG C 898 50.21 -55.61 5.23
C ARG C 898 49.05 -55.32 4.23
N VAL C 899 47.85 -55.79 4.57
CA VAL C 899 46.66 -55.67 3.74
C VAL C 899 45.61 -54.81 4.44
N ASN C 900 45.62 -53.52 4.11
CA ASN C 900 44.66 -52.55 4.62
C ASN C 900 44.49 -51.44 3.58
N PRO C 901 43.53 -50.50 3.79
CA PRO C 901 43.25 -49.55 2.70
C PRO C 901 44.43 -48.71 2.24
N LEU C 902 45.24 -48.26 3.21
CA LEU C 902 46.46 -47.50 2.95
C LEU C 902 47.46 -48.19 2.04
N LYS C 903 47.75 -49.45 2.38
CA LYS C 903 48.72 -50.23 1.62
C LYS C 903 48.19 -50.63 0.24
N MET C 904 46.88 -50.87 0.11
CA MET C 904 46.29 -51.32 -1.17
C MET C 904 45.85 -50.17 -2.08
N SER C 905 45.97 -48.92 -1.59
CA SER C 905 45.54 -47.74 -2.36
C SER C 905 46.47 -47.50 -3.58
N PRO C 906 45.98 -46.87 -4.65
CA PRO C 906 44.59 -46.53 -4.83
C PRO C 906 43.73 -47.73 -5.25
N HIS C 907 42.41 -47.58 -5.07
CA HIS C 907 41.44 -48.62 -5.41
C HIS C 907 40.75 -48.26 -6.76
N SER C 908 41.14 -49.02 -7.78
CA SER C 908 40.62 -48.84 -9.15
C SER C 908 39.19 -49.35 -9.24
N LEU C 909 38.53 -48.99 -10.34
CA LEU C 909 37.19 -49.45 -10.65
C LEU C 909 37.23 -50.94 -10.86
N THR C 910 38.28 -51.43 -11.53
CA THR C 910 38.37 -52.89 -11.73
C THR C 910 38.49 -53.60 -10.41
N CYS C 911 39.22 -53.02 -9.44
CA CYS C 911 39.39 -53.62 -8.11
C CYS C 911 38.08 -53.68 -7.32
N VAL C 912 37.37 -52.57 -7.28
CA VAL C 912 36.16 -52.46 -6.44
C VAL C 912 34.91 -53.10 -7.08
N THR C 913 34.90 -53.28 -8.40
CA THR C 913 33.80 -53.98 -9.09
C THR C 913 33.97 -55.47 -9.32
N SER C 914 35.06 -56.09 -8.87
CA SER C 914 35.32 -57.48 -9.26
C SER C 914 34.54 -58.52 -8.47
N SER C 915 34.35 -59.67 -9.08
CA SER C 915 33.76 -60.81 -8.35
C SER C 915 34.57 -61.25 -7.14
N HIS C 916 35.89 -61.13 -7.22
CA HIS C 916 36.75 -61.61 -6.15
C HIS C 916 36.94 -60.39 -5.23
N TRP C 917 36.66 -60.57 -3.94
CA TRP C 917 36.98 -59.56 -2.91
C TRP C 917 37.57 -60.27 -1.68
N ASP C 918 38.86 -60.06 -1.43
CA ASP C 918 39.62 -60.80 -0.44
C ASP C 918 40.25 -59.89 0.62
N ARG C 919 39.64 -58.76 0.95
CA ARG C 919 40.20 -57.78 1.88
C ARG C 919 39.46 -57.73 3.20
N PRO C 920 40.19 -57.48 4.27
CA PRO C 920 39.58 -57.40 5.60
C PRO C 920 38.88 -56.06 5.84
N TYR C 921 38.58 -55.32 4.78
CA TYR C 921 37.78 -54.11 4.86
C TYR C 921 36.81 -54.12 3.68
N SER C 922 35.78 -53.29 3.74
CA SER C 922 34.73 -53.32 2.71
C SER C 922 35.06 -52.54 1.46
N ARG C 923 34.28 -52.80 0.43
CA ARG C 923 34.40 -52.09 -0.81
C ARG C 923 33.99 -50.61 -0.55
N GLU C 924 33.08 -50.40 0.37
CA GLU C 924 32.60 -49.06 0.73
C GLU C 924 33.72 -48.24 1.37
N VAL C 925 34.42 -48.83 2.31
CA VAL C 925 35.59 -48.21 2.92
C VAL C 925 36.67 -47.97 1.85
N ALA C 926 36.82 -48.91 0.91
CA ALA C 926 37.80 -48.79 -0.18
C ALA C 926 37.56 -47.58 -1.03
N ALA C 927 36.31 -47.46 -1.53
CA ALA C 927 36.01 -46.48 -2.61
C ALA C 927 35.20 -45.23 -2.21
N PHE C 928 34.42 -45.32 -1.12
CA PHE C 928 33.59 -44.20 -0.66
C PHE C 928 33.82 -44.04 0.86
N PRO C 929 35.06 -43.68 1.27
CA PRO C 929 35.37 -43.72 2.69
C PRO C 929 34.65 -42.72 3.60
N LEU C 930 34.17 -41.60 3.06
CA LEU C 930 33.38 -40.64 3.81
C LEU C 930 32.14 -40.27 2.99
N PRO C 931 31.11 -39.69 3.64
CA PRO C 931 29.86 -39.41 2.91
C PRO C 931 29.93 -38.43 1.77
N PHE C 932 30.89 -37.52 1.75
CA PHE C 932 31.03 -36.60 0.62
C PHE C 932 31.56 -37.27 -0.65
N VAL C 933 32.12 -38.50 -0.55
CA VAL C 933 32.56 -39.22 -1.72
C VAL C 933 31.38 -40.05 -2.19
N LYS C 934 30.74 -39.61 -3.27
CA LYS C 934 29.49 -40.27 -3.75
C LYS C 934 29.58 -40.74 -5.17
N PRO C 935 28.81 -41.77 -5.54
CA PRO C 935 28.75 -42.16 -7.00
C PRO C 935 28.51 -40.99 -8.01
N GLU C 936 27.73 -39.98 -7.65
CA GLU C 936 27.53 -38.79 -8.50
C GLU C 936 28.77 -37.90 -8.78
N ASN C 937 29.75 -37.95 -7.90
CA ASN C 937 30.98 -37.16 -8.02
C ASN C 937 32.26 -38.00 -8.01
N LYS C 938 32.13 -39.34 -8.04
CA LYS C 938 33.28 -40.25 -7.86
C LYS C 938 34.24 -40.17 -9.00
N PHE C 939 35.46 -39.73 -8.73
CA PHE C 939 36.56 -39.82 -9.67
C PHE C 939 37.39 -41.08 -9.40
N TRP C 940 37.57 -41.91 -10.41
CA TRP C 940 38.27 -43.17 -10.30
C TRP C 940 39.72 -42.99 -10.71
N PRO C 941 40.64 -43.40 -9.82
CA PRO C 941 42.00 -43.72 -10.28
C PRO C 941 41.87 -44.78 -11.37
N THR C 942 42.59 -44.62 -12.48
CA THR C 942 42.31 -45.52 -13.61
C THR C 942 43.13 -46.80 -13.53
N ILE C 943 44.06 -46.87 -12.59
CA ILE C 943 44.96 -48.00 -12.50
C ILE C 943 45.24 -48.28 -11.03
N ALA C 944 45.80 -49.45 -10.75
CA ALA C 944 46.29 -49.73 -9.39
C ALA C 944 47.65 -49.03 -9.13
N ARG C 945 48.22 -49.22 -7.94
CA ARG C 945 49.45 -48.50 -7.61
C ARG C 945 50.54 -48.73 -8.63
N ILE C 946 51.19 -47.67 -9.04
CA ILE C 946 52.23 -47.72 -10.04
C ILE C 946 53.51 -48.34 -9.47
N ASP C 947 54.21 -49.13 -10.28
CA ASP C 947 55.51 -49.72 -9.89
C ASP C 947 56.66 -48.75 -10.34
N ASP C 948 57.27 -48.02 -9.41
CA ASP C 948 58.31 -47.01 -9.75
C ASP C 948 59.64 -47.65 -10.20
N ILE C 949 59.97 -48.82 -9.68
CA ILE C 949 61.21 -49.49 -10.00
C ILE C 949 61.18 -50.12 -11.40
N TYR C 950 60.10 -50.82 -11.73
CA TYR C 950 60.10 -51.70 -12.92
C TYR C 950 60.40 -50.98 -14.21
N GLY C 951 59.78 -49.83 -14.36
CA GLY C 951 59.90 -48.96 -15.53
C GLY C 951 61.32 -48.51 -15.85
N ASP C 952 62.04 -48.13 -14.81
CA ASP C 952 63.40 -47.71 -14.93
C ASP C 952 64.33 -48.89 -15.24
N GLN C 953 63.98 -50.10 -14.83
CA GLN C 953 64.77 -51.31 -15.15
C GLN C 953 64.51 -51.82 -16.56
N HIS C 954 63.33 -51.55 -17.12
CA HIS C 954 62.97 -51.93 -18.47
C HIS C 954 62.47 -50.71 -19.25
N LEU C 955 63.42 -49.99 -19.82
CA LEU C 955 63.16 -48.75 -20.50
C LEU C 955 62.47 -48.85 -21.84
N VAL C 956 61.28 -48.29 -21.87
CA VAL C 956 60.41 -48.24 -23.04
C VAL C 956 59.78 -46.82 -23.07
N CYS C 957 60.16 -45.99 -24.03
CA CYS C 957 59.74 -44.58 -24.04
C CYS C 957 59.09 -44.18 -25.37
N THR C 958 58.54 -45.20 -26.10
CA THR C 958 57.64 -44.96 -27.23
C THR C 958 56.40 -45.86 -27.06
N CYS C 959 55.33 -45.58 -27.82
CA CYS C 959 54.08 -46.33 -27.71
C CYS C 959 54.34 -47.84 -27.96
N PRO C 960 54.04 -48.71 -26.97
CA PRO C 960 54.19 -50.15 -27.24
C PRO C 960 53.10 -50.66 -28.22
N PRO C 961 53.33 -51.84 -28.87
CA PRO C 961 52.36 -52.43 -29.80
C PRO C 961 50.92 -52.57 -29.23
N MET C 962 49.92 -52.15 -30.02
CA MET C 962 48.50 -52.13 -29.57
C MET C 962 47.65 -53.36 -29.94
N LEU D 9 46.35 -28.59 -64.01
CA LEU D 9 47.76 -28.99 -63.74
C LEU D 9 48.30 -28.30 -62.47
N LEU D 10 47.89 -27.05 -62.20
CA LEU D 10 48.03 -26.46 -60.86
C LEU D 10 47.40 -27.34 -59.76
N GLU D 11 46.25 -27.93 -60.03
CA GLU D 11 45.62 -28.83 -59.09
C GLU D 11 46.42 -30.11 -58.84
N ARG D 12 47.21 -30.57 -59.81
CA ARG D 12 48.05 -31.75 -59.59
C ARG D 12 49.23 -31.42 -58.69
N LEU D 13 49.93 -30.32 -58.97
CA LEU D 13 51.02 -29.86 -58.11
C LEU D 13 50.51 -29.39 -56.76
N LEU D 14 49.36 -28.74 -56.78
CA LEU D 14 48.85 -28.02 -55.62
C LEU D 14 47.40 -28.39 -55.34
N PRO D 15 47.13 -29.60 -54.80
CA PRO D 15 45.74 -29.98 -54.55
C PRO D 15 45.11 -29.15 -53.43
N ARG D 16 43.80 -29.30 -53.17
CA ARG D 16 43.13 -28.56 -52.10
C ARG D 16 43.83 -28.91 -50.75
N HIS D 17 43.96 -27.92 -49.89
CA HIS D 17 44.59 -28.13 -48.57
C HIS D 17 43.95 -29.30 -47.81
N ASP D 18 42.62 -29.29 -47.74
CA ASP D 18 41.85 -30.31 -47.01
C ASP D 18 40.43 -30.45 -47.68
N ASP D 19 39.77 -31.56 -47.36
CA ASP D 19 38.37 -31.80 -47.75
C ASP D 19 37.58 -32.11 -46.48
N PHE D 20 36.73 -31.16 -46.08
CA PHE D 20 35.97 -31.29 -44.82
C PHE D 20 35.17 -32.60 -44.76
N ALA D 21 34.74 -33.11 -45.93
CA ALA D 21 33.95 -34.32 -45.99
C ALA D 21 34.69 -35.53 -45.42
N ARG D 22 36.01 -35.52 -45.51
CA ARG D 22 36.85 -36.61 -44.97
C ARG D 22 36.89 -36.60 -43.44
N ARG D 23 36.55 -35.44 -42.85
CA ARG D 23 36.44 -35.31 -41.38
C ARG D 23 35.04 -35.57 -40.83
N HIS D 24 34.05 -35.12 -41.61
CA HIS D 24 32.67 -35.19 -41.24
C HIS D 24 32.13 -36.62 -41.38
N ILE D 25 32.52 -37.27 -42.47
CA ILE D 25 32.08 -38.62 -42.79
C ILE D 25 32.99 -39.61 -42.15
N GLY D 26 32.44 -40.46 -41.30
CA GLY D 26 33.22 -41.37 -40.51
C GLY D 26 33.96 -42.42 -41.30
N PRO D 27 33.25 -43.27 -42.05
CA PRO D 27 33.93 -44.33 -42.82
C PRO D 27 34.82 -43.83 -44.01
N GLY D 28 36.07 -44.27 -44.07
CA GLY D 28 36.94 -43.98 -45.21
C GLY D 28 36.88 -45.11 -46.22
N ASP D 29 37.82 -45.14 -47.16
CA ASP D 29 37.78 -46.05 -48.29
C ASP D 29 37.73 -47.49 -47.89
N LYS D 30 38.55 -47.87 -46.94
CA LYS D 30 38.65 -49.27 -46.50
C LYS D 30 37.34 -49.70 -45.81
N ASP D 31 36.90 -48.90 -44.86
CA ASP D 31 35.59 -49.12 -44.21
C ASP D 31 34.45 -49.32 -45.26
N GLN D 32 34.41 -48.44 -46.26
CA GLN D 32 33.31 -48.49 -47.25
C GLN D 32 33.39 -49.75 -48.11
N ARG D 33 34.56 -50.12 -48.63
CA ARG D 33 34.75 -51.40 -49.36
C ARG D 33 34.30 -52.61 -48.55
N GLU D 34 34.65 -52.63 -47.27
CA GLU D 34 34.28 -53.77 -46.43
C GLU D 34 32.79 -53.86 -46.19
N MET D 35 32.16 -52.70 -45.98
CA MET D 35 30.73 -52.65 -45.73
C MET D 35 29.96 -53.08 -46.99
N LEU D 36 30.46 -52.64 -48.14
CA LEU D 36 29.90 -52.99 -49.44
C LEU D 36 29.96 -54.51 -49.71
N GLN D 37 31.07 -55.10 -49.30
CA GLN D 37 31.36 -56.50 -49.42
C GLN D 37 30.40 -57.25 -48.56
N THR D 38 30.18 -56.77 -47.36
CA THR D 38 29.25 -57.39 -46.45
C THR D 38 27.87 -57.45 -47.12
N LEU D 39 27.46 -56.36 -47.75
CA LEU D 39 26.22 -56.31 -48.49
C LEU D 39 26.23 -57.06 -49.83
N GLY D 40 27.36 -57.62 -50.25
CA GLY D 40 27.44 -58.27 -51.55
C GLY D 40 27.26 -57.33 -52.74
N LEU D 41 27.67 -56.06 -52.60
CA LEU D 41 27.55 -55.06 -53.64
C LEU D 41 28.91 -54.54 -54.12
N ALA D 42 28.96 -54.09 -55.36
CA ALA D 42 30.20 -53.68 -56.03
C ALA D 42 30.55 -52.22 -55.79
N SER D 43 29.57 -51.37 -55.51
CA SER D 43 29.83 -49.96 -55.36
C SER D 43 28.64 -49.29 -54.68
N ILE D 44 28.87 -48.04 -54.31
CA ILE D 44 27.88 -47.14 -53.73
C ILE D 44 26.75 -46.88 -54.72
N ASP D 45 27.08 -46.67 -56.00
CA ASP D 45 26.05 -46.47 -57.03
C ASP D 45 25.08 -47.66 -57.10
N GLU D 46 25.57 -48.89 -56.96
CA GLU D 46 24.72 -50.07 -56.99
C GLU D 46 23.73 -50.07 -55.81
N LEU D 47 24.20 -49.71 -54.61
CA LEU D 47 23.36 -49.55 -53.43
C LEU D 47 22.24 -48.49 -53.65
N ILE D 48 22.64 -47.31 -54.15
CA ILE D 48 21.69 -46.24 -54.42
C ILE D 48 20.69 -46.67 -55.49
N GLU D 49 21.19 -47.22 -56.60
CA GLU D 49 20.35 -47.76 -57.67
C GLU D 49 19.31 -48.74 -57.15
N LYS D 50 19.66 -49.57 -56.15
CA LYS D 50 18.73 -50.51 -55.58
C LYS D 50 17.80 -49.97 -54.49
N THR D 51 18.05 -48.75 -54.03
CA THR D 51 17.38 -48.13 -52.87
C THR D 51 16.44 -46.96 -53.27
N VAL D 52 17.00 -45.96 -53.95
CA VAL D 52 16.24 -44.76 -54.28
C VAL D 52 15.62 -44.93 -55.66
N PRO D 53 14.30 -44.83 -55.77
CA PRO D 53 13.68 -45.04 -57.07
C PRO D 53 14.24 -44.16 -58.17
N ALA D 54 14.49 -44.75 -59.34
CA ALA D 54 15.19 -44.10 -60.45
C ALA D 54 14.44 -42.84 -60.94
N ASN D 55 13.11 -42.90 -60.97
CA ASN D 55 12.35 -41.84 -61.64
C ASN D 55 12.23 -40.52 -60.84
N ILE D 56 12.61 -40.52 -59.56
CA ILE D 56 12.62 -39.27 -58.77
C ILE D 56 14.03 -38.72 -58.50
N ARG D 57 15.08 -39.42 -58.94
CA ARG D 57 16.45 -38.95 -58.75
C ARG D 57 16.77 -37.73 -59.59
N LEU D 58 17.67 -36.91 -59.08
CA LEU D 58 18.18 -35.74 -59.78
C LEU D 58 18.49 -35.99 -61.25
N LYS D 59 18.03 -35.07 -62.11
CA LYS D 59 18.38 -35.09 -63.53
C LYS D 59 19.81 -34.63 -63.82
N ARG D 60 20.34 -33.69 -63.04
CA ARG D 60 21.74 -33.25 -63.17
C ARG D 60 22.26 -33.11 -61.74
N PRO D 61 23.58 -33.21 -61.53
CA PRO D 61 24.12 -32.99 -60.16
C PRO D 61 23.84 -31.58 -59.60
N LEU D 62 23.87 -31.45 -58.28
CA LEU D 62 23.63 -30.16 -57.62
C LEU D 62 24.55 -29.09 -58.16
N LYS D 63 24.02 -27.90 -58.42
CA LYS D 63 24.81 -26.73 -58.75
C LYS D 63 25.09 -25.88 -57.52
N MET D 64 26.28 -26.09 -56.96
CA MET D 64 26.72 -25.39 -55.76
C MET D 64 28.07 -24.74 -56.06
N GLU D 65 28.47 -23.83 -55.20
CA GLU D 65 29.82 -23.27 -55.27
C GLU D 65 30.86 -24.36 -55.00
N ASP D 66 32.06 -24.13 -55.48
CA ASP D 66 33.20 -24.98 -55.15
C ASP D 66 33.36 -25.10 -53.64
N PRO D 67 33.74 -26.30 -53.18
CA PRO D 67 33.80 -26.44 -51.71
C PRO D 67 34.89 -25.52 -51.11
N VAL D 68 34.64 -24.99 -49.92
CA VAL D 68 35.61 -24.21 -49.16
C VAL D 68 36.38 -25.10 -48.14
N CYS D 69 37.69 -25.10 -48.26
CA CYS D 69 38.58 -25.81 -47.31
C CYS D 69 38.27 -25.41 -45.88
N GLU D 70 38.28 -26.37 -44.97
CA GLU D 70 38.12 -26.06 -43.54
C GLU D 70 39.12 -24.99 -43.07
N ASN D 71 40.33 -25.01 -43.61
CA ASN D 71 41.32 -24.04 -43.15
C ASN D 71 41.02 -22.57 -43.65
N GLU D 72 40.03 -22.39 -44.57
CA GLU D 72 39.60 -21.05 -44.97
C GLU D 72 38.16 -20.68 -44.57
N ILE D 73 37.42 -21.54 -43.89
CA ILE D 73 35.97 -21.31 -43.72
C ILE D 73 35.74 -20.10 -42.80
N LEU D 74 36.56 -19.96 -41.73
CA LEU D 74 36.32 -18.86 -40.80
C LEU D 74 36.65 -17.47 -41.37
N ALA D 75 37.71 -17.40 -42.15
CA ALA D 75 38.05 -16.18 -42.86
C ALA D 75 36.99 -15.86 -43.92
N THR D 76 36.48 -16.88 -44.60
CA THR D 76 35.40 -16.67 -45.58
C THR D 76 34.19 -16.07 -44.84
N LEU D 77 33.84 -16.64 -43.70
CA LEU D 77 32.65 -16.21 -42.97
C LEU D 77 32.89 -14.84 -42.31
N HIS D 78 34.12 -14.60 -41.84
CA HIS D 78 34.48 -13.30 -41.31
C HIS D 78 34.30 -12.15 -42.32
N ALA D 79 34.57 -12.39 -43.61
CA ALA D 79 34.33 -11.33 -44.61
C ALA D 79 32.84 -10.97 -44.71
N ILE D 80 31.98 -11.89 -44.32
CA ILE D 80 30.54 -11.62 -44.18
C ILE D 80 30.17 -10.94 -42.86
N SER D 81 30.55 -11.57 -41.75
CA SER D 81 30.13 -11.11 -40.41
C SER D 81 30.63 -9.68 -40.10
N SER D 82 31.79 -9.32 -40.63
CA SER D 82 32.34 -7.99 -40.35
C SER D 82 31.60 -6.88 -41.08
N LYS D 83 30.69 -7.21 -41.98
CA LYS D 83 29.79 -6.19 -42.54
C LYS D 83 28.70 -5.73 -41.55
N ASN D 84 28.41 -6.51 -40.49
CA ASN D 84 27.51 -6.06 -39.39
C ASN D 84 28.16 -4.93 -38.60
N GLN D 85 27.38 -4.02 -38.04
CA GLN D 85 27.90 -3.01 -37.09
C GLN D 85 27.24 -3.24 -35.73
N ILE D 86 28.07 -3.21 -34.69
CA ILE D 86 27.66 -3.51 -33.31
C ILE D 86 27.50 -2.16 -32.61
N TRP D 87 26.27 -1.69 -32.53
CA TRP D 87 25.98 -0.44 -31.83
C TRP D 87 25.59 -0.80 -30.38
N ARG D 88 25.51 0.22 -29.52
CA ARG D 88 24.81 0.07 -28.24
C ARG D 88 23.31 0.28 -28.55
N SER D 89 22.54 -0.77 -28.36
CA SER D 89 21.12 -0.73 -28.62
C SER D 89 20.31 -0.64 -27.32
N TYR D 90 19.57 0.45 -27.17
CA TYR D 90 18.63 0.62 -26.03
C TYR D 90 17.19 0.59 -26.56
N ILE D 91 16.99 -0.17 -27.63
CA ILE D 91 15.66 -0.37 -28.28
C ILE D 91 14.64 -1.06 -27.34
N GLY D 92 15.08 -2.03 -26.55
CA GLY D 92 14.16 -2.72 -25.64
C GLY D 92 13.31 -3.67 -26.43
N MET D 93 11.99 -3.61 -26.26
CA MET D 93 11.02 -4.44 -27.05
C MET D 93 11.25 -5.97 -26.86
N GLY D 94 11.65 -6.37 -25.65
CA GLY D 94 11.81 -7.78 -25.30
C GLY D 94 13.20 -8.38 -25.45
N TYR D 95 14.19 -7.56 -25.86
CA TYR D 95 15.60 -8.00 -26.03
C TYR D 95 16.46 -6.90 -25.37
N TYR D 96 17.32 -7.29 -24.43
CA TYR D 96 18.13 -6.36 -23.58
C TYR D 96 19.53 -6.94 -23.48
N ASN D 97 20.53 -6.14 -23.77
CA ASN D 97 21.89 -6.64 -23.67
C ASN D 97 22.17 -7.01 -22.19
N CYS D 98 23.05 -7.97 -22.00
CA CYS D 98 23.39 -8.46 -20.68
C CYS D 98 24.86 -8.86 -20.72
N SER D 99 25.40 -9.17 -19.57
CA SER D 99 26.81 -9.55 -19.43
C SER D 99 26.82 -11.04 -19.24
N VAL D 100 27.01 -11.74 -20.34
CA VAL D 100 27.04 -13.20 -20.36
C VAL D 100 28.28 -13.65 -19.62
N PRO D 101 28.13 -14.42 -18.53
CA PRO D 101 29.39 -14.79 -17.85
C PRO D 101 30.26 -15.66 -18.74
N GLN D 102 31.49 -15.25 -18.92
CA GLN D 102 32.41 -16.00 -19.75
C GLN D 102 32.61 -17.45 -19.32
N THR D 103 32.53 -17.73 -18.04
CA THR D 103 32.74 -19.11 -17.54
C THR D 103 31.58 -20.05 -17.98
N ILE D 104 30.37 -19.51 -18.12
CA ILE D 104 29.23 -20.29 -18.55
C ILE D 104 29.34 -20.52 -20.04
N LEU D 105 29.75 -19.49 -20.73
CA LEU D 105 29.93 -19.53 -22.14
C LEU D 105 30.94 -20.56 -22.55
N ARG D 106 32.07 -20.58 -21.86
CA ARG D 106 33.13 -21.52 -22.13
C ARG D 106 32.83 -22.98 -21.74
N ASN D 107 32.34 -23.16 -20.56
CA ASN D 107 32.21 -24.47 -19.98
C ASN D 107 30.89 -25.15 -20.25
N LEU D 108 29.93 -24.40 -20.82
CA LEU D 108 28.61 -24.94 -21.18
C LEU D 108 28.32 -24.75 -22.69
N LEU D 109 28.18 -23.51 -23.15
CA LEU D 109 27.82 -23.26 -24.57
C LEU D 109 28.87 -23.74 -25.57
N GLU D 110 30.16 -23.60 -25.23
CA GLU D 110 31.24 -24.11 -26.09
C GLU D 110 31.80 -25.46 -25.63
N ASN D 111 30.95 -26.30 -25.01
CA ASN D 111 31.38 -27.58 -24.49
C ASN D 111 30.56 -28.67 -25.14
N SER D 112 31.23 -29.48 -25.96
CA SER D 112 30.55 -30.57 -26.65
C SER D 112 29.90 -31.64 -25.75
N GLY D 113 30.33 -31.73 -24.50
CA GLY D 113 29.69 -32.53 -23.46
C GLY D 113 28.35 -32.05 -22.96
N TRP D 114 28.05 -30.77 -23.20
CA TRP D 114 26.71 -30.13 -22.93
C TRP D 114 25.80 -30.02 -24.14
N ILE D 115 26.37 -29.84 -25.33
CA ILE D 115 25.56 -29.49 -26.50
C ILE D 115 25.24 -30.58 -27.52
N THR D 116 25.89 -31.74 -27.44
CA THR D 116 25.68 -32.77 -28.48
C THR D 116 24.55 -33.77 -28.23
N GLN D 117 24.25 -34.02 -26.95
CA GLN D 117 23.11 -34.84 -26.55
C GLN D 117 21.78 -34.21 -26.94
N TYR D 118 20.71 -34.98 -26.93
CA TYR D 118 19.38 -34.48 -27.30
C TYR D 118 18.43 -34.54 -26.10
N THR D 119 17.12 -34.49 -26.30
CA THR D 119 16.09 -34.61 -25.29
C THR D 119 16.36 -35.81 -24.41
N PRO D 120 16.22 -35.62 -23.12
CA PRO D 120 16.50 -36.67 -22.16
C PRO D 120 15.56 -37.87 -22.16
N TYR D 121 15.50 -38.58 -23.26
CA TYR D 121 14.65 -39.75 -23.39
C TYR D 121 15.06 -40.88 -22.40
N GLN D 122 16.34 -41.03 -22.17
CA GLN D 122 16.89 -42.01 -21.25
C GLN D 122 17.41 -41.36 -19.96
N PRO D 123 16.57 -41.16 -18.97
CA PRO D 123 16.96 -40.44 -17.75
C PRO D 123 18.15 -40.91 -16.93
N GLU D 124 18.39 -42.21 -16.89
CA GLU D 124 19.48 -42.83 -16.15
C GLU D 124 20.86 -42.40 -16.59
N VAL D 125 21.01 -42.06 -17.85
CA VAL D 125 22.19 -41.54 -18.38
C VAL D 125 21.92 -40.08 -18.78
N SER D 126 21.06 -39.38 -18.06
CA SER D 126 20.70 -38.00 -18.38
C SER D 126 20.32 -37.15 -17.17
N GLN D 127 20.74 -37.58 -16.00
CA GLN D 127 20.43 -36.88 -14.80
C GLN D 127 21.02 -35.43 -14.68
N GLY D 128 22.05 -35.12 -15.41
CA GLY D 128 22.67 -33.80 -15.36
C GLY D 128 21.78 -32.68 -15.93
N ARG D 129 21.41 -32.81 -17.20
CA ARG D 129 20.57 -31.79 -17.81
C ARG D 129 19.19 -31.81 -17.21
N LEU D 130 18.73 -32.97 -16.75
CA LEU D 130 17.43 -33.00 -16.04
C LEU D 130 17.43 -32.14 -14.77
N GLU D 131 18.49 -32.28 -13.95
CA GLU D 131 18.62 -31.45 -12.76
C GLU D 131 18.68 -29.94 -13.13
N SER D 132 19.45 -29.59 -14.15
CA SER D 132 19.61 -28.20 -14.57
C SER D 132 18.30 -27.59 -15.04
N LEU D 133 17.51 -28.36 -15.78
CA LEU D 133 16.19 -27.90 -16.19
C LEU D 133 15.25 -27.77 -14.97
N LEU D 134 15.35 -28.64 -13.98
CA LEU D 134 14.58 -28.49 -12.73
C LEU D 134 15.00 -27.20 -12.01
N ASN D 135 16.30 -26.90 -12.01
CA ASN D 135 16.78 -25.59 -11.53
C ASN D 135 16.08 -24.39 -12.26
N TYR D 136 15.97 -24.49 -13.60
CA TYR D 136 15.34 -23.46 -14.42
C TYR D 136 13.90 -23.29 -14.00
N GLN D 137 13.21 -24.41 -13.84
CA GLN D 137 11.80 -24.40 -13.41
C GLN D 137 11.63 -23.71 -12.06
N THR D 138 12.51 -24.06 -11.11
CA THR D 138 12.41 -23.56 -9.74
C THR D 138 12.66 -22.03 -9.74
N MET D 139 13.65 -21.61 -10.51
CA MET D 139 13.96 -20.17 -10.69
C MET D 139 12.74 -19.37 -11.22
N VAL D 140 12.10 -19.91 -12.24
CA VAL D 140 10.92 -19.26 -12.86
C VAL D 140 9.74 -19.20 -11.89
N CYS D 141 9.49 -20.28 -11.16
CA CYS D 141 8.38 -20.33 -10.15
C CYS D 141 8.64 -19.33 -9.02
N ASP D 142 9.86 -19.32 -8.49
CA ASP D 142 10.21 -18.40 -7.42
C ASP D 142 10.08 -16.95 -7.88
N ILE D 143 10.61 -16.61 -9.06
CA ILE D 143 10.62 -15.21 -9.48
C ILE D 143 9.20 -14.76 -9.89
N THR D 144 8.48 -15.57 -10.64
CA THR D 144 7.09 -15.20 -11.03
C THR D 144 6.06 -15.33 -9.92
N GLY D 145 6.33 -16.17 -8.92
CA GLY D 145 5.37 -16.40 -7.85
C GLY D 145 4.27 -17.39 -8.18
N LEU D 146 4.50 -18.24 -9.18
CA LEU D 146 3.52 -19.25 -9.59
C LEU D 146 4.05 -20.64 -9.22
N ASP D 147 3.20 -21.64 -9.42
CA ASP D 147 3.36 -22.95 -8.79
C ASP D 147 4.18 -23.91 -9.60
N MET D 148 3.98 -23.94 -10.91
CA MET D 148 4.74 -24.84 -11.78
C MET D 148 5.10 -24.21 -13.09
N ALA D 149 6.29 -24.54 -13.58
CA ALA D 149 6.78 -24.03 -14.84
C ALA D 149 7.33 -25.16 -15.67
N ASN D 150 7.32 -24.94 -16.96
CA ASN D 150 7.87 -25.92 -17.84
C ASN D 150 9.40 -25.76 -18.07
N ALA D 151 9.92 -26.55 -18.95
CA ALA D 151 11.31 -26.60 -19.24
C ALA D 151 11.72 -25.89 -20.50
N SER D 152 10.98 -24.84 -20.83
CA SER D 152 11.04 -23.84 -21.94
C SER D 152 10.09 -23.90 -23.10
N LEU D 153 9.86 -22.70 -23.59
CA LEU D 153 9.15 -22.45 -24.81
C LEU D 153 10.07 -21.80 -25.83
N LEU D 154 9.59 -21.53 -27.01
CA LEU D 154 10.48 -21.14 -28.11
C LEU D 154 10.92 -19.67 -28.03
N ASP D 155 9.98 -18.79 -27.61
CA ASP D 155 10.20 -17.34 -27.45
C ASP D 155 8.98 -16.72 -26.80
N GLU D 156 9.01 -15.40 -26.57
CA GLU D 156 7.96 -14.75 -25.79
C GLU D 156 6.61 -14.71 -26.49
N GLY D 157 6.61 -14.39 -27.78
CA GLY D 157 5.35 -14.27 -28.53
C GLY D 157 4.67 -15.63 -28.63
N THR D 158 5.43 -16.69 -28.94
CA THR D 158 4.84 -18.03 -28.96
C THR D 158 4.40 -18.49 -27.57
N ALA D 159 5.12 -18.09 -26.50
CA ALA D 159 4.63 -18.43 -25.15
C ALA D 159 3.29 -17.73 -24.85
N ALA D 160 3.14 -16.51 -25.35
CA ALA D 160 1.92 -15.76 -25.15
C ALA D 160 0.74 -16.44 -25.87
N ALA D 161 1.03 -16.89 -27.10
CA ALA D 161 0.10 -17.68 -27.89
C ALA D 161 -0.31 -18.97 -27.21
N GLU D 162 0.66 -19.69 -26.66
CA GLU D 162 0.40 -20.87 -25.85
C GLU D 162 -0.50 -20.56 -24.66
N ALA D 163 -0.35 -19.39 -24.03
CA ALA D 163 -1.27 -19.00 -22.94
C ALA D 163 -2.72 -18.86 -23.42
N LEU D 164 -2.89 -18.23 -24.58
CA LEU D 164 -4.21 -18.06 -25.19
C LEU D 164 -4.86 -19.42 -25.44
N GLN D 165 -4.10 -20.34 -26.05
CA GLN D 165 -4.57 -21.69 -26.34
C GLN D 165 -4.85 -22.48 -25.07
N LEU D 166 -4.07 -22.23 -24.00
CA LEU D 166 -4.35 -22.88 -22.71
C LEU D 166 -5.70 -22.40 -22.19
N CYS D 167 -5.97 -21.10 -22.29
CA CYS D 167 -7.23 -20.56 -21.80
C CYS D 167 -8.44 -21.17 -22.54
N TYR D 168 -8.32 -21.30 -23.87
CA TYR D 168 -9.36 -21.91 -24.70
C TYR D 168 -9.58 -23.38 -24.28
N ARG D 169 -8.52 -24.17 -24.20
CA ARG D 169 -8.59 -25.53 -23.68
C ARG D 169 -9.28 -25.63 -22.31
N HIS D 170 -9.04 -24.66 -21.43
CA HIS D 170 -9.58 -24.66 -20.06
C HIS D 170 -11.08 -24.40 -20.02
N ASN D 171 -11.56 -23.36 -20.72
CA ASN D 171 -12.97 -22.91 -20.61
C ASN D 171 -13.76 -22.84 -21.94
N LYS D 172 -13.10 -23.13 -23.07
CA LYS D 172 -13.71 -23.16 -24.42
C LYS D 172 -14.38 -21.90 -24.92
N ARG D 173 -14.11 -20.74 -24.33
CA ARG D 173 -14.74 -19.49 -24.79
C ARG D 173 -13.96 -18.95 -25.99
N ARG D 174 -14.63 -18.29 -26.93
CA ARG D 174 -13.98 -17.92 -28.19
C ARG D 174 -13.52 -16.46 -28.24
N LYS D 175 -13.54 -15.77 -27.12
CA LYS D 175 -13.07 -14.37 -27.10
C LYS D 175 -11.84 -14.27 -26.23
N PHE D 176 -10.90 -13.40 -26.60
CA PHE D 176 -9.69 -13.23 -25.78
C PHE D 176 -9.22 -11.78 -25.87
N PHE D 177 -9.07 -11.12 -24.72
CA PHE D 177 -8.60 -9.71 -24.66
C PHE D 177 -7.04 -9.59 -24.68
N VAL D 178 -6.52 -8.65 -25.47
CA VAL D 178 -5.07 -8.40 -25.52
C VAL D 178 -4.86 -6.87 -25.30
N ASP D 179 -4.13 -6.53 -24.26
CA ASP D 179 -3.73 -5.16 -23.98
C ASP D 179 -2.84 -4.69 -25.16
N PRO D 180 -3.16 -3.55 -25.80
CA PRO D 180 -2.31 -3.04 -26.89
C PRO D 180 -0.92 -2.53 -26.43
N ARG D 181 -0.67 -2.51 -25.12
CA ARG D 181 0.61 -2.17 -24.58
C ARG D 181 1.51 -3.42 -24.33
N CYS D 182 1.11 -4.59 -24.86
CA CYS D 182 2.05 -5.69 -25.06
C CYS D 182 2.99 -5.30 -26.22
N HIS D 183 4.16 -5.95 -26.28
CA HIS D 183 5.10 -5.72 -27.39
C HIS D 183 4.45 -6.04 -28.74
N PRO D 184 4.74 -5.24 -29.79
CA PRO D 184 4.10 -5.46 -31.07
C PRO D 184 4.25 -6.85 -31.68
N GLN D 185 5.44 -7.44 -31.54
CA GLN D 185 5.66 -8.78 -32.07
C GLN D 185 4.87 -9.82 -31.26
N THR D 186 4.71 -9.60 -29.95
CA THR D 186 3.93 -10.51 -29.15
C THR D 186 2.47 -10.49 -29.67
N ILE D 187 1.93 -9.29 -29.90
CA ILE D 187 0.58 -9.12 -30.38
C ILE D 187 0.40 -9.89 -31.70
N ALA D 188 1.35 -9.73 -32.62
CA ALA D 188 1.25 -10.32 -33.96
C ALA D 188 1.27 -11.86 -33.88
N VAL D 189 2.13 -12.45 -33.08
CA VAL D 189 2.13 -13.89 -32.93
C VAL D 189 0.81 -14.37 -32.33
N VAL D 190 0.27 -13.65 -31.33
CA VAL D 190 -0.94 -14.09 -30.64
C VAL D 190 -2.12 -13.99 -31.59
N GLN D 191 -2.19 -12.91 -32.38
CA GLN D 191 -3.29 -12.75 -33.35
C GLN D 191 -3.26 -13.83 -34.43
N THR D 192 -2.07 -14.17 -34.92
CA THR D 192 -1.91 -15.22 -35.91
C THR D 192 -2.35 -16.58 -35.35
N ARG D 193 -1.91 -16.93 -34.15
CA ARG D 193 -2.35 -18.15 -33.49
C ARG D 193 -3.89 -18.21 -33.32
N ALA D 194 -4.48 -17.11 -32.88
CA ALA D 194 -5.92 -17.00 -32.68
C ALA D 194 -6.71 -17.11 -34.00
N LYS D 195 -6.23 -16.44 -35.04
CA LYS D 195 -6.89 -16.51 -36.33
C LYS D 195 -7.11 -18.00 -36.75
N TYR D 196 -6.06 -18.81 -36.81
CA TYR D 196 -6.21 -20.18 -37.29
C TYR D 196 -6.87 -21.15 -36.28
N THR D 197 -6.87 -20.83 -34.98
CA THR D 197 -7.54 -21.64 -33.96
C THR D 197 -9.03 -21.32 -33.87
N GLY D 198 -9.47 -20.20 -34.45
CA GLY D 198 -10.88 -19.79 -34.41
C GLY D 198 -11.30 -18.96 -33.19
N VAL D 199 -10.35 -18.29 -32.53
CA VAL D 199 -10.63 -17.45 -31.37
C VAL D 199 -10.58 -16.00 -31.80
N LEU D 200 -11.48 -15.15 -31.32
CA LEU D 200 -11.44 -13.74 -31.66
C LEU D 200 -10.66 -13.00 -30.59
N THR D 201 -9.60 -12.33 -31.01
CA THR D 201 -8.88 -11.45 -30.15
C THR D 201 -9.43 -10.05 -30.30
N GLU D 202 -9.47 -9.31 -29.21
CA GLU D 202 -9.86 -7.92 -29.25
C GLU D 202 -8.80 -7.11 -28.52
N LEU D 203 -8.24 -6.11 -29.21
CA LEU D 203 -7.22 -5.18 -28.64
C LEU D 203 -7.88 -4.09 -27.77
N LYS D 204 -7.74 -4.18 -26.45
CA LYS D 204 -8.43 -3.29 -25.50
C LYS D 204 -7.55 -2.92 -24.32
N LEU D 205 -7.56 -1.65 -23.93
CA LEU D 205 -6.96 -1.24 -22.64
C LEU D 205 -7.86 -1.77 -21.51
N PRO D 206 -7.30 -2.02 -20.31
CA PRO D 206 -8.09 -2.60 -19.22
C PRO D 206 -9.44 -1.92 -18.94
N CYS D 207 -9.48 -0.59 -19.04
CA CYS D 207 -10.67 0.18 -18.76
C CYS D 207 -11.79 -0.02 -19.80
N GLU D 208 -11.43 -0.52 -20.99
CA GLU D 208 -12.36 -0.86 -22.06
C GLU D 208 -12.75 -2.35 -22.06
N MET D 209 -12.21 -3.17 -21.14
CA MET D 209 -12.51 -4.61 -21.08
C MET D 209 -13.74 -4.92 -20.22
N ASP D 210 -14.78 -5.48 -20.83
CA ASP D 210 -15.96 -5.93 -20.11
C ASP D 210 -16.02 -7.44 -20.16
N PHE D 211 -15.90 -8.09 -19.00
CA PHE D 211 -15.94 -9.56 -18.95
C PHE D 211 -17.34 -10.06 -18.62
N SER D 212 -18.29 -9.15 -18.39
CA SER D 212 -19.56 -9.54 -17.74
C SER D 212 -20.43 -10.48 -18.58
N GLY D 213 -20.17 -10.58 -19.87
CA GLY D 213 -20.82 -11.59 -20.73
C GLY D 213 -20.41 -13.02 -20.46
N LYS D 214 -19.39 -13.25 -19.63
CA LYS D 214 -18.90 -14.60 -19.38
C LYS D 214 -18.56 -15.34 -20.66
N ASP D 215 -18.05 -14.60 -21.64
CA ASP D 215 -17.68 -15.12 -22.96
C ASP D 215 -16.19 -14.86 -23.29
N VAL D 216 -15.40 -14.42 -22.31
CA VAL D 216 -14.00 -14.16 -22.52
C VAL D 216 -13.21 -15.29 -21.85
N SER D 217 -12.37 -15.93 -22.65
CA SER D 217 -11.51 -17.02 -22.24
C SER D 217 -10.44 -16.55 -21.26
N GLY D 218 -9.79 -15.46 -21.64
CA GLY D 218 -8.74 -14.86 -20.87
C GLY D 218 -8.32 -13.48 -21.36
N VAL D 219 -7.36 -12.93 -20.64
CA VAL D 219 -6.79 -11.59 -20.91
C VAL D 219 -5.28 -11.70 -20.80
N LEU D 220 -4.59 -11.06 -21.76
CA LEU D 220 -3.13 -10.93 -21.74
C LEU D 220 -2.76 -9.46 -21.63
N PHE D 221 -1.92 -9.15 -20.63
CA PHE D 221 -1.39 -7.82 -20.39
C PHE D 221 0.11 -7.97 -20.09
N GLN D 222 0.83 -6.86 -19.99
CA GLN D 222 2.32 -6.94 -19.81
C GLN D 222 2.77 -5.95 -18.68
N TYR D 223 3.74 -6.41 -17.89
CA TYR D 223 4.14 -5.83 -16.61
C TYR D 223 5.65 -6.04 -16.42
N PRO D 224 6.47 -5.00 -16.55
CA PRO D 224 6.13 -3.68 -17.11
C PRO D 224 5.70 -3.77 -18.57
N ASP D 225 4.95 -2.80 -19.04
CA ASP D 225 4.42 -2.86 -20.41
C ASP D 225 5.47 -2.38 -21.42
N THR D 226 5.14 -2.44 -22.70
CA THR D 226 6.05 -2.10 -23.78
C THR D 226 6.51 -0.63 -23.74
N GLU D 227 5.72 0.25 -23.11
CA GLU D 227 6.16 1.64 -22.93
C GLU D 227 7.04 1.88 -21.67
N GLY D 228 7.21 0.85 -20.85
CA GLY D 228 8.01 0.90 -19.62
C GLY D 228 7.19 1.00 -18.33
N LYS D 229 5.89 1.26 -18.44
CA LYS D 229 5.08 1.54 -17.28
C LYS D 229 4.86 0.33 -16.36
N VAL D 230 4.97 0.58 -15.06
CA VAL D 230 4.60 -0.38 -13.99
C VAL D 230 3.19 -0.06 -13.50
N GLU D 231 2.26 -0.95 -13.73
CA GLU D 231 0.85 -0.78 -13.35
C GLU D 231 0.34 -1.85 -12.37
N ASP D 232 -0.61 -1.47 -11.53
CA ASP D 232 -1.30 -2.38 -10.65
C ASP D 232 -2.46 -3.04 -11.42
N PHE D 233 -2.37 -4.35 -11.61
CA PHE D 233 -3.36 -5.13 -12.32
C PHE D 233 -4.28 -5.94 -11.37
N THR D 234 -4.20 -5.69 -10.05
CA THR D 234 -4.95 -6.43 -9.03
C THR D 234 -6.45 -6.41 -9.35
N GLU D 235 -6.97 -5.23 -9.61
CA GLU D 235 -8.42 -5.06 -9.87
C GLU D 235 -8.83 -5.68 -11.23
N LEU D 236 -8.02 -5.52 -12.28
CA LEU D 236 -8.29 -6.17 -13.58
C LEU D 236 -8.33 -7.70 -13.45
N VAL D 237 -7.38 -8.29 -12.74
CA VAL D 237 -7.38 -9.74 -12.55
C VAL D 237 -8.63 -10.16 -11.78
N GLU D 238 -9.02 -9.37 -10.79
CA GLU D 238 -10.16 -9.69 -9.97
C GLU D 238 -11.46 -9.71 -10.83
N ARG D 239 -11.61 -8.71 -11.69
CA ARG D 239 -12.74 -8.63 -12.64
C ARG D 239 -12.82 -9.83 -13.56
N ALA D 240 -11.68 -10.20 -14.13
CA ALA D 240 -11.62 -11.36 -15.02
C ALA D 240 -12.14 -12.60 -14.30
N HIS D 241 -11.62 -12.85 -13.10
CA HIS D 241 -11.95 -14.01 -12.31
C HIS D 241 -13.42 -14.07 -11.92
N GLN D 242 -13.97 -12.91 -11.51
CA GLN D 242 -15.42 -12.81 -11.19
C GLN D 242 -16.32 -13.28 -12.32
N SER D 243 -15.86 -13.23 -13.57
CA SER D 243 -16.63 -13.74 -14.71
C SER D 243 -16.14 -15.05 -15.32
N GLY D 244 -15.30 -15.79 -14.60
CA GLY D 244 -14.73 -17.04 -15.08
C GLY D 244 -13.58 -16.97 -16.09
N SER D 245 -12.95 -15.81 -16.26
CA SER D 245 -11.86 -15.65 -17.23
C SER D 245 -10.50 -15.83 -16.55
N LEU D 246 -9.50 -16.32 -17.27
CA LEU D 246 -8.12 -16.40 -16.75
C LEU D 246 -7.35 -15.09 -17.05
N ALA D 247 -6.31 -14.84 -16.25
CA ALA D 247 -5.43 -13.69 -16.42
C ALA D 247 -4.01 -14.17 -16.76
N CYS D 248 -3.46 -13.63 -17.84
CA CYS D 248 -2.13 -14.00 -18.31
C CYS D 248 -1.25 -12.77 -18.34
N CYS D 249 -0.03 -12.88 -17.78
CA CYS D 249 0.88 -11.75 -17.64
C CYS D 249 2.24 -12.01 -18.32
N ALA D 250 2.54 -11.25 -19.37
CA ALA D 250 3.90 -11.24 -20.00
C ALA D 250 4.73 -10.33 -19.15
N THR D 251 5.93 -10.77 -18.79
CA THR D 251 6.76 -10.08 -17.78
C THR D 251 8.25 -10.29 -18.03
N ASP D 252 9.08 -9.87 -17.07
CA ASP D 252 10.54 -9.77 -17.26
C ASP D 252 11.24 -10.27 -15.98
N LEU D 253 12.10 -11.29 -16.11
CA LEU D 253 12.65 -11.92 -14.90
C LEU D 253 13.53 -10.96 -14.07
N LEU D 254 14.20 -10.01 -14.74
CA LEU D 254 15.11 -9.07 -14.05
C LEU D 254 14.26 -8.01 -13.30
N ALA D 255 13.30 -7.44 -13.99
CA ALA D 255 12.35 -6.53 -13.31
C ALA D 255 11.75 -7.17 -12.04
N LEU D 256 11.38 -8.43 -12.12
CA LEU D 256 10.73 -9.17 -11.03
C LEU D 256 11.63 -9.48 -9.83
N CYS D 257 12.94 -9.27 -9.99
CA CYS D 257 13.82 -9.31 -8.86
C CYS D 257 13.58 -8.17 -7.87
N ILE D 258 13.00 -7.06 -8.29
CA ILE D 258 12.63 -5.96 -7.37
C ILE D 258 11.14 -5.55 -7.37
N LEU D 259 10.36 -6.08 -8.32
CA LEU D 259 8.90 -5.81 -8.42
C LEU D 259 8.07 -6.93 -7.84
N ARG D 260 7.00 -6.59 -7.14
CA ARG D 260 6.13 -7.62 -6.66
C ARG D 260 5.64 -8.39 -7.89
N PRO D 261 5.76 -9.74 -7.84
CA PRO D 261 5.53 -10.56 -9.03
C PRO D 261 4.07 -10.94 -9.27
N PRO D 262 3.73 -11.37 -10.51
CA PRO D 262 2.33 -11.70 -10.89
C PRO D 262 1.61 -12.71 -10.00
N GLY D 263 2.32 -13.67 -9.44
CA GLY D 263 1.73 -14.62 -8.49
C GLY D 263 1.12 -13.96 -7.29
N GLU D 264 1.65 -12.80 -6.94
CA GLU D 264 1.21 -12.07 -5.80
C GLU D 264 -0.01 -11.16 -6.11
N PHE D 265 -0.28 -10.91 -7.38
CA PHE D 265 -1.51 -10.21 -7.74
C PHE D 265 -2.52 -11.12 -8.49
N GLY D 266 -2.61 -12.37 -8.03
CA GLY D 266 -3.51 -13.38 -8.53
C GLY D 266 -3.52 -13.90 -9.95
N VAL D 267 -2.49 -13.62 -10.73
CA VAL D 267 -2.33 -14.10 -12.10
C VAL D 267 -2.29 -15.64 -12.18
N ASP D 268 -2.90 -16.15 -13.25
CA ASP D 268 -3.00 -17.61 -13.53
C ASP D 268 -1.84 -18.19 -14.34
N ILE D 269 -1.31 -17.42 -15.30
CA ILE D 269 -0.22 -17.82 -16.19
C ILE D 269 0.74 -16.61 -16.34
N ALA D 270 2.02 -16.84 -16.08
CA ALA D 270 3.04 -15.81 -16.31
C ALA D 270 4.02 -16.37 -17.33
N LEU D 271 4.54 -15.48 -18.17
CA LEU D 271 5.40 -15.85 -19.29
C LEU D 271 6.26 -14.69 -19.73
N GLY D 272 7.30 -14.99 -20.49
CA GLY D 272 8.23 -13.98 -21.04
C GLY D 272 9.46 -14.68 -21.56
N SER D 273 10.54 -13.92 -21.77
CA SER D 273 11.83 -14.46 -22.20
C SER D 273 12.81 -14.46 -21.01
N SER D 274 13.65 -15.49 -20.94
CA SER D 274 14.75 -15.54 -20.00
C SER D 274 16.07 -15.00 -20.63
N GLN D 275 15.98 -14.36 -21.80
CA GLN D 275 17.17 -13.95 -22.56
C GLN D 275 18.18 -13.13 -21.72
N ARG D 276 17.66 -12.11 -21.03
CA ARG D 276 18.59 -11.22 -20.31
C ARG D 276 19.25 -11.85 -19.07
N PHE D 277 18.80 -13.08 -18.67
CA PHE D 277 19.54 -13.91 -17.70
C PHE D 277 20.71 -14.63 -18.38
N GLY D 278 21.62 -13.83 -18.93
CA GLY D 278 22.88 -14.32 -19.46
C GLY D 278 22.95 -15.03 -20.78
N VAL D 279 22.12 -14.63 -21.72
CA VAL D 279 22.13 -15.21 -23.07
C VAL D 279 22.27 -14.05 -24.05
N PRO D 280 23.07 -14.25 -25.11
CA PRO D 280 23.26 -13.15 -26.09
C PRO D 280 22.02 -12.80 -26.88
N LEU D 281 21.99 -11.53 -27.29
CA LEU D 281 20.94 -10.98 -28.12
C LEU D 281 20.70 -11.90 -29.35
N GLY D 282 21.79 -12.44 -29.93
CA GLY D 282 21.69 -13.35 -31.08
C GLY D 282 20.94 -12.90 -32.34
N TYR D 283 20.79 -11.60 -32.54
CA TYR D 283 19.91 -11.06 -33.65
C TYR D 283 18.58 -11.82 -33.74
N GLY D 284 17.99 -12.09 -32.56
CA GLY D 284 16.68 -12.73 -32.43
C GLY D 284 16.63 -13.97 -31.58
N GLY D 285 17.73 -14.72 -31.57
CA GLY D 285 17.81 -15.92 -30.73
C GLY D 285 19.04 -16.76 -30.98
N PRO D 286 19.15 -17.92 -30.30
CA PRO D 286 18.08 -18.56 -29.54
C PRO D 286 18.05 -18.12 -28.06
N HIS D 287 16.85 -18.10 -27.50
CA HIS D 287 16.55 -17.79 -26.11
C HIS D 287 15.41 -18.70 -25.64
N ALA D 288 15.48 -19.20 -24.41
CA ALA D 288 14.39 -19.86 -23.71
C ALA D 288 13.36 -18.92 -23.17
N ALA D 289 12.10 -19.10 -23.59
CA ALA D 289 10.94 -18.47 -22.95
C ALA D 289 10.57 -19.27 -21.72
N PHE D 290 9.95 -18.57 -20.77
CA PHE D 290 9.46 -19.20 -19.55
C PHE D 290 7.97 -19.16 -19.59
N PHE D 291 7.36 -20.09 -18.85
CA PHE D 291 5.90 -20.27 -18.85
C PHE D 291 5.52 -21.03 -17.56
N ALA D 292 4.75 -20.36 -16.72
CA ALA D 292 4.44 -20.89 -15.40
C ALA D 292 2.95 -20.72 -15.09
N VAL D 293 2.39 -21.65 -14.32
CA VAL D 293 0.94 -21.66 -14.06
C VAL D 293 0.59 -21.93 -12.60
N ARG D 294 -0.65 -21.59 -12.22
CA ARG D 294 -1.28 -22.20 -11.04
C ARG D 294 -1.38 -23.72 -11.17
N GLU D 295 -1.28 -24.37 -10.01
CA GLU D 295 -1.24 -25.82 -9.90
C GLU D 295 -2.41 -26.50 -10.57
N SER D 296 -3.58 -25.88 -10.43
CA SER D 296 -4.82 -26.40 -11.02
C SER D 296 -4.81 -26.46 -12.57
N LEU D 297 -3.91 -25.72 -13.21
CA LEU D 297 -3.83 -25.75 -14.66
C LEU D 297 -2.76 -26.68 -15.20
N VAL D 298 -1.99 -27.33 -14.34
CA VAL D 298 -0.77 -28.04 -14.79
C VAL D 298 -1.00 -29.18 -15.83
N ARG D 299 -2.17 -29.82 -15.79
CA ARG D 299 -2.47 -30.90 -16.73
C ARG D 299 -2.63 -30.37 -18.15
N MET D 300 -2.75 -29.07 -18.33
CA MET D 300 -2.85 -28.44 -19.64
C MET D 300 -1.55 -27.72 -20.07
N MET D 301 -0.49 -27.89 -19.29
CA MET D 301 0.83 -27.30 -19.57
C MET D 301 1.33 -27.71 -20.96
N PRO D 302 1.87 -26.77 -21.78
CA PRO D 302 2.57 -27.18 -23.00
C PRO D 302 4.02 -27.50 -22.71
N GLY D 303 4.60 -28.38 -23.52
CA GLY D 303 6.03 -28.64 -23.53
C GLY D 303 6.47 -29.67 -22.53
N ARG D 304 7.78 -29.77 -22.37
CA ARG D 304 8.34 -30.66 -21.35
C ARG D 304 8.38 -30.02 -19.99
N MET D 305 8.44 -30.86 -18.97
CA MET D 305 8.55 -30.41 -17.60
C MET D 305 9.20 -31.54 -16.77
N VAL D 306 10.30 -31.20 -16.09
CA VAL D 306 10.98 -32.14 -15.24
C VAL D 306 10.26 -32.31 -13.91
N GLY D 307 10.19 -33.53 -13.44
CA GLY D 307 9.59 -33.89 -12.16
C GLY D 307 10.52 -34.79 -11.35
N VAL D 308 10.30 -34.81 -10.04
CA VAL D 308 11.06 -35.64 -9.14
C VAL D 308 10.32 -36.95 -8.99
N THR D 309 11.06 -38.05 -8.99
CA THR D 309 10.50 -39.40 -8.84
C THR D 309 11.50 -40.25 -8.04
N ARG D 310 11.34 -41.58 -8.06
CA ARG D 310 12.26 -42.51 -7.41
C ARG D 310 12.83 -43.46 -8.46
N ASP D 311 14.03 -44.00 -8.19
CA ASP D 311 14.52 -45.13 -9.00
C ASP D 311 14.15 -46.48 -8.34
N ALA D 312 14.59 -47.59 -8.94
CA ALA D 312 14.23 -48.92 -8.42
C ALA D 312 14.67 -49.16 -6.97
N THR D 313 15.67 -48.43 -6.47
CA THR D 313 16.10 -48.54 -5.07
C THR D 313 15.40 -47.60 -4.10
N GLY D 314 14.54 -46.69 -4.56
CA GLY D 314 13.93 -45.65 -3.69
C GLY D 314 14.70 -44.33 -3.61
N LYS D 315 15.83 -44.24 -4.29
CA LYS D 315 16.56 -42.98 -4.39
C LYS D 315 15.76 -41.92 -5.14
N GLU D 316 15.86 -40.67 -4.67
CA GLU D 316 15.21 -39.53 -5.29
C GLU D 316 15.96 -39.07 -6.56
N VAL D 317 15.25 -38.99 -7.70
CA VAL D 317 15.89 -38.81 -9.03
C VAL D 317 14.99 -37.99 -9.95
N TYR D 318 15.44 -37.66 -11.17
CA TYR D 318 14.68 -36.76 -12.05
C TYR D 318 14.21 -37.44 -13.32
N ARG D 319 13.07 -37.01 -13.86
CA ARG D 319 12.56 -37.49 -15.18
C ARG D 319 11.57 -36.48 -15.77
N LEU D 320 11.39 -36.50 -17.08
CA LEU D 320 10.33 -35.74 -17.72
C LEU D 320 8.96 -36.27 -17.20
N ALA D 321 8.11 -35.35 -16.72
CA ALA D 321 6.85 -35.69 -16.04
C ALA D 321 5.59 -35.41 -16.92
N LEU D 322 4.49 -36.09 -16.59
CA LEU D 322 3.22 -35.91 -17.26
C LEU D 322 3.36 -35.89 -18.77
N GLN D 323 3.99 -36.93 -19.29
CA GLN D 323 4.40 -36.93 -20.71
C GLN D 323 3.22 -37.14 -21.68
N THR D 324 2.05 -37.55 -21.17
CA THR D 324 0.93 -37.82 -22.04
C THR D 324 0.37 -36.52 -22.58
N ARG D 325 0.66 -35.39 -21.92
CA ARG D 325 0.34 -34.05 -22.48
C ARG D 325 0.94 -33.79 -23.87
N GLU D 326 2.05 -34.47 -24.21
CA GLU D 326 2.90 -34.06 -25.34
C GLU D 326 2.53 -34.72 -26.67
N GLN D 327 3.04 -34.10 -27.74
CA GLN D 327 2.76 -34.54 -29.14
C GLN D 327 3.03 -36.05 -29.41
N HIS D 328 4.09 -36.59 -28.82
CA HIS D 328 4.47 -37.97 -29.09
C HIS D 328 3.47 -39.01 -28.52
N ILE D 329 2.69 -38.67 -27.49
CA ILE D 329 1.66 -39.55 -26.95
C ILE D 329 0.29 -39.16 -27.49
N ARG D 330 -0.10 -37.88 -27.35
CA ARG D 330 -1.50 -37.46 -27.68
C ARG D 330 -1.72 -36.88 -29.06
N ARG D 331 -0.66 -36.64 -29.84
CA ARG D 331 -0.78 -36.29 -31.24
C ARG D 331 -1.63 -35.02 -31.43
N ASP D 332 -2.72 -35.11 -32.19
CA ASP D 332 -3.62 -33.93 -32.37
C ASP D 332 -4.36 -33.49 -31.08
N LYS D 333 -4.40 -34.34 -30.07
CA LYS D 333 -4.96 -34.00 -28.75
C LYS D 333 -3.96 -33.48 -27.72
N ALA D 334 -2.71 -33.29 -28.14
CA ALA D 334 -1.67 -32.85 -27.22
C ALA D 334 -1.92 -31.37 -26.78
N THR D 335 -1.18 -30.92 -25.76
CA THR D 335 -1.31 -29.54 -25.31
C THR D 335 -0.61 -28.54 -26.23
N SER D 336 0.21 -29.02 -27.16
CA SER D 336 0.84 -28.19 -28.17
C SER D 336 1.50 -29.12 -29.19
N ASN D 337 1.97 -28.51 -30.28
CA ASN D 337 2.80 -29.25 -31.26
C ASN D 337 4.28 -29.29 -30.88
N ILE D 338 4.68 -28.56 -29.85
CA ILE D 338 6.10 -28.35 -29.59
C ILE D 338 6.88 -29.66 -29.27
N CYS D 339 8.09 -29.75 -29.83
CA CYS D 339 8.93 -30.92 -29.73
C CYS D 339 10.32 -30.41 -29.35
N THR D 340 11.22 -30.15 -30.27
CA THR D 340 12.44 -29.42 -29.94
C THR D 340 12.02 -28.05 -29.37
N ALA D 341 12.63 -27.67 -28.25
CA ALA D 341 12.40 -26.38 -27.61
C ALA D 341 13.70 -25.53 -27.55
N GLN D 342 14.08 -25.07 -26.38
CA GLN D 342 15.29 -24.24 -26.19
C GLN D 342 16.07 -24.71 -24.94
N ALA D 343 16.21 -26.01 -24.76
CA ALA D 343 16.81 -26.55 -23.59
C ALA D 343 18.19 -25.99 -23.14
N LEU D 344 19.11 -25.94 -24.07
CA LEU D 344 20.45 -25.49 -23.81
C LEU D 344 20.45 -24.05 -23.25
N LEU D 345 19.57 -23.22 -23.77
CA LEU D 345 19.47 -21.83 -23.37
C LEU D 345 18.74 -21.60 -22.02
N ALA D 346 17.80 -22.47 -21.73
CA ALA D 346 17.20 -22.58 -20.41
C ALA D 346 18.25 -22.92 -19.39
N ASN D 347 19.12 -23.86 -19.72
CA ASN D 347 20.22 -24.26 -18.82
C ASN D 347 21.23 -23.13 -18.65
N MET D 348 21.50 -22.37 -19.70
CA MET D 348 22.35 -21.15 -19.56
C MET D 348 21.76 -20.12 -18.58
N ALA D 349 20.47 -19.84 -18.69
CA ALA D 349 19.80 -18.90 -17.79
C ALA D 349 19.73 -19.42 -16.34
N ALA D 350 19.58 -20.74 -16.13
CA ALA D 350 19.62 -21.34 -14.77
C ALA D 350 20.97 -21.16 -14.15
N MET D 351 22.00 -21.37 -14.94
CA MET D 351 23.38 -21.23 -14.44
C MET D 351 23.68 -19.77 -14.12
N PHE D 352 23.10 -18.82 -14.88
CA PHE D 352 23.18 -17.38 -14.56
C PHE D 352 22.61 -17.07 -13.17
N ALA D 353 21.39 -17.55 -12.94
CA ALA D 353 20.72 -17.38 -11.68
C ALA D 353 21.47 -18.08 -10.52
N ILE D 354 22.03 -19.27 -10.79
CA ILE D 354 22.85 -19.98 -9.82
C ILE D 354 24.12 -19.16 -9.43
N TYR D 355 24.81 -18.64 -10.42
CA TYR D 355 26.08 -17.96 -10.25
C TYR D 355 25.87 -16.63 -9.49
N HIS D 356 24.78 -15.93 -9.78
CA HIS D 356 24.49 -14.66 -9.11
C HIS D 356 23.74 -14.78 -7.77
N GLY D 357 22.93 -15.80 -7.59
CA GLY D 357 22.01 -15.91 -6.44
C GLY D 357 21.01 -14.78 -6.45
N SER D 358 20.05 -14.80 -5.53
CA SER D 358 19.14 -13.67 -5.39
C SER D 358 19.82 -12.38 -5.09
N HIS D 359 20.87 -12.43 -4.26
CA HIS D 359 21.62 -11.21 -3.87
C HIS D 359 22.24 -10.56 -5.13
N GLY D 360 22.86 -11.35 -6.00
CA GLY D 360 23.51 -10.79 -7.22
C GLY D 360 22.51 -10.35 -8.28
N LEU D 361 21.37 -11.05 -8.38
CA LEU D 361 20.31 -10.63 -9.27
C LEU D 361 19.66 -9.30 -8.78
N GLU D 362 19.41 -9.14 -7.46
CA GLU D 362 18.93 -7.86 -6.89
C GLU D 362 19.91 -6.73 -7.17
N HIS D 363 21.23 -7.01 -7.05
CA HIS D 363 22.29 -6.02 -7.30
C HIS D 363 22.18 -5.45 -8.73
N ILE D 364 22.13 -6.36 -9.70
CA ILE D 364 21.98 -6.01 -11.12
C ILE D 364 20.69 -5.21 -11.41
N ALA D 365 19.59 -5.75 -10.87
CA ALA D 365 18.29 -5.14 -11.08
C ALA D 365 18.23 -3.69 -10.53
N ARG D 366 18.75 -3.50 -9.32
CA ARG D 366 18.76 -2.20 -8.66
C ARG D 366 19.67 -1.25 -9.37
N ARG D 367 20.78 -1.74 -9.86
CA ARG D 367 21.73 -0.92 -10.63
C ARG D 367 21.08 -0.39 -11.93
N VAL D 368 20.45 -1.29 -12.66
CA VAL D 368 19.77 -0.95 -13.91
C VAL D 368 18.68 0.09 -13.67
N HIS D 369 17.89 -0.10 -12.61
CA HIS D 369 16.76 0.79 -12.28
C HIS D 369 17.26 2.14 -11.88
N ASN D 370 18.32 2.16 -11.07
CA ASN D 370 18.93 3.46 -10.67
C ASN D 370 19.54 4.18 -11.85
N ALA D 371 20.21 3.48 -12.77
CA ALA D 371 20.70 4.16 -13.99
C ALA D 371 19.51 4.82 -14.73
N THR D 372 18.38 4.12 -14.78
CA THR D 372 17.22 4.59 -15.49
C THR D 372 16.66 5.82 -14.77
N LEU D 373 16.58 5.76 -13.43
CA LEU D 373 16.13 6.88 -12.61
C LEU D 373 17.04 8.12 -12.78
N ILE D 374 18.35 7.89 -12.84
CA ILE D 374 19.31 8.97 -13.12
C ILE D 374 19.06 9.60 -14.52
N LEU D 375 18.98 8.76 -15.55
CA LEU D 375 18.66 9.24 -16.90
C LEU D 375 17.37 10.07 -16.94
N SER D 376 16.34 9.56 -16.29
CA SER D 376 15.06 10.22 -16.22
C SER D 376 15.17 11.64 -15.63
N GLU D 377 15.85 11.76 -14.49
CA GLU D 377 16.03 13.06 -13.85
C GLU D 377 16.81 14.03 -14.70
N GLY D 378 17.86 13.58 -15.33
CA GLY D 378 18.59 14.45 -16.26
C GLY D 378 17.77 14.93 -17.42
N LEU D 379 16.98 14.05 -18.01
CA LEU D 379 16.15 14.41 -19.18
C LEU D 379 15.11 15.44 -18.83
N LYS D 380 14.48 15.29 -17.67
CA LYS D 380 13.47 16.26 -17.21
C LYS D 380 14.07 17.62 -16.94
N ARG D 381 15.20 17.66 -16.24
CA ARG D 381 15.90 18.91 -16.00
C ARG D 381 16.30 19.58 -17.30
N ALA D 382 16.57 18.82 -18.36
CA ALA D 382 16.85 19.41 -19.69
C ALA D 382 15.60 19.85 -20.49
N GLY D 383 14.40 19.70 -19.93
CA GLY D 383 13.16 20.13 -20.59
C GLY D 383 12.47 19.09 -21.42
N HIS D 384 12.89 17.82 -21.34
CA HIS D 384 12.19 16.73 -22.04
C HIS D 384 11.09 16.17 -21.15
N GLN D 385 10.05 15.58 -21.73
CA GLN D 385 8.93 15.05 -20.97
C GLN D 385 8.91 13.52 -20.95
N LEU D 386 8.70 12.96 -19.76
CA LEU D 386 8.54 11.53 -19.59
C LEU D 386 7.09 11.23 -19.47
N GLN D 387 6.65 10.21 -20.16
CA GLN D 387 5.27 9.86 -20.12
C GLN D 387 4.91 9.07 -18.90
N HIS D 388 5.83 8.30 -18.37
CA HIS D 388 5.51 7.51 -17.18
C HIS D 388 6.46 7.76 -16.04
N ASP D 389 5.95 7.78 -14.83
CA ASP D 389 6.80 8.01 -13.71
C ASP D 389 7.15 6.81 -12.84
N LEU D 390 6.53 5.67 -13.09
CA LEU D 390 6.91 4.48 -12.38
C LEU D 390 7.27 3.47 -13.44
N PHE D 391 8.53 3.10 -13.47
CA PHE D 391 9.06 2.16 -14.42
C PHE D 391 10.21 1.30 -13.85
N PHE D 392 10.68 0.32 -14.61
CA PHE D 392 11.86 -0.44 -14.24
C PHE D 392 13.05 0.11 -15.03
N ASP D 393 13.13 -0.19 -16.32
CA ASP D 393 14.36 0.12 -17.11
C ASP D 393 14.08 0.91 -18.38
N THR D 394 12.85 1.39 -18.56
CA THR D 394 12.37 1.78 -19.87
C THR D 394 11.62 3.11 -19.77
N LEU D 395 12.02 4.05 -20.59
CA LEU D 395 11.46 5.39 -20.58
C LEU D 395 10.75 5.63 -21.90
N LYS D 396 9.74 6.49 -21.89
CA LYS D 396 9.08 6.95 -23.09
C LYS D 396 9.15 8.49 -23.04
N ILE D 397 9.82 9.07 -24.01
CA ILE D 397 10.30 10.42 -23.97
C ILE D 397 9.73 11.24 -25.12
N GLN D 398 9.14 12.38 -24.80
CA GLN D 398 8.74 13.39 -25.75
C GLN D 398 9.85 14.41 -25.78
N CYS D 399 10.60 14.53 -26.88
CA CYS D 399 11.71 15.51 -26.91
C CYS D 399 11.26 16.98 -26.83
N GLY D 400 11.85 17.72 -25.88
CA GLY D 400 11.70 19.14 -25.74
C GLY D 400 12.43 19.92 -26.80
N CYS D 401 13.38 19.32 -27.52
CA CYS D 401 13.95 19.91 -28.73
C CYS D 401 13.56 19.05 -29.95
N SER D 402 14.05 19.44 -31.13
CA SER D 402 13.97 18.60 -32.32
C SER D 402 14.42 17.11 -32.13
N VAL D 403 13.59 16.15 -32.51
CA VAL D 403 13.98 14.76 -32.53
C VAL D 403 15.13 14.52 -33.54
N LYS D 404 15.11 15.21 -34.67
CA LYS D 404 16.19 15.08 -35.68
C LYS D 404 17.59 15.33 -35.10
N GLU D 405 17.71 16.36 -34.26
CA GLU D 405 18.99 16.74 -33.72
C GLU D 405 19.41 15.76 -32.64
N VAL D 406 18.47 15.24 -31.83
CA VAL D 406 18.72 14.17 -30.89
C VAL D 406 19.28 12.93 -31.59
N LEU D 407 18.60 12.49 -32.64
CA LEU D 407 18.99 11.28 -33.36
C LEU D 407 20.33 11.44 -34.14
N GLY D 408 20.59 12.64 -34.65
CA GLY D 408 21.89 12.95 -35.23
C GLY D 408 23.03 12.75 -34.26
N ARG D 409 22.86 13.22 -33.02
CA ARG D 409 23.86 12.94 -31.96
C ARG D 409 23.94 11.47 -31.55
N ALA D 410 22.82 10.77 -31.52
CA ALA D 410 22.83 9.37 -31.17
C ALA D 410 23.61 8.54 -32.19
N ALA D 411 23.46 8.85 -33.48
CA ALA D 411 24.21 8.21 -34.57
C ALA D 411 25.73 8.39 -34.48
N GLN D 412 26.11 9.62 -34.14
CA GLN D 412 27.47 9.96 -33.82
C GLN D 412 28.12 9.11 -32.73
N ARG D 413 27.35 8.63 -31.75
CA ARG D 413 27.86 7.74 -30.68
C ARG D 413 27.44 6.26 -30.88
N GLN D 414 26.89 5.95 -32.06
CA GLN D 414 26.44 4.61 -32.43
C GLN D 414 25.51 4.02 -31.37
N ILE D 415 24.45 4.77 -31.10
CA ILE D 415 23.44 4.37 -30.13
C ILE D 415 22.07 4.34 -30.85
N ASN D 416 21.28 3.29 -30.58
CA ASN D 416 19.92 3.09 -31.15
C ASN D 416 18.90 3.27 -30.04
N PHE D 417 17.85 4.01 -30.36
CA PHE D 417 16.66 4.11 -29.56
C PHE D 417 15.50 3.40 -30.30
N ARG D 418 14.39 3.18 -29.60
CA ARG D 418 13.13 2.78 -30.22
C ARG D 418 12.40 4.03 -30.69
N LEU D 419 12.00 4.07 -31.96
CA LEU D 419 11.21 5.21 -32.50
C LEU D 419 9.74 4.82 -32.52
N PHE D 420 8.94 5.39 -31.64
CA PHE D 420 7.51 5.18 -31.66
C PHE D 420 6.89 5.94 -32.85
N GLU D 421 5.77 5.43 -33.33
CA GLU D 421 5.06 6.02 -34.46
C GLU D 421 4.64 7.44 -34.18
N ASP D 422 4.27 7.73 -32.93
CA ASP D 422 3.87 9.13 -32.54
C ASP D 422 5.01 10.16 -32.46
N GLY D 423 6.25 9.80 -32.80
CA GLY D 423 7.37 10.77 -32.77
C GLY D 423 8.13 10.81 -31.44
N THR D 424 7.65 10.07 -30.44
CA THR D 424 8.35 9.93 -29.17
C THR D 424 9.39 8.78 -29.24
N LEU D 425 10.23 8.70 -28.21
CA LEU D 425 11.36 7.79 -28.17
C LEU D 425 11.30 6.82 -27.00
N GLY D 426 11.64 5.55 -27.28
CA GLY D 426 11.77 4.55 -26.26
C GLY D 426 13.27 4.34 -25.96
N ILE D 427 13.60 4.35 -24.68
CA ILE D 427 14.95 3.99 -24.22
C ILE D 427 14.81 2.95 -23.11
N SER D 428 15.49 1.83 -23.34
CA SER D 428 15.58 0.76 -22.40
C SER D 428 17.07 0.52 -22.00
N LEU D 429 17.35 0.73 -20.72
CA LEU D 429 18.69 0.48 -20.18
C LEU D 429 18.77 -0.99 -19.78
N ASP D 430 19.96 -1.45 -19.53
CA ASP D 430 20.23 -2.85 -19.28
C ASP D 430 21.50 -3.04 -18.41
N GLU D 431 21.82 -4.30 -18.14
CA GLU D 431 22.94 -4.65 -17.27
C GLU D 431 24.28 -3.96 -17.69
N THR D 432 24.45 -3.73 -19.00
CA THR D 432 25.70 -3.22 -19.55
C THR D 432 25.91 -1.76 -19.35
N VAL D 433 24.86 -1.04 -18.93
CA VAL D 433 24.94 0.41 -18.85
C VAL D 433 25.77 0.92 -17.66
N ASN D 434 26.76 1.74 -17.96
CA ASN D 434 27.65 2.40 -16.97
C ASN D 434 27.65 3.91 -17.04
N GLU D 435 28.42 4.54 -16.16
CA GLU D 435 28.54 6.01 -16.11
C GLU D 435 28.78 6.64 -17.48
N LYS D 436 29.74 6.10 -18.20
CA LYS D 436 30.11 6.55 -19.54
C LYS D 436 28.91 6.55 -20.51
N ASP D 437 28.15 5.45 -20.52
CA ASP D 437 26.96 5.38 -21.39
C ASP D 437 25.96 6.40 -20.94
N LEU D 438 25.74 6.58 -19.65
CA LEU D 438 24.79 7.62 -19.18
C LEU D 438 25.21 9.02 -19.61
N ASP D 439 26.50 9.31 -19.53
CA ASP D 439 27.03 10.61 -19.97
C ASP D 439 26.86 10.77 -21.45
N ASP D 440 27.06 9.70 -22.24
CA ASP D 440 26.76 9.75 -23.69
C ASP D 440 25.26 10.07 -23.90
N LEU D 441 24.39 9.42 -23.16
CA LEU D 441 22.95 9.62 -23.31
C LEU D 441 22.49 11.06 -22.95
N LEU D 442 22.98 11.58 -21.82
CA LEU D 442 22.69 12.93 -21.39
C LEU D 442 23.18 13.97 -22.41
N TRP D 443 24.36 13.74 -22.98
CA TRP D 443 24.87 14.56 -24.07
C TRP D 443 23.99 14.46 -25.33
N ILE D 444 23.57 13.24 -25.70
CA ILE D 444 22.64 13.07 -26.82
C ILE D 444 21.38 13.93 -26.63
N PHE D 445 20.88 14.01 -25.40
CA PHE D 445 19.68 14.80 -25.13
C PHE D 445 19.96 16.28 -24.77
N GLY D 446 21.19 16.75 -24.96
CA GLY D 446 21.49 18.16 -24.77
C GLY D 446 21.52 18.62 -23.32
N CYS D 447 21.71 17.70 -22.38
CA CYS D 447 21.55 18.06 -20.97
C CYS D 447 22.55 19.06 -20.33
N GLU D 448 23.78 19.18 -20.87
CA GLU D 448 24.80 20.06 -20.34
C GLU D 448 25.13 19.73 -18.84
N SER D 449 25.08 18.43 -18.52
CA SER D 449 25.15 17.95 -17.16
C SER D 449 25.92 16.68 -17.25
N SER D 450 26.10 16.01 -16.12
CA SER D 450 26.71 14.70 -16.09
C SER D 450 25.93 13.79 -15.16
N ALA D 451 26.17 12.47 -15.32
CA ALA D 451 25.58 11.47 -14.46
C ALA D 451 25.96 11.70 -12.96
N GLU D 452 27.23 12.01 -12.70
CA GLU D 452 27.66 12.40 -11.36
C GLU D 452 26.83 13.59 -10.79
N LEU D 453 26.67 14.64 -11.58
CA LEU D 453 25.94 15.82 -11.15
C LEU D 453 24.48 15.49 -10.86
N VAL D 454 23.87 14.74 -11.77
CA VAL D 454 22.47 14.37 -11.63
C VAL D 454 22.30 13.59 -10.32
N ALA D 455 23.22 12.67 -10.01
CA ALA D 455 23.13 11.90 -8.79
C ALA D 455 23.19 12.74 -7.50
N GLU D 456 24.00 13.78 -7.51
CA GLU D 456 24.17 14.66 -6.37
C GLU D 456 22.87 15.40 -6.01
N SER D 457 22.14 15.83 -7.03
CA SER D 457 20.86 16.48 -6.88
C SER D 457 19.69 15.57 -6.48
N MET D 458 19.87 14.26 -6.52
CA MET D 458 18.83 13.31 -6.16
C MET D 458 18.92 12.90 -4.71
N GLY D 459 20.13 12.84 -4.17
CA GLY D 459 20.38 12.30 -2.84
C GLY D 459 20.16 10.79 -2.79
N GLU D 460 20.01 10.27 -1.57
CA GLU D 460 19.65 8.86 -1.31
C GLU D 460 18.21 8.72 -0.76
N GLU D 461 17.38 9.76 -0.90
CA GLU D 461 15.93 9.56 -0.67
C GLU D 461 15.51 8.48 -1.67
N CYS D 462 14.93 7.38 -1.17
CA CYS D 462 14.65 6.25 -2.06
C CYS D 462 13.35 6.56 -2.87
N ARG D 463 13.50 6.31 -4.17
CA ARG D 463 12.54 6.64 -5.24
C ARG D 463 12.29 5.43 -6.21
N GLY D 464 11.48 5.61 -7.25
CA GLY D 464 11.09 4.54 -8.12
C GLY D 464 10.50 3.36 -7.36
N ILE D 465 10.89 2.16 -7.77
CA ILE D 465 10.23 0.92 -7.34
C ILE D 465 10.36 0.71 -5.82
N PRO D 466 11.56 0.84 -5.26
CA PRO D 466 11.73 0.65 -3.79
C PRO D 466 10.98 1.64 -2.89
N GLY D 467 10.76 2.87 -3.39
CA GLY D 467 9.91 3.82 -2.70
C GLY D 467 8.42 3.72 -2.99
N SER D 468 7.98 2.66 -3.71
CA SER D 468 6.57 2.50 -4.10
C SER D 468 5.88 1.28 -3.44
N VAL D 469 4.56 1.24 -3.58
CA VAL D 469 3.76 0.08 -3.16
C VAL D 469 4.05 -1.18 -3.99
N PHE D 470 4.80 -1.05 -5.08
CA PHE D 470 5.20 -2.19 -5.91
C PHE D 470 6.51 -2.87 -5.53
N LYS D 471 7.20 -2.45 -4.49
CA LYS D 471 8.50 -3.05 -4.17
C LYS D 471 8.30 -4.50 -3.75
N ARG D 472 9.15 -5.40 -4.23
CA ARG D 472 8.99 -6.79 -3.88
C ARG D 472 9.29 -6.99 -2.41
N THR D 473 8.50 -7.78 -1.71
CA THR D 473 8.84 -8.13 -0.34
C THR D 473 8.97 -9.63 -0.12
N SER D 474 8.80 -10.43 -1.17
CA SER D 474 8.83 -11.88 -1.04
C SER D 474 10.18 -12.41 -1.45
N PRO D 475 10.63 -13.47 -0.79
CA PRO D 475 11.94 -14.04 -1.06
C PRO D 475 11.90 -14.89 -2.32
N PHE D 476 13.09 -15.17 -2.85
CA PHE D 476 13.25 -16.04 -4.01
C PHE D 476 14.63 -16.67 -4.06
N LEU D 477 14.72 -17.83 -4.71
CA LEU D 477 15.99 -18.57 -4.84
C LEU D 477 16.62 -18.89 -3.46
N THR D 478 15.80 -19.36 -2.52
CA THR D 478 16.28 -19.78 -1.22
C THR D 478 16.85 -21.21 -1.20
N HIS D 479 16.62 -22.03 -2.21
CA HIS D 479 17.15 -23.40 -2.16
C HIS D 479 18.69 -23.35 -2.24
N GLN D 480 19.35 -24.32 -1.60
CA GLN D 480 20.82 -24.36 -1.57
C GLN D 480 21.52 -24.33 -2.94
N VAL D 481 20.86 -24.78 -4.01
CA VAL D 481 21.47 -24.74 -5.34
C VAL D 481 21.80 -23.30 -5.80
N PHE D 482 21.03 -22.32 -5.32
CA PHE D 482 21.22 -20.92 -5.65
C PHE D 482 22.08 -20.16 -4.65
N ASN D 483 22.66 -20.87 -3.68
CA ASN D 483 23.45 -20.24 -2.61
C ASN D 483 24.77 -20.95 -2.42
N SER D 484 25.22 -21.73 -3.40
CA SER D 484 26.39 -22.60 -3.20
C SER D 484 27.49 -22.41 -4.20
N TYR D 485 27.19 -21.90 -5.39
CA TYR D 485 28.14 -21.95 -6.50
C TYR D 485 28.46 -20.54 -7.02
N HIS D 486 28.96 -19.69 -6.10
CA HIS D 486 29.25 -18.30 -6.39
C HIS D 486 30.70 -17.98 -6.77
N SER D 487 31.63 -18.83 -6.41
CA SER D 487 33.02 -18.68 -6.84
C SER D 487 33.10 -19.26 -8.26
N GLU D 488 34.06 -18.80 -9.06
CA GLU D 488 34.18 -19.35 -10.40
C GLU D 488 34.61 -20.84 -10.32
N THR D 489 35.47 -21.14 -9.36
CA THR D 489 35.89 -22.53 -9.16
C THR D 489 34.66 -23.42 -8.88
N ASN D 490 33.70 -22.94 -8.08
CA ASN D 490 32.56 -23.80 -7.74
C ASN D 490 31.63 -24.02 -8.91
N ILE D 491 31.39 -22.95 -9.68
CA ILE D 491 30.48 -23.04 -10.81
C ILE D 491 31.06 -24.01 -11.87
N VAL D 492 32.34 -23.87 -12.18
CA VAL D 492 32.95 -24.79 -13.12
C VAL D 492 32.78 -26.27 -12.66
N ARG D 493 33.02 -26.53 -11.37
CA ARG D 493 32.88 -27.88 -10.81
C ARG D 493 31.46 -28.40 -10.88
N TYR D 494 30.49 -27.53 -10.62
CA TYR D 494 29.05 -27.93 -10.73
C TYR D 494 28.66 -28.26 -12.18
N MET D 495 29.04 -27.41 -13.13
CA MET D 495 28.73 -27.62 -14.55
C MET D 495 29.39 -28.93 -15.04
N LYS D 496 30.61 -29.19 -14.58
CA LYS D 496 31.27 -30.45 -14.92
C LYS D 496 30.58 -31.69 -14.31
N LYS D 497 30.16 -31.61 -13.07
CA LYS D 497 29.47 -32.70 -12.39
C LYS D 497 28.25 -33.10 -13.14
N LEU D 498 27.46 -32.13 -13.55
CA LEU D 498 26.25 -32.40 -14.37
C LEU D 498 26.60 -32.94 -15.75
N GLU D 499 27.54 -32.34 -16.44
CA GLU D 499 27.97 -32.80 -17.73
C GLU D 499 28.38 -34.29 -17.71
N ASN D 500 29.11 -34.66 -16.69
CA ASN D 500 29.63 -36.01 -16.59
C ASN D 500 28.54 -37.07 -16.37
N LYS D 501 27.39 -36.69 -15.84
CA LYS D 501 26.28 -37.58 -15.68
C LYS D 501 25.59 -37.93 -17.00
N ASP D 502 25.86 -37.19 -18.07
CA ASP D 502 25.08 -37.28 -19.30
C ASP D 502 25.89 -37.90 -20.43
N ILE D 503 25.43 -39.03 -20.97
CA ILE D 503 26.12 -39.62 -22.15
C ILE D 503 25.84 -38.68 -23.34
N SER D 504 26.84 -38.52 -24.23
CA SER D 504 26.76 -37.61 -25.35
C SER D 504 27.67 -38.06 -26.48
N LEU D 505 27.75 -37.26 -27.56
CA LEU D 505 28.54 -37.64 -28.71
C LEU D 505 30.06 -37.57 -28.48
N VAL D 506 30.48 -37.10 -27.31
CA VAL D 506 31.88 -37.20 -26.91
C VAL D 506 32.20 -38.60 -26.35
N HIS D 507 31.17 -39.45 -26.16
CA HIS D 507 31.34 -40.78 -25.64
C HIS D 507 31.14 -41.86 -26.71
N SER D 508 29.99 -41.87 -27.37
CA SER D 508 29.63 -42.95 -28.28
C SER D 508 28.51 -42.53 -29.20
N MET D 509 28.28 -43.34 -30.23
CA MET D 509 27.16 -43.11 -31.21
C MET D 509 25.83 -43.12 -30.40
N ILE D 510 24.94 -42.16 -30.75
CA ILE D 510 23.57 -42.08 -30.24
C ILE D 510 22.64 -42.27 -31.45
N PRO D 511 22.30 -43.55 -31.75
CA PRO D 511 21.67 -43.86 -33.03
C PRO D 511 20.17 -43.65 -33.03
N LEU D 512 19.75 -42.47 -32.64
CA LEU D 512 18.36 -42.14 -32.53
C LEU D 512 17.70 -41.91 -33.85
N GLY D 513 16.78 -42.80 -34.20
CA GLY D 513 16.03 -42.67 -35.42
C GLY D 513 15.20 -41.41 -35.40
N SER D 514 15.12 -40.76 -36.55
CA SER D 514 14.42 -39.49 -36.79
C SER D 514 15.09 -38.29 -36.06
N CYS D 515 16.35 -38.40 -35.72
CA CYS D 515 17.05 -37.36 -35.00
C CYS D 515 18.32 -36.92 -35.70
N THR D 516 18.94 -37.82 -36.45
CA THR D 516 20.15 -37.50 -37.24
C THR D 516 21.27 -36.90 -36.35
N MET D 517 21.77 -37.74 -35.45
CA MET D 517 22.78 -37.37 -34.48
C MET D 517 24.19 -37.37 -35.13
N LYS D 518 24.35 -36.51 -36.14
CA LYS D 518 25.64 -36.40 -36.86
C LYS D 518 26.64 -35.42 -36.17
N LEU D 519 27.83 -35.27 -36.77
CA LEU D 519 28.88 -34.40 -36.22
C LEU D 519 28.47 -32.90 -36.19
N ASN D 520 28.70 -32.29 -35.04
CA ASN D 520 28.58 -30.85 -34.83
C ASN D 520 30.01 -30.31 -34.73
N SER D 521 30.53 -29.80 -35.84
CA SER D 521 31.95 -29.60 -35.96
C SER D 521 32.38 -28.30 -35.31
N SER D 522 33.61 -28.32 -34.82
CA SER D 522 34.18 -27.14 -34.18
C SER D 522 34.22 -25.90 -35.09
N SER D 523 34.61 -26.09 -36.35
CA SER D 523 34.62 -24.97 -37.31
C SER D 523 33.22 -24.36 -37.54
N GLU D 524 32.22 -25.25 -37.62
CA GLU D 524 30.82 -24.79 -37.77
C GLU D 524 30.33 -24.05 -36.50
N LEU D 525 30.76 -24.52 -35.32
CA LEU D 525 30.27 -24.00 -34.06
C LEU D 525 30.93 -22.65 -33.70
N ALA D 526 32.20 -22.47 -34.06
CA ALA D 526 32.93 -21.28 -33.63
C ALA D 526 32.16 -19.92 -33.79
N PRO D 527 31.59 -19.69 -34.99
CA PRO D 527 31.01 -18.36 -35.25
C PRO D 527 29.85 -17.93 -34.36
N ILE D 528 29.15 -18.85 -33.72
CA ILE D 528 27.92 -18.46 -32.97
C ILE D 528 28.20 -17.58 -31.74
N THR D 529 29.43 -17.61 -31.23
CA THR D 529 29.80 -16.70 -30.16
C THR D 529 30.65 -15.53 -30.66
N TRP D 530 30.80 -15.34 -31.97
CA TRP D 530 31.43 -14.11 -32.46
C TRP D 530 30.52 -12.94 -32.14
N LYS D 531 31.11 -11.83 -31.66
CA LYS D 531 30.34 -10.63 -31.31
C LYS D 531 29.49 -10.05 -32.46
N GLU D 532 30.02 -10.13 -33.68
CA GLU D 532 29.37 -9.65 -34.90
C GLU D 532 28.06 -10.45 -35.24
N PHE D 533 27.95 -11.69 -34.72
CA PHE D 533 26.70 -12.47 -34.74
C PHE D 533 25.90 -12.44 -33.42
N ALA D 534 26.56 -12.61 -32.29
CA ALA D 534 25.88 -12.74 -31.00
C ALA D 534 25.30 -11.44 -30.42
N ASN D 535 25.90 -10.30 -30.75
CA ASN D 535 25.62 -9.08 -30.01
C ASN D 535 24.91 -8.00 -30.82
N ILE D 536 23.96 -8.39 -31.68
CA ILE D 536 23.17 -7.43 -32.48
C ILE D 536 21.71 -7.57 -32.04
N HIS D 537 21.07 -6.46 -31.71
CA HIS D 537 19.66 -6.50 -31.30
C HIS D 537 18.82 -6.86 -32.59
N PRO D 538 17.84 -7.80 -32.47
CA PRO D 538 17.06 -8.20 -33.66
C PRO D 538 16.35 -7.10 -34.47
N PHE D 539 16.07 -5.96 -33.86
CA PHE D 539 15.31 -4.89 -34.50
C PHE D 539 16.16 -3.65 -34.84
N VAL D 540 17.47 -3.80 -34.96
CA VAL D 540 18.30 -2.70 -35.46
C VAL D 540 17.93 -2.25 -36.87
N PRO D 541 18.13 -0.97 -37.21
CA PRO D 541 18.12 -0.63 -38.63
C PRO D 541 18.97 -1.58 -39.44
N LEU D 542 18.50 -1.93 -40.62
CA LEU D 542 19.10 -2.96 -41.49
C LEU D 542 20.51 -2.62 -42.03
N ASP D 543 20.85 -1.34 -42.11
CA ASP D 543 22.21 -0.95 -42.47
C ASP D 543 23.26 -1.35 -41.40
N GLN D 544 22.83 -1.77 -40.22
CA GLN D 544 23.68 -2.39 -39.18
C GLN D 544 23.84 -3.95 -39.29
N ALA D 545 23.06 -4.59 -40.15
CA ALA D 545 23.01 -6.04 -40.22
C ALA D 545 23.21 -6.57 -41.64
N GLN D 546 24.04 -5.90 -42.45
CA GLN D 546 24.22 -6.30 -43.89
C GLN D 546 24.93 -7.63 -44.01
N GLY D 547 25.73 -7.97 -43.01
CA GLY D 547 26.31 -9.29 -42.93
C GLY D 547 25.28 -10.37 -42.78
N TYR D 548 24.31 -10.19 -41.86
CA TYR D 548 23.24 -11.14 -41.72
C TYR D 548 22.46 -11.27 -43.04
N GLN D 549 22.25 -10.16 -43.73
CA GLN D 549 21.45 -10.19 -44.95
C GLN D 549 22.16 -11.09 -45.99
N GLN D 550 23.48 -10.96 -46.13
CA GLN D 550 24.22 -11.81 -47.05
C GLN D 550 24.18 -13.29 -46.60
N LEU D 551 24.38 -13.56 -45.31
CA LEU D 551 24.26 -14.92 -44.77
C LEU D 551 22.91 -15.58 -45.18
N PHE D 552 21.82 -14.85 -44.97
CA PHE D 552 20.50 -15.35 -45.28
C PHE D 552 20.39 -15.66 -46.78
N ARG D 553 20.77 -14.70 -47.63
CA ARG D 553 20.75 -14.88 -49.09
C ARG D 553 21.51 -16.08 -49.52
N GLU D 554 22.73 -16.25 -49.00
CA GLU D 554 23.55 -17.37 -49.40
C GLU D 554 22.96 -18.71 -48.96
N LEU D 555 22.50 -18.81 -47.71
CA LEU D 555 21.97 -20.06 -47.17
C LEU D 555 20.63 -20.37 -47.87
N GLU D 556 19.82 -19.34 -48.13
CA GLU D 556 18.54 -19.55 -48.83
C GLU D 556 18.77 -20.18 -50.20
N LYS D 557 19.73 -19.63 -50.94
CA LYS D 557 19.97 -20.08 -52.30
C LYS D 557 20.45 -21.54 -52.31
N ASP D 558 21.37 -21.87 -51.40
CA ASP D 558 21.82 -23.26 -51.26
C ASP D 558 20.66 -24.18 -50.85
N LEU D 559 19.80 -23.75 -49.92
CA LEU D 559 18.71 -24.62 -49.47
C LEU D 559 17.67 -24.81 -50.59
N CYS D 560 17.45 -23.76 -51.37
CA CYS D 560 16.59 -23.85 -52.55
C CYS D 560 17.10 -24.92 -53.53
N GLU D 561 18.40 -24.87 -53.83
CA GLU D 561 19.02 -25.85 -54.71
C GLU D 561 19.01 -27.31 -54.17
N LEU D 562 19.16 -27.51 -52.86
CA LEU D 562 19.08 -28.87 -52.25
C LEU D 562 17.68 -29.48 -52.28
N THR D 563 16.65 -28.62 -52.27
CA THR D 563 15.25 -29.04 -52.08
C THR D 563 14.37 -28.92 -53.35
N GLY D 564 14.82 -28.16 -54.33
CA GLY D 564 14.06 -27.78 -55.48
C GLY D 564 12.95 -26.80 -55.20
N TYR D 565 13.05 -25.98 -54.17
CA TYR D 565 12.03 -24.94 -53.87
C TYR D 565 12.52 -23.60 -54.39
N ASP D 566 11.62 -22.64 -54.42
CA ASP D 566 11.94 -21.33 -54.96
C ASP D 566 12.28 -20.25 -53.93
N GLN D 567 11.81 -20.43 -52.71
CA GLN D 567 12.06 -19.49 -51.70
C GLN D 567 12.04 -20.09 -50.34
N VAL D 568 12.93 -19.63 -49.48
CA VAL D 568 12.98 -20.09 -48.10
C VAL D 568 12.66 -18.98 -47.11
N CYS D 569 11.93 -19.31 -46.07
CA CYS D 569 11.62 -18.44 -44.94
C CYS D 569 12.26 -19.01 -43.68
N PHE D 570 13.10 -18.22 -43.02
CA PHE D 570 13.83 -18.61 -41.77
C PHE D 570 13.06 -18.36 -40.46
N GLN D 571 11.95 -17.69 -40.49
CA GLN D 571 11.22 -17.35 -39.26
C GLN D 571 10.92 -18.56 -38.33
N PRO D 572 10.53 -19.71 -38.88
CA PRO D 572 10.09 -20.72 -37.93
C PRO D 572 11.24 -21.35 -37.17
N ASN D 573 11.11 -21.36 -35.84
CA ASN D 573 12.24 -21.67 -34.95
C ASN D 573 12.21 -23.07 -34.32
N SER D 574 11.53 -23.96 -35.01
CA SER D 574 11.61 -25.41 -34.79
C SER D 574 10.94 -26.06 -35.99
N GLY D 575 11.15 -27.35 -36.12
CA GLY D 575 10.50 -28.16 -37.15
C GLY D 575 8.99 -28.11 -37.04
N ALA D 576 8.47 -28.24 -35.83
CA ALA D 576 7.03 -28.17 -35.61
C ALA D 576 6.47 -26.78 -35.96
N GLN D 577 7.21 -25.72 -35.64
CA GLN D 577 6.84 -24.38 -36.09
C GLN D 577 6.81 -24.25 -37.62
N GLY D 578 7.75 -24.95 -38.27
CA GLY D 578 7.77 -25.03 -39.74
C GLY D 578 6.50 -25.66 -40.28
N GLU D 579 6.09 -26.76 -39.65
CA GLU D 579 4.87 -27.51 -40.07
C GLU D 579 3.71 -26.58 -39.92
N TYR D 580 3.60 -25.97 -38.76
CA TYR D 580 2.53 -25.01 -38.52
C TYR D 580 2.55 -23.83 -39.53
N ALA D 581 3.70 -23.20 -39.72
CA ALA D 581 3.80 -22.11 -40.68
C ALA D 581 3.40 -22.57 -42.09
N GLY D 582 3.90 -23.74 -42.48
CA GLY D 582 3.68 -24.31 -43.83
C GLY D 582 2.23 -24.62 -44.13
N LEU D 583 1.58 -25.25 -43.14
CA LEU D 583 0.14 -25.51 -43.22
C LEU D 583 -0.69 -24.20 -43.25
N ALA D 584 -0.35 -23.24 -42.38
CA ALA D 584 -1.03 -21.95 -42.41
C ALA D 584 -0.87 -21.23 -43.76
N THR D 585 0.33 -21.28 -44.34
CA THR D 585 0.60 -20.71 -45.65
C THR D 585 -0.26 -21.33 -46.77
N ILE D 586 -0.40 -22.66 -46.74
CA ILE D 586 -1.35 -23.37 -47.61
C ILE D 586 -2.76 -22.81 -47.44
N ARG D 587 -3.22 -22.66 -46.22
CA ARG D 587 -4.58 -22.16 -45.98
C ARG D 587 -4.74 -20.73 -46.51
N ALA D 588 -3.74 -19.86 -46.32
CA ALA D 588 -3.81 -18.46 -46.81
C ALA D 588 -3.84 -18.43 -48.33
N TYR D 589 -3.01 -19.27 -48.95
CA TYR D 589 -3.11 -19.55 -50.39
C TYR D 589 -4.52 -19.95 -50.84
N LEU D 590 -5.05 -21.00 -50.21
CA LEU D 590 -6.40 -21.48 -50.57
C LEU D 590 -7.47 -20.37 -50.36
N ASN D 591 -7.40 -19.65 -49.23
CA ASN D 591 -8.33 -18.55 -48.90
C ASN D 591 -8.31 -17.46 -49.97
N GLN D 592 -7.13 -16.99 -50.34
CA GLN D 592 -7.02 -15.94 -51.34
C GLN D 592 -7.56 -16.35 -52.74
N LYS D 593 -7.54 -17.64 -53.05
CA LYS D 593 -7.96 -18.17 -54.34
C LYS D 593 -9.47 -18.56 -54.38
N GLY D 594 -10.23 -18.22 -53.31
CA GLY D 594 -11.63 -18.58 -53.21
C GLY D 594 -11.92 -20.03 -52.83
N GLU D 595 -10.93 -20.72 -52.24
CA GLU D 595 -11.09 -22.13 -51.85
C GLU D 595 -11.01 -22.32 -50.34
N GLY D 596 -11.35 -21.28 -49.57
CA GLY D 596 -11.17 -21.28 -48.13
C GLY D 596 -11.99 -22.27 -47.35
N HIS D 597 -13.01 -22.81 -48.00
CA HIS D 597 -13.77 -23.95 -47.46
C HIS D 597 -12.94 -25.24 -47.27
N ARG D 598 -11.88 -25.38 -48.02
CA ARG D 598 -11.05 -26.53 -47.87
C ARG D 598 -10.21 -26.50 -46.59
N THR D 599 -10.48 -27.37 -45.64
CA THR D 599 -9.68 -27.51 -44.42
C THR D 599 -9.21 -28.96 -44.09
N VAL D 600 -9.58 -29.97 -44.88
CA VAL D 600 -9.20 -31.36 -44.53
C VAL D 600 -7.70 -31.63 -44.80
N CYS D 601 -7.04 -32.25 -43.82
CA CYS D 601 -5.63 -32.58 -43.93
C CYS D 601 -5.49 -34.07 -43.71
N LEU D 602 -5.01 -34.77 -44.75
CA LEU D 602 -4.74 -36.22 -44.72
C LEU D 602 -3.37 -36.41 -44.07
N ILE D 603 -3.33 -37.29 -43.04
CA ILE D 603 -2.10 -37.62 -42.35
C ILE D 603 -1.94 -39.13 -42.14
N PRO D 604 -0.98 -39.76 -42.83
CA PRO D 604 -0.74 -41.18 -42.52
C PRO D 604 -0.49 -41.44 -41.03
N LYS D 605 -0.98 -42.57 -40.54
CA LYS D 605 -0.82 -42.88 -39.10
C LYS D 605 0.63 -43.06 -38.64
N SER D 606 1.55 -43.30 -39.57
CA SER D 606 3.01 -43.36 -39.26
C SER D 606 3.69 -42.00 -39.11
N ALA D 607 2.97 -40.89 -39.39
CA ALA D 607 3.58 -39.54 -39.23
C ALA D 607 4.02 -39.29 -37.80
N HIS D 608 5.07 -38.52 -37.68
CA HIS D 608 5.48 -37.92 -36.41
C HIS D 608 4.31 -37.22 -35.75
N GLY D 609 4.24 -37.29 -34.43
CA GLY D 609 3.13 -36.71 -33.67
C GLY D 609 2.97 -35.21 -33.84
N THR D 610 4.08 -34.52 -34.15
CA THR D 610 4.02 -33.10 -34.50
C THR D 610 3.08 -32.80 -35.66
N ASN D 611 3.02 -33.70 -36.64
CA ASN D 611 2.19 -33.48 -37.84
C ASN D 611 0.71 -33.20 -37.50
N PRO D 612 0.02 -34.17 -36.85
CA PRO D 612 -1.39 -33.92 -36.43
C PRO D 612 -1.54 -32.77 -35.39
N ALA D 613 -0.59 -32.62 -34.48
CA ALA D 613 -0.66 -31.44 -33.58
C ALA D 613 -0.54 -30.06 -34.31
N SER D 614 0.37 -29.98 -35.28
CA SER D 614 0.55 -28.76 -36.09
C SER D 614 -0.69 -28.52 -36.93
N ALA D 615 -1.27 -29.58 -37.50
CA ALA D 615 -2.44 -29.41 -38.34
C ALA D 615 -3.62 -28.92 -37.50
N HIS D 616 -3.78 -29.47 -36.29
CA HIS D 616 -4.82 -29.00 -35.35
C HIS D 616 -4.55 -27.54 -34.96
N MET D 617 -3.32 -27.22 -34.64
CA MET D 617 -2.96 -25.81 -34.35
C MET D 617 -3.26 -24.87 -35.54
N ALA D 618 -3.09 -25.34 -36.78
CA ALA D 618 -3.42 -24.51 -37.97
C ALA D 618 -4.91 -24.49 -38.32
N GLY D 619 -5.74 -25.10 -37.48
CA GLY D 619 -7.18 -25.12 -37.70
C GLY D 619 -7.72 -26.10 -38.74
N MET D 620 -6.91 -27.08 -39.12
CA MET D 620 -7.36 -28.06 -40.10
C MET D 620 -8.10 -29.21 -39.42
N LYS D 621 -8.94 -29.87 -40.22
CA LYS D 621 -9.63 -31.09 -39.81
C LYS D 621 -8.80 -32.26 -40.26
N ILE D 622 -8.51 -33.15 -39.34
CA ILE D 622 -7.53 -34.19 -39.62
C ILE D 622 -8.22 -35.50 -40.02
N GLN D 623 -7.78 -36.08 -41.13
CA GLN D 623 -8.26 -37.38 -41.53
C GLN D 623 -7.06 -38.31 -41.57
N PRO D 624 -6.99 -39.25 -40.60
CA PRO D 624 -5.93 -40.25 -40.65
C PRO D 624 -6.01 -41.13 -41.91
N VAL D 625 -4.86 -41.57 -42.39
CA VAL D 625 -4.76 -42.50 -43.50
C VAL D 625 -4.02 -43.74 -42.99
N GLU D 626 -4.53 -44.93 -43.33
CA GLU D 626 -3.93 -46.15 -42.85
C GLU D 626 -2.58 -46.43 -43.49
N VAL D 627 -1.81 -47.27 -42.82
CA VAL D 627 -0.55 -47.84 -43.32
C VAL D 627 -0.78 -49.33 -43.60
N ASP D 628 -0.20 -49.87 -44.67
CA ASP D 628 -0.42 -51.29 -45.04
C ASP D 628 0.57 -52.20 -44.33
N LYS D 629 0.46 -53.51 -44.54
CA LYS D 629 1.33 -54.47 -43.87
C LYS D 629 2.82 -54.35 -44.17
N TYR D 630 3.19 -53.64 -45.24
CA TYR D 630 4.59 -53.44 -45.63
C TYR D 630 5.12 -52.12 -45.13
N GLY D 631 4.32 -51.33 -44.41
CA GLY D 631 4.78 -50.09 -43.82
C GLY D 631 4.51 -48.84 -44.64
N ASN D 632 3.97 -49.01 -45.84
CA ASN D 632 3.76 -47.91 -46.78
C ASN D 632 2.34 -47.33 -46.56
N ILE D 633 2.10 -46.12 -47.06
CA ILE D 633 0.75 -45.57 -47.05
C ILE D 633 -0.15 -46.57 -47.76
N ASP D 634 -1.24 -46.96 -47.11
CA ASP D 634 -2.22 -47.84 -47.76
C ASP D 634 -2.90 -47.17 -48.93
N ALA D 635 -2.64 -47.63 -50.14
CA ALA D 635 -3.11 -46.97 -51.35
C ALA D 635 -4.62 -47.06 -51.47
N VAL D 636 -5.19 -48.19 -51.05
CA VAL D 636 -6.66 -48.39 -51.08
C VAL D 636 -7.32 -47.32 -50.18
N HIS D 637 -6.88 -47.22 -48.95
CA HIS D 637 -7.50 -46.30 -48.03
C HIS D 637 -7.25 -44.81 -48.40
N LEU D 638 -6.04 -44.52 -48.88
CA LEU D 638 -5.75 -43.20 -49.38
C LEU D 638 -6.73 -42.76 -50.49
N LYS D 639 -6.93 -43.59 -51.50
CA LYS D 639 -7.87 -43.25 -52.59
C LYS D 639 -9.28 -43.04 -52.07
N ALA D 640 -9.69 -43.89 -51.11
CA ALA D 640 -11.01 -43.76 -50.49
C ALA D 640 -11.10 -42.44 -49.65
N MET D 641 -10.05 -42.05 -48.94
CA MET D 641 -10.15 -40.82 -48.17
C MET D 641 -10.13 -39.55 -49.04
N VAL D 642 -9.36 -39.60 -50.13
CA VAL D 642 -9.32 -38.50 -51.12
C VAL D 642 -10.70 -38.37 -51.77
N ASP D 643 -11.34 -39.49 -52.08
CA ASP D 643 -12.67 -39.48 -52.71
C ASP D 643 -13.69 -38.87 -51.74
N LYS D 644 -13.69 -39.35 -50.49
CA LYS D 644 -14.56 -38.83 -49.46
C LYS D 644 -14.40 -37.31 -49.26
N HIS D 645 -13.17 -36.83 -49.19
CA HIS D 645 -12.93 -35.43 -48.84
C HIS D 645 -12.63 -34.52 -50.01
N LYS D 646 -12.74 -35.01 -51.24
CA LYS D 646 -12.25 -34.25 -52.40
C LYS D 646 -12.75 -32.80 -52.56
N GLU D 647 -13.95 -32.50 -52.09
CA GLU D 647 -14.44 -31.14 -52.17
C GLU D 647 -13.84 -30.22 -51.10
N ASN D 648 -13.36 -30.79 -50.00
CA ASN D 648 -12.87 -30.03 -48.86
C ASN D 648 -11.39 -30.28 -48.56
N LEU D 649 -10.67 -30.85 -49.52
CA LEU D 649 -9.30 -31.30 -49.30
C LEU D 649 -8.34 -30.11 -49.41
N ALA D 650 -7.64 -29.85 -48.30
CA ALA D 650 -6.66 -28.77 -48.21
C ALA D 650 -5.25 -29.28 -48.45
N ALA D 651 -4.93 -30.43 -47.85
CA ALA D 651 -3.55 -30.88 -47.91
C ALA D 651 -3.36 -32.33 -47.54
N ILE D 652 -2.15 -32.80 -47.86
CA ILE D 652 -1.59 -34.03 -47.27
C ILE D 652 -0.24 -33.69 -46.66
N MET D 653 0.09 -34.37 -45.56
CA MET D 653 1.45 -34.38 -44.95
C MET D 653 2.12 -35.73 -45.14
N ILE D 654 3.13 -35.79 -46.01
CA ILE D 654 3.89 -37.02 -46.22
C ILE D 654 5.31 -36.85 -45.67
N THR D 655 6.02 -37.96 -45.46
CA THR D 655 7.42 -37.95 -45.13
C THR D 655 8.19 -38.81 -46.15
N TYR D 656 9.31 -38.36 -46.69
CA TYR D 656 10.03 -39.10 -47.73
C TYR D 656 11.52 -39.01 -47.44
N PRO D 657 12.21 -40.15 -47.33
CA PRO D 657 11.61 -41.47 -47.17
C PRO D 657 10.75 -41.53 -45.90
N SER D 658 10.06 -42.61 -45.71
CA SER D 658 9.07 -42.73 -44.66
C SER D 658 9.64 -42.73 -43.26
N THR D 659 8.78 -42.53 -42.26
CA THR D 659 9.25 -42.51 -40.88
C THR D 659 9.74 -43.89 -40.36
N ASN D 660 9.64 -44.94 -41.14
CA ASN D 660 10.25 -46.24 -40.83
C ASN D 660 11.57 -46.45 -41.61
N GLY D 661 11.97 -45.44 -42.38
CA GLY D 661 13.24 -45.48 -43.14
C GLY D 661 13.11 -45.98 -44.56
N VAL D 662 11.88 -46.27 -45.00
CA VAL D 662 11.67 -46.85 -46.30
C VAL D 662 11.29 -45.83 -47.36
N PHE D 663 11.98 -45.84 -48.49
CA PHE D 663 11.52 -45.15 -49.71
C PHE D 663 10.29 -45.83 -50.31
N GLU D 664 9.19 -45.10 -50.35
CA GLU D 664 7.93 -45.48 -50.98
C GLU D 664 8.24 -45.50 -52.47
N GLU D 665 7.71 -46.50 -53.16
CA GLU D 665 7.92 -46.69 -54.57
C GLU D 665 7.38 -45.67 -55.55
N ASN D 666 6.23 -45.06 -55.29
CA ASN D 666 5.66 -44.13 -56.26
C ASN D 666 5.13 -42.85 -55.63
N ILE D 667 6.02 -42.07 -55.05
CA ILE D 667 5.66 -40.84 -54.35
C ILE D 667 5.05 -39.76 -55.24
N SER D 668 5.50 -39.67 -56.48
CA SER D 668 4.91 -38.69 -57.42
C SER D 668 3.44 -38.95 -57.67
N ASP D 669 3.05 -40.22 -57.67
CA ASP D 669 1.64 -40.60 -57.84
C ASP D 669 0.80 -40.09 -56.69
N VAL D 670 1.34 -40.11 -55.47
CA VAL D 670 0.61 -39.62 -54.31
C VAL D 670 0.49 -38.10 -54.46
N CYS D 671 1.58 -37.43 -54.82
CA CYS D 671 1.51 -35.97 -55.02
C CYS D 671 0.48 -35.61 -56.12
N ASP D 672 0.52 -36.32 -57.23
CA ASP D 672 -0.44 -36.07 -58.34
C ASP D 672 -1.90 -36.28 -57.91
N LEU D 673 -2.17 -37.31 -57.12
CA LEU D 673 -3.53 -37.58 -56.64
C LEU D 673 -4.10 -36.44 -55.80
N ILE D 674 -3.31 -35.92 -54.89
CA ILE D 674 -3.72 -34.77 -54.06
C ILE D 674 -3.93 -33.50 -54.90
N HIS D 675 -2.98 -33.20 -55.79
CA HIS D 675 -3.09 -32.05 -56.67
C HIS D 675 -4.32 -32.11 -57.55
N GLN D 676 -4.62 -33.28 -58.13
CA GLN D 676 -5.82 -33.43 -58.99
C GLN D 676 -7.14 -33.15 -58.25
N HIS D 677 -7.15 -33.26 -56.92
CA HIS D 677 -8.34 -32.99 -56.11
C HIS D 677 -8.30 -31.68 -55.31
N GLY D 678 -7.39 -30.77 -55.74
CA GLY D 678 -7.38 -29.39 -55.30
C GLY D 678 -6.62 -29.14 -54.01
N GLY D 679 -5.80 -30.10 -53.56
CA GLY D 679 -5.00 -29.96 -52.36
C GLY D 679 -3.55 -29.61 -52.67
N GLN D 680 -2.83 -29.16 -51.63
CA GLN D 680 -1.39 -28.93 -51.66
C GLN D 680 -0.66 -30.06 -50.92
N VAL D 681 0.64 -30.23 -51.23
CA VAL D 681 1.44 -31.29 -50.64
C VAL D 681 2.46 -30.67 -49.70
N TYR D 682 2.35 -31.05 -48.45
CA TYR D 682 3.32 -30.72 -47.44
C TYR D 682 4.20 -31.95 -47.15
N LEU D 683 5.49 -31.81 -47.37
CA LEU D 683 6.45 -32.84 -47.11
C LEU D 683 7.39 -32.59 -45.91
N ASP D 684 7.19 -33.32 -44.84
CA ASP D 684 7.98 -33.26 -43.62
C ASP D 684 9.43 -33.60 -43.97
N GLY D 685 10.31 -32.60 -43.82
CA GLY D 685 11.71 -32.71 -44.25
C GLY D 685 12.71 -33.28 -43.27
N ALA D 686 12.24 -33.80 -42.15
CA ALA D 686 13.12 -34.40 -41.13
C ALA D 686 13.99 -35.53 -41.64
N ASN D 687 13.58 -36.19 -42.74
CA ASN D 687 14.39 -37.27 -43.28
C ASN D 687 15.24 -36.87 -44.50
N MET D 688 15.55 -35.57 -44.67
CA MET D 688 16.34 -35.13 -45.87
C MET D 688 17.79 -35.66 -45.86
N ASN D 689 18.26 -36.21 -44.75
CA ASN D 689 19.62 -36.85 -44.74
C ASN D 689 19.72 -38.09 -45.65
N ALA D 690 18.57 -38.67 -46.04
CA ALA D 690 18.59 -39.72 -47.05
C ALA D 690 18.37 -39.19 -48.49
N GLN D 691 18.21 -37.87 -48.65
CA GLN D 691 17.90 -37.25 -49.95
C GLN D 691 18.99 -36.36 -50.52
N VAL D 692 19.69 -35.60 -49.65
CA VAL D 692 20.52 -34.49 -50.10
C VAL D 692 21.50 -34.94 -51.17
N GLY D 693 21.45 -34.29 -52.34
CA GLY D 693 22.34 -34.61 -53.49
C GLY D 693 21.99 -35.83 -54.33
N ILE D 694 20.86 -36.49 -54.03
CA ILE D 694 20.40 -37.66 -54.78
C ILE D 694 19.03 -37.39 -55.42
N CYS D 695 18.09 -36.85 -54.64
CA CYS D 695 16.74 -36.45 -55.08
C CYS D 695 16.29 -35.21 -54.33
N ARG D 696 15.20 -34.59 -54.79
CA ARG D 696 14.74 -33.32 -54.18
C ARG D 696 13.24 -33.31 -54.06
N PRO D 697 12.66 -33.05 -52.85
CA PRO D 697 11.19 -33.07 -52.70
C PRO D 697 10.43 -32.16 -53.70
N GLY D 698 11.02 -31.06 -54.07
CA GLY D 698 10.41 -30.18 -55.01
C GLY D 698 10.31 -30.75 -56.41
N ASP D 699 11.18 -31.68 -56.76
CA ASP D 699 11.16 -32.26 -58.07
C ASP D 699 10.08 -33.35 -58.26
N PHE D 700 9.55 -33.89 -57.19
CA PHE D 700 8.53 -34.89 -57.31
C PHE D 700 7.12 -34.51 -56.87
N GLY D 701 6.85 -33.23 -56.79
CA GLY D 701 5.51 -32.75 -56.47
C GLY D 701 5.16 -32.12 -55.15
N SER D 702 6.15 -31.92 -54.31
CA SER D 702 5.92 -31.29 -53.04
C SER D 702 5.82 -29.80 -53.24
N ASP D 703 4.94 -29.17 -52.48
CA ASP D 703 4.78 -27.70 -52.56
C ASP D 703 5.49 -26.91 -51.45
N VAL D 704 5.68 -27.56 -50.29
CA VAL D 704 6.30 -26.93 -49.14
C VAL D 704 6.88 -27.99 -48.22
N SER D 705 8.06 -27.69 -47.67
CA SER D 705 8.69 -28.52 -46.63
C SER D 705 9.35 -27.67 -45.55
N HIS D 706 9.26 -28.10 -44.28
CA HIS D 706 10.21 -27.63 -43.25
C HIS D 706 11.47 -28.50 -43.38
N LEU D 707 12.60 -27.94 -43.02
CA LEU D 707 13.85 -28.68 -42.80
C LEU D 707 14.19 -28.55 -41.32
N ASN D 708 14.83 -29.57 -40.75
CA ASN D 708 15.33 -29.53 -39.38
C ASN D 708 16.82 -29.26 -39.50
N LEU D 709 17.24 -28.00 -39.29
CA LEU D 709 18.67 -27.69 -39.42
C LEU D 709 19.47 -28.36 -38.27
N HIS D 710 18.80 -28.55 -37.12
CA HIS D 710 19.33 -29.31 -35.97
C HIS D 710 19.35 -30.85 -36.17
N LYS D 711 18.89 -31.36 -37.30
CA LYS D 711 19.11 -32.76 -37.63
C LYS D 711 20.00 -32.90 -38.85
N THR D 712 19.48 -32.59 -40.02
CA THR D 712 20.21 -32.76 -41.27
C THR D 712 21.46 -31.87 -41.45
N PHE D 713 21.47 -30.65 -40.89
CA PHE D 713 22.45 -29.59 -41.21
C PHE D 713 23.25 -29.06 -40.02
N CYS D 714 23.44 -29.98 -39.05
CA CYS D 714 24.47 -29.92 -37.99
C CYS D 714 24.26 -28.92 -36.84
N ILE D 715 23.15 -28.21 -36.72
CA ILE D 715 22.92 -27.42 -35.51
C ILE D 715 22.88 -28.42 -34.34
N PRO D 716 23.54 -28.10 -33.22
CA PRO D 716 23.65 -29.11 -32.15
C PRO D 716 22.34 -29.36 -31.43
N HIS D 717 22.18 -30.56 -30.95
CA HIS D 717 20.87 -30.99 -30.41
C HIS D 717 20.59 -30.34 -29.02
N GLY D 718 21.65 -29.99 -28.31
CA GLY D 718 21.50 -29.04 -27.17
C GLY D 718 20.82 -29.58 -25.89
N GLY D 719 20.63 -30.91 -25.82
CA GLY D 719 19.91 -31.51 -24.72
C GLY D 719 18.41 -31.32 -24.86
N GLY D 720 17.96 -30.91 -26.07
CA GLY D 720 16.51 -30.61 -26.32
C GLY D 720 16.14 -29.29 -27.02
N GLY D 721 17.07 -28.72 -27.80
CA GLY D 721 16.95 -27.35 -28.31
C GLY D 721 18.29 -26.63 -28.11
N PRO D 722 18.65 -25.71 -29.00
CA PRO D 722 17.78 -25.05 -29.94
C PRO D 722 17.65 -25.73 -31.29
N GLY D 723 16.57 -25.42 -32.00
CA GLY D 723 16.40 -25.82 -33.39
C GLY D 723 16.08 -24.66 -34.30
N MET D 724 16.15 -24.95 -35.60
CA MET D 724 15.55 -24.08 -36.63
C MET D 724 14.82 -24.96 -37.64
N GLY D 725 13.65 -24.49 -38.06
CA GLY D 725 12.76 -25.21 -38.98
C GLY D 725 12.33 -24.34 -40.14
N PRO D 726 13.30 -23.81 -40.93
CA PRO D 726 12.95 -23.03 -42.12
C PRO D 726 12.08 -23.84 -43.10
N ILE D 727 11.21 -23.12 -43.81
CA ILE D 727 10.35 -23.74 -44.80
C ILE D 727 10.76 -23.31 -46.19
N GLY D 728 10.87 -24.29 -47.08
CA GLY D 728 10.98 -24.02 -48.50
C GLY D 728 9.61 -24.11 -49.15
N VAL D 729 9.33 -23.22 -50.09
CA VAL D 729 8.06 -23.26 -50.83
C VAL D 729 8.22 -23.06 -52.34
N LYS D 730 7.27 -23.60 -53.08
CA LYS D 730 7.23 -23.35 -54.50
C LYS D 730 6.68 -21.93 -54.73
N LYS D 731 7.01 -21.31 -55.85
CA LYS D 731 6.59 -19.94 -56.20
C LYS D 731 5.21 -19.48 -55.79
N HIS D 732 4.21 -20.31 -56.07
CA HIS D 732 2.83 -20.00 -55.80
C HIS D 732 2.54 -19.75 -54.34
N LEU D 733 3.26 -20.39 -53.46
CA LEU D 733 3.02 -20.14 -52.02
C LEU D 733 3.76 -18.91 -51.49
N ALA D 734 4.73 -18.42 -52.25
CA ALA D 734 5.70 -17.42 -51.71
C ALA D 734 5.02 -16.10 -51.25
N PRO D 735 4.07 -15.59 -52.01
CA PRO D 735 3.39 -14.37 -51.50
C PRO D 735 2.71 -14.51 -50.11
N PHE D 736 2.45 -15.73 -49.63
CA PHE D 736 1.71 -15.99 -48.37
C PHE D 736 2.62 -16.31 -47.15
N LEU D 737 3.93 -16.26 -47.36
CA LEU D 737 4.90 -16.54 -46.28
C LEU D 737 4.80 -15.54 -45.13
N PRO D 738 5.25 -15.94 -43.91
CA PRO D 738 5.25 -15.05 -42.75
C PRO D 738 5.90 -13.69 -42.96
N ASN D 739 5.30 -12.69 -42.29
CA ASN D 739 5.83 -11.35 -42.20
C ASN D 739 6.19 -11.07 -40.74
N HIS D 740 6.62 -9.84 -40.46
CA HIS D 740 6.92 -9.41 -39.08
C HIS D 740 6.54 -7.92 -38.96
N PRO D 741 5.96 -7.52 -37.78
CA PRO D 741 5.48 -6.15 -37.69
C PRO D 741 6.55 -5.11 -37.42
N VAL D 742 7.76 -5.50 -36.99
CA VAL D 742 8.83 -4.54 -36.76
C VAL D 742 9.81 -4.46 -37.94
N ILE D 743 10.19 -5.61 -38.49
CA ILE D 743 11.16 -5.71 -39.59
C ILE D 743 10.46 -6.37 -40.79
N SER D 744 10.24 -5.64 -41.87
CA SER D 744 9.37 -6.16 -42.95
C SER D 744 10.07 -7.23 -43.77
N LEU D 745 9.36 -8.37 -44.00
CA LEU D 745 9.86 -9.49 -44.81
C LEU D 745 9.26 -9.53 -46.25
N LYS D 746 8.48 -8.52 -46.65
CA LYS D 746 7.82 -8.50 -47.98
C LYS D 746 8.83 -8.26 -49.13
N ARG D 747 8.77 -9.10 -50.17
CA ARG D 747 9.61 -8.99 -51.38
C ARG D 747 8.90 -8.33 -52.59
N ASN D 748 7.57 -8.26 -52.52
CA ASN D 748 6.72 -7.78 -53.59
C ASN D 748 5.56 -6.99 -53.14
N GLU D 749 4.88 -6.41 -54.09
CA GLU D 749 3.64 -5.74 -53.78
C GLU D 749 2.58 -6.84 -53.56
N ASP D 750 2.75 -7.94 -54.30
CA ASP D 750 1.90 -9.13 -54.26
C ASP D 750 1.57 -9.69 -52.93
N ALA D 751 2.35 -9.34 -51.92
CA ALA D 751 2.35 -10.08 -50.69
C ALA D 751 1.05 -10.08 -49.94
N CYS D 752 0.67 -11.25 -49.52
CA CYS D 752 -0.49 -11.44 -48.71
C CYS D 752 -0.09 -12.43 -47.63
N PRO D 753 0.51 -11.94 -46.54
CA PRO D 753 1.16 -12.83 -45.58
C PRO D 753 0.21 -13.58 -44.69
N VAL D 754 0.57 -14.80 -44.33
CA VAL D 754 -0.21 -15.62 -43.40
C VAL D 754 -0.36 -14.94 -42.02
N GLY D 755 0.67 -14.17 -41.59
CA GLY D 755 0.75 -13.63 -40.24
C GLY D 755 2.22 -13.66 -39.78
N THR D 756 2.43 -13.77 -38.47
CA THR D 756 3.78 -13.86 -37.88
C THR D 756 3.76 -15.03 -36.94
N VAL D 757 4.72 -15.94 -37.12
CA VAL D 757 4.76 -17.18 -36.31
C VAL D 757 5.85 -17.19 -35.22
N SER D 758 6.89 -16.35 -35.37
CA SER D 758 7.88 -16.25 -34.34
C SER D 758 8.13 -14.77 -33.91
N ALA D 759 8.66 -14.60 -32.70
CA ALA D 759 8.86 -13.28 -32.14
C ALA D 759 9.88 -12.42 -32.92
N ALA D 760 10.88 -13.07 -33.51
CA ALA D 760 11.91 -12.36 -34.28
C ALA D 760 11.81 -12.71 -35.77
N PRO D 761 12.17 -11.80 -36.68
CA PRO D 761 11.86 -11.98 -38.11
C PRO D 761 12.50 -13.19 -38.83
N TRP D 762 13.74 -13.52 -38.49
CA TRP D 762 14.43 -14.71 -38.98
C TRP D 762 14.70 -15.69 -37.86
N GLY D 763 13.88 -15.65 -36.81
CA GLY D 763 14.06 -16.62 -35.73
C GLY D 763 15.39 -16.52 -35.03
N SER D 764 16.00 -17.66 -34.72
CA SER D 764 17.24 -17.68 -34.01
C SER D 764 18.38 -17.49 -34.99
N SER D 765 18.59 -16.23 -35.42
CA SER D 765 19.55 -15.92 -36.49
C SER D 765 20.97 -16.33 -36.24
N SER D 766 21.42 -16.21 -34.99
CA SER D 766 22.85 -16.45 -34.67
C SER D 766 23.33 -17.89 -34.82
N ILE D 767 22.42 -18.86 -34.94
CA ILE D 767 22.84 -20.28 -35.14
C ILE D 767 22.80 -20.73 -36.60
N LEU D 768 22.22 -19.91 -37.47
CA LEU D 768 22.27 -20.21 -38.91
C LEU D 768 23.67 -20.32 -39.55
N PRO D 769 24.71 -19.66 -38.99
CA PRO D 769 26.04 -19.85 -39.58
C PRO D 769 26.53 -21.28 -39.57
N ILE D 770 26.03 -22.08 -38.61
CA ILE D 770 26.44 -23.49 -38.50
C ILE D 770 26.11 -24.24 -39.78
N SER D 771 24.85 -24.09 -40.22
CA SER D 771 24.38 -24.77 -41.43
C SER D 771 24.99 -24.18 -42.70
N TRP D 772 25.19 -22.84 -42.72
CA TRP D 772 25.88 -22.20 -43.84
C TRP D 772 27.26 -22.85 -43.98
N ALA D 773 27.92 -23.05 -42.86
CA ALA D 773 29.34 -23.53 -42.85
C ALA D 773 29.46 -24.96 -43.32
N TYR D 774 28.60 -25.83 -42.82
CA TYR D 774 28.54 -27.21 -43.27
C TYR D 774 28.36 -27.31 -44.78
N ILE D 775 27.38 -26.55 -45.27
CA ILE D 775 27.06 -26.57 -46.70
C ILE D 775 28.23 -26.04 -47.57
N LYS D 776 28.83 -24.91 -47.17
CA LYS D 776 29.92 -24.32 -47.96
C LYS D 776 31.20 -25.20 -47.94
N MET D 777 31.43 -25.92 -46.84
CA MET D 777 32.65 -26.80 -46.74
C MET D 777 32.44 -28.13 -47.53
N MET D 778 31.23 -28.65 -47.46
CA MET D 778 30.92 -29.93 -48.11
C MET D 778 30.84 -29.82 -49.62
N GLY D 779 30.23 -28.72 -50.08
CA GLY D 779 30.01 -28.52 -51.50
C GLY D 779 29.00 -29.51 -52.03
N GLY D 780 28.82 -29.51 -53.34
CA GLY D 780 27.90 -30.49 -53.97
C GLY D 780 28.32 -31.96 -53.85
N LYS D 781 29.59 -32.23 -54.06
CA LYS D 781 30.11 -33.63 -53.96
C LYS D 781 30.09 -34.15 -52.53
N GLY D 782 30.54 -33.33 -51.58
CA GLY D 782 30.61 -33.77 -50.20
C GLY D 782 29.21 -34.04 -49.65
N LEU D 783 28.27 -33.14 -49.94
CA LEU D 783 26.90 -33.30 -49.47
C LEU D 783 26.30 -34.60 -50.00
N LYS D 784 26.52 -34.92 -51.26
CA LYS D 784 26.10 -36.19 -51.83
C LYS D 784 26.73 -37.41 -51.14
N GLN D 785 28.04 -37.36 -50.95
CA GLN D 785 28.77 -38.43 -50.25
C GLN D 785 28.24 -38.68 -48.83
N ALA D 786 27.80 -37.63 -48.16
CA ALA D 786 27.26 -37.75 -46.80
C ALA D 786 25.97 -38.57 -46.79
N THR D 787 25.08 -38.23 -47.72
CA THR D 787 23.80 -38.97 -47.91
C THR D 787 24.06 -40.44 -48.28
N GLU D 788 24.95 -40.64 -49.25
CA GLU D 788 25.33 -41.98 -49.69
C GLU D 788 25.80 -42.83 -48.51
N THR D 789 26.64 -42.22 -47.66
CA THR D 789 27.19 -42.91 -46.51
C THR D 789 26.20 -43.10 -45.37
N ALA D 790 25.27 -42.17 -45.18
CA ALA D 790 24.19 -42.37 -44.21
C ALA D 790 23.40 -43.62 -44.56
N ILE D 791 23.15 -43.81 -45.86
CA ILE D 791 22.38 -44.98 -46.36
C ILE D 791 23.25 -46.25 -46.28
N LEU D 792 24.52 -46.14 -46.63
CA LEU D 792 25.40 -47.32 -46.58
C LEU D 792 25.49 -47.82 -45.15
N ASN D 793 25.72 -46.91 -44.23
CA ASN D 793 25.87 -47.27 -42.77
C ASN D 793 24.58 -47.91 -42.22
N ALA D 794 23.42 -47.34 -42.56
CA ALA D 794 22.18 -47.95 -42.13
C ALA D 794 21.98 -49.37 -42.71
N ASN D 795 22.20 -49.54 -44.01
CA ASN D 795 22.05 -50.88 -44.63
C ASN D 795 23.04 -51.88 -44.11
N TYR D 796 24.26 -51.42 -43.82
CA TYR D 796 25.31 -52.31 -43.28
C TYR D 796 24.88 -52.89 -41.91
N MET D 797 24.34 -52.01 -41.03
CA MET D 797 23.89 -52.44 -39.69
C MET D 797 22.68 -53.43 -39.79
N ALA D 798 21.70 -53.07 -40.62
CA ALA D 798 20.55 -53.94 -40.88
C ALA D 798 20.99 -55.35 -41.37
N LYS D 799 21.89 -55.38 -42.33
CA LYS D 799 22.43 -56.61 -42.83
C LYS D 799 23.09 -57.47 -41.72
N ARG D 800 23.94 -56.85 -40.90
CA ARG D 800 24.54 -57.55 -39.78
C ARG D 800 23.55 -58.09 -38.75
N LEU D 801 22.46 -57.38 -38.52
CA LEU D 801 21.50 -57.74 -37.49
C LEU D 801 20.32 -58.64 -37.92
N GLU D 802 20.14 -58.83 -39.23
CA GLU D 802 18.90 -59.41 -39.76
C GLU D 802 18.65 -60.85 -39.38
N THR D 803 19.70 -61.64 -39.14
CA THR D 803 19.55 -63.01 -38.65
C THR D 803 19.37 -63.09 -37.13
N HIS D 804 19.54 -61.99 -36.42
CA HIS D 804 19.29 -61.91 -34.96
C HIS D 804 17.99 -61.23 -34.55
N TYR D 805 17.55 -60.27 -35.36
CA TYR D 805 16.33 -59.48 -35.14
C TYR D 805 15.60 -59.36 -36.47
N ARG D 806 14.28 -59.34 -36.41
CA ARG D 806 13.52 -59.02 -37.58
C ARG D 806 13.66 -57.52 -37.91
N ILE D 807 14.15 -57.27 -39.12
CA ILE D 807 14.08 -55.96 -39.72
C ILE D 807 12.65 -55.81 -40.21
N LEU D 808 11.87 -54.95 -39.59
CA LEU D 808 10.43 -54.92 -39.79
C LEU D 808 9.96 -54.46 -41.15
N PHE D 809 10.57 -53.41 -41.69
CA PHE D 809 10.13 -52.84 -43.00
C PHE D 809 11.31 -52.57 -43.91
N ARG D 810 11.14 -52.87 -45.19
CA ARG D 810 12.19 -52.68 -46.22
C ARG D 810 11.60 -52.16 -47.50
N GLY D 811 12.44 -51.62 -48.40
CA GLY D 811 11.96 -51.16 -49.72
C GLY D 811 11.76 -52.34 -50.67
N ALA D 812 11.28 -52.03 -51.88
CA ALA D 812 10.89 -53.08 -52.86
C ALA D 812 12.00 -54.05 -53.28
N ARG D 813 13.25 -53.61 -53.18
CA ARG D 813 14.41 -54.41 -53.50
C ARG D 813 15.12 -54.88 -52.25
N GLY D 814 14.50 -54.62 -51.15
CA GLY D 814 14.96 -55.11 -49.84
C GLY D 814 15.95 -54.28 -49.04
N TYR D 815 16.18 -53.05 -49.49
CA TYR D 815 17.07 -52.07 -48.82
C TYR D 815 16.28 -51.05 -48.01
N VAL D 816 16.95 -50.54 -46.95
CA VAL D 816 16.43 -49.38 -46.22
C VAL D 816 17.09 -48.08 -46.69
N GLY D 817 16.59 -46.97 -46.17
CA GLY D 817 17.19 -45.64 -46.33
C GLY D 817 18.28 -45.35 -45.32
N HIS D 818 18.10 -44.28 -44.52
CA HIS D 818 19.06 -43.85 -43.49
C HIS D 818 18.84 -44.43 -42.10
N GLU D 819 17.77 -45.20 -41.90
CA GLU D 819 17.39 -45.75 -40.61
C GLU D 819 16.55 -47.06 -40.85
N PHE D 820 16.33 -47.83 -39.79
CA PHE D 820 15.52 -49.09 -39.90
C PHE D 820 14.95 -49.46 -38.53
N ILE D 821 13.93 -50.30 -38.53
CA ILE D 821 13.27 -50.75 -37.32
C ILE D 821 13.67 -52.18 -37.01
N LEU D 822 14.03 -52.40 -35.74
CA LEU D 822 14.24 -53.71 -35.19
C LEU D 822 12.99 -54.13 -34.41
N ASP D 823 12.35 -55.22 -34.85
CA ASP D 823 11.14 -55.66 -34.19
C ASP D 823 11.43 -56.54 -33.00
N THR D 824 11.39 -55.93 -31.83
CA THR D 824 11.63 -56.64 -30.56
C THR D 824 10.36 -57.25 -29.95
N ARG D 825 9.22 -57.07 -30.58
CA ARG D 825 7.93 -57.54 -30.01
C ARG D 825 7.81 -59.02 -29.75
N PRO D 826 8.37 -59.89 -30.62
CA PRO D 826 8.25 -61.33 -30.31
C PRO D 826 8.85 -61.77 -28.99
N PHE D 827 9.79 -60.97 -28.46
CA PHE D 827 10.46 -61.31 -27.19
C PHE D 827 9.55 -61.14 -25.97
N LYS D 828 8.43 -60.48 -26.14
CA LYS D 828 7.47 -60.35 -25.06
C LYS D 828 6.88 -61.75 -24.75
N LYS D 829 6.41 -62.44 -25.77
CA LYS D 829 5.91 -63.82 -25.59
C LYS D 829 7.02 -64.82 -25.22
N SER D 830 8.14 -64.74 -25.92
CA SER D 830 9.16 -65.76 -25.75
C SER D 830 9.93 -65.61 -24.41
N ALA D 831 10.10 -64.39 -23.88
CA ALA D 831 10.98 -64.18 -22.71
C ALA D 831 10.52 -63.15 -21.67
N ASN D 832 9.30 -62.64 -21.81
CA ASN D 832 8.81 -61.52 -21.04
C ASN D 832 9.74 -60.27 -21.07
N ILE D 833 10.42 -60.08 -22.20
CA ILE D 833 11.29 -58.95 -22.44
C ILE D 833 10.55 -57.88 -23.25
N GLU D 834 10.68 -56.65 -22.80
CA GLU D 834 10.06 -55.49 -23.44
C GLU D 834 11.17 -54.69 -24.11
N ALA D 835 10.83 -53.90 -25.12
CA ALA D 835 11.75 -52.95 -25.72
C ALA D 835 12.51 -52.08 -24.69
N VAL D 836 11.83 -51.54 -23.69
CA VAL D 836 12.47 -50.80 -22.56
C VAL D 836 13.63 -51.60 -21.90
N ASP D 837 13.49 -52.92 -21.73
CA ASP D 837 14.58 -53.76 -21.19
C ASP D 837 15.86 -53.69 -22.06
N VAL D 838 15.67 -53.74 -23.37
CA VAL D 838 16.76 -53.66 -24.33
C VAL D 838 17.39 -52.24 -24.28
N ALA D 839 16.55 -51.21 -24.13
CA ALA D 839 17.02 -49.81 -24.07
C ALA D 839 17.92 -49.53 -22.86
N LYS D 840 17.46 -50.04 -21.70
CA LYS D 840 18.15 -49.87 -20.44
C LYS D 840 19.43 -50.73 -20.42
N ARG D 841 19.34 -51.94 -20.99
CA ARG D 841 20.50 -52.81 -21.03
C ARG D 841 21.63 -52.27 -21.93
N LEU D 842 21.26 -51.62 -23.03
CA LEU D 842 22.27 -50.96 -23.89
C LEU D 842 23.14 -49.93 -23.14
N GLN D 843 22.58 -49.28 -22.12
CA GLN D 843 23.35 -48.35 -21.28
C GLN D 843 24.59 -49.03 -20.67
N ASP D 844 24.42 -50.32 -20.27
CA ASP D 844 25.51 -51.10 -19.71
C ASP D 844 26.62 -51.40 -20.71
N TYR D 845 26.25 -51.44 -21.99
CA TYR D 845 27.19 -51.66 -23.09
C TYR D 845 27.81 -50.33 -23.59
N GLY D 846 27.45 -49.21 -22.97
CA GLY D 846 27.99 -47.88 -23.28
C GLY D 846 27.24 -47.09 -24.34
N PHE D 847 25.98 -47.41 -24.56
CA PHE D 847 25.16 -46.81 -25.62
C PHE D 847 23.84 -46.25 -25.10
N HIS D 848 23.53 -45.02 -25.53
CA HIS D 848 22.21 -44.41 -25.43
C HIS D 848 21.35 -45.24 -26.39
N ALA D 849 20.18 -45.63 -25.96
CA ALA D 849 19.29 -46.41 -26.83
C ALA D 849 18.88 -45.65 -28.12
N PRO D 850 18.50 -46.41 -29.17
CA PRO D 850 17.88 -45.76 -30.33
C PRO D 850 16.47 -45.30 -29.98
N THR D 851 15.73 -44.81 -30.97
CA THR D 851 14.39 -44.29 -30.77
C THR D 851 13.43 -45.43 -30.45
N MET D 852 12.60 -45.23 -29.43
CA MET D 852 11.83 -46.29 -28.78
C MET D 852 10.37 -46.16 -29.04
N SER D 853 9.73 -47.21 -29.56
CA SER D 853 8.27 -47.31 -29.67
C SER D 853 7.60 -46.31 -30.58
N TRP D 854 8.34 -45.78 -31.55
CA TRP D 854 7.75 -44.90 -32.55
C TRP D 854 8.63 -45.05 -33.80
N PRO D 855 8.09 -45.33 -34.99
CA PRO D 855 6.66 -45.28 -35.30
C PRO D 855 5.88 -46.50 -34.89
N VAL D 856 6.54 -47.57 -34.46
CA VAL D 856 5.85 -48.80 -34.07
C VAL D 856 6.13 -49.10 -32.60
N ALA D 857 5.08 -49.15 -31.77
CA ALA D 857 5.19 -49.51 -30.34
C ALA D 857 5.91 -50.84 -30.13
N GLY D 858 6.80 -50.88 -29.13
CA GLY D 858 7.47 -52.12 -28.75
C GLY D 858 8.69 -52.46 -29.60
N THR D 859 9.13 -51.53 -30.42
CA THR D 859 10.30 -51.73 -31.33
C THR D 859 11.32 -50.60 -31.19
N LEU D 860 12.49 -50.75 -31.85
CA LEU D 860 13.61 -49.78 -31.81
C LEU D 860 13.92 -49.27 -33.21
N MET D 861 14.11 -47.97 -33.36
CA MET D 861 14.48 -47.44 -34.67
C MET D 861 15.87 -46.77 -34.64
N VAL D 862 16.73 -47.26 -35.51
CA VAL D 862 18.15 -47.06 -35.46
C VAL D 862 18.60 -46.21 -36.65
N GLU D 863 19.20 -45.05 -36.38
CA GLU D 863 19.80 -44.15 -37.38
C GLU D 863 21.27 -43.82 -37.00
N PRO D 864 22.24 -44.43 -37.69
CA PRO D 864 23.63 -44.15 -37.34
C PRO D 864 24.21 -42.80 -37.77
N THR D 865 23.77 -42.29 -38.91
CA THR D 865 24.34 -41.16 -39.67
C THR D 865 25.63 -41.56 -40.36
N GLU D 866 26.05 -40.70 -41.27
CA GLU D 866 27.32 -40.82 -41.97
C GLU D 866 28.56 -40.50 -41.13
N SER D 867 28.39 -39.88 -39.95
CA SER D 867 29.52 -39.39 -39.16
C SER D 867 30.22 -40.47 -38.34
N GLU D 868 29.62 -41.65 -38.24
CA GLU D 868 30.15 -42.72 -37.43
C GLU D 868 30.83 -43.75 -38.32
N ASP D 869 31.97 -44.27 -37.85
CA ASP D 869 32.75 -45.19 -38.67
C ASP D 869 32.39 -46.66 -38.43
N LYS D 870 32.99 -47.53 -39.25
CA LYS D 870 32.64 -48.98 -39.25
C LYS D 870 32.86 -49.61 -37.88
N ALA D 871 33.97 -49.25 -37.20
CA ALA D 871 34.24 -49.84 -35.89
C ALA D 871 33.17 -49.50 -34.85
N GLU D 872 32.66 -48.27 -34.91
CA GLU D 872 31.59 -47.84 -34.01
C GLU D 872 30.30 -48.56 -34.34
N LEU D 873 29.97 -48.70 -35.64
CA LEU D 873 28.78 -49.45 -36.04
C LEU D 873 28.84 -50.89 -35.56
N ASP D 874 30.02 -51.50 -35.71
CA ASP D 874 30.27 -52.87 -35.24
C ASP D 874 30.14 -53.06 -33.72
N ARG D 875 30.63 -52.10 -32.93
CA ARG D 875 30.44 -52.18 -31.47
C ARG D 875 28.92 -52.17 -31.16
N PHE D 876 28.14 -51.27 -31.79
CA PHE D 876 26.70 -51.26 -31.56
C PHE D 876 26.04 -52.59 -31.96
N CYS D 877 26.39 -53.10 -33.14
CA CYS D 877 25.81 -54.38 -33.63
C CYS D 877 26.19 -55.56 -32.73
N ASP D 878 27.44 -55.59 -32.31
CA ASP D 878 27.93 -56.63 -31.38
C ASP D 878 27.20 -56.55 -30.02
N ALA D 879 26.94 -55.33 -29.54
CA ALA D 879 26.15 -55.17 -28.31
C ALA D 879 24.76 -55.78 -28.52
N MET D 880 24.13 -55.47 -29.65
CA MET D 880 22.79 -56.03 -29.93
C MET D 880 22.79 -57.57 -30.10
N ILE D 881 23.82 -58.11 -30.73
CA ILE D 881 23.97 -59.55 -30.86
C ILE D 881 24.11 -60.23 -29.50
N SER D 882 24.99 -59.66 -28.65
CA SER D 882 25.17 -60.16 -27.29
C SER D 882 23.87 -60.05 -26.45
N ILE D 883 23.11 -58.97 -26.64
CA ILE D 883 21.79 -58.85 -25.99
C ILE D 883 20.85 -59.93 -26.52
N ARG D 884 20.88 -60.19 -27.84
CA ARG D 884 20.03 -61.28 -28.41
C ARG D 884 20.37 -62.65 -27.76
N GLN D 885 21.64 -62.91 -27.54
CA GLN D 885 22.03 -64.10 -26.84
C GLN D 885 21.51 -64.09 -25.34
N GLU D 886 21.53 -62.94 -24.66
CA GLU D 886 20.96 -62.81 -23.27
C GLU D 886 19.45 -63.14 -23.22
N ILE D 887 18.76 -62.75 -24.28
CA ILE D 887 17.34 -63.06 -24.46
C ILE D 887 17.15 -64.55 -24.70
N ALA D 888 18.01 -65.12 -25.54
CA ALA D 888 17.97 -66.58 -25.77
C ALA D 888 18.20 -67.38 -24.47
N ASP D 889 19.06 -66.86 -23.58
CA ASP D 889 19.26 -67.49 -22.28
C ASP D 889 17.97 -67.51 -21.44
N ILE D 890 17.17 -66.45 -21.56
CA ILE D 890 15.89 -66.44 -20.88
C ILE D 890 14.91 -67.37 -21.60
N GLU D 891 14.82 -67.27 -22.95
CA GLU D 891 13.92 -68.11 -23.79
C GLU D 891 14.10 -69.59 -23.49
N GLU D 892 15.35 -70.00 -23.31
CA GLU D 892 15.71 -71.40 -23.15
C GLU D 892 15.88 -71.85 -21.69
N GLY D 893 15.45 -71.03 -20.72
CA GLY D 893 15.51 -71.40 -19.30
C GLY D 893 16.89 -71.55 -18.65
N ARG D 894 17.92 -70.92 -19.21
CA ARG D 894 19.27 -70.97 -18.63
C ARG D 894 19.54 -69.89 -17.57
N ILE D 895 18.68 -68.88 -17.44
CA ILE D 895 18.78 -67.93 -16.33
C ILE D 895 17.38 -67.56 -15.85
N ASP D 896 17.28 -67.22 -14.57
CA ASP D 896 16.05 -66.68 -13.95
C ASP D 896 15.34 -65.62 -14.84
N PRO D 897 14.02 -65.83 -15.11
CA PRO D 897 13.35 -64.88 -16.01
C PRO D 897 12.94 -63.53 -15.34
N ARG D 898 13.01 -63.46 -14.00
CA ARG D 898 12.71 -62.22 -13.25
C ARG D 898 13.98 -61.42 -12.92
N VAL D 899 15.04 -62.13 -12.53
CA VAL D 899 16.31 -61.53 -12.12
C VAL D 899 17.42 -61.96 -13.08
N ASN D 900 17.66 -61.12 -14.08
CA ASN D 900 18.69 -61.31 -15.07
C ASN D 900 19.17 -59.91 -15.54
N PRO D 901 20.26 -59.84 -16.34
CA PRO D 901 20.82 -58.52 -16.63
C PRO D 901 19.84 -57.55 -17.32
N LEU D 902 19.04 -58.08 -18.25
CA LEU D 902 18.01 -57.31 -18.95
C LEU D 902 16.98 -56.64 -18.04
N LYS D 903 16.44 -57.44 -17.13
CA LYS D 903 15.42 -56.97 -16.21
C LYS D 903 16.00 -56.02 -15.15
N MET D 904 17.24 -56.22 -14.73
CA MET D 904 17.87 -55.40 -13.68
C MET D 904 18.58 -54.18 -14.21
N SER D 905 18.67 -54.03 -15.54
CA SER D 905 19.36 -52.89 -16.15
C SER D 905 18.60 -51.57 -15.90
N PRO D 906 19.30 -50.43 -15.91
CA PRO D 906 20.76 -50.36 -15.97
C PRO D 906 21.42 -50.67 -14.64
N HIS D 907 22.72 -50.96 -14.69
CA HIS D 907 23.53 -51.27 -13.48
C HIS D 907 24.38 -50.04 -13.08
N SER D 908 23.99 -49.42 -12.00
CA SER D 908 24.65 -48.22 -11.47
C SER D 908 25.99 -48.58 -10.82
N LEU D 909 26.81 -47.58 -10.58
CA LEU D 909 28.07 -47.74 -9.87
C LEU D 909 27.78 -48.20 -8.46
N THR D 910 26.74 -47.61 -7.85
CA THR D 910 26.41 -48.00 -6.49
C THR D 910 25.99 -49.48 -6.45
N CYS D 911 25.28 -49.94 -7.47
CA CYS D 911 24.82 -51.34 -7.58
C CYS D 911 26.00 -52.32 -7.73
N VAL D 912 26.92 -52.01 -8.64
CA VAL D 912 28.01 -52.91 -8.99
C VAL D 912 29.18 -52.90 -7.98
N THR D 913 29.30 -51.80 -7.21
CA THR D 913 30.33 -51.72 -6.17
C THR D 913 29.93 -52.11 -4.77
N SER D 914 28.69 -52.57 -4.55
CA SER D 914 28.22 -52.76 -3.17
C SER D 914 28.70 -54.04 -2.53
N SER D 915 28.73 -54.05 -1.20
CA SER D 915 29.02 -55.26 -0.46
C SER D 915 28.03 -56.41 -0.75
N HIS D 916 26.76 -56.07 -0.97
CA HIS D 916 25.73 -57.04 -1.17
C HIS D 916 25.66 -57.26 -2.67
N TRP D 917 25.76 -58.51 -3.10
CA TRP D 917 25.47 -58.91 -4.52
C TRP D 917 24.73 -60.25 -4.47
N ASP D 918 23.47 -60.24 -4.87
CA ASP D 918 22.65 -61.47 -4.79
C ASP D 918 21.99 -61.79 -6.12
N ARG D 919 22.81 -61.79 -7.17
CA ARG D 919 22.30 -62.03 -8.52
C ARG D 919 22.89 -63.27 -9.11
N PRO D 920 22.12 -63.99 -9.94
CA PRO D 920 22.64 -65.21 -10.54
C PRO D 920 23.52 -64.94 -11.77
N TYR D 921 24.03 -63.73 -11.90
CA TYR D 921 25.02 -63.40 -12.92
C TYR D 921 26.08 -62.52 -12.24
N SER D 922 27.25 -62.39 -12.88
CA SER D 922 28.36 -61.67 -12.27
C SER D 922 28.30 -60.15 -12.44
N ARG D 923 29.13 -59.49 -11.64
CA ARG D 923 29.30 -58.04 -11.70
C ARG D 923 29.91 -57.73 -13.06
N GLU D 924 30.76 -58.61 -13.56
CA GLU D 924 31.45 -58.43 -14.84
C GLU D 924 30.46 -58.42 -16.02
N VAL D 925 29.55 -59.39 -16.01
CA VAL D 925 28.49 -59.46 -16.98
C VAL D 925 27.59 -58.23 -16.85
N ALA D 926 27.34 -57.79 -15.61
CA ALA D 926 26.53 -56.59 -15.34
C ALA D 926 27.09 -55.35 -15.99
N ALA D 927 28.36 -55.08 -15.72
CA ALA D 927 28.96 -53.76 -16.04
C ALA D 927 29.96 -53.71 -17.23
N PHE D 928 30.57 -54.84 -17.56
CA PHE D 928 31.53 -54.93 -18.67
C PHE D 928 31.18 -56.13 -19.54
N PRO D 929 30.02 -56.10 -20.18
CA PRO D 929 29.54 -57.34 -20.84
C PRO D 929 30.33 -57.79 -22.08
N LEU D 930 31.05 -56.89 -22.76
CA LEU D 930 31.92 -57.27 -23.88
C LEU D 930 33.28 -56.61 -23.68
N PRO D 931 34.35 -57.15 -24.29
CA PRO D 931 35.69 -56.59 -24.10
C PRO D 931 35.90 -55.16 -24.51
N PHE D 932 35.12 -54.60 -25.42
CA PHE D 932 35.26 -53.15 -25.70
C PHE D 932 34.77 -52.23 -24.59
N VAL D 933 34.01 -52.75 -23.63
CA VAL D 933 33.56 -51.98 -22.48
C VAL D 933 34.63 -52.16 -21.40
N LYS D 934 35.46 -51.14 -21.23
CA LYS D 934 36.61 -51.21 -20.32
C LYS D 934 36.56 -50.16 -19.23
N PRO D 935 37.19 -50.43 -18.08
CA PRO D 935 37.33 -49.35 -17.06
C PRO D 935 37.84 -47.97 -17.57
N GLU D 936 38.76 -47.96 -18.53
CA GLU D 936 39.23 -46.70 -19.14
C GLU D 936 38.21 -45.87 -19.94
N ASN D 937 37.16 -46.49 -20.42
CA ASN D 937 36.11 -45.81 -21.18
C ASN D 937 34.69 -45.99 -20.60
N LYS D 938 34.58 -46.59 -19.40
CA LYS D 938 33.27 -46.96 -18.82
C LYS D 938 32.46 -45.73 -18.44
N PHE D 939 31.30 -45.58 -19.11
CA PHE D 939 30.34 -44.58 -18.74
C PHE D 939 29.26 -45.19 -17.82
N TRP D 940 29.05 -44.61 -16.64
CA TRP D 940 28.14 -45.12 -15.65
C TRP D 940 26.78 -44.47 -15.76
N PRO D 941 25.74 -45.28 -15.90
CA PRO D 941 24.40 -44.82 -15.53
C PRO D 941 24.44 -44.35 -14.08
N THR D 942 23.86 -43.21 -13.77
CA THR D 942 24.05 -42.64 -12.43
C THR D 942 23.01 -43.14 -11.45
N ILE D 943 22.00 -43.83 -11.94
CA ILE D 943 20.88 -44.27 -11.08
C ILE D 943 20.37 -45.59 -11.61
N ALA D 944 19.58 -46.27 -10.79
CA ALA D 944 18.91 -47.53 -11.21
C ALA D 944 17.68 -47.17 -12.11
N ARG D 945 16.99 -48.19 -12.59
CA ARG D 945 15.90 -47.95 -13.53
C ARG D 945 14.86 -47.01 -12.94
N ILE D 946 14.45 -46.07 -13.76
CA ILE D 946 13.51 -45.04 -13.34
C ILE D 946 12.10 -45.62 -13.16
N ASP D 947 11.36 -45.17 -12.14
CA ASP D 947 9.97 -45.55 -11.92
C ASP D 947 9.06 -44.46 -12.60
N ASP D 948 8.46 -44.83 -13.75
CA ASP D 948 7.67 -43.86 -14.55
C ASP D 948 6.31 -43.52 -13.91
N ILE D 949 5.73 -44.45 -13.18
CA ILE D 949 4.43 -44.26 -12.57
C ILE D 949 4.50 -43.35 -11.34
N TYR D 950 5.47 -43.63 -10.46
CA TYR D 950 5.57 -42.93 -9.17
C TYR D 950 5.58 -41.42 -9.26
N GLY D 951 6.35 -40.89 -10.21
CA GLY D 951 6.51 -39.42 -10.36
C GLY D 951 5.25 -38.68 -10.70
N ASP D 952 4.39 -39.28 -11.53
CA ASP D 952 3.15 -38.63 -11.88
C ASP D 952 2.12 -38.70 -10.75
N GLN D 953 2.32 -39.60 -9.80
CA GLN D 953 1.42 -39.74 -8.67
C GLN D 953 1.79 -38.85 -7.51
N HIS D 954 3.02 -38.36 -7.49
CA HIS D 954 3.53 -37.48 -6.44
C HIS D 954 4.24 -36.41 -7.26
N LEU D 955 3.48 -35.46 -7.73
CA LEU D 955 3.97 -34.50 -8.68
C LEU D 955 4.78 -33.42 -7.94
N VAL D 956 6.07 -33.35 -8.26
CA VAL D 956 7.00 -32.41 -7.65
C VAL D 956 7.89 -31.92 -8.80
N CYS D 957 7.77 -30.65 -9.18
CA CYS D 957 8.45 -30.09 -10.35
C CYS D 957 9.30 -28.87 -10.01
N THR D 958 9.72 -28.78 -8.73
CA THR D 958 10.77 -27.83 -8.30
C THR D 958 11.81 -28.59 -7.45
N CYS D 959 12.96 -27.99 -7.21
CA CYS D 959 14.03 -28.64 -6.47
C CYS D 959 13.55 -29.05 -5.06
N PRO D 960 13.62 -30.37 -4.74
CA PRO D 960 13.24 -30.75 -3.37
C PRO D 960 14.33 -30.32 -2.33
N PRO D 961 13.95 -30.22 -1.04
CA PRO D 961 14.85 -29.61 -0.02
C PRO D 961 16.20 -30.32 0.13
N1 PLP E . -61.22 22.82 6.99
C2 PLP E . -60.09 22.73 6.32
C2A PLP E . -60.07 22.96 4.86
C3 PLP E . -58.85 22.41 7.04
O3 PLP E . -57.70 22.38 6.33
C4 PLP E . -58.89 22.19 8.47
C4A PLP E . -57.64 21.90 9.22
C5 PLP E . -60.19 22.32 9.12
C6 PLP E . -61.29 22.62 8.31
C5A PLP E . -60.45 22.04 10.60
O4P PLP E . -59.53 22.51 11.58
P PLP E . -59.29 21.70 12.94
O1P PLP E . -60.47 21.15 13.68
O2P PLP E . -58.28 20.69 12.44
O3P PLP E . -58.66 22.79 13.80
C1 EDO F . -33.91 39.66 14.54
O1 EDO F . -34.25 40.01 13.17
C2 EDO F . -33.14 40.76 15.31
O2 EDO F . -33.81 41.02 16.56
C1 EDO G . -66.74 31.36 40.09
O1 EDO G . -67.98 30.87 40.63
C2 EDO G . -65.84 31.81 41.23
O2 EDO G . -66.60 31.86 42.45
C1 EDO H . -60.21 47.92 4.03
O1 EDO H . -60.71 48.67 2.92
C2 EDO H . -60.79 48.54 5.28
O2 EDO H . -61.88 47.79 5.82
C1 PEG I . -29.97 16.02 11.14
O1 PEG I . -30.43 17.36 10.88
C2 PEG I . -30.78 14.96 10.37
O2 PEG I . -31.04 13.77 11.11
C3 PEG I . -32.06 13.89 12.08
C4 PEG I . -32.06 12.79 13.12
O4 PEG I . -33.05 13.00 14.14
C1 GOL J . -54.75 17.19 5.44
O1 GOL J . -53.49 16.64 5.93
C2 GOL J . -55.88 17.41 6.45
O2 GOL J . -57.09 16.99 5.80
C3 GOL J . -56.09 18.89 6.84
O3 GOL J . -56.76 19.08 8.11
C1 GOL K . -37.92 56.30 13.95
O1 GOL K . -36.52 56.22 13.66
C2 GOL K . -38.70 55.71 12.80
O2 GOL K . -40.10 55.85 13.00
C3 GOL K . -38.37 54.23 12.62
O3 GOL K . -37.57 54.22 11.43
N1 PLP L . -7.33 21.27 37.45
C2 PLP L . -8.02 20.11 37.30
C2A PLP L . -7.58 18.88 38.07
C3 PLP L . -9.18 20.08 36.35
O3 PLP L . -9.91 18.96 36.18
C4 PLP L . -9.53 21.33 35.63
C4A PLP L . -10.68 21.34 34.69
C5 PLP L . -8.68 22.53 35.91
C6 PLP L . -7.62 22.40 36.81
C5A PLP L . -8.83 23.88 35.25
O4P PLP L . -10.12 24.47 35.29
P PLP L . -10.55 25.32 33.99
O1P PLP L . -11.85 25.83 34.55
O2P PLP L . -9.53 26.42 33.72
O3P PLP L . -10.58 24.47 32.75
C1 EDO M . -39.93 17.50 40.19
O1 EDO M . -39.28 16.55 41.06
C2 EDO M . -41.33 17.81 40.73
O2 EDO M . -41.57 19.23 40.71
C1 EDO N . -31.08 43.59 11.60
O1 EDO N . -30.07 43.73 10.62
C2 EDO N . -32.13 42.71 10.93
O2 EDO N . -32.72 41.75 11.79
C1 EDO O . -29.60 40.77 5.32
O1 EDO O . -29.15 40.23 4.09
C2 EDO O . -30.49 39.74 5.98
O2 EDO O . -30.61 40.06 7.36
C1 PEG P . -28.21 10.51 15.16
O1 PEG P . -26.81 10.35 14.74
C2 PEG P . -28.51 10.50 16.65
O2 PEG P . -29.19 9.32 17.10
C3 PEG P . -29.53 9.31 18.50
C4 PEG P . -31.05 9.37 18.68
O4 PEG P . -31.33 9.70 20.06
N1 PLP Q . 61.35 -22.29 -7.10
C2 PLP Q . 60.26 -22.69 -6.46
C2A PLP Q . 60.18 -22.62 -4.98
C3 PLP Q . 59.11 -23.23 -7.24
O3 PLP Q . 58.06 -23.61 -6.52
C4 PLP Q . 59.16 -23.34 -8.69
C4A PLP Q . 58.00 -23.84 -9.46
C5 PLP Q . 60.40 -22.89 -9.31
C6 PLP Q . 61.41 -22.39 -8.45
C5A PLP Q . 60.69 -22.97 -10.79
O4P PLP Q . 59.66 -22.68 -11.71
P PLP Q . 59.66 -23.40 -13.14
O1P PLP Q . 58.94 -24.71 -12.81
O2P PLP Q . 60.94 -23.52 -13.95
O3P PLP Q . 58.76 -22.42 -13.88
C1 EDO R . 52.59 -26.50 -41.66
O1 EDO R . 51.97 -27.12 -40.58
C2 EDO R . 53.03 -25.11 -41.30
O2 EDO R . 53.84 -24.72 -42.35
C1 EDO S . 63.41 -9.93 -40.46
O1 EDO S . 63.93 -9.51 -41.74
C2 EDO S . 64.57 -9.86 -39.45
O2 EDO S . 65.81 -10.42 -39.97
C1 EDO T . 72.60 -27.31 -15.15
O1 EDO T . 73.17 -27.50 -16.49
C2 EDO T . 72.18 -28.62 -14.47
O2 EDO T . 72.89 -29.02 -13.27
C1 PEG U . 35.74 -38.79 -14.02
O1 PEG U . 36.21 -38.10 -15.18
C2 PEG U . 34.37 -38.51 -13.38
O2 PEG U . 34.49 -38.07 -12.03
C3 PEG U . 33.42 -37.45 -11.35
C4 PEG U . 32.59 -36.43 -12.17
O4 PEG U . 32.69 -35.09 -11.67
C1 PEG V . 30.04 -10.28 -16.81
O1 PEG V . 31.04 -10.59 -17.75
C2 PEG V . 30.43 -10.65 -15.42
O2 PEG V . 29.43 -11.45 -14.92
C3 PEG V . 29.46 -11.48 -13.54
C4 PEG V . 30.81 -12.05 -13.15
O4 PEG V . 31.06 -11.57 -11.85
C1 GOL W . 30.35 4.50 -11.64
O1 GOL W . 28.96 4.23 -11.46
C2 GOL W . 31.06 4.41 -10.30
O2 GOL W . 32.42 4.84 -10.45
C3 GOL W . 31.04 3.00 -9.68
O3 GOL W . 31.54 2.07 -10.64
C1 GOL X . 57.39 -27.19 -7.58
O1 GOL X . 57.81 -26.84 -8.94
C2 GOL X . 57.44 -28.69 -7.21
O2 GOL X . 58.64 -28.92 -6.45
C3 GOL X . 56.29 -29.15 -6.27
O3 GOL X . 55.39 -30.21 -6.72
C1 PEG Y . 35.20 -41.77 -19.89
O1 PEG Y . 35.40 -41.42 -21.28
C2 PEG Y . 33.71 -42.14 -19.69
O2 PEG Y . 33.32 -42.00 -18.31
C3 PEG Y . 32.27 -41.05 -18.03
C4 PEG Y . 32.53 -40.02 -16.91
O4 PEG Y . 31.49 -39.02 -16.91
N1 PLP Z . 9.01 -34.71 -37.86
C2 PLP Z . 9.92 -35.70 -37.75
C2A PLP Z . 9.80 -36.94 -38.62
C3 PLP Z . 11.04 -35.54 -36.78
O3 PLP Z . 11.98 -36.54 -36.71
C4 PLP Z . 11.12 -34.28 -35.95
C4A PLP Z . 12.21 -34.05 -34.97
C5 PLP Z . 10.03 -33.28 -36.18
C6 PLP Z . 9.03 -33.58 -37.13
C5A PLP Z . 9.91 -31.98 -35.42
O4P PLP Z . 11.05 -31.10 -35.43
P PLP Z . 11.22 -30.21 -34.10
O1P PLP Z . 9.95 -29.47 -33.73
O2P PLP Z . 11.49 -31.15 -32.96
O3P PLP Z . 12.28 -29.30 -34.68
C1 EDO AA . 28.09 -9.14 -10.49
O1 EDO AA . 28.81 -10.41 -10.42
C2 EDO AA . 26.55 -9.10 -10.29
O2 EDO AA . 25.98 -9.58 -9.05
C1 EDO BA . 43.07 -29.36 -41.13
O1 EDO BA . 42.33 -28.15 -40.88
C2 EDO BA . 42.34 -30.27 -42.12
O2 EDO BA . 41.14 -30.89 -41.56
C1 GOL CA . 11.02 -36.80 -31.76
O1 GOL CA . 11.87 -36.72 -32.92
C2 GOL CA . 10.64 -38.27 -31.42
O2 GOL CA . 11.11 -39.18 -32.43
C3 GOL CA . 9.16 -38.49 -31.23
O3 GOL CA . 8.52 -37.30 -30.76
#